data_5C19
#
_entry.id   5C19
#
_cell.length_a   137.665
_cell.length_b   165.780
_cell.length_c   243.992
_cell.angle_alpha   90.000
_cell.angle_beta   90.000
_cell.angle_gamma   90.000
#
_symmetry.space_group_name_H-M   'P 21 21 21'
#
loop_
_entity.id
_entity.type
_entity.pdbx_description
1 polymer 'Transitional endoplasmic reticulum ATPase'
2 non-polymer 'SULFATE ION'
#
_entity_poly.entity_id   1
_entity_poly.type   'polypeptide(L)'
_entity_poly.pdbx_seq_one_letter_code
;ASGADSKGDDLSTAILKQKNRPNRLIVDEAINEDNSVVSLSQPKMDELQLFRGDTVLLKGKKRREAVCIVLSDDTCSDEK
IRMNRVVRNNLRVRLGDVISIQPCPDVKYGKRIHVLPIDDTVEGITGNLFEVYLKPYFLEAYRPIRKGDIFLVRGGMRAV
EFKVVETDPSPYCIVAPDTVIHCEGEPIKREDEEESLNEVGYDDIGGCRKQLAQIKEMVELPLRHPALFKAIGVKPPRGI
LLYGPPGTGKTLIARAVANETGAFFFLINGPEIMSKLAGESESNLRKAFEEAEKNAPAIIFIDELDAIAPKREKTHGEVE
RRIVSQLLTLMDGLKQRAHVIVMAATNRPNSIDPALRRFGRFDREVDIGIPDATGRLEILQIHTKNMKLADDVDLEQVAN
ETHGHVGADLAALCSEAALQAIRKKMDLIDLEDETIDAEVMNSLAVTMDDFRWALSQSNPSALRETVVEVPQVTWEDIGG
LEDVKRELQELVQYPVEHPDKFLKFGMTPSKGVLFYGPPGCGKTLLAKAIANECQANFISIKGPELLTMWFGESEANVRE
IFDKARQAAPCVLFFDELDSIAKARGGNIGDGGGAADRVINQILTEMDGMSTKKNVFIIGATNRPDIIDPAILRPGRLDQ
LIYIPLPDEKSRVAILKANLRKSPVAKDVDLEFLAKMTNGFSGADLTEICQRACKLAIRESIESEIRRERERQTNPSAME
VEEDDPVPEIRRDHFEEAMRFARRSVSDDDIDKYEDFADTLQQSRGFGSFRFPSGNQGGAGPSQGSGGGTGGSVYTEDND
DDLYG
;
_entity_poly.pdbx_strand_id   A,B,C,D,E,F
#
loop_
_chem_comp.id
_chem_comp.type
_chem_comp.name
_chem_comp.formula
SO4 non-polymer 'SULFATE ION' 'O4 S -2'
#
# COMPACT_ATOMS: atom_id res chain seq x y z
N ASN A 20 -12.24 -6.02 -69.47
CA ASN A 20 -12.40 -4.88 -68.57
C ASN A 20 -11.22 -3.91 -68.64
N ARG A 21 -10.49 -3.96 -69.76
CA ARG A 21 -9.34 -3.10 -70.00
C ARG A 21 -8.21 -3.23 -68.99
N PRO A 22 -7.13 -3.93 -69.39
CA PRO A 22 -5.96 -4.16 -68.54
C PRO A 22 -5.05 -2.93 -68.43
N ASN A 23 -5.50 -1.80 -68.98
CA ASN A 23 -4.74 -0.56 -68.86
C ASN A 23 -5.17 0.22 -67.62
N ARG A 24 -6.24 -0.25 -66.99
CA ARG A 24 -6.75 0.37 -65.77
C ARG A 24 -6.22 -0.38 -64.56
N LEU A 25 -5.25 0.23 -63.87
CA LEU A 25 -4.58 -0.41 -62.75
C LEU A 25 -4.82 0.33 -61.43
N ILE A 26 -4.64 -0.39 -60.32
CA ILE A 26 -4.80 0.20 -59.00
C ILE A 26 -3.46 0.69 -58.45
N VAL A 27 -3.44 1.94 -57.99
CA VAL A 27 -2.22 2.54 -57.46
C VAL A 27 -1.89 1.97 -56.07
N ASP A 28 -0.68 1.43 -55.94
CA ASP A 28 -0.22 0.87 -54.67
C ASP A 28 1.11 1.51 -54.29
N GLU A 29 1.62 1.17 -53.10
CA GLU A 29 2.90 1.71 -52.63
C GLU A 29 4.04 1.31 -53.55
N ALA A 30 5.07 2.16 -53.60
CA ALA A 30 6.22 1.91 -54.46
C ALA A 30 7.36 1.26 -53.68
N ILE A 31 8.30 0.68 -54.41
CA ILE A 31 9.50 0.10 -53.80
C ILE A 31 10.71 1.00 -54.09
N ASN A 32 10.80 1.45 -55.33
CA ASN A 32 11.83 2.42 -55.72
C ASN A 32 11.35 3.82 -55.39
N GLU A 33 11.96 4.44 -54.38
CA GLU A 33 11.51 5.72 -53.87
C GLU A 33 11.87 6.92 -54.76
N ASP A 34 12.39 6.64 -55.95
CA ASP A 34 12.68 7.69 -56.92
C ASP A 34 11.36 8.27 -57.44
N ASN A 35 11.39 9.54 -57.83
CA ASN A 35 10.18 10.21 -58.32
C ASN A 35 9.72 9.69 -59.67
N SER A 36 10.49 9.97 -60.71
CA SER A 36 10.11 9.61 -62.07
C SER A 36 10.28 8.12 -62.38
N VAL A 37 9.46 7.29 -61.76
CA VAL A 37 9.49 5.85 -62.00
C VAL A 37 8.23 5.15 -61.51
N VAL A 38 7.63 4.33 -62.38
CA VAL A 38 6.50 3.50 -62.00
C VAL A 38 6.84 2.02 -62.14
N SER A 39 6.34 1.21 -61.23
CA SER A 39 6.68 -0.21 -61.23
C SER A 39 5.48 -1.12 -61.46
N LEU A 40 5.65 -2.10 -62.33
CA LEU A 40 4.62 -3.08 -62.62
C LEU A 40 5.19 -4.49 -62.62
N SER A 41 4.32 -5.48 -62.66
CA SER A 41 4.76 -6.87 -62.75
C SER A 41 5.05 -7.24 -64.20
N GLN A 42 6.12 -8.00 -64.40
CA GLN A 42 6.52 -8.45 -65.74
C GLN A 42 5.43 -9.18 -66.54
N PRO A 43 4.67 -10.09 -65.91
CA PRO A 43 3.59 -10.71 -66.68
C PRO A 43 2.53 -9.71 -67.15
N LYS A 44 2.31 -8.65 -66.37
CA LYS A 44 1.37 -7.62 -66.76
C LYS A 44 1.97 -6.78 -67.89
N MET A 45 3.29 -6.68 -67.91
CA MET A 45 3.98 -5.96 -68.97
C MET A 45 3.96 -6.75 -70.27
N ASP A 46 3.80 -8.07 -70.14
CA ASP A 46 3.71 -8.93 -71.31
C ASP A 46 2.34 -8.80 -71.97
N GLU A 47 1.36 -8.31 -71.21
CA GLU A 47 0.01 -8.13 -71.70
C GLU A 47 -0.15 -6.78 -72.38
N LEU A 48 0.61 -5.79 -71.91
CA LEU A 48 0.51 -4.43 -72.42
C LEU A 48 1.57 -4.14 -73.48
N GLN A 49 2.37 -5.16 -73.82
CA GLN A 49 3.41 -5.04 -74.83
C GLN A 49 4.40 -3.91 -74.53
N LEU A 50 4.70 -3.71 -73.25
CA LEU A 50 5.61 -2.65 -72.83
C LEU A 50 7.05 -3.13 -72.74
N PHE A 51 7.99 -2.19 -72.75
CA PHE A 51 9.41 -2.52 -72.71
C PHE A 51 10.08 -2.09 -71.41
N ARG A 52 11.36 -2.40 -71.28
CA ARG A 52 12.12 -2.11 -70.06
C ARG A 52 12.66 -0.69 -70.02
N GLY A 53 11.75 0.28 -69.94
CA GLY A 53 12.15 1.68 -69.83
C GLY A 53 11.51 2.60 -70.86
N ASP A 54 10.21 2.42 -71.06
CA ASP A 54 9.46 3.28 -71.99
C ASP A 54 8.76 4.41 -71.26
N THR A 55 8.80 5.60 -71.86
CA THR A 55 8.12 6.77 -71.31
C THR A 55 6.61 6.61 -71.40
N VAL A 56 5.96 6.39 -70.27
CA VAL A 56 4.52 6.16 -70.24
C VAL A 56 3.75 7.46 -70.01
N LEU A 57 2.42 7.36 -70.05
CA LEU A 57 1.55 8.50 -69.77
C LEU A 57 0.46 8.11 -68.79
N LEU A 58 0.45 8.73 -67.63
CA LEU A 58 -0.49 8.38 -66.57
C LEU A 58 -1.61 9.40 -66.43
N LYS A 59 -2.84 8.96 -66.71
CA LYS A 59 -4.01 9.82 -66.53
C LYS A 59 -4.72 9.43 -65.23
N GLY A 60 -5.27 10.43 -64.54
CA GLY A 60 -5.95 10.17 -63.28
C GLY A 60 -7.17 11.04 -63.07
N LYS A 61 -7.66 11.06 -61.83
CA LYS A 61 -8.83 11.85 -61.49
C LYS A 61 -8.57 13.35 -61.64
N LYS A 62 -9.64 14.11 -61.82
CA LYS A 62 -9.57 15.57 -61.96
C LYS A 62 -8.69 16.01 -63.13
N ARG A 63 -8.59 15.15 -64.15
CA ARG A 63 -7.91 15.47 -65.40
C ARG A 63 -6.47 15.97 -65.23
N ARG A 64 -5.59 15.07 -64.81
CA ARG A 64 -4.16 15.40 -64.71
C ARG A 64 -3.29 14.29 -65.27
N GLU A 65 -2.21 14.68 -65.94
CA GLU A 65 -1.28 13.72 -66.55
C GLU A 65 0.09 13.78 -65.91
N ALA A 66 0.78 12.66 -65.91
CA ALA A 66 2.13 12.57 -65.36
C ALA A 66 2.96 11.55 -66.13
N VAL A 67 4.15 11.97 -66.58
CA VAL A 67 5.00 11.10 -67.39
C VAL A 67 6.16 10.54 -66.57
N CYS A 68 6.27 9.21 -66.56
CA CYS A 68 7.33 8.54 -65.81
C CYS A 68 7.97 7.42 -66.64
N ILE A 69 8.73 6.56 -65.97
CA ILE A 69 9.41 5.44 -66.61
C ILE A 69 8.97 4.12 -65.98
N VAL A 70 8.74 3.12 -66.82
CA VAL A 70 8.28 1.82 -66.35
C VAL A 70 9.44 0.87 -66.03
N LEU A 71 9.38 0.25 -64.84
CA LEU A 71 10.37 -0.74 -64.44
C LEU A 71 9.68 -1.94 -63.80
N SER A 72 10.10 -3.14 -64.21
CA SER A 72 9.48 -4.37 -63.72
C SER A 72 9.84 -4.65 -62.25
N ASP A 73 8.82 -4.72 -61.41
CA ASP A 73 9.01 -5.08 -60.01
C ASP A 73 8.43 -6.46 -59.75
N ASP A 74 9.32 -7.42 -59.49
CA ASP A 74 8.91 -8.81 -59.31
C ASP A 74 8.03 -9.03 -58.08
N THR A 75 8.16 -8.14 -57.10
CA THR A 75 7.38 -8.25 -55.86
C THR A 75 6.01 -7.61 -56.01
N CYS A 76 5.69 -7.13 -57.21
CA CYS A 76 4.41 -6.49 -57.47
C CYS A 76 3.40 -7.46 -58.05
N SER A 77 2.13 -7.19 -57.81
CA SER A 77 1.06 -8.01 -58.36
C SER A 77 0.69 -7.55 -59.76
N ASP A 78 -0.27 -8.24 -60.38
CA ASP A 78 -0.67 -7.93 -61.75
C ASP A 78 -1.61 -6.73 -61.84
N GLU A 79 -2.48 -6.59 -60.84
CA GLU A 79 -3.49 -5.54 -60.86
C GLU A 79 -2.97 -4.21 -60.28
N LYS A 80 -1.96 -4.29 -59.43
CA LYS A 80 -1.43 -3.10 -58.76
C LYS A 80 -0.26 -2.47 -59.51
N ILE A 81 -0.13 -1.16 -59.38
CA ILE A 81 1.00 -0.43 -59.96
C ILE A 81 1.69 0.40 -58.88
N ARG A 82 3.01 0.42 -58.90
CA ARG A 82 3.77 1.11 -57.85
C ARG A 82 4.17 2.53 -58.25
N MET A 83 3.92 3.46 -57.35
CA MET A 83 4.33 4.86 -57.53
C MET A 83 4.37 5.58 -56.18
N ASN A 84 5.40 6.40 -55.98
CA ASN A 84 5.55 7.12 -54.72
C ASN A 84 4.56 8.27 -54.58
N ARG A 85 4.64 8.98 -53.46
CA ARG A 85 3.66 10.02 -53.15
C ARG A 85 3.75 11.23 -54.09
N VAL A 86 4.95 11.49 -54.60
CA VAL A 86 5.16 12.64 -55.48
C VAL A 86 4.34 12.53 -56.76
N VAL A 87 4.44 11.38 -57.43
CA VAL A 87 3.67 11.14 -58.64
C VAL A 87 2.19 10.96 -58.30
N ARG A 88 1.92 10.24 -57.22
CA ARG A 88 0.56 9.91 -56.80
C ARG A 88 -0.30 11.15 -56.59
N ASN A 89 0.26 12.17 -55.95
CA ASN A 89 -0.46 13.40 -55.69
C ASN A 89 -0.68 14.25 -56.95
N ASN A 90 0.22 14.11 -57.91
CA ASN A 90 0.06 14.79 -59.19
C ASN A 90 -1.15 14.24 -59.95
N LEU A 91 -1.45 12.97 -59.72
CA LEU A 91 -2.61 12.33 -60.34
C LEU A 91 -3.87 12.55 -59.51
N ARG A 92 -3.70 13.21 -58.37
CA ARG A 92 -4.80 13.49 -57.44
C ARG A 92 -5.52 12.21 -57.01
N VAL A 93 -4.76 11.14 -56.85
CA VAL A 93 -5.34 9.85 -56.47
C VAL A 93 -4.78 9.35 -55.14
N ARG A 94 -5.56 8.53 -54.44
CA ARG A 94 -5.12 7.93 -53.19
C ARG A 94 -4.90 6.44 -53.41
N LEU A 95 -4.28 5.77 -52.44
CA LEU A 95 -4.07 4.34 -52.54
C LEU A 95 -5.40 3.59 -52.52
N GLY A 96 -5.71 2.92 -53.62
CA GLY A 96 -6.97 2.22 -53.76
C GLY A 96 -7.80 2.76 -54.92
N ASP A 97 -7.19 3.66 -55.69
CA ASP A 97 -7.85 4.23 -56.85
C ASP A 97 -7.37 3.57 -58.13
N VAL A 98 -8.14 3.76 -59.21
CA VAL A 98 -7.79 3.20 -60.50
C VAL A 98 -7.32 4.28 -61.47
N ILE A 99 -6.16 4.05 -62.08
CA ILE A 99 -5.61 4.98 -63.06
C ILE A 99 -5.38 4.31 -64.41
N SER A 100 -5.51 5.10 -65.48
CA SER A 100 -5.35 4.58 -66.83
C SER A 100 -3.97 4.93 -67.39
N ILE A 101 -3.19 3.89 -67.69
CA ILE A 101 -1.84 4.09 -68.22
C ILE A 101 -1.75 3.72 -69.70
N GLN A 102 -1.16 4.62 -70.48
CA GLN A 102 -0.92 4.37 -71.90
C GLN A 102 0.46 4.86 -72.29
N PRO A 103 1.15 4.10 -73.17
CA PRO A 103 2.51 4.44 -73.58
C PRO A 103 2.58 5.76 -74.35
N CYS A 104 3.61 6.56 -74.08
CA CYS A 104 3.77 7.84 -74.73
C CYS A 104 5.18 7.99 -75.31
N PRO A 105 5.42 7.36 -76.48
CA PRO A 105 6.73 7.37 -77.12
C PRO A 105 6.99 8.59 -78.00
N ASP A 106 6.05 9.53 -78.01
CA ASP A 106 6.21 10.74 -78.83
C ASP A 106 6.91 11.85 -78.05
N VAL A 107 7.67 11.47 -77.02
CA VAL A 107 8.35 12.43 -76.19
C VAL A 107 9.78 12.68 -76.68
N LYS A 108 10.05 13.91 -77.10
CA LYS A 108 11.38 14.30 -77.56
C LYS A 108 12.09 15.14 -76.52
N TYR A 109 13.35 15.49 -76.78
CA TYR A 109 14.14 16.27 -75.84
C TYR A 109 13.66 17.73 -75.78
N GLY A 110 13.74 18.32 -74.60
CA GLY A 110 13.24 19.66 -74.37
C GLY A 110 14.26 20.77 -74.62
N LYS A 111 13.75 21.97 -74.84
CA LYS A 111 14.60 23.13 -75.09
C LYS A 111 14.54 24.11 -73.91
N ARG A 112 13.39 24.75 -73.76
CA ARG A 112 13.20 25.76 -72.72
C ARG A 112 12.21 25.29 -71.67
N ILE A 113 12.66 25.16 -70.43
CA ILE A 113 11.80 24.69 -69.35
C ILE A 113 11.69 25.72 -68.23
N HIS A 114 10.50 26.27 -68.05
CA HIS A 114 10.24 27.24 -66.99
C HIS A 114 9.84 26.52 -65.70
N VAL A 115 10.64 26.69 -64.66
CA VAL A 115 10.36 26.04 -63.38
C VAL A 115 10.58 26.99 -62.19
N LEU A 116 9.73 26.84 -61.18
CA LEU A 116 9.80 27.67 -59.97
C LEU A 116 9.50 26.87 -58.71
N PRO A 117 10.17 27.21 -57.61
CA PRO A 117 9.97 26.53 -56.32
C PRO A 117 8.75 27.06 -55.56
N ILE A 118 8.28 26.28 -54.60
CA ILE A 118 7.15 26.69 -53.76
C ILE A 118 7.65 27.40 -52.51
N ASP A 119 6.89 28.39 -52.03
CA ASP A 119 7.33 29.26 -50.95
C ASP A 119 7.41 28.59 -49.58
N ASP A 120 6.70 27.48 -49.39
CA ASP A 120 6.68 26.82 -48.10
C ASP A 120 7.82 25.81 -47.93
N THR A 121 8.66 25.71 -48.95
CA THR A 121 9.80 24.79 -48.91
C THR A 121 11.13 25.51 -49.08
N VAL A 122 11.08 26.77 -49.46
CA VAL A 122 12.27 27.59 -49.59
C VAL A 122 12.27 28.67 -48.51
N GLU A 123 11.40 28.49 -47.52
CA GLU A 123 11.20 29.47 -46.47
C GLU A 123 12.37 29.49 -45.49
N GLY A 124 13.50 30.01 -45.95
CA GLY A 124 14.69 30.11 -45.11
C GLY A 124 15.98 30.08 -45.88
N ILE A 125 16.03 29.26 -46.93
CA ILE A 125 17.25 29.11 -47.73
C ILE A 125 17.21 29.94 -49.00
N THR A 126 18.39 30.17 -49.59
CA THR A 126 18.50 30.95 -50.81
C THR A 126 19.75 30.55 -51.59
N GLY A 127 20.08 31.33 -52.62
CA GLY A 127 21.25 31.08 -53.43
C GLY A 127 20.95 30.22 -54.64
N ASN A 128 21.96 29.52 -55.14
CA ASN A 128 21.81 28.67 -56.30
C ASN A 128 21.12 27.36 -55.96
N LEU A 129 19.79 27.34 -56.07
CA LEU A 129 19.01 26.15 -55.81
C LEU A 129 19.27 25.09 -56.87
N PHE A 130 19.59 25.56 -58.07
CA PHE A 130 19.86 24.67 -59.20
C PHE A 130 21.09 23.79 -58.98
N GLU A 131 22.16 24.41 -58.49
CA GLU A 131 23.42 23.70 -58.25
C GLU A 131 23.26 22.62 -57.18
N VAL A 132 22.37 22.89 -56.23
CA VAL A 132 22.16 21.97 -55.11
C VAL A 132 21.08 20.93 -55.42
N TYR A 133 19.98 21.37 -56.00
CA TYR A 133 18.83 20.51 -56.21
C TYR A 133 18.66 20.05 -57.66
N LEU A 134 18.58 21.00 -58.57
CA LEU A 134 18.26 20.70 -59.97
C LEU A 134 19.35 19.90 -60.71
N LYS A 135 20.56 20.43 -60.70
CA LYS A 135 21.67 19.84 -61.47
C LYS A 135 21.99 18.37 -61.15
N PRO A 136 22.14 18.02 -59.86
CA PRO A 136 22.42 16.61 -59.59
C PRO A 136 21.19 15.72 -59.73
N TYR A 137 20.05 16.32 -60.07
CA TYR A 137 18.80 15.58 -60.22
C TYR A 137 18.54 15.21 -61.68
N PHE A 138 19.17 15.97 -62.59
CA PHE A 138 19.04 15.69 -64.02
C PHE A 138 20.40 15.42 -64.64
N LEU A 139 21.42 15.21 -63.81
CA LEU A 139 22.76 14.88 -64.28
C LEU A 139 22.73 13.53 -64.99
N GLU A 140 22.55 13.57 -66.31
CA GLU A 140 22.40 12.37 -67.12
C GLU A 140 21.28 11.48 -66.59
N ALA A 141 20.11 12.07 -66.36
CA ALA A 141 18.96 11.33 -65.86
C ALA A 141 17.87 11.25 -66.92
N TYR A 142 17.79 12.27 -67.77
CA TYR A 142 16.82 12.33 -68.86
C TYR A 142 15.39 12.16 -68.37
N ARG A 143 15.08 12.77 -67.23
CA ARG A 143 13.76 12.65 -66.63
C ARG A 143 12.69 13.42 -67.42
N PRO A 144 11.60 12.74 -67.77
CA PRO A 144 10.47 13.36 -68.47
C PRO A 144 9.51 14.09 -67.53
N ILE A 145 9.31 15.38 -67.76
CA ILE A 145 8.43 16.18 -66.92
C ILE A 145 7.38 16.92 -67.74
N ARG A 146 6.14 16.90 -67.25
CA ARG A 146 5.05 17.59 -67.93
C ARG A 146 4.73 18.91 -67.23
N LYS A 147 4.22 19.87 -67.99
CA LYS A 147 3.80 21.15 -67.46
C LYS A 147 2.72 20.97 -66.38
N GLY A 148 2.95 21.57 -65.22
CA GLY A 148 2.00 21.51 -64.12
C GLY A 148 2.31 20.44 -63.09
N ASP A 149 3.48 19.82 -63.22
CA ASP A 149 3.89 18.79 -62.28
C ASP A 149 4.69 19.35 -61.11
N ILE A 150 4.67 18.65 -59.98
CA ILE A 150 5.42 19.05 -58.80
C ILE A 150 6.39 17.96 -58.37
N PHE A 151 7.68 18.19 -58.59
CA PHE A 151 8.70 17.22 -58.21
C PHE A 151 9.50 17.68 -56.99
N LEU A 152 9.88 16.73 -56.15
CA LEU A 152 10.58 17.04 -54.90
C LEU A 152 12.03 16.58 -54.93
N VAL A 153 12.95 17.51 -54.66
CA VAL A 153 14.36 17.19 -54.58
C VAL A 153 14.87 17.43 -53.15
N ARG A 154 15.43 16.38 -52.54
CA ARG A 154 15.92 16.49 -51.18
C ARG A 154 17.41 16.85 -51.13
N GLY A 155 17.70 18.02 -50.58
CA GLY A 155 19.07 18.49 -50.44
C GLY A 155 19.14 19.62 -49.43
N GLY A 156 20.36 19.94 -48.99
CA GLY A 156 20.55 20.98 -47.99
C GLY A 156 19.90 20.61 -46.68
N MET A 157 19.83 19.32 -46.40
CA MET A 157 19.20 18.79 -45.19
C MET A 157 17.76 19.25 -45.01
N ARG A 158 17.01 19.26 -46.12
CA ARG A 158 15.59 19.58 -46.09
C ARG A 158 14.89 19.07 -47.33
N ALA A 159 13.68 19.54 -47.57
CA ALA A 159 12.90 19.14 -48.74
C ALA A 159 12.37 20.35 -49.48
N VAL A 160 12.75 20.48 -50.75
CA VAL A 160 12.31 21.61 -51.57
C VAL A 160 11.55 21.15 -52.81
N GLU A 161 10.31 21.61 -52.94
CA GLU A 161 9.47 21.23 -54.06
C GLU A 161 9.53 22.26 -55.18
N PHE A 162 9.32 21.80 -56.42
CA PHE A 162 9.31 22.68 -57.58
C PHE A 162 8.10 22.38 -58.46
N LYS A 163 7.45 23.42 -58.96
CA LYS A 163 6.34 23.24 -59.89
C LYS A 163 6.71 23.76 -61.28
N VAL A 164 6.53 22.91 -62.29
CA VAL A 164 6.87 23.26 -63.66
C VAL A 164 5.88 24.25 -64.24
N VAL A 165 6.40 25.40 -64.68
CA VAL A 165 5.57 26.45 -65.26
C VAL A 165 5.24 26.15 -66.72
N GLU A 166 6.26 26.11 -67.56
CA GLU A 166 6.07 25.88 -68.98
C GLU A 166 7.30 25.23 -69.63
N THR A 167 7.06 24.20 -70.43
CA THR A 167 8.12 23.55 -71.19
C THR A 167 7.93 23.85 -72.67
N ASP A 168 9.03 24.03 -73.40
CA ASP A 168 8.96 24.37 -74.81
C ASP A 168 8.25 23.29 -75.66
N PRO A 169 8.60 22.00 -75.46
CA PRO A 169 7.75 21.00 -76.12
C PRO A 169 6.53 20.69 -75.26
N SER A 170 5.64 21.68 -75.11
CA SER A 170 4.43 21.52 -74.31
C SER A 170 3.55 20.40 -74.85
N PRO A 171 2.90 19.64 -73.95
CA PRO A 171 2.98 19.80 -72.49
C PRO A 171 4.12 19.02 -71.83
N TYR A 172 4.49 17.87 -72.39
CA TYR A 172 5.51 17.02 -71.78
C TYR A 172 6.75 16.85 -72.66
N CYS A 173 7.90 16.65 -72.02
CA CYS A 173 9.17 16.48 -72.72
C CYS A 173 10.22 15.83 -71.83
N ILE A 174 11.28 15.31 -72.44
CA ILE A 174 12.39 14.74 -71.69
C ILE A 174 13.52 15.75 -71.53
N VAL A 175 13.99 15.92 -70.29
CA VAL A 175 15.08 16.85 -70.01
C VAL A 175 16.41 16.36 -70.59
N ALA A 176 16.98 17.16 -71.49
CA ALA A 176 18.24 16.83 -72.13
C ALA A 176 19.39 17.55 -71.43
N PRO A 177 20.62 17.06 -71.59
CA PRO A 177 21.79 17.75 -71.03
C PRO A 177 21.99 19.13 -71.66
N ASP A 178 21.40 19.32 -72.84
CA ASP A 178 21.46 20.61 -73.52
C ASP A 178 20.10 21.30 -73.47
N THR A 179 19.51 21.37 -72.28
CA THR A 179 18.21 22.00 -72.09
C THR A 179 18.33 23.26 -71.23
N VAL A 180 17.82 24.37 -71.76
CA VAL A 180 17.84 25.64 -71.04
C VAL A 180 16.86 25.60 -69.88
N ILE A 181 17.40 25.70 -68.66
CA ILE A 181 16.58 25.64 -67.45
C ILE A 181 16.29 27.04 -66.91
N HIS A 182 15.13 27.57 -67.24
CA HIS A 182 14.73 28.89 -66.78
C HIS A 182 14.36 28.86 -65.29
N CYS A 183 14.84 29.86 -64.55
CA CYS A 183 14.53 29.98 -63.14
C CYS A 183 14.37 31.45 -62.76
N GLU A 184 13.11 31.87 -62.63
CA GLU A 184 12.80 33.28 -62.36
C GLU A 184 13.31 33.72 -61.00
N GLY A 185 13.28 32.81 -60.04
CA GLY A 185 13.70 33.11 -58.67
C GLY A 185 12.57 33.70 -57.86
N GLU A 186 11.36 33.19 -58.06
CA GLU A 186 10.19 33.68 -57.36
C GLU A 186 9.39 32.53 -56.75
N PRO A 187 9.46 32.40 -55.42
CA PRO A 187 8.75 31.35 -54.68
C PRO A 187 7.23 31.47 -54.86
N ILE A 188 6.66 30.59 -55.68
CA ILE A 188 5.23 30.63 -55.96
C ILE A 188 4.42 30.02 -54.81
N LYS A 189 3.13 30.29 -54.82
CA LYS A 189 2.24 29.82 -53.76
C LYS A 189 1.71 28.42 -54.04
N ARG A 190 1.17 27.78 -53.00
CA ARG A 190 0.57 26.47 -53.15
C ARG A 190 -0.95 26.59 -53.21
N GLU A 191 -1.57 25.78 -54.08
CA GLU A 191 -3.02 25.81 -54.24
C GLU A 191 -3.72 24.88 -53.25
N ASP A 192 -5.03 25.05 -53.10
CA ASP A 192 -5.80 24.28 -52.13
C ASP A 192 -5.79 22.78 -52.44
N GLU A 193 -6.14 22.43 -53.68
CA GLU A 193 -6.18 21.04 -54.09
C GLU A 193 -4.78 20.42 -54.15
N GLU A 194 -3.77 21.28 -54.23
CA GLU A 194 -2.38 20.83 -54.19
C GLU A 194 -1.97 20.49 -52.77
N GLU A 195 -2.17 19.23 -52.39
CA GLU A 195 -1.78 18.76 -51.06
C GLU A 195 -0.27 18.80 -50.90
N SER A 196 0.19 19.29 -49.76
CA SER A 196 1.62 19.41 -49.50
C SER A 196 2.30 18.05 -49.36
N LEU A 197 3.40 17.88 -50.07
CA LEU A 197 4.19 16.66 -49.98
C LEU A 197 5.01 16.68 -48.69
N ASN A 198 5.01 17.83 -48.02
CA ASN A 198 5.76 18.02 -46.79
C ASN A 198 5.05 17.39 -45.59
N GLU A 199 3.84 16.88 -45.83
CA GLU A 199 3.06 16.26 -44.76
C GLU A 199 3.49 14.82 -44.51
N VAL A 200 2.89 14.21 -43.49
CA VAL A 200 3.26 12.85 -43.09
C VAL A 200 2.46 11.79 -43.83
N GLY A 201 3.18 10.90 -44.52
CA GLY A 201 2.55 9.80 -45.23
C GLY A 201 3.13 8.47 -44.78
N TYR A 202 2.77 7.41 -45.48
CA TYR A 202 3.26 6.08 -45.14
C TYR A 202 4.74 5.93 -45.47
N ASP A 203 5.28 6.88 -46.22
CA ASP A 203 6.70 6.88 -46.57
C ASP A 203 7.49 7.71 -45.56
N ASP A 204 6.92 7.89 -44.37
CA ASP A 204 7.57 8.68 -43.33
C ASP A 204 7.61 7.94 -41.99
N ILE A 205 7.22 6.67 -41.99
CA ILE A 205 7.23 5.88 -40.77
C ILE A 205 7.84 4.50 -40.98
N GLY A 206 8.60 4.04 -40.00
CA GLY A 206 9.26 2.75 -40.07
C GLY A 206 9.22 2.00 -38.76
N GLY A 207 9.70 0.76 -38.77
CA GLY A 207 9.71 -0.08 -37.58
C GLY A 207 8.32 -0.53 -37.18
N CYS A 208 7.37 -0.40 -38.10
CA CYS A 208 5.99 -0.77 -37.84
C CYS A 208 5.41 -1.53 -39.03
N ARG A 209 6.22 -2.39 -39.63
CA ARG A 209 5.82 -3.16 -40.81
C ARG A 209 4.60 -4.02 -40.52
N LYS A 210 4.69 -4.84 -39.48
CA LYS A 210 3.59 -5.71 -39.09
C LYS A 210 2.39 -4.89 -38.61
N GLN A 211 2.68 -3.74 -38.02
CA GLN A 211 1.63 -2.90 -37.43
C GLN A 211 0.77 -2.21 -38.48
N LEU A 212 1.41 -1.48 -39.39
CA LEU A 212 0.69 -0.76 -40.44
C LEU A 212 -0.20 -1.68 -41.27
N ALA A 213 0.30 -2.88 -41.53
CA ALA A 213 -0.46 -3.87 -42.29
C ALA A 213 -1.79 -4.18 -41.60
N GLN A 214 -1.73 -4.42 -40.30
CA GLN A 214 -2.93 -4.67 -39.52
C GLN A 214 -3.80 -3.43 -39.47
N ILE A 215 -3.17 -2.28 -39.23
CA ILE A 215 -3.88 -1.01 -39.13
C ILE A 215 -4.56 -0.63 -40.44
N LYS A 216 -3.80 -0.68 -41.53
CA LYS A 216 -4.31 -0.27 -42.83
C LYS A 216 -5.48 -1.13 -43.30
N GLU A 217 -5.38 -2.45 -43.07
CA GLU A 217 -6.44 -3.36 -43.48
C GLU A 217 -7.67 -3.24 -42.59
N MET A 218 -7.54 -2.50 -41.50
CA MET A 218 -8.67 -2.20 -40.63
C MET A 218 -9.37 -0.91 -41.06
N VAL A 219 -8.61 -0.04 -41.72
CA VAL A 219 -9.12 1.27 -42.10
C VAL A 219 -9.16 1.49 -43.61
N GLU A 220 -8.76 0.47 -44.36
CA GLU A 220 -8.77 0.56 -45.83
C GLU A 220 -10.19 0.74 -46.34
N LEU A 221 -10.96 -0.35 -46.31
CA LEU A 221 -12.33 -0.35 -46.81
C LEU A 221 -13.30 0.63 -46.13
N PRO A 222 -13.36 0.67 -44.78
CA PRO A 222 -14.37 1.53 -44.16
C PRO A 222 -14.14 3.03 -44.36
N LEU A 223 -12.95 3.41 -44.83
CA LEU A 223 -12.66 4.82 -45.08
C LEU A 223 -12.66 5.15 -46.56
N ARG A 224 -12.41 4.13 -47.38
CA ARG A 224 -12.35 4.32 -48.83
C ARG A 224 -13.70 4.04 -49.50
N HIS A 225 -14.51 3.19 -48.88
CA HIS A 225 -15.82 2.85 -49.41
C HIS A 225 -16.87 2.72 -48.32
N PRO A 226 -17.43 3.87 -47.89
CA PRO A 226 -18.48 3.90 -46.86
C PRO A 226 -19.74 3.18 -47.33
N ALA A 227 -19.97 3.14 -48.64
CA ALA A 227 -21.14 2.50 -49.20
C ALA A 227 -21.07 0.98 -49.07
N LEU A 228 -19.85 0.46 -48.94
CA LEU A 228 -19.65 -0.98 -48.81
C LEU A 228 -20.23 -1.52 -47.50
N PHE A 229 -19.84 -0.92 -46.39
CA PHE A 229 -20.25 -1.39 -45.07
C PHE A 229 -21.72 -1.10 -44.76
N LYS A 230 -22.29 -0.13 -45.45
CA LYS A 230 -23.69 0.22 -45.23
C LYS A 230 -24.61 -0.65 -46.08
N ALA A 231 -24.04 -1.30 -47.08
CA ALA A 231 -24.80 -2.20 -47.95
C ALA A 231 -24.56 -3.66 -47.56
N ILE A 232 -23.75 -3.86 -46.52
CA ILE A 232 -23.41 -5.19 -46.06
C ILE A 232 -23.61 -5.29 -44.55
N GLY A 233 -23.61 -6.51 -44.02
CA GLY A 233 -23.82 -6.72 -42.60
C GLY A 233 -22.53 -6.70 -41.80
N VAL A 234 -21.41 -6.46 -42.46
CA VAL A 234 -20.12 -6.39 -41.79
C VAL A 234 -20.01 -5.14 -40.93
N LYS A 235 -19.61 -5.33 -39.68
CA LYS A 235 -19.50 -4.23 -38.74
C LYS A 235 -18.07 -3.68 -38.70
N PRO A 236 -17.88 -2.44 -39.15
CA PRO A 236 -16.56 -1.79 -39.16
C PRO A 236 -16.15 -1.32 -37.76
N PRO A 237 -14.84 -1.32 -37.49
CA PRO A 237 -14.30 -0.93 -36.17
C PRO A 237 -14.56 0.55 -35.86
N ARG A 238 -14.65 0.86 -34.58
CA ARG A 238 -14.89 2.23 -34.14
C ARG A 238 -13.71 2.79 -33.35
N GLY A 239 -12.93 1.91 -32.74
CA GLY A 239 -11.82 2.33 -31.93
C GLY A 239 -10.55 1.52 -32.13
N ILE A 240 -9.44 2.22 -32.32
CA ILE A 240 -8.13 1.59 -32.48
C ILE A 240 -7.15 2.12 -31.44
N LEU A 241 -6.69 1.23 -30.57
CA LEU A 241 -5.75 1.62 -29.53
C LEU A 241 -4.32 1.22 -29.89
N LEU A 242 -3.39 2.15 -29.66
CA LEU A 242 -1.98 1.92 -29.97
C LEU A 242 -1.14 1.90 -28.70
N TYR A 243 -0.52 0.76 -28.40
CA TYR A 243 0.31 0.64 -27.21
C TYR A 243 1.66 1.29 -27.44
N GLY A 244 2.72 0.58 -27.06
CA GLY A 244 4.08 0.99 -27.35
C GLY A 244 4.61 2.13 -26.51
N PRO A 245 5.93 2.13 -26.27
CA PRO A 245 6.62 3.20 -25.54
C PRO A 245 6.71 4.46 -26.39
N PRO A 246 6.65 5.64 -25.76
CA PRO A 246 6.73 6.92 -26.45
C PRO A 246 8.02 7.07 -27.24
N GLY A 247 7.93 6.89 -28.56
CA GLY A 247 9.11 7.00 -29.40
C GLY A 247 8.87 6.70 -30.88
N THR A 248 8.23 5.56 -31.15
CA THR A 248 7.99 5.12 -32.52
C THR A 248 7.18 6.12 -33.34
N GLY A 249 6.22 6.78 -32.69
CA GLY A 249 5.42 7.79 -33.35
C GLY A 249 4.00 7.36 -33.62
N LYS A 250 3.26 7.07 -32.56
CA LYS A 250 1.86 6.69 -32.68
C LYS A 250 1.06 7.86 -33.23
N THR A 251 1.51 9.07 -32.90
CA THR A 251 0.88 10.29 -33.37
C THR A 251 1.02 10.41 -34.88
N LEU A 252 2.18 10.02 -35.39
CA LEU A 252 2.47 10.13 -36.82
C LEU A 252 1.75 9.06 -37.63
N ILE A 253 1.45 7.93 -37.01
CA ILE A 253 0.77 6.84 -37.70
C ILE A 253 -0.66 7.20 -38.08
N ALA A 254 -1.43 7.61 -37.08
CA ALA A 254 -2.83 8.00 -37.32
C ALA A 254 -2.92 9.21 -38.24
N ARG A 255 -1.97 10.12 -38.11
CA ARG A 255 -1.93 11.32 -38.94
C ARG A 255 -1.69 10.96 -40.40
N ALA A 256 -0.79 10.00 -40.63
CA ALA A 256 -0.46 9.56 -41.97
C ALA A 256 -1.63 8.86 -42.64
N VAL A 257 -2.39 8.10 -41.87
CA VAL A 257 -3.54 7.38 -42.38
C VAL A 257 -4.61 8.35 -42.90
N ALA A 258 -4.82 9.43 -42.15
CA ALA A 258 -5.81 10.43 -42.52
C ALA A 258 -5.37 11.24 -43.74
N ASN A 259 -4.06 11.37 -43.92
CA ASN A 259 -3.53 12.13 -45.05
C ASN A 259 -3.21 11.26 -46.26
N GLU A 260 -3.38 9.95 -46.11
CA GLU A 260 -3.13 9.02 -47.21
C GLU A 260 -4.46 8.50 -47.76
N THR A 261 -5.42 8.29 -46.87
CA THR A 261 -6.75 7.85 -47.25
C THR A 261 -7.63 9.04 -47.58
N GLY A 262 -7.19 10.22 -47.16
CA GLY A 262 -7.91 11.46 -47.43
C GLY A 262 -8.97 11.80 -46.41
N ALA A 263 -8.99 11.04 -45.31
CA ALA A 263 -9.98 11.26 -44.26
C ALA A 263 -9.67 12.51 -43.44
N PHE A 264 -10.69 13.01 -42.73
CA PHE A 264 -10.53 14.18 -41.88
C PHE A 264 -9.69 13.85 -40.65
N PHE A 265 -8.87 14.79 -40.21
CA PHE A 265 -7.96 14.55 -39.10
C PHE A 265 -8.11 15.59 -37.98
N PHE A 266 -8.64 15.17 -36.84
CA PHE A 266 -8.79 16.04 -35.69
C PHE A 266 -8.21 15.36 -34.46
N LEU A 267 -7.11 15.89 -33.94
CA LEU A 267 -6.41 15.27 -32.82
C LEU A 267 -6.87 15.82 -31.47
N ILE A 268 -6.96 14.93 -30.49
CA ILE A 268 -7.33 15.32 -29.14
C ILE A 268 -6.15 15.08 -28.19
N ASN A 269 -5.37 16.13 -27.95
CA ASN A 269 -4.24 16.03 -27.05
C ASN A 269 -4.70 15.94 -25.60
N GLY A 270 -4.16 14.97 -24.87
CA GLY A 270 -4.57 14.71 -23.50
C GLY A 270 -4.53 15.90 -22.56
N PRO A 271 -3.32 16.34 -22.18
CA PRO A 271 -3.13 17.50 -21.30
C PRO A 271 -3.79 18.77 -21.83
N GLU A 272 -3.93 18.88 -23.14
CA GLU A 272 -4.58 20.03 -23.76
C GLU A 272 -6.01 20.19 -23.26
N ILE A 273 -6.72 19.08 -23.15
CA ILE A 273 -8.12 19.08 -22.73
C ILE A 273 -8.24 19.18 -21.20
N MET A 274 -7.30 18.55 -20.50
CA MET A 274 -7.33 18.52 -19.04
C MET A 274 -6.85 19.85 -18.45
N SER A 275 -6.25 20.70 -19.28
CA SER A 275 -5.78 22.00 -18.84
C SER A 275 -6.89 23.05 -18.93
N LYS A 276 -8.04 22.63 -19.49
CA LYS A 276 -9.19 23.51 -19.60
C LYS A 276 -9.86 23.67 -18.24
N LEU A 277 -10.81 24.61 -18.17
CA LEU A 277 -11.51 24.89 -16.92
C LEU A 277 -12.43 23.74 -16.51
N ALA A 278 -13.07 23.88 -15.36
CA ALA A 278 -14.01 22.88 -14.88
C ALA A 278 -15.32 22.95 -15.66
N GLY A 279 -15.30 22.48 -16.90
CA GLY A 279 -16.46 22.53 -17.76
C GLY A 279 -16.09 22.67 -19.22
N GLU A 280 -14.97 23.33 -19.47
CA GLU A 280 -14.48 23.53 -20.83
C GLU A 280 -13.88 22.24 -21.38
N SER A 281 -13.57 21.32 -20.46
CA SER A 281 -13.02 20.02 -20.85
C SER A 281 -14.04 19.22 -21.65
N GLU A 282 -15.30 19.27 -21.22
CA GLU A 282 -16.38 18.59 -21.93
C GLU A 282 -16.64 19.29 -23.27
N SER A 283 -16.54 20.61 -23.25
CA SER A 283 -16.81 21.42 -24.44
C SER A 283 -15.92 21.05 -25.61
N ASN A 284 -14.64 20.80 -25.33
CA ASN A 284 -13.69 20.44 -26.38
C ASN A 284 -13.97 19.07 -26.98
N LEU A 285 -14.29 18.10 -26.13
CA LEU A 285 -14.58 16.74 -26.57
C LEU A 285 -15.90 16.68 -27.34
N ARG A 286 -16.91 17.38 -26.83
CA ARG A 286 -18.21 17.45 -27.49
C ARG A 286 -18.09 18.08 -28.87
N LYS A 287 -17.17 19.01 -29.01
CA LYS A 287 -16.96 19.73 -30.26
C LYS A 287 -16.07 18.93 -31.21
N ALA A 288 -15.09 18.23 -30.65
CA ALA A 288 -14.16 17.43 -31.44
C ALA A 288 -14.90 16.33 -32.21
N PHE A 289 -15.75 15.60 -31.52
CA PHE A 289 -16.53 14.54 -32.13
C PHE A 289 -17.57 15.09 -33.10
N GLU A 290 -18.12 16.25 -32.76
CA GLU A 290 -19.11 16.91 -33.61
C GLU A 290 -18.51 17.32 -34.95
N GLU A 291 -17.36 17.99 -34.89
CA GLU A 291 -16.68 18.43 -36.12
C GLU A 291 -16.00 17.27 -36.84
N ALA A 292 -15.98 16.11 -36.21
CA ALA A 292 -15.46 14.91 -36.85
C ALA A 292 -16.59 14.15 -37.52
N GLU A 293 -17.71 14.05 -36.82
CA GLU A 293 -18.89 13.36 -37.35
C GLU A 293 -19.43 14.09 -38.57
N LYS A 294 -19.32 15.41 -38.58
CA LYS A 294 -19.81 16.23 -39.69
C LYS A 294 -18.88 16.16 -40.90
N ASN A 295 -17.65 15.70 -40.69
CA ASN A 295 -16.68 15.61 -41.77
C ASN A 295 -16.26 14.17 -42.10
N ALA A 296 -17.22 13.26 -42.08
CA ALA A 296 -16.95 11.86 -42.40
C ALA A 296 -16.59 11.71 -43.87
N PRO A 297 -15.64 10.80 -44.19
CA PRO A 297 -14.89 9.95 -43.27
C PRO A 297 -13.85 10.73 -42.47
N ALA A 298 -13.78 10.47 -41.17
CA ALA A 298 -12.88 11.21 -40.30
C ALA A 298 -12.13 10.31 -39.33
N ILE A 299 -11.00 10.79 -38.83
CA ILE A 299 -10.21 10.07 -37.84
C ILE A 299 -9.90 10.98 -36.66
N ILE A 300 -10.58 10.75 -35.54
CA ILE A 300 -10.30 11.49 -34.31
C ILE A 300 -9.24 10.78 -33.49
N PHE A 301 -8.07 11.40 -33.40
CA PHE A 301 -6.94 10.79 -32.71
C PHE A 301 -6.67 11.40 -31.34
N ILE A 302 -7.18 10.76 -30.30
CA ILE A 302 -6.88 11.16 -28.94
C ILE A 302 -5.42 10.84 -28.64
N ASP A 303 -4.59 11.88 -28.53
CA ASP A 303 -3.15 11.71 -28.37
C ASP A 303 -2.80 10.91 -27.12
N GLU A 304 -2.85 11.56 -25.96
CA GLU A 304 -2.58 10.88 -24.69
C GLU A 304 -3.88 10.46 -24.03
N LEU A 305 -4.29 9.22 -24.28
CA LEU A 305 -5.55 8.72 -23.74
C LEU A 305 -5.50 8.50 -22.23
N ASP A 306 -4.33 8.11 -21.75
CA ASP A 306 -4.14 7.85 -20.32
C ASP A 306 -4.27 9.11 -19.48
N ALA A 307 -4.10 10.27 -20.11
CA ALA A 307 -4.20 11.54 -19.43
C ALA A 307 -5.66 11.98 -19.27
N ILE A 308 -6.56 11.21 -19.86
CA ILE A 308 -7.99 11.52 -19.78
C ILE A 308 -8.75 10.51 -18.93
N ALA A 309 -8.50 9.23 -19.16
CA ALA A 309 -9.22 8.17 -18.44
C ALA A 309 -8.32 7.09 -17.85
N PRO A 310 -7.60 7.41 -16.77
CA PRO A 310 -6.82 6.41 -16.05
C PRO A 310 -7.61 5.88 -14.85
N LYS A 311 -8.92 5.78 -15.00
CA LYS A 311 -9.81 5.38 -13.91
C LYS A 311 -9.44 4.04 -13.30
N ARG A 312 -8.92 4.07 -12.08
CA ARG A 312 -8.55 2.87 -11.35
C ARG A 312 -8.28 3.22 -9.89
N GLU A 313 -7.06 3.68 -9.62
CA GLU A 313 -6.68 4.14 -8.28
C GLU A 313 -6.40 5.64 -8.30
N LYS A 314 -5.96 6.14 -9.44
CA LYS A 314 -5.71 7.57 -9.60
C LYS A 314 -6.97 8.28 -10.08
N THR A 315 -8.10 7.92 -9.47
CA THR A 315 -9.39 8.49 -9.83
C THR A 315 -9.95 9.31 -8.68
N HIS A 316 -9.10 10.13 -8.07
CA HIS A 316 -9.50 10.94 -6.93
C HIS A 316 -10.23 12.20 -7.35
N GLY A 317 -11.55 12.22 -7.14
CA GLY A 317 -12.37 13.37 -7.47
C GLY A 317 -13.45 13.06 -8.49
N GLU A 318 -14.60 13.70 -8.34
CA GLU A 318 -15.71 13.51 -9.25
C GLU A 318 -15.46 14.15 -10.61
N VAL A 319 -14.67 15.23 -10.61
CA VAL A 319 -14.38 15.97 -11.83
C VAL A 319 -13.64 15.11 -12.85
N GLU A 320 -12.74 14.27 -12.36
CA GLU A 320 -11.98 13.37 -13.23
C GLU A 320 -12.88 12.34 -13.90
N ARG A 321 -13.74 11.71 -13.11
CA ARG A 321 -14.65 10.68 -13.62
C ARG A 321 -15.76 11.30 -14.46
N ARG A 322 -16.00 12.59 -14.25
CA ARG A 322 -16.99 13.32 -15.03
C ARG A 322 -16.52 13.48 -16.47
N ILE A 323 -15.20 13.44 -16.65
CA ILE A 323 -14.59 13.50 -17.97
C ILE A 323 -14.51 12.11 -18.59
N VAL A 324 -14.16 11.13 -17.77
CA VAL A 324 -14.03 9.74 -18.22
C VAL A 324 -15.36 9.22 -18.74
N SER A 325 -16.40 9.33 -17.91
CA SER A 325 -17.72 8.83 -18.27
C SER A 325 -18.32 9.62 -19.44
N GLN A 326 -17.79 10.81 -19.69
CA GLN A 326 -18.23 11.63 -20.81
C GLN A 326 -17.70 11.06 -22.13
N LEU A 327 -16.42 10.72 -22.15
CA LEU A 327 -15.80 10.14 -23.33
C LEU A 327 -16.40 8.77 -23.65
N LEU A 328 -16.80 8.06 -22.61
CA LEU A 328 -17.42 6.74 -22.77
C LEU A 328 -18.72 6.84 -23.55
N THR A 329 -19.49 7.90 -23.26
CA THR A 329 -20.77 8.10 -23.93
C THR A 329 -20.54 8.67 -25.35
N LEU A 330 -19.44 9.38 -25.52
CA LEU A 330 -19.06 9.92 -26.82
C LEU A 330 -18.61 8.81 -27.77
N MET A 331 -18.30 7.65 -27.19
CA MET A 331 -17.95 6.47 -27.98
C MET A 331 -19.20 5.71 -28.38
N ASP A 332 -20.14 5.59 -27.44
CA ASP A 332 -21.43 4.98 -27.72
C ASP A 332 -22.25 5.91 -28.61
N GLY A 333 -21.88 7.20 -28.60
CA GLY A 333 -22.56 8.20 -29.39
C GLY A 333 -22.23 8.10 -30.87
N LEU A 334 -21.24 7.28 -31.20
CA LEU A 334 -20.90 7.03 -32.60
C LEU A 334 -22.07 6.30 -33.26
N LYS A 335 -22.79 7.03 -34.11
CA LYS A 335 -24.04 6.54 -34.69
C LYS A 335 -23.83 5.52 -35.80
N GLN A 336 -22.58 5.12 -36.03
CA GLN A 336 -22.23 4.12 -37.04
C GLN A 336 -22.54 4.54 -38.48
N ARG A 337 -23.72 5.10 -38.71
CA ARG A 337 -24.11 5.61 -40.01
C ARG A 337 -23.07 6.61 -40.50
N ALA A 338 -22.65 7.49 -39.58
CA ALA A 338 -21.54 8.39 -39.85
C ALA A 338 -20.23 7.62 -39.71
N HIS A 339 -19.27 7.92 -40.57
CA HIS A 339 -18.00 7.20 -40.55
C HIS A 339 -16.90 7.96 -39.82
N VAL A 340 -16.66 7.55 -38.57
CA VAL A 340 -15.59 8.14 -37.76
C VAL A 340 -14.87 7.06 -36.95
N ILE A 341 -13.55 7.02 -37.08
CA ILE A 341 -12.74 6.06 -36.32
C ILE A 341 -11.89 6.76 -35.27
N VAL A 342 -12.04 6.34 -34.02
CA VAL A 342 -11.32 6.95 -32.92
C VAL A 342 -10.04 6.20 -32.60
N MET A 343 -8.90 6.79 -32.97
CA MET A 343 -7.61 6.21 -32.65
C MET A 343 -7.03 6.87 -31.42
N ALA A 344 -6.21 6.13 -30.67
CA ALA A 344 -5.61 6.66 -29.45
C ALA A 344 -4.26 6.03 -29.15
N ALA A 345 -3.43 6.76 -28.42
CA ALA A 345 -2.10 6.29 -28.06
C ALA A 345 -1.92 6.18 -26.55
N THR A 346 -1.06 5.27 -26.12
CA THR A 346 -0.77 5.07 -24.71
C THR A 346 0.59 4.41 -24.52
N ASN A 347 1.16 4.57 -23.33
CA ASN A 347 2.45 3.96 -23.02
C ASN A 347 2.27 2.50 -22.60
N ARG A 348 1.13 2.22 -21.99
CA ARG A 348 0.82 0.86 -21.55
C ARG A 348 -0.69 0.64 -21.55
N PRO A 349 -1.14 -0.50 -22.11
CA PRO A 349 -2.56 -0.85 -22.24
C PRO A 349 -3.33 -0.81 -20.91
N ASN A 350 -2.64 -1.02 -19.79
CA ASN A 350 -3.30 -0.99 -18.49
C ASN A 350 -3.26 0.38 -17.82
N SER A 351 -3.17 1.42 -18.63
CA SER A 351 -3.21 2.79 -18.13
C SER A 351 -4.56 3.42 -18.48
N ILE A 352 -5.40 2.62 -19.13
CA ILE A 352 -6.71 3.10 -19.59
C ILE A 352 -7.82 2.42 -18.79
N ASP A 353 -8.88 3.17 -18.51
CA ASP A 353 -10.06 2.64 -17.82
C ASP A 353 -10.63 1.45 -18.57
N PRO A 354 -10.77 0.30 -17.88
CA PRO A 354 -11.32 -0.95 -18.44
C PRO A 354 -12.65 -0.76 -19.17
N ALA A 355 -13.37 0.31 -18.84
CA ALA A 355 -14.61 0.63 -19.55
C ALA A 355 -14.31 1.07 -20.98
N LEU A 356 -13.08 1.51 -21.22
CA LEU A 356 -12.64 1.85 -22.57
C LEU A 356 -12.05 0.63 -23.26
N ARG A 357 -11.77 -0.41 -22.48
CA ARG A 357 -11.27 -1.67 -23.02
C ARG A 357 -12.42 -2.52 -23.55
N ARG A 358 -13.64 -2.05 -23.33
CA ARG A 358 -14.85 -2.75 -23.78
C ARG A 358 -14.84 -2.99 -25.27
N PHE A 359 -14.97 -4.26 -25.66
CA PHE A 359 -15.06 -4.62 -27.08
C PHE A 359 -16.36 -4.11 -27.68
N GLY A 360 -16.39 -2.80 -27.94
CA GLY A 360 -17.54 -2.13 -28.49
C GLY A 360 -17.20 -0.66 -28.66
N ARG A 361 -16.17 -0.24 -27.95
CA ARG A 361 -15.63 1.11 -28.07
C ARG A 361 -14.24 1.04 -28.69
N PHE A 362 -13.24 0.77 -27.87
CA PHE A 362 -11.89 0.50 -28.37
C PHE A 362 -11.68 -1.01 -28.46
N ASP A 363 -12.39 -1.63 -29.39
CA ASP A 363 -12.40 -3.08 -29.53
C ASP A 363 -11.09 -3.64 -30.09
N ARG A 364 -10.51 -2.95 -31.06
CA ARG A 364 -9.27 -3.39 -31.68
C ARG A 364 -8.04 -2.74 -31.05
N GLU A 365 -7.00 -3.53 -30.84
CA GLU A 365 -5.79 -3.05 -30.18
C GLU A 365 -4.54 -3.52 -30.91
N VAL A 366 -3.59 -2.59 -31.11
CA VAL A 366 -2.35 -2.91 -31.81
C VAL A 366 -1.12 -2.54 -30.98
N ASP A 367 -0.34 -3.55 -30.62
CA ASP A 367 0.88 -3.34 -29.84
C ASP A 367 2.03 -2.92 -30.73
N ILE A 368 2.54 -1.70 -30.51
CA ILE A 368 3.63 -1.17 -31.33
C ILE A 368 4.87 -0.91 -30.48
N GLY A 369 5.56 -1.97 -30.10
CA GLY A 369 6.73 -1.86 -29.25
C GLY A 369 7.93 -1.24 -29.93
N ILE A 370 9.09 -1.38 -29.29
CA ILE A 370 10.33 -0.81 -29.81
C ILE A 370 10.73 -1.43 -31.16
N PRO A 371 11.36 -0.63 -32.03
CA PRO A 371 11.84 -1.12 -33.32
C PRO A 371 12.94 -2.17 -33.15
N ASP A 372 12.87 -3.23 -33.96
CA ASP A 372 13.87 -4.29 -33.93
C ASP A 372 15.09 -3.88 -34.74
N ALA A 373 16.02 -4.81 -34.92
CA ALA A 373 17.24 -4.56 -35.68
C ALA A 373 16.94 -4.13 -37.11
N THR A 374 15.99 -4.82 -37.73
CA THR A 374 15.59 -4.50 -39.10
C THR A 374 14.84 -3.19 -39.15
N GLY A 375 13.99 -2.95 -38.14
CA GLY A 375 13.18 -1.75 -38.08
C GLY A 375 13.96 -0.49 -37.79
N ARG A 376 15.02 -0.62 -37.01
CA ARG A 376 15.84 0.55 -36.64
C ARG A 376 16.55 1.15 -37.85
N LEU A 377 17.00 0.30 -38.76
CA LEU A 377 17.66 0.78 -39.97
C LEU A 377 16.64 1.41 -40.89
N GLU A 378 15.42 0.87 -40.90
CA GLU A 378 14.33 1.41 -41.72
C GLU A 378 14.02 2.85 -41.32
N ILE A 379 14.16 3.14 -40.03
CA ILE A 379 13.93 4.48 -39.52
C ILE A 379 15.11 5.39 -39.85
N LEU A 380 16.33 4.86 -39.73
CA LEU A 380 17.54 5.61 -40.03
C LEU A 380 17.58 6.10 -41.47
N GLN A 381 16.95 5.34 -42.37
CA GLN A 381 16.88 5.72 -43.78
C GLN A 381 16.01 6.95 -43.98
N ILE A 382 14.99 7.08 -43.13
CA ILE A 382 14.06 8.20 -43.23
C ILE A 382 14.70 9.49 -42.70
N HIS A 383 15.56 9.36 -41.71
CA HIS A 383 16.19 10.53 -41.09
C HIS A 383 17.54 10.87 -41.71
N THR A 384 17.80 10.34 -42.90
CA THR A 384 19.03 10.64 -43.62
C THR A 384 18.75 10.92 -45.10
N LYS A 385 17.47 10.97 -45.45
CA LYS A 385 17.08 11.20 -46.84
C LYS A 385 17.30 12.64 -47.27
N ASN A 386 17.33 13.55 -46.30
CA ASN A 386 17.49 14.97 -46.59
C ASN A 386 18.96 15.40 -46.56
N MET A 387 19.74 14.77 -45.70
CA MET A 387 21.14 15.14 -45.50
C MET A 387 22.08 14.38 -46.43
N LYS A 388 23.16 15.04 -46.85
CA LYS A 388 24.14 14.42 -47.72
C LYS A 388 25.15 13.59 -46.92
N LEU A 389 24.99 12.27 -46.98
CA LEU A 389 25.87 11.36 -46.28
C LEU A 389 27.08 10.99 -47.14
N ALA A 390 28.21 10.75 -46.50
CA ALA A 390 29.42 10.38 -47.21
C ALA A 390 29.40 8.90 -47.58
N ASP A 391 30.38 8.47 -48.37
CA ASP A 391 30.43 7.10 -48.86
C ASP A 391 30.89 6.11 -47.79
N ASP A 392 31.73 6.58 -46.87
CA ASP A 392 32.30 5.72 -45.84
C ASP A 392 31.29 5.39 -44.75
N VAL A 393 30.11 6.00 -44.82
CA VAL A 393 29.08 5.83 -43.81
C VAL A 393 28.19 4.61 -44.10
N ASP A 394 28.08 3.72 -43.12
CA ASP A 394 27.18 2.59 -43.22
C ASP A 394 26.12 2.67 -42.12
N LEU A 395 24.89 3.01 -42.51
CA LEU A 395 23.82 3.24 -41.56
C LEU A 395 23.39 1.97 -40.83
N GLU A 396 23.64 0.82 -41.46
CA GLU A 396 23.29 -0.47 -40.87
C GLU A 396 24.10 -0.74 -39.61
N GLN A 397 25.36 -0.29 -39.62
CA GLN A 397 26.25 -0.46 -38.47
C GLN A 397 25.69 0.24 -37.24
N VAL A 398 25.16 1.43 -37.42
CA VAL A 398 24.57 2.20 -36.33
C VAL A 398 23.29 1.53 -35.85
N ALA A 399 22.58 0.88 -36.78
CA ALA A 399 21.33 0.22 -36.46
C ALA A 399 21.55 -1.06 -35.63
N ASN A 400 22.76 -1.58 -35.66
CA ASN A 400 23.09 -2.79 -34.91
C ASN A 400 23.38 -2.53 -33.43
N GLU A 401 24.26 -1.57 -33.17
CA GLU A 401 24.65 -1.26 -31.80
C GLU A 401 23.67 -0.33 -31.09
N THR A 402 22.37 -0.61 -31.26
CA THR A 402 21.32 0.15 -30.60
C THR A 402 20.22 -0.79 -30.12
N HIS A 403 20.58 -1.70 -29.22
CA HIS A 403 19.69 -2.77 -28.78
C HIS A 403 18.32 -2.29 -28.26
N GLY A 404 18.30 -1.12 -27.63
CA GLY A 404 17.06 -0.62 -27.05
C GLY A 404 16.78 0.83 -27.41
N HIS A 405 16.52 1.08 -28.69
CA HIS A 405 16.21 2.43 -29.15
C HIS A 405 14.82 2.51 -29.77
N VAL A 406 14.19 3.68 -29.64
CA VAL A 406 12.90 3.92 -30.27
C VAL A 406 13.07 4.93 -31.41
N GLY A 407 11.99 5.18 -32.14
CA GLY A 407 12.03 6.08 -33.28
C GLY A 407 12.49 7.48 -32.94
N ALA A 408 12.06 7.98 -31.78
CA ALA A 408 12.42 9.33 -31.35
C ALA A 408 13.92 9.44 -31.08
N ASP A 409 14.47 8.47 -30.38
CA ASP A 409 15.90 8.46 -30.06
C ASP A 409 16.77 8.28 -31.29
N LEU A 410 16.29 7.47 -32.23
CA LEU A 410 16.98 7.28 -33.50
C LEU A 410 16.95 8.56 -34.32
N ALA A 411 15.90 9.34 -34.14
CA ALA A 411 15.75 10.61 -34.85
C ALA A 411 16.74 11.64 -34.32
N ALA A 412 16.90 11.68 -32.99
CA ALA A 412 17.79 12.64 -32.36
C ALA A 412 19.25 12.20 -32.44
N LEU A 413 19.46 10.92 -32.73
CA LEU A 413 20.81 10.37 -32.84
C LEU A 413 21.52 11.01 -34.03
N CYS A 414 20.78 11.26 -35.09
CA CYS A 414 21.33 11.90 -36.27
C CYS A 414 21.54 13.39 -36.04
N SER A 415 20.68 13.97 -35.22
CA SER A 415 20.72 15.41 -34.94
C SER A 415 22.07 15.84 -34.37
N GLU A 416 22.54 15.13 -33.36
CA GLU A 416 23.83 15.44 -32.75
C GLU A 416 24.98 15.07 -33.68
N ALA A 417 24.79 14.02 -34.46
CA ALA A 417 25.82 13.56 -35.39
C ALA A 417 25.97 14.52 -36.57
N ALA A 418 24.85 15.05 -37.04
CA ALA A 418 24.85 15.98 -38.16
C ALA A 418 25.43 17.33 -37.76
N LEU A 419 24.95 17.85 -36.63
CA LEU A 419 25.44 19.13 -36.10
C LEU A 419 26.93 19.06 -35.77
N GLN A 420 27.41 17.87 -35.44
CA GLN A 420 28.82 17.65 -35.19
C GLN A 420 29.63 17.91 -36.46
N ALA A 421 29.10 17.46 -37.59
CA ALA A 421 29.73 17.71 -38.88
C ALA A 421 29.63 19.17 -39.27
N ILE A 422 28.57 19.83 -38.79
CA ILE A 422 28.38 21.25 -39.02
C ILE A 422 29.38 22.05 -38.18
N ARG A 423 29.71 21.52 -37.01
CA ARG A 423 30.70 22.14 -36.13
C ARG A 423 32.13 21.77 -36.56
N LYS A 424 32.34 21.63 -37.87
CA LYS A 424 33.64 21.27 -38.41
C LYS A 424 33.95 22.04 -39.68
N LYS A 425 32.89 22.55 -40.33
CA LYS A 425 33.03 23.22 -41.61
C LYS A 425 33.06 24.74 -41.48
N MET A 426 31.92 25.37 -41.77
CA MET A 426 31.83 26.84 -41.74
C MET A 426 31.83 27.38 -40.32
N ASP A 427 31.74 26.48 -39.35
CA ASP A 427 31.76 26.86 -37.94
C ASP A 427 33.08 27.53 -37.58
N LEU A 428 34.14 27.13 -38.26
CA LEU A 428 35.45 27.75 -38.06
C LEU A 428 35.64 28.95 -38.97
N ILE A 429 34.68 29.16 -39.88
CA ILE A 429 34.70 30.31 -40.77
C ILE A 429 33.76 31.39 -40.26
N ASP A 430 32.53 31.00 -39.96
CA ASP A 430 31.51 31.88 -39.37
C ASP A 430 31.09 33.03 -40.28
N LEU A 431 29.85 32.96 -40.77
CA LEU A 431 29.30 34.02 -41.61
C LEU A 431 28.02 34.58 -40.99
N GLU A 432 28.11 35.81 -40.48
CA GLU A 432 26.96 36.46 -39.86
C GLU A 432 25.89 36.82 -40.88
N ASP A 433 25.00 35.87 -41.16
CA ASP A 433 23.91 36.10 -42.11
C ASP A 433 22.58 35.64 -41.54
N GLU A 434 21.50 36.28 -41.98
CA GLU A 434 20.15 35.88 -41.57
C GLU A 434 19.64 34.77 -42.48
N THR A 435 20.51 34.29 -43.35
CA THR A 435 20.23 33.15 -44.23
C THR A 435 21.53 32.54 -44.73
N ILE A 436 21.63 31.22 -44.64
CA ILE A 436 22.85 30.53 -45.02
C ILE A 436 22.81 30.04 -46.47
N ASP A 437 23.92 30.23 -47.17
CA ASP A 437 24.04 29.85 -48.58
C ASP A 437 23.81 28.35 -48.79
N ALA A 438 23.25 28.00 -49.94
CA ALA A 438 22.95 26.61 -50.25
C ALA A 438 24.16 25.85 -50.78
N GLU A 439 25.10 26.58 -51.38
CA GLU A 439 26.32 25.98 -51.90
C GLU A 439 27.15 25.37 -50.77
N VAL A 440 27.10 26.00 -49.60
CA VAL A 440 27.81 25.51 -48.44
C VAL A 440 27.14 24.25 -47.90
N MET A 441 25.81 24.21 -47.97
CA MET A 441 25.05 23.08 -47.48
C MET A 441 25.08 21.88 -48.43
N ASN A 442 25.46 22.12 -49.68
CA ASN A 442 25.55 21.06 -50.66
C ASN A 442 26.91 20.35 -50.59
N SER A 443 27.94 21.09 -50.22
CA SER A 443 29.27 20.53 -50.07
C SER A 443 29.48 20.00 -48.66
N LEU A 444 28.44 20.16 -47.83
CA LEU A 444 28.49 19.68 -46.45
C LEU A 444 28.13 18.20 -46.38
N ALA A 445 29.00 17.42 -45.76
CA ALA A 445 28.77 15.98 -45.61
C ALA A 445 29.00 15.54 -44.17
N VAL A 446 28.54 14.33 -43.86
CA VAL A 446 28.69 13.79 -42.51
C VAL A 446 29.48 12.49 -42.55
N THR A 447 30.57 12.44 -41.80
CA THR A 447 31.43 11.25 -41.76
C THR A 447 30.82 10.16 -40.90
N MET A 448 31.40 8.96 -40.98
CA MET A 448 30.94 7.84 -40.17
C MET A 448 31.43 8.02 -38.73
N ASP A 449 32.55 8.71 -38.58
CA ASP A 449 33.13 8.98 -37.27
C ASP A 449 32.24 9.92 -36.46
N ASP A 450 31.49 10.76 -37.15
CA ASP A 450 30.58 11.69 -36.48
C ASP A 450 29.44 10.96 -35.78
N PHE A 451 29.05 9.82 -36.34
CA PHE A 451 28.02 8.98 -35.72
C PHE A 451 28.58 8.25 -34.51
N ARG A 452 29.87 7.93 -34.56
CA ARG A 452 30.54 7.32 -33.42
C ARG A 452 30.56 8.28 -32.25
N TRP A 453 30.70 9.57 -32.55
CA TRP A 453 30.67 10.62 -31.55
C TRP A 453 29.26 10.74 -30.96
N ALA A 454 28.26 10.50 -31.78
CA ALA A 454 26.87 10.54 -31.34
C ALA A 454 26.56 9.37 -30.42
N LEU A 455 27.30 8.27 -30.60
CA LEU A 455 27.11 7.08 -29.78
C LEU A 455 27.98 7.15 -28.52
N SER A 456 29.11 7.84 -28.62
CA SER A 456 30.00 8.03 -27.48
C SER A 456 29.39 9.02 -26.50
N GLN A 457 28.43 9.81 -26.98
CA GLN A 457 27.70 10.75 -26.15
C GLN A 457 26.68 9.99 -25.31
N SER A 458 26.05 10.68 -24.37
CA SER A 458 25.06 10.05 -23.49
C SER A 458 23.66 10.09 -24.07
N ASN A 459 23.54 10.60 -25.30
CA ASN A 459 22.24 10.74 -25.96
C ASN A 459 21.58 9.48 -26.54
N PRO A 460 22.35 8.50 -27.07
CA PRO A 460 21.64 7.37 -27.66
C PRO A 460 20.97 6.47 -26.62
N SER A 461 21.25 6.69 -25.34
CA SER A 461 20.64 5.91 -24.28
C SER A 461 19.13 6.07 -24.26
N ALA A 462 18.42 5.02 -24.66
CA ALA A 462 16.97 5.04 -24.69
C ALA A 462 16.38 3.99 -23.75
N LEU A 463 15.06 4.00 -23.60
CA LEU A 463 14.38 3.08 -22.70
C LEU A 463 14.42 1.63 -23.21
N ARG A 464 14.95 0.74 -22.38
CA ARG A 464 15.12 -0.66 -22.75
C ARG A 464 13.95 -1.52 -22.29
N GLU A 465 13.11 -1.91 -23.25
CA GLU A 465 11.99 -2.80 -22.96
C GLU A 465 12.21 -4.16 -23.60
N THR A 466 11.18 -5.00 -23.57
CA THR A 466 11.26 -6.34 -24.15
C THR A 466 11.45 -6.26 -25.66
N VAL A 467 12.61 -6.70 -26.14
CA VAL A 467 12.94 -6.62 -27.55
C VAL A 467 12.29 -7.76 -28.34
N VAL A 468 11.24 -7.43 -29.09
CA VAL A 468 10.60 -8.39 -29.97
C VAL A 468 11.16 -8.23 -31.38
N GLU A 469 12.13 -9.06 -31.73
CA GLU A 469 12.85 -8.90 -32.99
C GLU A 469 12.67 -10.06 -33.96
N VAL A 470 12.97 -9.80 -35.22
CA VAL A 470 13.08 -10.85 -36.22
C VAL A 470 14.57 -11.14 -36.42
N PRO A 471 15.05 -12.24 -35.81
CA PRO A 471 16.46 -12.60 -35.73
C PRO A 471 17.20 -12.52 -37.06
N GLN A 472 18.32 -11.80 -37.08
CA GLN A 472 19.13 -11.65 -38.27
C GLN A 472 20.23 -12.70 -38.33
N VAL A 473 20.09 -13.73 -37.50
CA VAL A 473 21.06 -14.83 -37.47
C VAL A 473 20.55 -16.03 -38.25
N THR A 474 21.35 -16.49 -39.22
CA THR A 474 20.95 -17.58 -40.09
C THR A 474 21.53 -18.91 -39.60
N TRP A 475 21.19 -19.99 -40.32
CA TRP A 475 21.66 -21.32 -39.97
C TRP A 475 23.14 -21.50 -40.31
N GLU A 476 23.65 -20.64 -41.20
CA GLU A 476 25.05 -20.73 -41.62
C GLU A 476 25.99 -20.41 -40.47
N ASP A 477 25.48 -19.75 -39.44
CA ASP A 477 26.24 -19.48 -38.23
C ASP A 477 26.37 -20.76 -37.40
N ILE A 478 25.40 -21.66 -37.57
CA ILE A 478 25.40 -22.92 -36.84
C ILE A 478 25.66 -24.09 -37.79
N GLY A 479 26.92 -24.49 -37.90
CA GLY A 479 27.30 -25.57 -38.78
C GLY A 479 26.84 -26.94 -38.28
N GLY A 480 26.48 -27.81 -39.22
CA GLY A 480 26.06 -29.16 -38.88
C GLY A 480 24.76 -29.23 -38.11
N LEU A 481 24.53 -30.37 -37.47
CA LEU A 481 23.33 -30.61 -36.67
C LEU A 481 22.05 -30.42 -37.50
N GLU A 482 21.96 -31.19 -38.59
CA GLU A 482 20.82 -31.11 -39.49
C GLU A 482 19.63 -31.93 -38.96
N ASP A 483 19.90 -32.77 -37.97
CA ASP A 483 18.88 -33.66 -37.43
C ASP A 483 17.81 -32.88 -36.66
N VAL A 484 18.20 -31.75 -36.08
CA VAL A 484 17.27 -30.93 -35.32
C VAL A 484 16.55 -29.91 -36.20
N LYS A 485 17.23 -29.45 -37.24
CA LYS A 485 16.66 -28.46 -38.16
C LYS A 485 15.39 -28.99 -38.79
N ARG A 486 15.42 -30.26 -39.20
CA ARG A 486 14.26 -30.91 -39.78
C ARG A 486 13.15 -31.08 -38.74
N GLU A 487 13.55 -31.43 -37.52
CA GLU A 487 12.59 -31.63 -36.44
C GLU A 487 11.95 -30.32 -36.01
N LEU A 488 12.74 -29.25 -36.03
CA LEU A 488 12.25 -27.92 -35.64
C LEU A 488 11.21 -27.39 -36.62
N GLN A 489 11.48 -27.53 -37.91
CA GLN A 489 10.58 -27.02 -38.94
C GLN A 489 9.24 -27.75 -38.96
N GLU A 490 9.21 -28.95 -38.42
CA GLU A 490 7.96 -29.70 -38.31
C GLU A 490 7.05 -29.09 -37.25
N LEU A 491 7.63 -28.25 -36.40
CA LEU A 491 6.93 -27.71 -35.25
C LEU A 491 6.56 -26.24 -35.42
N VAL A 492 7.21 -25.55 -36.34
CA VAL A 492 6.93 -24.14 -36.57
C VAL A 492 6.71 -23.79 -38.05
N GLN A 493 7.55 -24.34 -38.93
CA GLN A 493 7.41 -24.10 -40.36
C GLN A 493 6.15 -24.76 -40.92
N TYR A 494 5.97 -26.03 -40.59
CA TYR A 494 4.83 -26.81 -41.08
C TYR A 494 3.44 -26.32 -40.63
N PRO A 495 3.23 -26.07 -39.33
CA PRO A 495 1.86 -25.75 -38.91
C PRO A 495 1.37 -24.36 -39.33
N VAL A 496 2.24 -23.53 -39.89
CA VAL A 496 1.82 -22.18 -40.30
C VAL A 496 1.80 -22.05 -41.83
N GLU A 497 2.63 -22.82 -42.51
CA GLU A 497 2.68 -22.80 -43.97
C GLU A 497 1.78 -23.89 -44.56
N HIS A 498 1.42 -24.85 -43.73
CA HIS A 498 0.51 -25.92 -44.14
C HIS A 498 -0.60 -26.12 -43.10
N PRO A 499 -1.51 -25.15 -42.98
CA PRO A 499 -2.58 -25.21 -41.98
C PRO A 499 -3.58 -26.32 -42.30
N ASP A 500 -3.91 -26.46 -43.59
CA ASP A 500 -4.86 -27.46 -44.02
C ASP A 500 -4.37 -28.89 -43.74
N LYS A 501 -3.06 -29.07 -43.76
CA LYS A 501 -2.46 -30.37 -43.52
C LYS A 501 -2.71 -30.86 -42.08
N PHE A 502 -2.73 -29.92 -41.14
CA PHE A 502 -3.04 -30.26 -39.76
C PHE A 502 -4.55 -30.50 -39.59
N LEU A 503 -5.34 -29.82 -40.41
CA LEU A 503 -6.79 -29.96 -40.39
C LEU A 503 -7.22 -31.34 -40.91
N LYS A 504 -6.54 -31.80 -41.96
CA LYS A 504 -6.86 -33.07 -42.59
C LYS A 504 -6.72 -34.24 -41.62
N PHE A 505 -5.54 -34.35 -41.01
CA PHE A 505 -5.23 -35.49 -40.14
C PHE A 505 -5.74 -35.27 -38.72
N GLY A 506 -6.25 -34.08 -38.46
CA GLY A 506 -6.88 -33.77 -37.19
C GLY A 506 -5.98 -33.86 -35.97
N MET A 507 -4.72 -33.46 -36.14
CA MET A 507 -3.79 -33.43 -35.01
C MET A 507 -3.54 -32.00 -34.56
N THR A 508 -3.14 -31.83 -33.31
CA THR A 508 -2.86 -30.51 -32.76
C THR A 508 -1.36 -30.32 -32.53
N PRO A 509 -0.84 -29.16 -32.93
CA PRO A 509 0.60 -28.84 -32.81
C PRO A 509 1.04 -28.77 -31.36
N SER A 510 2.23 -29.28 -31.07
CA SER A 510 2.80 -29.17 -29.73
C SER A 510 3.09 -27.70 -29.46
N LYS A 511 2.62 -27.21 -28.31
CA LYS A 511 2.68 -25.80 -28.00
C LYS A 511 4.08 -25.29 -27.71
N GLY A 512 5.00 -26.22 -27.42
CA GLY A 512 6.37 -25.84 -27.11
C GLY A 512 7.37 -26.98 -27.10
N VAL A 513 8.64 -26.63 -26.95
CA VAL A 513 9.74 -27.60 -26.96
C VAL A 513 10.84 -27.19 -25.98
N LEU A 514 11.32 -28.14 -25.19
CA LEU A 514 12.41 -27.87 -24.25
C LEU A 514 13.77 -28.35 -24.77
N PHE A 515 14.72 -27.43 -24.88
CA PHE A 515 16.09 -27.79 -25.23
C PHE A 515 16.84 -28.18 -23.95
N TYR A 516 17.81 -29.07 -24.09
CA TYR A 516 18.66 -29.43 -22.95
C TYR A 516 20.02 -29.95 -23.40
N GLY A 517 21.05 -29.62 -22.64
CA GLY A 517 22.40 -30.02 -22.96
C GLY A 517 23.42 -29.04 -22.42
N PRO A 518 24.70 -29.24 -22.73
CA PRO A 518 25.77 -28.37 -22.24
C PRO A 518 25.64 -26.96 -22.79
N PRO A 519 25.94 -25.94 -21.95
CA PRO A 519 25.86 -24.54 -22.37
C PRO A 519 26.97 -24.18 -23.36
N GLY A 520 26.67 -23.31 -24.31
CA GLY A 520 27.63 -22.91 -25.31
C GLY A 520 27.49 -23.72 -26.59
N CYS A 521 26.30 -24.27 -26.81
CA CYS A 521 26.05 -25.09 -27.98
C CYS A 521 24.96 -24.49 -28.86
N GLY A 522 24.66 -23.23 -28.65
CA GLY A 522 23.74 -22.50 -29.51
C GLY A 522 22.27 -22.85 -29.35
N LYS A 523 21.81 -22.97 -28.11
CA LYS A 523 20.38 -23.17 -27.85
C LYS A 523 19.63 -21.90 -28.19
N THR A 524 20.15 -20.77 -27.72
CA THR A 524 19.59 -19.46 -28.03
C THR A 524 19.77 -19.18 -29.52
N LEU A 525 20.91 -19.58 -30.05
CA LEU A 525 21.24 -19.35 -31.46
C LEU A 525 20.36 -20.18 -32.38
N LEU A 526 19.85 -21.31 -31.87
CA LEU A 526 18.94 -22.14 -32.65
C LEU A 526 17.53 -21.55 -32.65
N ALA A 527 17.03 -21.21 -31.47
CA ALA A 527 15.69 -20.66 -31.32
C ALA A 527 15.52 -19.34 -32.06
N LYS A 528 16.64 -18.67 -32.31
CA LYS A 528 16.63 -17.45 -33.11
C LYS A 528 16.64 -17.78 -34.59
N ALA A 529 17.52 -18.71 -34.98
CA ALA A 529 17.67 -19.08 -36.38
C ALA A 529 16.41 -19.71 -36.95
N ILE A 530 15.71 -20.50 -36.12
CA ILE A 530 14.47 -21.14 -36.53
C ILE A 530 13.38 -20.09 -36.76
N ALA A 531 13.49 -18.96 -36.07
CA ALA A 531 12.57 -17.86 -36.26
C ALA A 531 12.95 -17.07 -37.51
N ASN A 532 14.25 -17.04 -37.80
CA ASN A 532 14.76 -16.39 -38.99
C ASN A 532 14.34 -17.13 -40.25
N GLU A 533 14.17 -18.45 -40.11
CA GLU A 533 13.73 -19.29 -41.22
C GLU A 533 12.26 -19.06 -41.51
N CYS A 534 11.45 -19.00 -40.46
CA CYS A 534 10.02 -18.77 -40.59
C CYS A 534 9.73 -17.29 -40.83
N GLN A 535 10.74 -16.45 -40.62
CA GLN A 535 10.58 -15.01 -40.68
C GLN A 535 9.47 -14.52 -39.75
N ALA A 536 9.59 -14.90 -38.48
CA ALA A 536 8.60 -14.53 -37.47
C ALA A 536 9.23 -13.63 -36.42
N ASN A 537 8.53 -13.44 -35.31
CA ASN A 537 9.05 -12.63 -34.21
C ASN A 537 9.70 -13.50 -33.14
N PHE A 538 10.51 -12.88 -32.29
CA PHE A 538 11.26 -13.60 -31.27
C PHE A 538 11.37 -12.80 -29.99
N ILE A 539 11.14 -13.45 -28.86
CA ILE A 539 11.24 -12.80 -27.55
C ILE A 539 12.24 -13.52 -26.66
N SER A 540 13.26 -12.79 -26.21
CA SER A 540 14.30 -13.38 -25.38
C SER A 540 14.10 -13.05 -23.91
N ILE A 541 13.43 -13.94 -23.18
CA ILE A 541 13.24 -13.78 -21.75
C ILE A 541 14.38 -14.47 -21.01
N LYS A 542 15.45 -13.73 -20.77
CA LYS A 542 16.65 -14.29 -20.15
C LYS A 542 16.42 -14.68 -18.70
N GLY A 543 17.40 -15.38 -18.12
CA GLY A 543 17.38 -15.78 -16.73
C GLY A 543 17.05 -14.70 -15.71
N PRO A 544 17.81 -13.59 -15.72
CA PRO A 544 17.56 -12.49 -14.78
C PRO A 544 16.14 -11.92 -14.88
N GLU A 545 15.52 -12.02 -16.05
CA GLU A 545 14.16 -11.53 -16.23
C GLU A 545 13.16 -12.52 -15.63
N LEU A 546 13.64 -13.71 -15.27
CA LEU A 546 12.81 -14.72 -14.64
C LEU A 546 12.96 -14.71 -13.13
N LEU A 547 14.17 -14.39 -12.66
CA LEU A 547 14.43 -14.28 -11.24
C LEU A 547 13.90 -12.98 -10.67
N THR A 548 13.86 -11.95 -11.51
CA THR A 548 13.35 -10.64 -11.12
C THR A 548 11.91 -10.75 -10.62
N MET A 549 11.13 -11.58 -11.32
CA MET A 549 9.74 -11.80 -10.94
C MET A 549 9.63 -12.70 -9.71
N TRP A 550 10.64 -13.53 -9.48
CA TRP A 550 10.63 -14.46 -8.37
C TRP A 550 10.98 -13.78 -7.05
N PHE A 551 11.98 -12.89 -7.08
CA PHE A 551 12.39 -12.16 -5.89
C PHE A 551 11.36 -11.10 -5.50
N GLY A 552 10.86 -10.37 -6.50
CA GLY A 552 9.88 -9.33 -6.26
C GLY A 552 8.47 -9.88 -6.16
N GLU A 553 8.35 -11.20 -6.28
CA GLU A 553 7.06 -11.89 -6.22
C GLU A 553 6.07 -11.38 -7.27
N SER A 554 6.61 -10.85 -8.37
CA SER A 554 5.78 -10.31 -9.44
C SER A 554 5.61 -11.33 -10.56
N GLU A 555 5.05 -12.48 -10.22
CA GLU A 555 4.79 -13.53 -11.20
C GLU A 555 3.54 -13.22 -12.01
N ALA A 556 2.90 -12.09 -11.69
CA ALA A 556 1.72 -11.65 -12.41
C ALA A 556 2.09 -11.12 -13.79
N ASN A 557 3.38 -10.84 -13.98
CA ASN A 557 3.87 -10.34 -15.26
C ASN A 557 4.08 -11.43 -16.29
N VAL A 558 3.85 -12.68 -15.88
CA VAL A 558 3.96 -13.81 -16.80
C VAL A 558 2.89 -13.75 -17.87
N ARG A 559 1.65 -13.49 -17.45
CA ARG A 559 0.54 -13.34 -18.38
C ARG A 559 0.78 -12.20 -19.35
N GLU A 560 1.42 -11.14 -18.87
CA GLU A 560 1.71 -9.98 -19.68
C GLU A 560 2.62 -10.33 -20.85
N ILE A 561 3.54 -11.28 -20.61
CA ILE A 561 4.47 -11.71 -21.65
C ILE A 561 3.77 -12.45 -22.77
N PHE A 562 2.97 -13.46 -22.41
CA PHE A 562 2.22 -14.25 -23.38
C PHE A 562 1.30 -13.37 -24.22
N ASP A 563 0.76 -12.32 -23.61
CA ASP A 563 -0.10 -11.38 -24.32
C ASP A 563 0.67 -10.58 -25.36
N LYS A 564 1.85 -10.09 -24.97
CA LYS A 564 2.71 -9.35 -25.90
C LYS A 564 3.28 -10.31 -26.94
N ALA A 565 3.41 -11.58 -26.56
CA ALA A 565 3.85 -12.61 -27.49
C ALA A 565 2.73 -12.96 -28.46
N ARG A 566 1.51 -13.00 -27.94
CA ARG A 566 0.32 -13.25 -28.74
C ARG A 566 0.12 -12.14 -29.76
N GLN A 567 0.23 -10.90 -29.31
CA GLN A 567 0.04 -9.74 -30.16
C GLN A 567 1.31 -9.42 -30.96
N ALA A 568 1.92 -10.48 -31.49
CA ALA A 568 3.12 -10.35 -32.29
C ALA A 568 3.26 -11.61 -33.14
N ALA A 569 2.17 -12.36 -33.22
CA ALA A 569 2.12 -13.61 -34.00
C ALA A 569 2.41 -13.36 -35.47
N PRO A 570 3.23 -14.23 -36.09
CA PRO A 570 3.87 -15.39 -35.47
C PRO A 570 5.06 -15.01 -34.59
N CYS A 571 5.14 -15.64 -33.41
CA CYS A 571 6.19 -15.32 -32.45
C CYS A 571 6.78 -16.58 -31.84
N VAL A 572 8.06 -16.50 -31.46
CA VAL A 572 8.73 -17.59 -30.78
C VAL A 572 9.09 -17.17 -29.35
N LEU A 573 8.25 -17.56 -28.40
CA LEU A 573 8.50 -17.24 -27.00
C LEU A 573 9.64 -18.09 -26.47
N PHE A 574 10.73 -17.44 -26.10
CA PHE A 574 11.95 -18.16 -25.71
C PHE A 574 12.38 -17.87 -24.28
N PHE A 575 12.24 -18.88 -23.42
CA PHE A 575 12.67 -18.77 -22.04
C PHE A 575 14.10 -19.28 -21.89
N ASP A 576 15.08 -18.41 -22.15
CA ASP A 576 16.48 -18.78 -22.01
C ASP A 576 16.84 -18.99 -20.54
N GLU A 577 17.52 -20.08 -20.25
CA GLU A 577 17.88 -20.46 -18.88
C GLU A 577 16.64 -20.55 -18.00
N LEU A 578 15.81 -21.55 -18.26
CA LEU A 578 14.56 -21.74 -17.53
C LEU A 578 14.83 -22.26 -16.12
N ASP A 579 15.99 -22.88 -15.93
CA ASP A 579 16.34 -23.49 -14.66
C ASP A 579 16.88 -22.46 -13.67
N SER A 580 16.91 -21.20 -14.07
CA SER A 580 17.44 -20.13 -13.25
C SER A 580 16.69 -19.97 -11.94
N ILE A 581 15.38 -20.21 -11.97
CA ILE A 581 14.55 -20.10 -10.77
C ILE A 581 14.74 -21.32 -9.88
N ALA A 582 14.86 -22.49 -10.49
CA ALA A 582 15.13 -23.71 -9.74
C ALA A 582 16.53 -23.65 -9.13
N LYS A 583 17.41 -22.91 -9.78
CA LYS A 583 18.78 -22.75 -9.32
C LYS A 583 18.84 -21.93 -8.03
N ALA A 584 18.03 -20.87 -7.98
CA ALA A 584 18.01 -19.98 -6.82
C ALA A 584 17.42 -20.67 -5.60
N ARG A 585 16.53 -21.63 -5.84
CA ARG A 585 15.93 -22.40 -4.74
C ARG A 585 16.91 -23.44 -4.23
N GLY A 586 18.02 -23.60 -4.94
CA GLY A 586 19.03 -24.57 -4.56
C GLY A 586 19.35 -25.52 -5.69
N GLY A 587 18.31 -26.17 -6.23
CA GLY A 587 18.48 -27.11 -7.31
C GLY A 587 19.28 -28.33 -6.91
N ASN A 588 20.57 -28.11 -6.65
CA ASN A 588 21.46 -29.17 -6.17
C ASN A 588 20.94 -29.75 -4.86
N ILE A 589 21.19 -29.05 -3.77
CA ILE A 589 20.67 -29.44 -2.47
C ILE A 589 19.26 -28.89 -2.30
N GLY A 590 19.16 -27.58 -2.15
CA GLY A 590 17.88 -26.89 -2.05
C GLY A 590 17.12 -27.20 -0.77
N ASP A 591 16.01 -26.50 -0.58
CA ASP A 591 15.17 -26.73 0.58
C ASP A 591 14.28 -27.96 0.36
N GLY A 592 13.45 -28.27 1.35
CA GLY A 592 12.58 -29.42 1.27
C GLY A 592 11.39 -29.23 0.35
N GLY A 593 11.24 -28.01 -0.17
CA GLY A 593 10.12 -27.69 -1.03
C GLY A 593 10.06 -28.51 -2.31
N GLY A 594 8.90 -28.49 -2.95
CA GLY A 594 8.68 -29.24 -4.17
C GLY A 594 9.41 -28.65 -5.37
N ALA A 595 9.05 -29.12 -6.56
CA ALA A 595 9.71 -28.67 -7.79
C ALA A 595 9.02 -27.45 -8.38
N ALA A 596 7.87 -27.08 -7.83
CA ALA A 596 7.08 -25.98 -8.37
C ALA A 596 7.30 -24.66 -7.65
N ASP A 597 7.59 -23.62 -8.42
CA ASP A 597 7.69 -22.26 -7.87
C ASP A 597 6.60 -21.39 -8.49
N ARG A 598 6.42 -20.18 -7.95
CA ARG A 598 5.33 -19.32 -8.38
C ARG A 598 5.42 -18.86 -9.83
N VAL A 599 6.62 -18.51 -10.28
CA VAL A 599 6.81 -18.01 -11.64
C VAL A 599 6.59 -19.11 -12.67
N ILE A 600 7.27 -20.25 -12.48
CA ILE A 600 7.12 -21.39 -13.37
C ILE A 600 5.67 -21.85 -13.45
N ASN A 601 4.99 -21.84 -12.31
CA ASN A 601 3.58 -22.21 -12.25
C ASN A 601 2.71 -21.33 -13.14
N GLN A 602 2.97 -20.04 -13.12
CA GLN A 602 2.18 -19.09 -13.89
C GLN A 602 2.43 -19.24 -15.39
N ILE A 603 3.62 -19.70 -15.75
CA ILE A 603 3.95 -19.97 -17.14
C ILE A 603 3.09 -21.12 -17.64
N LEU A 604 2.90 -22.12 -16.79
CA LEU A 604 2.08 -23.29 -17.12
C LEU A 604 0.60 -22.91 -17.21
N THR A 605 0.21 -21.86 -16.48
CA THR A 605 -1.17 -21.40 -16.49
C THR A 605 -1.53 -20.79 -17.84
N GLU A 606 -0.68 -19.89 -18.32
CA GLU A 606 -0.90 -19.22 -19.60
C GLU A 606 -0.70 -20.18 -20.77
N MET A 607 0.16 -21.17 -20.58
CA MET A 607 0.45 -22.14 -21.62
C MET A 607 -0.79 -22.97 -21.94
N ASP A 608 -1.36 -23.58 -20.90
CA ASP A 608 -2.58 -24.37 -21.07
C ASP A 608 -3.76 -23.46 -21.39
N GLY A 609 -3.70 -22.22 -20.90
CA GLY A 609 -4.76 -21.26 -21.11
C GLY A 609 -4.67 -20.56 -22.45
N MET A 610 -3.79 -21.05 -23.32
CA MET A 610 -3.64 -20.51 -24.66
C MET A 610 -4.41 -21.37 -25.65
N SER A 611 -4.97 -20.74 -26.68
CA SER A 611 -5.72 -21.47 -27.69
C SER A 611 -4.80 -22.39 -28.48
N THR A 612 -5.28 -23.61 -28.72
CA THR A 612 -4.49 -24.64 -29.39
C THR A 612 -4.05 -24.25 -30.80
N LYS A 613 -4.89 -23.50 -31.51
CA LYS A 613 -4.58 -23.10 -32.87
C LYS A 613 -4.20 -21.62 -32.95
N LYS A 614 -3.40 -21.17 -32.00
CA LYS A 614 -2.89 -19.80 -32.02
C LYS A 614 -1.73 -19.68 -32.99
N ASN A 615 -0.53 -19.41 -32.47
CA ASN A 615 0.65 -19.22 -33.30
C ASN A 615 1.94 -19.29 -32.50
N VAL A 616 1.92 -18.69 -31.30
CA VAL A 616 3.11 -18.58 -30.46
C VAL A 616 3.69 -19.95 -30.09
N PHE A 617 4.98 -20.12 -30.36
CA PHE A 617 5.68 -21.35 -29.99
C PHE A 617 6.59 -21.09 -28.80
N ILE A 618 6.53 -21.98 -27.81
CA ILE A 618 7.22 -21.76 -26.54
C ILE A 618 8.47 -22.64 -26.41
N ILE A 619 9.61 -22.12 -26.83
CA ILE A 619 10.87 -22.83 -26.69
C ILE A 619 11.53 -22.51 -25.36
N GLY A 620 11.84 -23.54 -24.58
CA GLY A 620 12.50 -23.35 -23.31
C GLY A 620 13.90 -23.95 -23.31
N ALA A 621 14.90 -23.14 -22.96
CA ALA A 621 16.28 -23.59 -22.95
C ALA A 621 16.82 -23.78 -21.54
N THR A 622 17.47 -24.90 -21.31
CA THR A 622 18.09 -25.18 -20.01
C THR A 622 19.30 -26.08 -20.19
N ASN A 623 20.28 -25.93 -19.30
CA ASN A 623 21.46 -26.79 -19.32
C ASN A 623 21.47 -27.76 -18.15
N ARG A 624 20.44 -27.65 -17.30
CA ARG A 624 20.26 -28.55 -16.17
C ARG A 624 18.87 -29.17 -16.25
N PRO A 625 18.70 -30.19 -17.10
CA PRO A 625 17.39 -30.80 -17.36
C PRO A 625 16.92 -31.68 -16.20
N ASP A 626 17.83 -32.01 -15.29
CA ASP A 626 17.51 -32.87 -14.17
C ASP A 626 16.78 -32.12 -13.05
N ILE A 627 16.78 -30.79 -13.14
CA ILE A 627 16.13 -29.97 -12.12
C ILE A 627 14.95 -29.17 -12.68
N ILE A 628 14.54 -29.51 -13.90
CA ILE A 628 13.38 -28.87 -14.51
C ILE A 628 12.10 -29.54 -14.02
N ASP A 629 11.10 -28.74 -13.66
CA ASP A 629 9.82 -29.25 -13.21
C ASP A 629 9.19 -30.14 -14.28
N PRO A 630 8.98 -31.42 -13.94
CA PRO A 630 8.41 -32.42 -14.86
C PRO A 630 7.01 -32.07 -15.34
N ALA A 631 6.37 -31.13 -14.65
CA ALA A 631 5.02 -30.70 -15.02
C ALA A 631 5.04 -29.84 -16.28
N ILE A 632 6.19 -29.24 -16.56
CA ILE A 632 6.35 -28.40 -17.75
C ILE A 632 6.53 -29.27 -18.99
N LEU A 633 7.05 -30.47 -18.77
CA LEU A 633 7.38 -31.36 -19.88
C LEU A 633 6.23 -32.34 -20.17
N ARG A 634 5.09 -32.09 -19.54
CA ARG A 634 3.90 -32.90 -19.76
C ARG A 634 3.39 -32.75 -21.18
N PRO A 635 2.68 -33.75 -21.70
CA PRO A 635 2.05 -33.67 -23.02
C PRO A 635 1.04 -32.53 -23.09
N GLY A 636 1.27 -31.57 -23.98
CA GLY A 636 0.40 -30.43 -24.12
C GLY A 636 1.09 -29.14 -23.73
N ARG A 637 2.37 -29.25 -23.38
CA ARG A 637 3.17 -28.11 -22.97
C ARG A 637 4.52 -28.12 -23.69
N LEU A 638 5.53 -28.69 -23.04
CA LEU A 638 6.82 -28.89 -23.67
C LEU A 638 7.05 -30.39 -23.92
N ASP A 639 6.35 -30.90 -24.93
CA ASP A 639 6.35 -32.34 -25.20
C ASP A 639 7.69 -32.84 -25.72
N GLN A 640 8.15 -32.26 -26.82
CA GLN A 640 9.37 -32.73 -27.48
C GLN A 640 10.62 -32.33 -26.70
N LEU A 641 11.49 -33.30 -26.44
CA LEU A 641 12.77 -33.03 -25.80
C LEU A 641 13.90 -33.08 -26.82
N ILE A 642 14.57 -31.96 -27.02
CA ILE A 642 15.64 -31.87 -28.01
C ILE A 642 17.01 -31.68 -27.35
N TYR A 643 17.82 -32.73 -27.41
CA TYR A 643 19.18 -32.68 -26.87
C TYR A 643 20.11 -31.96 -27.83
N ILE A 644 21.01 -31.14 -27.29
CA ILE A 644 21.97 -30.41 -28.12
C ILE A 644 23.39 -30.64 -27.63
N PRO A 645 24.16 -31.46 -28.36
CA PRO A 645 25.54 -31.82 -28.00
C PRO A 645 26.53 -30.75 -28.43
N LEU A 646 27.79 -30.92 -28.02
CA LEU A 646 28.85 -30.03 -28.46
C LEU A 646 29.05 -30.15 -29.96
N PRO A 647 29.45 -29.06 -30.62
CA PRO A 647 29.64 -29.07 -32.08
C PRO A 647 30.69 -30.10 -32.51
N ASP A 648 30.35 -30.92 -33.49
CA ASP A 648 31.24 -31.96 -33.99
C ASP A 648 32.34 -31.38 -34.86
N GLU A 649 33.11 -32.26 -35.50
CA GLU A 649 34.20 -31.84 -36.37
C GLU A 649 33.68 -31.10 -37.60
N LYS A 650 32.51 -31.50 -38.08
CA LYS A 650 31.91 -30.86 -39.25
C LYS A 650 31.04 -29.68 -38.85
N SER A 651 30.98 -29.40 -37.55
CA SER A 651 30.20 -28.29 -37.04
C SER A 651 31.09 -27.09 -36.70
N ARG A 652 32.24 -27.38 -36.09
CA ARG A 652 33.16 -26.33 -35.65
C ARG A 652 33.81 -25.59 -36.82
N VAL A 653 33.65 -26.12 -38.03
CA VAL A 653 34.18 -25.48 -39.22
C VAL A 653 33.44 -24.17 -39.50
N ALA A 654 32.14 -24.27 -39.73
CA ALA A 654 31.32 -23.13 -40.08
C ALA A 654 31.13 -22.17 -38.91
N ILE A 655 31.26 -22.68 -37.69
CA ILE A 655 31.14 -21.85 -36.50
C ILE A 655 32.30 -20.88 -36.37
N LEU A 656 33.51 -21.37 -36.66
CA LEU A 656 34.69 -20.52 -36.66
C LEU A 656 34.61 -19.49 -37.79
N LYS A 657 33.91 -19.84 -38.86
CA LYS A 657 33.65 -18.91 -39.94
C LYS A 657 32.71 -17.80 -39.47
N ALA A 658 31.79 -18.15 -38.58
CA ALA A 658 30.78 -17.22 -38.09
C ALA A 658 31.37 -16.17 -37.15
N ASN A 659 32.13 -16.63 -36.16
CA ASN A 659 32.72 -15.72 -35.18
C ASN A 659 33.86 -14.90 -35.76
N LEU A 660 34.32 -15.28 -36.95
CA LEU A 660 35.37 -14.55 -37.64
C LEU A 660 34.86 -14.02 -38.97
N ARG A 661 33.54 -13.91 -39.09
CA ARG A 661 32.91 -13.44 -40.31
C ARG A 661 33.15 -11.95 -40.52
N LYS A 662 33.21 -11.21 -39.41
CA LYS A 662 33.40 -9.76 -39.46
C LYS A 662 34.82 -9.38 -39.06
N SER A 663 35.74 -10.33 -39.21
CA SER A 663 37.14 -10.10 -38.85
C SER A 663 38.06 -10.34 -40.04
N PRO A 664 39.10 -9.50 -40.18
CA PRO A 664 40.07 -9.59 -41.28
C PRO A 664 40.81 -10.92 -41.30
N VAL A 665 40.28 -11.89 -42.03
CA VAL A 665 40.91 -13.21 -42.14
C VAL A 665 42.19 -13.13 -42.97
N ALA A 666 43.10 -14.08 -42.75
CA ALA A 666 44.33 -14.15 -43.51
C ALA A 666 44.31 -15.34 -44.47
N LYS A 667 45.47 -15.65 -45.05
CA LYS A 667 45.55 -16.72 -46.03
C LYS A 667 45.86 -18.08 -45.40
N ASP A 668 46.99 -18.16 -44.70
CA ASP A 668 47.47 -19.43 -44.16
C ASP A 668 46.81 -19.82 -42.84
N VAL A 669 45.57 -19.36 -42.63
CA VAL A 669 44.84 -19.70 -41.43
C VAL A 669 43.87 -20.85 -41.70
N ASP A 670 44.37 -22.06 -41.58
CA ASP A 670 43.56 -23.26 -41.82
C ASP A 670 42.52 -23.41 -40.71
N LEU A 671 41.27 -23.13 -41.04
CA LEU A 671 40.19 -23.17 -40.05
C LEU A 671 39.75 -24.61 -39.77
N GLU A 672 39.80 -25.45 -40.80
CA GLU A 672 39.43 -26.85 -40.66
C GLU A 672 40.44 -27.59 -39.80
N PHE A 673 41.67 -27.08 -39.77
CA PHE A 673 42.73 -27.66 -38.97
C PHE A 673 42.42 -27.52 -37.48
N LEU A 674 41.71 -26.44 -37.13
CA LEU A 674 41.29 -26.22 -35.76
C LEU A 674 40.09 -27.09 -35.42
N ALA A 675 39.21 -27.29 -36.41
CA ALA A 675 38.00 -28.08 -36.22
C ALA A 675 38.34 -29.54 -35.90
N LYS A 676 39.25 -30.11 -36.68
CA LYS A 676 39.68 -31.49 -36.47
C LYS A 676 40.58 -31.61 -35.24
N MET A 677 41.14 -30.48 -34.80
CA MET A 677 41.99 -30.46 -33.62
C MET A 677 41.13 -30.37 -32.36
N THR A 678 40.23 -29.40 -32.33
CA THR A 678 39.29 -29.25 -31.23
C THR A 678 38.33 -30.43 -31.19
N ASN A 679 37.83 -30.75 -29.99
CA ASN A 679 36.94 -31.88 -29.82
C ASN A 679 35.87 -31.62 -28.76
N GLY A 680 36.32 -31.49 -27.51
CA GLY A 680 35.42 -31.23 -26.40
C GLY A 680 35.17 -29.74 -26.20
N PHE A 681 35.24 -28.99 -27.29
CA PHE A 681 35.03 -27.55 -27.26
C PHE A 681 33.61 -27.19 -27.67
N SER A 682 32.99 -26.28 -26.93
CA SER A 682 31.66 -25.79 -27.27
C SER A 682 31.79 -24.53 -28.11
N GLY A 683 30.67 -24.04 -28.63
CA GLY A 683 30.66 -22.81 -29.41
C GLY A 683 31.13 -21.62 -28.59
N ALA A 684 30.91 -21.69 -27.29
CA ALA A 684 31.36 -20.64 -26.38
C ALA A 684 32.88 -20.66 -26.24
N ASP A 685 33.45 -21.86 -26.21
CA ASP A 685 34.90 -22.02 -26.09
C ASP A 685 35.62 -21.58 -27.36
N LEU A 686 34.95 -21.77 -28.50
CA LEU A 686 35.54 -21.40 -29.79
C LEU A 686 35.65 -19.87 -29.92
N THR A 687 34.65 -19.16 -29.42
CA THR A 687 34.61 -17.71 -29.52
C THR A 687 35.63 -17.05 -28.59
N GLU A 688 35.80 -17.63 -27.40
CA GLU A 688 36.76 -17.13 -26.41
C GLU A 688 38.18 -17.13 -26.98
N ILE A 689 38.47 -18.13 -27.82
CA ILE A 689 39.75 -18.21 -28.50
C ILE A 689 39.93 -17.05 -29.47
N CYS A 690 38.86 -16.75 -30.21
CA CYS A 690 38.89 -15.67 -31.19
C CYS A 690 39.01 -14.29 -30.54
N GLN A 691 38.34 -14.13 -29.39
CA GLN A 691 38.39 -12.86 -28.66
C GLN A 691 39.81 -12.51 -28.25
N ARG A 692 40.50 -13.49 -27.67
CA ARG A 692 41.87 -13.27 -27.19
C ARG A 692 42.85 -13.20 -28.35
N ALA A 693 42.43 -13.68 -29.51
CA ALA A 693 43.26 -13.62 -30.71
C ALA A 693 43.31 -12.20 -31.25
N CYS A 694 42.18 -11.50 -31.18
CA CYS A 694 42.08 -10.14 -31.67
C CYS A 694 42.79 -9.14 -30.75
N LYS A 695 42.68 -9.38 -29.44
CA LYS A 695 43.32 -8.51 -28.46
C LYS A 695 44.84 -8.47 -28.66
N LEU A 696 45.43 -9.63 -28.92
CA LEU A 696 46.87 -9.71 -29.17
C LEU A 696 47.23 -9.02 -30.49
N ALA A 697 46.29 -9.03 -31.42
CA ALA A 697 46.49 -8.38 -32.71
C ALA A 697 46.48 -6.87 -32.58
N ILE A 698 45.56 -6.35 -31.78
CA ILE A 698 45.48 -4.92 -31.51
C ILE A 698 46.67 -4.48 -30.66
N ARG A 699 47.09 -5.36 -29.76
CA ARG A 699 48.25 -5.13 -28.92
C ARG A 699 49.50 -4.86 -29.76
N GLU A 700 49.67 -5.65 -30.81
CA GLU A 700 50.80 -5.49 -31.72
C GLU A 700 50.72 -4.15 -32.45
N SER A 701 49.53 -3.79 -32.90
CA SER A 701 49.33 -2.59 -33.70
C SER A 701 49.63 -1.31 -32.93
N ILE A 702 48.91 -1.10 -31.83
CA ILE A 702 48.99 0.12 -31.05
C ILE A 702 50.41 0.44 -30.57
N GLU A 703 51.10 -0.58 -30.07
CA GLU A 703 52.44 -0.38 -29.52
C GLU A 703 53.49 -0.16 -30.62
N SER A 704 53.24 -0.69 -31.81
CA SER A 704 54.18 -0.55 -32.92
C SER A 704 54.04 0.80 -33.62
N GLU A 705 52.89 1.44 -33.44
CA GLU A 705 52.65 2.74 -34.06
C GLU A 705 53.35 3.86 -33.30
N ILE A 706 53.94 3.51 -32.17
CA ILE A 706 54.68 4.48 -31.36
C ILE A 706 56.18 4.35 -31.60
N VAL A 727 48.61 -2.10 -42.36
CA VAL A 727 49.81 -2.68 -41.76
C VAL A 727 49.49 -3.77 -40.72
N PRO A 728 48.55 -3.52 -39.79
CA PRO A 728 48.27 -4.61 -38.85
C PRO A 728 47.11 -5.50 -39.29
N GLU A 729 47.43 -6.77 -39.55
CA GLU A 729 46.41 -7.77 -39.88
C GLU A 729 46.67 -9.06 -39.11
N ILE A 730 45.64 -9.57 -38.44
CA ILE A 730 45.78 -10.75 -37.59
C ILE A 730 46.30 -11.98 -38.34
N ARG A 731 47.32 -12.61 -37.78
CA ARG A 731 47.99 -13.73 -38.45
C ARG A 731 47.83 -15.05 -37.70
N ARG A 732 48.47 -16.09 -38.22
CA ARG A 732 48.32 -17.46 -37.71
C ARG A 732 48.88 -17.65 -36.31
N ASP A 733 50.05 -17.06 -36.05
CA ASP A 733 50.71 -17.24 -34.75
C ASP A 733 49.97 -16.54 -33.61
N HIS A 734 48.93 -15.78 -33.95
CA HIS A 734 48.06 -15.19 -32.94
C HIS A 734 47.10 -16.22 -32.41
N PHE A 735 46.84 -17.25 -33.21
CA PHE A 735 45.98 -18.36 -32.80
C PHE A 735 46.78 -19.42 -32.06
N GLU A 736 48.00 -19.68 -32.54
CA GLU A 736 48.88 -20.66 -31.94
C GLU A 736 49.25 -20.25 -30.52
N GLU A 737 49.33 -18.94 -30.30
CA GLU A 737 49.63 -18.40 -28.98
C GLU A 737 48.39 -18.37 -28.09
N ALA A 738 47.22 -18.53 -28.71
CA ALA A 738 45.96 -18.53 -27.99
C ALA A 738 45.61 -19.92 -27.48
N MET A 739 46.39 -20.91 -27.91
CA MET A 739 46.15 -22.30 -27.50
C MET A 739 47.14 -22.73 -26.43
N ARG A 740 47.77 -21.75 -25.78
CA ARG A 740 48.70 -22.02 -24.69
C ARG A 740 48.00 -21.83 -23.34
N PHE A 741 46.81 -21.24 -23.38
CA PHE A 741 46.05 -20.95 -22.17
C PHE A 741 44.56 -21.16 -22.38
N ALA A 742 44.22 -21.93 -23.41
CA ALA A 742 42.82 -22.21 -23.71
C ALA A 742 42.32 -23.40 -22.89
N ARG A 743 41.05 -23.34 -22.50
CA ARG A 743 40.45 -24.41 -21.69
C ARG A 743 39.07 -24.83 -22.21
N ARG A 744 38.67 -26.04 -21.84
CA ARG A 744 37.36 -26.57 -22.23
C ARG A 744 36.33 -26.29 -21.14
N SER A 745 35.17 -25.80 -21.54
CA SER A 745 34.10 -25.48 -20.59
C SER A 745 33.44 -26.75 -20.06
N VAL A 746 32.92 -27.57 -20.96
CA VAL A 746 32.22 -28.78 -20.59
C VAL A 746 33.22 -29.89 -20.25
N SER A 747 32.95 -30.62 -19.17
CA SER A 747 33.81 -31.72 -18.75
C SER A 747 33.25 -33.05 -19.23
N ASP A 748 34.08 -34.09 -19.19
CA ASP A 748 33.68 -35.43 -19.61
C ASP A 748 32.60 -35.99 -18.69
N ASP A 749 32.64 -35.59 -17.42
CA ASP A 749 31.64 -36.01 -16.45
C ASP A 749 30.29 -35.38 -16.78
N ASP A 750 30.32 -34.15 -17.28
CA ASP A 750 29.10 -33.44 -17.64
C ASP A 750 28.45 -34.02 -18.89
N ILE A 751 29.26 -34.31 -19.90
CA ILE A 751 28.75 -34.88 -21.14
C ILE A 751 28.10 -36.24 -20.89
N ASP A 752 28.84 -37.12 -20.21
CA ASP A 752 28.36 -38.46 -19.91
C ASP A 752 27.12 -38.43 -19.01
N LYS A 753 26.96 -37.32 -18.29
CA LYS A 753 25.81 -37.15 -17.41
C LYS A 753 24.56 -36.82 -18.22
N TYR A 754 24.73 -35.99 -19.25
CA TYR A 754 23.63 -35.64 -20.14
C TYR A 754 23.20 -36.82 -20.99
N GLU A 755 24.17 -37.65 -21.37
CA GLU A 755 23.89 -38.85 -22.15
C GLU A 755 22.98 -39.79 -21.37
N ASP A 756 23.21 -39.88 -20.07
CA ASP A 756 22.40 -40.74 -19.20
C ASP A 756 20.99 -40.18 -19.05
N PHE A 757 20.85 -38.87 -19.16
CA PHE A 757 19.54 -38.24 -19.10
C PHE A 757 18.74 -38.54 -20.35
N ALA A 758 19.44 -38.65 -21.48
CA ALA A 758 18.79 -38.95 -22.75
C ALA A 758 18.47 -40.44 -22.87
N ASP A 759 19.36 -41.27 -22.33
CA ASP A 759 19.19 -42.72 -22.40
C ASP A 759 18.02 -43.18 -21.53
N THR A 760 17.70 -42.39 -20.51
CA THR A 760 16.58 -42.69 -19.64
C THR A 760 15.26 -42.34 -20.33
N LEU A 761 15.23 -41.18 -20.98
CA LEU A 761 14.04 -40.73 -21.68
C LEU A 761 13.74 -41.60 -22.90
N GLN A 762 14.36 -41.26 -24.03
CA GLN A 762 14.09 -41.98 -25.28
C GLN A 762 14.70 -43.38 -25.30
N GLN A 763 13.82 -44.37 -25.48
CA GLN A 763 14.21 -45.77 -25.55
C GLN A 763 12.94 -46.56 -25.86
N SER A 764 12.83 -47.76 -25.30
CA SER A 764 11.64 -48.58 -25.46
C SER A 764 11.63 -49.73 -24.46
N ARG A 765 10.44 -50.04 -23.95
CA ARG A 765 10.25 -51.23 -23.11
C ARG A 765 10.73 -52.56 -23.71
N GLY A 766 10.35 -52.92 -24.95
CA GLY A 766 9.57 -52.11 -25.86
C GLY A 766 8.09 -52.39 -25.86
N PHE A 767 7.72 -53.58 -26.30
CA PHE A 767 6.32 -53.96 -26.44
C PHE A 767 6.08 -55.35 -25.89
N GLY A 768 5.07 -56.03 -26.44
CA GLY A 768 4.75 -57.38 -26.03
C GLY A 768 4.32 -57.48 -24.58
N SER A 769 4.65 -58.60 -23.96
CA SER A 769 4.29 -58.87 -22.56
C SER A 769 2.80 -58.68 -22.32
N PHE A 770 1.99 -59.39 -23.10
CA PHE A 770 0.54 -59.21 -23.04
C PHE A 770 -0.16 -60.41 -22.38
N ARG A 771 -1.24 -60.12 -21.68
CA ARG A 771 -2.05 -61.16 -21.03
C ARG A 771 -3.54 -60.91 -21.27
N PHE A 772 -4.31 -62.00 -21.31
CA PHE A 772 -5.74 -61.91 -21.62
C PHE A 772 -6.69 -61.64 -20.44
N PRO A 773 -6.56 -62.38 -19.33
CA PRO A 773 -7.53 -62.22 -18.23
C PRO A 773 -7.65 -60.78 -17.71
N ASN B 20 39.63 35.75 -46.97
CA ASN B 20 38.82 36.12 -45.82
C ASN B 20 39.62 36.90 -44.78
N ARG B 21 40.83 37.29 -45.16
CA ARG B 21 41.75 38.01 -44.27
C ARG B 21 42.16 37.22 -43.02
N PRO B 22 43.42 36.79 -42.97
CA PRO B 22 43.96 36.00 -41.86
C PRO B 22 44.26 36.82 -40.61
N ASN B 23 43.63 37.98 -40.48
CA ASN B 23 43.82 38.84 -39.33
C ASN B 23 42.53 39.02 -38.55
N ARG B 24 41.46 38.38 -39.04
CA ARG B 24 40.16 38.43 -38.39
C ARG B 24 39.93 37.13 -37.62
N LEU B 25 39.86 37.23 -36.29
CA LEU B 25 39.75 36.05 -35.45
C LEU B 25 38.48 36.03 -34.60
N ILE B 26 38.27 34.94 -33.88
CA ILE B 26 37.07 34.74 -33.07
C ILE B 26 37.37 34.73 -31.58
N VAL B 27 36.62 35.53 -30.82
CA VAL B 27 36.79 35.62 -29.38
C VAL B 27 36.36 34.34 -28.67
N ASP B 28 37.25 33.79 -27.85
CA ASP B 28 36.99 32.56 -27.11
C ASP B 28 37.13 32.83 -25.61
N GLU B 29 36.86 31.82 -24.79
CA GLU B 29 36.98 31.95 -23.34
C GLU B 29 38.43 32.24 -22.96
N ALA B 30 38.60 32.86 -21.80
CA ALA B 30 39.94 33.28 -21.36
C ALA B 30 40.49 32.41 -20.23
N ILE B 31 41.80 32.20 -20.28
CA ILE B 31 42.50 31.51 -19.20
C ILE B 31 43.10 32.57 -18.29
N ASN B 32 43.59 33.65 -18.88
CA ASN B 32 44.12 34.79 -18.15
C ASN B 32 43.03 35.83 -17.91
N GLU B 33 42.63 35.98 -16.66
CA GLU B 33 41.54 36.89 -16.30
C GLU B 33 41.96 38.35 -16.20
N ASP B 34 43.19 38.65 -16.61
CA ASP B 34 43.69 40.03 -16.59
C ASP B 34 42.95 40.90 -17.60
N ASN B 35 42.70 42.15 -17.22
CA ASN B 35 41.90 43.06 -18.03
C ASN B 35 42.57 43.53 -19.32
N SER B 36 43.90 43.64 -19.29
CA SER B 36 44.64 44.18 -20.42
C SER B 36 45.53 43.14 -21.10
N VAL B 37 44.95 41.98 -21.42
CA VAL B 37 45.70 40.92 -22.09
C VAL B 37 44.86 40.21 -23.15
N VAL B 38 45.48 39.90 -24.28
CA VAL B 38 44.84 39.12 -25.33
C VAL B 38 45.74 37.95 -25.74
N SER B 39 45.26 36.74 -25.51
CA SER B 39 46.07 35.55 -25.76
C SER B 39 45.93 35.04 -27.19
N LEU B 40 47.06 34.78 -27.82
CA LEU B 40 47.08 34.22 -29.17
C LEU B 40 47.96 32.98 -29.23
N SER B 41 47.78 32.18 -30.27
CA SER B 41 48.60 31.00 -30.48
C SER B 41 49.95 31.38 -31.08
N GLN B 42 50.95 30.53 -30.87
CA GLN B 42 52.31 30.81 -31.35
C GLN B 42 52.44 30.97 -32.87
N PRO B 43 51.90 30.04 -33.67
CA PRO B 43 52.08 30.21 -35.12
C PRO B 43 51.29 31.36 -35.71
N LYS B 44 50.24 31.80 -35.03
CA LYS B 44 49.39 32.88 -35.53
C LYS B 44 50.10 34.23 -35.43
N MET B 45 50.87 34.42 -34.36
CA MET B 45 51.61 35.66 -34.17
C MET B 45 52.78 35.78 -35.14
N ASP B 46 53.19 34.66 -35.71
CA ASP B 46 54.27 34.65 -36.70
C ASP B 46 53.74 35.06 -38.07
N GLU B 47 52.45 34.81 -38.29
CA GLU B 47 51.79 35.17 -39.54
C GLU B 47 51.35 36.63 -39.52
N LEU B 48 51.03 37.12 -38.32
CA LEU B 48 50.53 38.49 -38.16
C LEU B 48 51.62 39.49 -37.79
N GLN B 49 52.85 38.99 -37.66
CA GLN B 49 54.00 39.83 -37.32
C GLN B 49 53.81 40.60 -36.01
N LEU B 50 53.60 39.86 -34.93
CA LEU B 50 53.40 40.46 -33.61
C LEU B 50 54.55 40.11 -32.68
N PHE B 51 54.90 41.04 -31.79
CA PHE B 51 56.03 40.84 -30.88
C PHE B 51 55.60 40.41 -29.48
N ARG B 52 56.57 40.31 -28.58
CA ARG B 52 56.35 39.77 -27.25
C ARG B 52 55.68 40.74 -26.28
N GLY B 53 55.09 41.82 -26.82
CA GLY B 53 54.42 42.79 -25.99
C GLY B 53 53.87 43.96 -26.80
N ASP B 54 53.71 43.74 -28.10
CA ASP B 54 53.20 44.77 -28.99
C ASP B 54 51.75 45.13 -28.68
N THR B 55 51.48 46.43 -28.57
CA THR B 55 50.13 46.92 -28.32
C THR B 55 49.28 46.76 -29.57
N VAL B 56 48.24 45.93 -29.48
CA VAL B 56 47.40 45.63 -30.63
C VAL B 56 46.08 46.40 -30.59
N LEU B 57 45.44 46.54 -31.75
CA LEU B 57 44.18 47.25 -31.86
C LEU B 57 43.05 46.34 -32.33
N LEU B 58 42.03 46.20 -31.50
CA LEU B 58 40.89 45.34 -31.81
C LEU B 58 39.69 46.15 -32.28
N LYS B 59 39.02 45.67 -33.32
CA LYS B 59 37.79 46.29 -33.80
C LYS B 59 36.67 45.26 -33.88
N GLY B 60 35.45 45.67 -33.57
CA GLY B 60 34.32 44.76 -33.59
C GLY B 60 33.05 45.42 -34.06
N LYS B 61 31.91 44.93 -33.58
CA LYS B 61 30.61 45.47 -33.96
C LYS B 61 30.33 46.78 -33.23
N LYS B 62 29.27 47.46 -33.65
CA LYS B 62 28.91 48.79 -33.12
C LYS B 62 30.02 49.82 -33.30
N ARG B 63 30.97 49.52 -34.19
CA ARG B 63 32.09 50.40 -34.49
C ARG B 63 32.85 50.91 -33.26
N ARG B 64 33.58 50.02 -32.60
CA ARG B 64 34.38 50.41 -31.44
C ARG B 64 35.79 49.83 -31.47
N GLU B 65 36.69 50.46 -30.74
CA GLU B 65 38.09 50.06 -30.71
C GLU B 65 38.56 49.77 -29.28
N ALA B 66 39.61 48.97 -29.17
CA ALA B 66 40.19 48.66 -27.86
C ALA B 66 41.67 48.31 -28.00
N VAL B 67 42.45 48.60 -26.97
CA VAL B 67 43.89 48.35 -26.99
C VAL B 67 44.32 47.45 -25.84
N CYS B 68 45.08 46.41 -26.17
CA CYS B 68 45.59 45.48 -25.16
C CYS B 68 47.02 45.05 -25.49
N ILE B 69 47.49 44.02 -24.80
CA ILE B 69 48.83 43.48 -25.04
C ILE B 69 48.74 42.02 -25.42
N VAL B 70 49.37 41.67 -26.55
CA VAL B 70 49.31 40.30 -27.05
C VAL B 70 50.37 39.41 -26.41
N LEU B 71 49.93 38.23 -25.96
CA LEU B 71 50.82 37.24 -25.37
C LEU B 71 50.66 35.88 -26.06
N SER B 72 51.58 34.97 -25.79
CA SER B 72 51.54 33.65 -26.40
C SER B 72 50.82 32.65 -25.51
N ASP B 73 49.83 31.96 -26.08
CA ASP B 73 49.05 30.97 -25.34
C ASP B 73 49.12 29.62 -26.03
N ASP B 74 49.74 28.65 -25.38
CA ASP B 74 49.90 27.30 -25.93
C ASP B 74 48.56 26.58 -26.02
N THR B 75 47.66 26.87 -25.09
CA THR B 75 46.36 26.20 -25.04
C THR B 75 45.36 26.82 -26.01
N CYS B 76 45.75 27.94 -26.63
CA CYS B 76 44.89 28.62 -27.59
C CYS B 76 45.09 28.08 -29.00
N SER B 77 44.02 28.11 -29.79
CA SER B 77 44.07 27.66 -31.17
C SER B 77 44.41 28.80 -32.12
N ASP B 78 44.69 28.46 -33.37
CA ASP B 78 45.11 29.46 -34.36
C ASP B 78 43.99 30.43 -34.73
N GLU B 79 42.78 29.91 -34.90
CA GLU B 79 41.66 30.73 -35.34
C GLU B 79 40.85 31.33 -34.19
N LYS B 80 41.38 31.24 -32.97
CA LYS B 80 40.72 31.82 -31.81
C LYS B 80 41.63 32.76 -31.02
N ILE B 81 41.02 33.62 -30.21
CA ILE B 81 41.77 34.52 -29.34
C ILE B 81 41.12 34.63 -27.96
N ARG B 82 41.90 34.44 -26.91
CA ARG B 82 41.36 34.44 -25.55
C ARG B 82 41.32 35.84 -24.95
N MET B 83 40.18 36.19 -24.36
CA MET B 83 40.01 37.47 -23.70
C MET B 83 38.86 37.42 -22.69
N ASN B 84 39.04 38.08 -21.56
CA ASN B 84 38.02 38.09 -20.51
C ASN B 84 36.83 39.00 -20.85
N ARG B 85 35.87 39.08 -19.93
CA ARG B 85 34.64 39.80 -20.18
C ARG B 85 34.82 41.33 -20.26
N VAL B 86 35.93 41.83 -19.71
CA VAL B 86 36.20 43.26 -19.74
C VAL B 86 36.44 43.73 -21.17
N VAL B 87 37.38 43.10 -21.86
CA VAL B 87 37.67 43.42 -23.25
C VAL B 87 36.47 43.03 -24.11
N ARG B 88 35.83 41.93 -23.71
CA ARG B 88 34.67 41.41 -24.42
C ARG B 88 33.53 42.42 -24.48
N ASN B 89 33.26 43.05 -23.34
CA ASN B 89 32.19 44.04 -23.26
C ASN B 89 32.56 45.39 -23.87
N ASN B 90 33.85 45.71 -23.87
CA ASN B 90 34.34 46.96 -24.44
C ASN B 90 34.19 47.00 -25.96
N LEU B 91 34.20 45.83 -26.58
CA LEU B 91 34.03 45.73 -28.03
C LEU B 91 32.57 45.46 -28.38
N ARG B 92 31.75 45.32 -27.33
CA ARG B 92 30.32 45.03 -27.48
C ARG B 92 30.06 43.77 -28.29
N VAL B 93 30.84 42.74 -28.02
CA VAL B 93 30.72 41.48 -28.74
C VAL B 93 30.50 40.30 -27.78
N ARG B 94 29.99 39.20 -28.32
CA ARG B 94 29.80 37.99 -27.55
C ARG B 94 30.71 36.88 -28.07
N LEU B 95 30.78 35.77 -27.33
CA LEU B 95 31.61 34.63 -27.72
C LEU B 95 31.15 34.06 -29.05
N GLY B 96 31.90 34.37 -30.11
CA GLY B 96 31.58 33.88 -31.45
C GLY B 96 31.60 34.97 -32.50
N ASP B 97 31.55 36.23 -32.06
CA ASP B 97 31.54 37.36 -32.98
C ASP B 97 32.89 37.52 -33.67
N VAL B 98 32.92 38.34 -34.72
CA VAL B 98 34.15 38.56 -35.47
C VAL B 98 34.84 39.86 -35.10
N ILE B 99 36.17 39.77 -34.91
CA ILE B 99 36.97 40.95 -34.61
C ILE B 99 38.21 41.03 -35.49
N SER B 100 38.65 42.24 -35.79
CA SER B 100 39.82 42.45 -36.64
C SER B 100 41.01 42.98 -35.84
N ILE B 101 42.01 42.13 -35.63
CA ILE B 101 43.21 42.54 -34.89
C ILE B 101 44.29 43.02 -35.85
N GLN B 102 45.01 44.07 -35.46
CA GLN B 102 46.06 44.64 -36.28
C GLN B 102 47.14 45.31 -35.44
N PRO B 103 48.41 45.18 -35.86
CA PRO B 103 49.53 45.77 -35.12
C PRO B 103 49.49 47.29 -35.14
N CYS B 104 49.72 47.90 -33.98
CA CYS B 104 49.71 49.35 -33.84
C CYS B 104 50.95 49.81 -33.08
N PRO B 105 52.06 49.99 -33.79
CA PRO B 105 53.35 50.34 -33.17
C PRO B 105 53.53 51.84 -32.99
N ASP B 106 52.51 52.62 -33.31
CA ASP B 106 52.58 54.07 -33.16
C ASP B 106 52.02 54.52 -31.82
N VAL B 107 51.74 53.56 -30.94
CA VAL B 107 51.22 53.87 -29.62
C VAL B 107 52.35 54.25 -28.68
N LYS B 108 52.36 55.50 -28.22
CA LYS B 108 53.39 55.98 -27.31
C LYS B 108 52.88 56.12 -25.89
N TYR B 109 53.79 56.45 -24.97
CA TYR B 109 53.47 56.58 -23.56
C TYR B 109 52.48 57.71 -23.27
N GLY B 110 51.74 57.59 -22.18
CA GLY B 110 50.78 58.61 -21.80
C GLY B 110 51.40 59.73 -20.99
N LYS B 111 50.69 60.84 -20.86
CA LYS B 111 51.18 61.97 -20.08
C LYS B 111 50.32 62.18 -18.84
N ARG B 112 49.09 62.64 -19.05
CA ARG B 112 48.13 62.82 -17.97
C ARG B 112 46.80 62.18 -18.36
N ILE B 113 46.17 61.48 -17.42
CA ILE B 113 44.94 60.76 -17.71
C ILE B 113 43.81 61.04 -16.73
N HIS B 114 42.70 61.57 -17.24
CA HIS B 114 41.53 61.86 -16.42
C HIS B 114 40.51 60.73 -16.54
N VAL B 115 40.30 60.01 -15.44
CA VAL B 115 39.35 58.91 -15.40
C VAL B 115 38.28 59.10 -14.33
N LEU B 116 37.10 58.51 -14.55
CA LEU B 116 36.01 58.63 -13.60
C LEU B 116 35.30 57.30 -13.38
N PRO B 117 34.98 56.99 -12.11
CA PRO B 117 34.29 55.76 -11.70
C PRO B 117 32.78 55.81 -11.93
N ILE B 118 32.13 54.65 -11.81
CA ILE B 118 30.69 54.57 -11.99
C ILE B 118 29.99 54.56 -10.63
N ASP B 119 28.86 55.26 -10.54
CA ASP B 119 28.13 55.45 -9.29
C ASP B 119 27.69 54.17 -8.59
N ASP B 120 27.27 53.18 -9.35
CA ASP B 120 26.72 51.94 -8.78
C ASP B 120 27.79 50.94 -8.38
N THR B 121 29.03 51.39 -8.27
CA THR B 121 30.13 50.51 -7.90
C THR B 121 30.97 51.08 -6.76
N VAL B 122 30.54 52.22 -6.22
CA VAL B 122 31.23 52.86 -5.11
C VAL B 122 30.30 53.12 -3.95
N GLU B 123 29.05 52.66 -4.08
CA GLU B 123 28.04 52.83 -3.05
C GLU B 123 28.40 52.13 -1.74
N GLY B 124 28.96 52.88 -0.80
CA GLY B 124 29.33 52.34 0.49
C GLY B 124 30.73 52.71 0.92
N ILE B 125 31.62 52.89 -0.05
CA ILE B 125 33.01 53.26 0.24
C ILE B 125 33.29 54.70 -0.18
N THR B 126 34.24 55.32 0.49
CA THR B 126 34.66 56.68 0.14
C THR B 126 36.11 56.92 0.54
N GLY B 127 36.67 58.04 0.09
CA GLY B 127 38.04 58.39 0.40
C GLY B 127 38.95 58.39 -0.82
N ASN B 128 40.23 58.12 -0.59
CA ASN B 128 41.22 58.13 -1.67
C ASN B 128 41.12 56.87 -2.53
N LEU B 129 40.43 57.00 -3.67
CA LEU B 129 40.28 55.89 -4.60
C LEU B 129 41.57 55.64 -5.37
N PHE B 130 42.33 56.71 -5.57
CA PHE B 130 43.58 56.63 -6.31
C PHE B 130 44.62 55.75 -5.63
N GLU B 131 44.79 55.91 -4.33
CA GLU B 131 45.80 55.18 -3.58
C GLU B 131 45.40 53.72 -3.34
N VAL B 132 44.10 53.48 -3.25
CA VAL B 132 43.58 52.15 -2.95
C VAL B 132 43.49 51.26 -4.20
N TYR B 133 42.80 51.75 -5.22
CA TYR B 133 42.55 50.95 -6.42
C TYR B 133 43.48 51.30 -7.58
N LEU B 134 43.44 52.57 -7.99
CA LEU B 134 44.17 53.02 -9.18
C LEU B 134 45.68 52.76 -9.12
N LYS B 135 46.33 53.28 -8.08
CA LYS B 135 47.78 53.17 -7.95
C LYS B 135 48.34 51.74 -7.95
N PRO B 136 47.77 50.83 -7.13
CA PRO B 136 48.31 49.46 -7.16
C PRO B 136 47.98 48.73 -8.46
N TYR B 137 46.93 49.19 -9.16
CA TYR B 137 46.48 48.53 -10.38
C TYR B 137 47.40 48.82 -11.56
N PHE B 138 47.84 50.07 -11.67
CA PHE B 138 48.73 50.48 -12.75
C PHE B 138 50.19 50.46 -12.31
N LEU B 139 50.43 49.92 -11.12
CA LEU B 139 51.78 49.87 -10.55
C LEU B 139 52.75 49.09 -11.43
N GLU B 140 53.46 49.83 -12.29
CA GLU B 140 54.45 49.25 -13.19
C GLU B 140 53.89 48.10 -14.04
N ALA B 141 52.68 48.30 -14.56
CA ALA B 141 52.02 47.28 -15.36
C ALA B 141 52.01 47.68 -16.84
N TYR B 142 52.15 48.97 -17.08
CA TYR B 142 52.14 49.53 -18.44
C TYR B 142 50.87 49.15 -19.20
N ARG B 143 49.71 49.39 -18.59
CA ARG B 143 48.43 49.02 -19.18
C ARG B 143 47.98 50.04 -20.22
N PRO B 144 47.77 49.57 -21.46
CA PRO B 144 47.33 50.41 -22.59
C PRO B 144 45.82 50.66 -22.58
N ILE B 145 45.41 51.81 -22.06
CA ILE B 145 43.99 52.17 -22.02
C ILE B 145 43.64 53.13 -23.16
N ARG B 146 42.36 53.21 -23.48
CA ARG B 146 41.89 54.11 -24.53
C ARG B 146 40.61 54.81 -24.09
N LYS B 147 40.42 56.03 -24.58
CA LYS B 147 39.21 56.80 -24.29
C LYS B 147 37.94 56.04 -24.71
N GLY B 148 37.14 55.67 -23.73
CA GLY B 148 35.91 54.92 -23.98
C GLY B 148 35.93 53.54 -23.36
N ASP B 149 37.12 53.04 -23.07
CA ASP B 149 37.27 51.70 -22.47
C ASP B 149 36.76 51.66 -21.04
N ILE B 150 36.22 50.52 -20.64
CA ILE B 150 35.72 50.33 -19.28
C ILE B 150 36.38 49.13 -18.62
N PHE B 151 37.36 49.39 -17.76
CA PHE B 151 38.09 48.32 -17.08
C PHE B 151 37.63 48.16 -15.64
N LEU B 152 37.93 47.00 -15.06
CA LEU B 152 37.46 46.66 -13.72
C LEU B 152 38.61 46.33 -12.77
N VAL B 153 38.65 46.99 -11.62
CA VAL B 153 39.67 46.74 -10.62
C VAL B 153 39.06 46.14 -9.34
N ARG B 154 39.53 44.97 -8.95
CA ARG B 154 39.04 44.30 -7.76
C ARG B 154 39.97 44.48 -6.56
N GLY B 155 39.39 44.73 -5.40
CA GLY B 155 40.14 44.96 -4.18
C GLY B 155 39.27 45.48 -3.07
N GLY B 156 39.75 45.39 -1.84
CA GLY B 156 38.99 45.83 -0.68
C GLY B 156 37.72 45.00 -0.50
N MET B 157 37.83 43.72 -0.83
CA MET B 157 36.72 42.77 -0.74
C MET B 157 35.49 43.21 -1.52
N ARG B 158 35.72 43.83 -2.68
CA ARG B 158 34.64 44.20 -3.59
C ARG B 158 35.20 44.51 -4.98
N ALA B 159 34.37 45.11 -5.82
CA ALA B 159 34.79 45.46 -7.18
C ALA B 159 34.32 46.87 -7.57
N VAL B 160 35.22 47.66 -8.13
CA VAL B 160 34.90 49.02 -8.54
C VAL B 160 35.20 49.21 -10.02
N GLU B 161 34.20 49.70 -10.77
CA GLU B 161 34.35 49.91 -12.20
C GLU B 161 34.72 51.34 -12.54
N PHE B 162 35.70 51.50 -13.44
CA PHE B 162 36.10 52.81 -13.92
C PHE B 162 35.93 52.91 -15.43
N LYS B 163 35.56 54.09 -15.92
CA LYS B 163 35.47 54.32 -17.35
C LYS B 163 36.43 55.42 -17.77
N VAL B 164 37.29 55.12 -18.75
CA VAL B 164 38.25 56.09 -19.24
C VAL B 164 37.55 57.24 -19.95
N VAL B 165 37.53 58.40 -19.31
CA VAL B 165 36.84 59.57 -19.86
C VAL B 165 37.68 60.26 -20.91
N GLU B 166 38.88 60.68 -20.54
CA GLU B 166 39.76 61.39 -21.46
C GLU B 166 41.25 61.15 -21.16
N THR B 167 42.01 60.87 -22.21
CA THR B 167 43.46 60.71 -22.09
C THR B 167 44.16 61.78 -22.93
N ASP B 168 45.27 62.30 -22.42
CA ASP B 168 46.01 63.36 -23.11
C ASP B 168 46.55 62.92 -24.48
N PRO B 169 47.21 61.75 -24.57
CA PRO B 169 47.56 61.32 -25.92
C PRO B 169 46.39 60.64 -26.61
N SER B 170 45.39 61.42 -27.00
CA SER B 170 44.19 60.88 -27.65
C SER B 170 44.55 60.24 -28.99
N PRO B 171 43.89 59.12 -29.33
CA PRO B 171 42.88 58.45 -28.50
C PRO B 171 43.47 57.43 -27.52
N TYR B 172 44.47 56.66 -27.94
CA TYR B 172 45.03 55.62 -27.10
C TYR B 172 46.41 55.96 -26.54
N CYS B 173 46.69 55.48 -25.34
CA CYS B 173 47.97 55.71 -24.68
C CYS B 173 48.25 54.62 -23.64
N ILE B 174 49.50 54.49 -23.23
CA ILE B 174 49.88 53.51 -22.21
C ILE B 174 50.05 54.17 -20.84
N VAL B 175 49.49 53.55 -19.81
CA VAL B 175 49.59 54.06 -18.46
C VAL B 175 50.93 53.68 -17.82
N ALA B 176 51.83 54.65 -17.73
CA ALA B 176 53.13 54.42 -17.09
C ALA B 176 53.03 54.67 -15.59
N PRO B 177 53.94 54.07 -14.80
CA PRO B 177 53.93 54.29 -13.35
C PRO B 177 54.37 55.70 -12.96
N ASP B 178 54.74 56.51 -13.95
CA ASP B 178 55.08 57.91 -13.69
C ASP B 178 53.94 58.81 -14.16
N THR B 179 53.03 58.23 -14.92
CA THR B 179 51.88 58.97 -15.45
C THR B 179 50.96 59.46 -14.34
N VAL B 180 50.71 60.76 -14.31
CA VAL B 180 49.82 61.34 -13.32
C VAL B 180 48.39 60.90 -13.60
N ILE B 181 47.75 60.32 -12.59
CA ILE B 181 46.38 59.82 -12.75
C ILE B 181 45.41 60.70 -11.97
N HIS B 182 44.56 61.40 -12.72
CA HIS B 182 43.62 62.35 -12.12
C HIS B 182 42.26 61.71 -11.85
N CYS B 183 41.68 62.06 -10.71
CA CYS B 183 40.36 61.56 -10.32
C CYS B 183 39.46 62.72 -9.94
N GLU B 184 38.62 63.15 -10.88
CA GLU B 184 37.78 64.32 -10.68
C GLU B 184 36.67 64.08 -9.67
N GLY B 185 36.41 62.82 -9.35
CA GLY B 185 35.41 62.47 -8.37
C GLY B 185 34.00 62.83 -8.77
N GLU B 186 33.60 62.42 -9.97
CA GLU B 186 32.26 62.69 -10.47
C GLU B 186 31.63 61.44 -11.09
N PRO B 187 30.65 60.85 -10.38
CA PRO B 187 29.93 59.64 -10.79
C PRO B 187 29.23 59.79 -12.14
N ILE B 188 29.33 58.76 -12.97
CA ILE B 188 28.75 58.78 -14.31
C ILE B 188 27.49 57.91 -14.40
N LYS B 189 26.66 58.20 -15.40
CA LYS B 189 25.45 57.42 -15.64
C LYS B 189 25.77 56.09 -16.33
N ARG B 190 24.86 55.13 -16.20
CA ARG B 190 25.00 53.85 -16.89
C ARG B 190 24.32 53.88 -18.25
N GLU B 191 25.09 53.61 -19.29
CA GLU B 191 24.56 53.60 -20.65
C GLU B 191 23.71 52.35 -20.90
N ASP B 192 23.01 52.33 -22.02
CA ASP B 192 22.10 51.24 -22.35
C ASP B 192 22.82 49.92 -22.60
N GLU B 193 23.71 49.92 -23.59
CA GLU B 193 24.42 48.70 -24.00
C GLU B 193 25.56 48.30 -23.07
N GLU B 194 25.67 48.97 -21.92
CA GLU B 194 26.71 48.62 -20.95
C GLU B 194 26.25 47.56 -19.96
N GLU B 195 26.51 46.30 -20.30
CA GLU B 195 26.17 45.18 -19.42
C GLU B 195 26.97 45.25 -18.12
N SER B 196 26.30 45.00 -17.00
CA SER B 196 26.94 45.04 -15.70
C SER B 196 27.96 43.91 -15.57
N LEU B 197 29.17 44.25 -15.12
CA LEU B 197 30.22 43.26 -14.91
C LEU B 197 30.02 42.53 -13.59
N ASN B 198 29.06 43.00 -12.80
CA ASN B 198 28.71 42.34 -11.54
C ASN B 198 27.78 41.17 -11.77
N GLU B 199 27.21 41.11 -12.97
CA GLU B 199 26.27 40.04 -13.33
C GLU B 199 26.98 38.71 -13.55
N VAL B 200 26.25 37.75 -14.10
CA VAL B 200 26.74 36.39 -14.26
C VAL B 200 27.42 36.18 -15.60
N GLY B 201 28.32 35.20 -15.65
CA GLY B 201 29.01 34.84 -16.88
C GLY B 201 29.60 33.45 -16.77
N TYR B 202 30.27 33.00 -17.82
CA TYR B 202 30.87 31.67 -17.83
C TYR B 202 32.09 31.60 -16.93
N ASP B 203 32.60 32.75 -16.53
CA ASP B 203 33.78 32.83 -15.68
C ASP B 203 33.41 33.00 -14.21
N ASP B 204 32.12 32.83 -13.90
CA ASP B 204 31.65 32.97 -12.52
C ASP B 204 31.12 31.65 -11.98
N ILE B 205 31.36 30.57 -12.71
CA ILE B 205 30.90 29.25 -12.31
C ILE B 205 32.00 28.21 -12.47
N GLY B 206 32.13 27.33 -11.48
CA GLY B 206 33.17 26.32 -11.50
C GLY B 206 32.69 24.98 -10.98
N GLY B 207 33.46 23.94 -11.25
CA GLY B 207 33.10 22.60 -10.84
C GLY B 207 32.27 21.91 -11.90
N CYS B 208 31.59 22.70 -12.72
CA CYS B 208 30.74 22.17 -13.78
C CYS B 208 31.45 22.25 -15.13
N ARG B 209 32.54 21.50 -15.27
CA ARG B 209 33.34 21.53 -16.49
C ARG B 209 32.60 20.88 -17.65
N LYS B 210 32.46 19.56 -17.61
CA LYS B 210 31.77 18.83 -18.65
C LYS B 210 30.29 19.23 -18.74
N GLN B 211 29.74 19.71 -17.63
CA GLN B 211 28.36 20.18 -17.61
C GLN B 211 28.20 21.39 -18.53
N LEU B 212 29.05 22.40 -18.33
CA LEU B 212 29.01 23.59 -19.17
C LEU B 212 29.36 23.27 -20.61
N ALA B 213 30.25 22.29 -20.79
CA ALA B 213 30.67 21.87 -22.13
C ALA B 213 29.49 21.34 -22.93
N GLN B 214 28.73 20.42 -22.32
CA GLN B 214 27.52 19.90 -22.94
C GLN B 214 26.46 20.98 -23.12
N ILE B 215 26.21 21.74 -22.06
CA ILE B 215 25.18 22.78 -22.06
C ILE B 215 25.40 23.83 -23.15
N LYS B 216 26.63 24.33 -23.27
CA LYS B 216 26.93 25.37 -24.25
C LYS B 216 26.67 24.92 -25.68
N GLU B 217 27.28 23.82 -26.10
CA GLU B 217 27.16 23.35 -27.49
C GLU B 217 25.74 22.89 -27.84
N MET B 218 24.88 22.80 -26.84
CA MET B 218 23.48 22.45 -27.07
C MET B 218 22.65 23.70 -27.38
N VAL B 219 22.98 24.80 -26.72
CA VAL B 219 22.20 26.02 -26.86
C VAL B 219 22.98 27.15 -27.54
N GLU B 220 24.19 26.85 -28.02
CA GLU B 220 25.01 27.86 -28.68
C GLU B 220 24.42 28.28 -30.03
N LEU B 221 24.36 27.33 -30.95
CA LEU B 221 23.84 27.59 -32.30
C LEU B 221 22.40 28.13 -32.37
N PRO B 222 21.44 27.48 -31.69
CA PRO B 222 20.05 27.97 -31.82
C PRO B 222 19.84 29.37 -31.24
N LEU B 223 20.68 29.76 -30.28
CA LEU B 223 20.54 31.05 -29.63
C LEU B 223 21.30 32.15 -30.38
N ARG B 224 22.46 31.80 -30.93
CA ARG B 224 23.31 32.78 -31.61
C ARG B 224 22.86 33.01 -33.05
N HIS B 225 22.22 32.00 -33.64
CA HIS B 225 21.71 32.13 -35.00
C HIS B 225 20.38 31.41 -35.20
N PRO B 226 19.28 32.03 -34.74
CA PRO B 226 17.93 31.46 -34.92
C PRO B 226 17.57 31.33 -36.40
N ALA B 227 18.13 32.20 -37.23
CA ALA B 227 17.90 32.17 -38.67
C ALA B 227 18.32 30.85 -39.29
N LEU B 228 19.42 30.29 -38.79
CA LEU B 228 19.95 29.03 -39.30
C LEU B 228 18.98 27.87 -39.11
N PHE B 229 18.47 27.72 -37.89
CA PHE B 229 17.56 26.63 -37.57
C PHE B 229 16.18 26.83 -38.19
N LYS B 230 15.82 28.06 -38.51
CA LYS B 230 14.56 28.31 -39.18
C LYS B 230 14.72 28.05 -40.67
N ALA B 231 15.97 27.93 -41.11
CA ALA B 231 16.25 27.66 -42.51
C ALA B 231 16.67 26.21 -42.70
N ILE B 232 17.37 25.65 -41.72
CA ILE B 232 17.83 24.27 -41.81
C ILE B 232 16.79 23.29 -41.25
N GLY B 233 16.81 22.06 -41.74
CA GLY B 233 15.89 21.04 -41.28
C GLY B 233 16.47 20.22 -40.14
N VAL B 234 17.03 20.90 -39.15
CA VAL B 234 17.63 20.23 -38.01
C VAL B 234 16.94 20.67 -36.73
N LYS B 235 16.51 19.68 -35.93
CA LYS B 235 15.83 19.96 -34.67
C LYS B 235 16.76 20.14 -33.47
N PRO B 236 16.75 21.35 -32.88
CA PRO B 236 17.52 21.63 -31.66
C PRO B 236 16.74 21.24 -30.41
N PRO B 237 17.44 20.97 -29.30
CA PRO B 237 16.77 20.60 -28.04
C PRO B 237 15.92 21.74 -27.49
N ARG B 238 14.68 21.44 -27.11
CA ARG B 238 13.79 22.46 -26.56
C ARG B 238 13.90 22.56 -25.05
N GLY B 239 13.94 21.42 -24.37
CA GLY B 239 13.96 21.41 -22.92
C GLY B 239 15.13 20.67 -22.33
N ILE B 240 15.86 21.36 -21.44
CA ILE B 240 17.00 20.78 -20.75
C ILE B 240 16.76 20.75 -19.24
N LEU B 241 16.91 19.58 -18.64
CA LEU B 241 16.69 19.43 -17.20
C LEU B 241 18.02 19.34 -16.45
N LEU B 242 18.07 19.97 -15.28
CA LEU B 242 19.28 20.02 -14.47
C LEU B 242 19.14 19.27 -13.15
N TYR B 243 19.86 18.17 -13.01
CA TYR B 243 19.84 17.37 -11.78
C TYR B 243 20.74 17.98 -10.71
N GLY B 244 21.06 17.16 -9.70
CA GLY B 244 21.97 17.56 -8.65
C GLY B 244 21.29 18.12 -7.42
N PRO B 245 21.98 18.05 -6.27
CA PRO B 245 21.46 18.58 -5.01
C PRO B 245 21.43 20.10 -5.00
N PRO B 246 20.54 20.70 -4.18
CA PRO B 246 20.43 22.16 -4.09
C PRO B 246 21.72 22.79 -3.57
N GLY B 247 22.08 23.94 -4.11
CA GLY B 247 23.25 24.67 -3.66
C GLY B 247 24.42 24.61 -4.64
N THR B 248 24.25 23.83 -5.71
CA THR B 248 25.28 23.70 -6.73
C THR B 248 25.30 24.93 -7.63
N GLY B 249 24.16 25.60 -7.72
CA GLY B 249 24.04 26.81 -8.52
C GLY B 249 23.34 26.55 -9.85
N LYS B 250 22.15 25.97 -9.77
CA LYS B 250 21.36 25.65 -10.95
C LYS B 250 20.96 26.91 -11.70
N THR B 251 20.34 27.83 -10.96
CA THR B 251 19.87 29.10 -11.52
C THR B 251 21.02 29.93 -12.06
N LEU B 252 22.16 29.86 -11.37
CA LEU B 252 23.35 30.62 -11.76
C LEU B 252 23.85 30.23 -13.14
N ILE B 253 23.82 28.93 -13.45
CA ILE B 253 24.23 28.43 -14.75
C ILE B 253 23.35 28.96 -15.88
N ALA B 254 22.04 28.85 -15.70
CA ALA B 254 21.08 29.28 -16.71
C ALA B 254 21.20 30.76 -17.06
N ARG B 255 21.25 31.60 -16.03
CA ARG B 255 21.33 33.04 -16.23
C ARG B 255 22.66 33.43 -16.88
N ALA B 256 23.69 32.63 -16.64
CA ALA B 256 25.01 32.88 -17.22
C ALA B 256 24.99 32.73 -18.74
N VAL B 257 24.27 31.73 -19.22
CA VAL B 257 24.16 31.48 -20.65
C VAL B 257 23.46 32.64 -21.37
N ALA B 258 22.36 33.10 -20.78
CA ALA B 258 21.58 34.18 -21.37
C ALA B 258 22.36 35.49 -21.38
N ASN B 259 23.09 35.75 -20.30
CA ASN B 259 23.89 36.97 -20.20
C ASN B 259 25.11 36.95 -21.11
N GLU B 260 25.53 35.75 -21.50
CA GLU B 260 26.73 35.59 -22.31
C GLU B 260 26.39 35.45 -23.80
N THR B 261 25.16 35.06 -24.09
CA THR B 261 24.71 34.90 -25.47
C THR B 261 23.85 36.07 -25.92
N GLY B 262 23.52 36.95 -24.99
CA GLY B 262 22.71 38.13 -25.29
C GLY B 262 21.23 37.82 -25.36
N ALA B 263 20.88 36.55 -25.22
CA ALA B 263 19.49 36.12 -25.28
C ALA B 263 18.70 36.60 -24.06
N PHE B 264 17.40 36.79 -24.24
CA PHE B 264 16.52 37.22 -23.16
C PHE B 264 16.39 36.16 -22.08
N PHE B 265 16.12 36.60 -20.85
CA PHE B 265 16.00 35.68 -19.71
C PHE B 265 14.76 35.98 -18.88
N PHE B 266 13.89 34.98 -18.76
CA PHE B 266 12.71 35.10 -17.92
C PHE B 266 12.60 33.91 -16.97
N LEU B 267 12.64 34.19 -15.67
CA LEU B 267 12.65 33.14 -14.66
C LEU B 267 11.25 32.84 -14.14
N ILE B 268 11.00 31.57 -13.83
CA ILE B 268 9.74 31.15 -13.23
C ILE B 268 10.00 30.41 -11.92
N ASN B 269 9.91 31.14 -10.81
CA ASN B 269 10.08 30.53 -9.49
C ASN B 269 8.98 29.50 -9.23
N GLY B 270 9.38 28.36 -8.68
CA GLY B 270 8.47 27.26 -8.45
C GLY B 270 7.27 27.58 -7.58
N PRO B 271 7.49 27.75 -6.27
CA PRO B 271 6.44 28.07 -5.30
C PRO B 271 5.71 29.38 -5.62
N GLU B 272 6.34 30.24 -6.42
CA GLU B 272 5.73 31.51 -6.83
C GLU B 272 4.42 31.26 -7.57
N ILE B 273 4.40 30.21 -8.38
CA ILE B 273 3.22 29.86 -9.15
C ILE B 273 2.20 29.17 -8.27
N MET B 274 2.68 28.32 -7.37
CA MET B 274 1.81 27.61 -6.44
C MET B 274 1.32 28.49 -5.29
N SER B 275 1.84 29.73 -5.22
CA SER B 275 1.42 30.68 -4.21
C SER B 275 0.23 31.49 -4.70
N LYS B 276 0.23 31.82 -5.98
CA LYS B 276 -0.87 32.53 -6.61
C LYS B 276 -2.13 31.68 -6.56
N LEU B 277 -3.28 32.33 -6.41
CA LEU B 277 -4.55 31.62 -6.28
C LEU B 277 -4.89 30.80 -7.52
N ALA B 278 -5.77 29.83 -7.36
CA ALA B 278 -6.21 28.97 -8.45
C ALA B 278 -6.85 29.79 -9.56
N GLY B 279 -6.17 29.87 -10.70
CA GLY B 279 -6.64 30.66 -11.82
C GLY B 279 -5.54 31.58 -12.33
N GLU B 280 -4.93 32.32 -11.42
CA GLU B 280 -3.79 33.16 -11.77
C GLU B 280 -2.57 32.27 -11.99
N SER B 281 -2.63 31.06 -11.45
CA SER B 281 -1.55 30.09 -11.60
C SER B 281 -1.36 29.73 -13.07
N GLU B 282 -2.40 29.22 -13.70
CA GLU B 282 -2.35 28.90 -15.13
C GLU B 282 -2.21 30.16 -15.97
N SER B 283 -2.77 31.26 -15.47
CA SER B 283 -2.69 32.54 -16.16
C SER B 283 -1.25 33.05 -16.22
N ASN B 284 -0.54 32.97 -15.11
CA ASN B 284 0.84 33.43 -15.04
C ASN B 284 1.75 32.63 -15.97
N LEU B 285 1.48 31.33 -16.08
CA LEU B 285 2.24 30.47 -16.97
C LEU B 285 1.98 30.86 -18.43
N ARG B 286 0.75 31.22 -18.72
CA ARG B 286 0.39 31.72 -20.05
C ARG B 286 1.12 33.02 -20.36
N LYS B 287 1.13 33.93 -19.39
CA LYS B 287 1.78 35.23 -19.58
C LYS B 287 3.29 35.08 -19.69
N ALA B 288 3.84 34.09 -18.98
CA ALA B 288 5.26 33.82 -19.00
C ALA B 288 5.74 33.42 -20.40
N PHE B 289 5.16 32.36 -20.93
CA PHE B 289 5.54 31.84 -22.24
C PHE B 289 5.21 32.81 -23.38
N GLU B 290 4.07 33.47 -23.29
CA GLU B 290 3.62 34.37 -24.35
C GLU B 290 4.52 35.60 -24.48
N GLU B 291 4.90 36.17 -23.34
CA GLU B 291 5.73 37.36 -23.33
C GLU B 291 7.17 37.02 -23.69
N ALA B 292 7.59 35.82 -23.32
CA ALA B 292 8.93 35.35 -23.61
C ALA B 292 9.06 35.00 -25.08
N GLU B 293 7.94 34.64 -25.68
CA GLU B 293 7.90 34.31 -27.11
C GLU B 293 8.16 35.57 -27.93
N LYS B 294 7.68 36.70 -27.43
CA LYS B 294 7.89 37.98 -28.09
C LYS B 294 9.34 38.42 -27.98
N ASN B 295 9.99 38.02 -26.90
CA ASN B 295 11.38 38.42 -26.65
C ASN B 295 12.40 37.41 -27.14
N ALA B 296 12.05 36.67 -28.21
CA ALA B 296 12.95 35.69 -28.79
C ALA B 296 14.18 36.37 -29.40
N PRO B 297 15.37 35.75 -29.26
CA PRO B 297 15.63 34.49 -28.55
C PRO B 297 15.59 34.66 -27.03
N ALA B 298 15.17 33.62 -26.33
CA ALA B 298 15.05 33.69 -24.88
C ALA B 298 15.23 32.34 -24.21
N ILE B 299 15.46 32.35 -22.90
CA ILE B 299 15.56 31.14 -22.12
C ILE B 299 14.61 31.19 -20.92
N ILE B 300 13.60 30.33 -20.94
CA ILE B 300 12.66 30.25 -19.83
C ILE B 300 13.16 29.22 -18.82
N PHE B 301 13.52 29.68 -17.62
CA PHE B 301 14.06 28.79 -16.62
C PHE B 301 13.11 28.61 -15.44
N ILE B 302 12.67 27.37 -15.23
CA ILE B 302 11.81 27.05 -14.10
C ILE B 302 12.65 26.54 -12.95
N ASP B 303 12.50 27.15 -11.78
CA ASP B 303 13.32 26.79 -10.63
C ASP B 303 12.87 25.45 -10.06
N GLU B 304 12.07 25.51 -9.00
CA GLU B 304 11.57 24.29 -8.35
C GLU B 304 10.43 23.68 -9.16
N LEU B 305 10.77 23.02 -10.26
CA LEU B 305 9.79 22.39 -11.13
C LEU B 305 9.04 21.29 -10.40
N ASP B 306 9.71 20.66 -9.45
CA ASP B 306 9.13 19.60 -8.64
C ASP B 306 7.93 20.09 -7.82
N ALA B 307 7.91 21.38 -7.52
CA ALA B 307 6.80 21.99 -6.80
C ALA B 307 5.61 22.19 -7.73
N ILE B 308 5.85 22.07 -9.02
CA ILE B 308 4.81 22.25 -10.04
C ILE B 308 4.24 20.91 -10.49
N ALA B 309 5.13 19.98 -10.86
CA ALA B 309 4.70 18.69 -11.37
C ALA B 309 5.28 17.51 -10.59
N PRO B 310 4.69 17.20 -9.43
CA PRO B 310 5.10 16.03 -8.63
C PRO B 310 4.13 14.87 -8.80
N LYS B 311 3.52 14.76 -9.98
CA LYS B 311 2.51 13.74 -10.27
C LYS B 311 2.92 12.33 -9.84
N ARG B 312 2.71 12.03 -8.56
CA ARG B 312 2.99 10.69 -8.06
C ARG B 312 1.94 10.27 -7.02
N GLU B 313 2.24 10.55 -5.75
CA GLU B 313 1.31 10.29 -4.67
C GLU B 313 0.78 11.59 -4.10
N LYS B 314 1.50 12.68 -4.35
CA LYS B 314 1.12 13.99 -3.85
C LYS B 314 0.23 14.73 -4.84
N THR B 315 -0.14 14.07 -5.93
CA THR B 315 -1.03 14.65 -6.92
C THR B 315 -2.50 14.45 -6.54
N HIS B 316 -2.81 14.68 -5.28
CA HIS B 316 -4.17 14.47 -4.76
C HIS B 316 -5.03 15.69 -5.00
N GLY B 317 -5.85 15.64 -6.04
CA GLY B 317 -6.74 16.74 -6.36
C GLY B 317 -6.73 17.11 -7.84
N GLU B 318 -7.72 17.88 -8.25
CA GLU B 318 -7.88 18.27 -9.65
C GLU B 318 -7.03 19.48 -10.01
N VAL B 319 -6.90 20.41 -9.06
CA VAL B 319 -6.18 21.65 -9.30
C VAL B 319 -4.72 21.42 -9.71
N GLU B 320 -4.05 20.52 -9.01
CA GLU B 320 -2.64 20.22 -9.27
C GLU B 320 -2.45 19.65 -10.68
N ARG B 321 -3.27 18.67 -11.03
CA ARG B 321 -3.21 18.02 -12.32
C ARG B 321 -3.45 19.00 -13.46
N ARG B 322 -4.32 19.97 -13.20
CA ARG B 322 -4.66 20.99 -14.19
C ARG B 322 -3.48 21.90 -14.48
N ILE B 323 -2.73 22.22 -13.44
CA ILE B 323 -1.54 23.07 -13.57
C ILE B 323 -0.46 22.37 -14.37
N VAL B 324 -0.24 21.10 -14.07
CA VAL B 324 0.76 20.30 -14.76
C VAL B 324 0.45 20.19 -16.25
N SER B 325 -0.82 19.91 -16.56
CA SER B 325 -1.26 19.80 -17.94
C SER B 325 -1.10 21.12 -18.69
N GLN B 326 -1.31 22.22 -17.98
CA GLN B 326 -1.13 23.54 -18.55
C GLN B 326 0.32 23.74 -18.99
N LEU B 327 1.25 23.33 -18.14
CA LEU B 327 2.67 23.41 -18.44
C LEU B 327 3.02 22.49 -19.61
N LEU B 328 2.46 21.29 -19.58
CA LEU B 328 2.66 20.31 -20.65
C LEU B 328 2.22 20.87 -21.99
N THR B 329 1.05 21.52 -21.99
CA THR B 329 0.52 22.14 -23.19
C THR B 329 1.42 23.28 -23.65
N LEU B 330 1.95 24.05 -22.70
CA LEU B 330 2.84 25.16 -23.02
C LEU B 330 4.17 24.65 -23.59
N MET B 331 4.61 23.50 -23.09
CA MET B 331 5.82 22.88 -23.60
C MET B 331 5.63 22.39 -25.03
N ASP B 332 4.47 21.78 -25.29
CA ASP B 332 4.14 21.33 -26.63
C ASP B 332 3.75 22.52 -27.49
N GLY B 333 3.27 23.58 -26.84
CA GLY B 333 2.85 24.79 -27.52
C GLY B 333 4.01 25.59 -28.09
N LEU B 334 5.23 25.21 -27.75
CA LEU B 334 6.42 25.85 -28.29
C LEU B 334 6.46 25.65 -29.79
N LYS B 335 6.24 26.73 -30.53
CA LYS B 335 6.12 26.66 -31.98
C LYS B 335 7.47 26.48 -32.67
N GLN B 336 8.54 26.42 -31.89
CA GLN B 336 9.90 26.24 -32.39
C GLN B 336 10.45 27.41 -33.21
N ARG B 337 9.70 27.84 -34.23
CA ARG B 337 10.12 28.98 -35.05
C ARG B 337 10.29 30.21 -34.17
N ALA B 338 9.46 30.32 -33.13
CA ALA B 338 9.72 31.24 -32.04
C ALA B 338 10.83 30.60 -31.23
N HIS B 339 11.93 31.31 -31.04
CA HIS B 339 13.14 30.69 -30.49
C HIS B 339 13.28 30.85 -28.98
N VAL B 340 12.60 29.99 -28.24
CA VAL B 340 12.74 29.95 -26.79
C VAL B 340 13.12 28.54 -26.32
N ILE B 341 13.96 28.48 -25.28
CA ILE B 341 14.40 27.22 -24.73
C ILE B 341 14.06 27.13 -23.25
N VAL B 342 13.32 26.09 -22.86
CA VAL B 342 12.89 25.95 -21.49
C VAL B 342 13.84 25.08 -20.67
N MET B 343 14.45 25.68 -19.66
CA MET B 343 15.35 24.95 -18.77
C MET B 343 14.70 24.79 -17.39
N ALA B 344 15.16 23.81 -16.64
CA ALA B 344 14.61 23.56 -15.31
C ALA B 344 15.61 22.89 -14.38
N ALA B 345 15.29 22.87 -13.10
CA ALA B 345 16.17 22.28 -12.09
C ALA B 345 15.37 21.50 -11.05
N THR B 346 16.04 20.55 -10.39
CA THR B 346 15.41 19.77 -9.33
C THR B 346 16.47 19.10 -8.47
N ASN B 347 16.03 18.46 -7.40
CA ASN B 347 16.94 17.78 -6.50
C ASN B 347 17.35 16.41 -7.03
N ARG B 348 16.43 15.76 -7.73
CA ARG B 348 16.69 14.41 -8.26
C ARG B 348 15.75 14.09 -9.42
N PRO B 349 16.24 13.28 -10.38
CA PRO B 349 15.52 12.89 -11.60
C PRO B 349 14.07 12.46 -11.40
N ASN B 350 13.81 11.67 -10.37
CA ASN B 350 12.48 11.11 -10.15
C ASN B 350 11.51 12.06 -9.44
N SER B 351 11.85 13.35 -9.40
CA SER B 351 10.97 14.35 -8.80
C SER B 351 9.98 14.89 -9.82
N ILE B 352 10.41 14.99 -11.07
CA ILE B 352 9.58 15.56 -12.13
C ILE B 352 8.57 14.54 -12.64
N ASP B 353 7.42 15.03 -13.11
CA ASP B 353 6.40 14.18 -13.69
C ASP B 353 6.88 13.57 -15.00
N PRO B 354 6.86 12.23 -15.10
CA PRO B 354 7.31 11.48 -16.27
C PRO B 354 6.73 11.97 -17.60
N ALA B 355 5.59 12.66 -17.56
CA ALA B 355 4.99 13.22 -18.76
C ALA B 355 5.85 14.34 -19.34
N LEU B 356 6.68 14.94 -18.49
CA LEU B 356 7.60 15.98 -18.91
C LEU B 356 8.91 15.38 -19.42
N ARG B 357 9.11 14.10 -19.16
CA ARG B 357 10.33 13.41 -19.57
C ARG B 357 10.27 12.96 -21.02
N ARG B 358 9.10 13.09 -21.63
CA ARG B 358 8.90 12.66 -23.01
C ARG B 358 9.76 13.46 -23.99
N PHE B 359 10.55 12.75 -24.78
CA PHE B 359 11.50 13.36 -25.70
C PHE B 359 10.79 14.20 -26.77
N GLY B 360 10.66 15.49 -26.47
CA GLY B 360 9.95 16.42 -27.33
C GLY B 360 9.63 17.65 -26.49
N ARG B 361 9.77 17.47 -25.18
CA ARG B 361 9.63 18.56 -24.22
C ARG B 361 10.98 18.70 -23.51
N PHE B 362 11.10 18.09 -22.34
CA PHE B 362 12.40 18.00 -21.67
C PHE B 362 13.11 16.71 -22.09
N ASP B 363 13.76 16.75 -23.25
CA ASP B 363 14.40 15.57 -23.81
C ASP B 363 15.84 15.39 -23.34
N ARG B 364 16.56 16.50 -23.21
CA ARG B 364 17.95 16.46 -22.76
C ARG B 364 18.06 16.69 -21.26
N GLU B 365 18.86 15.86 -20.59
CA GLU B 365 19.03 15.95 -19.15
C GLU B 365 20.51 16.04 -18.78
N VAL B 366 20.84 16.96 -17.88
CA VAL B 366 22.22 17.13 -17.44
C VAL B 366 22.34 16.98 -15.93
N ASP B 367 23.09 15.96 -15.51
CA ASP B 367 23.29 15.70 -14.09
C ASP B 367 24.43 16.56 -13.56
N ILE B 368 24.11 17.46 -12.63
CA ILE B 368 25.11 18.34 -12.04
C ILE B 368 25.26 18.08 -10.54
N GLY B 369 25.97 17.02 -10.21
CA GLY B 369 26.22 16.66 -8.83
C GLY B 369 27.20 17.60 -8.16
N ILE B 370 27.59 17.27 -6.93
CA ILE B 370 28.55 18.08 -6.20
C ILE B 370 29.90 18.15 -6.93
N PRO B 371 30.61 19.26 -6.79
CA PRO B 371 31.93 19.39 -7.43
C PRO B 371 32.95 18.50 -6.75
N ASP B 372 33.99 18.10 -7.48
CA ASP B 372 35.05 17.26 -6.93
C ASP B 372 36.12 18.12 -6.28
N ALA B 373 37.29 17.53 -6.05
CA ALA B 373 38.43 18.25 -5.47
C ALA B 373 38.84 19.42 -6.36
N THR B 374 39.05 19.13 -7.64
CA THR B 374 39.42 20.16 -8.62
C THR B 374 38.27 21.14 -8.81
N GLY B 375 37.05 20.62 -8.74
CA GLY B 375 35.86 21.44 -8.90
C GLY B 375 35.71 22.50 -7.82
N ARG B 376 35.78 22.07 -6.57
CA ARG B 376 35.67 22.98 -5.43
C ARG B 376 36.81 23.99 -5.41
N LEU B 377 37.99 23.54 -5.84
CA LEU B 377 39.16 24.41 -5.94
C LEU B 377 38.87 25.56 -6.91
N GLU B 378 38.26 25.20 -8.05
CA GLU B 378 37.87 26.18 -9.05
C GLU B 378 36.89 27.20 -8.49
N ILE B 379 35.97 26.72 -7.66
CA ILE B 379 34.97 27.58 -7.05
C ILE B 379 35.59 28.58 -6.07
N LEU B 380 36.53 28.10 -5.27
CA LEU B 380 37.19 28.92 -4.27
C LEU B 380 37.91 30.12 -4.90
N GLN B 381 38.51 29.91 -6.07
CA GLN B 381 39.18 30.99 -6.78
C GLN B 381 38.19 32.06 -7.25
N ILE B 382 36.96 31.63 -7.52
CA ILE B 382 35.91 32.56 -7.96
C ILE B 382 35.34 33.36 -6.80
N HIS B 383 35.34 32.77 -5.61
CA HIS B 383 34.80 33.43 -4.43
C HIS B 383 35.82 34.33 -3.73
N THR B 384 37.09 34.19 -4.10
CA THR B 384 38.15 34.98 -3.49
C THR B 384 38.75 35.99 -4.46
N LYS B 385 38.03 36.26 -5.54
CA LYS B 385 38.51 37.18 -6.57
C LYS B 385 38.45 38.63 -6.11
N ASN B 386 37.71 38.89 -5.04
CA ASN B 386 37.54 40.24 -4.53
C ASN B 386 38.29 40.52 -3.23
N MET B 387 38.53 39.47 -2.44
CA MET B 387 39.15 39.62 -1.12
C MET B 387 40.67 39.47 -1.16
N LYS B 388 41.35 40.15 -0.25
CA LYS B 388 42.81 40.13 -0.19
C LYS B 388 43.34 38.94 0.58
N LEU B 389 43.73 37.89 -0.15
CA LEU B 389 44.31 36.71 0.46
C LEU B 389 45.79 36.95 0.78
N ALA B 390 46.21 36.52 1.97
CA ALA B 390 47.60 36.67 2.38
C ALA B 390 48.51 35.68 1.65
N ASP B 391 49.81 35.78 1.91
CA ASP B 391 50.79 34.93 1.25
C ASP B 391 50.74 33.48 1.76
N ASP B 392 50.41 33.31 3.02
CA ASP B 392 50.37 32.00 3.65
C ASP B 392 49.17 31.16 3.17
N VAL B 393 48.22 31.82 2.51
CA VAL B 393 47.00 31.16 2.06
C VAL B 393 47.24 30.14 0.95
N ASP B 394 46.93 28.88 1.24
CA ASP B 394 47.03 27.81 0.24
C ASP B 394 45.63 27.28 -0.06
N LEU B 395 45.03 27.80 -1.13
CA LEU B 395 43.66 27.47 -1.50
C LEU B 395 43.48 26.01 -1.89
N GLU B 396 44.54 25.38 -2.38
CA GLU B 396 44.49 23.98 -2.79
C GLU B 396 44.25 23.06 -1.60
N GLN B 397 44.78 23.44 -0.44
CA GLN B 397 44.61 22.65 0.78
C GLN B 397 43.16 22.61 1.23
N VAL B 398 42.48 23.75 1.14
CA VAL B 398 41.08 23.86 1.57
C VAL B 398 40.18 22.96 0.74
N ALA B 399 40.47 22.87 -0.56
CA ALA B 399 39.68 22.06 -1.48
C ALA B 399 39.78 20.57 -1.16
N ASN B 400 40.89 20.14 -0.57
CA ASN B 400 41.12 18.73 -0.30
C ASN B 400 40.35 18.17 0.89
N GLU B 401 40.08 19.01 1.89
CA GLU B 401 39.38 18.54 3.09
C GLU B 401 37.91 18.96 3.12
N THR B 402 37.41 19.52 2.03
CA THR B 402 35.98 19.77 1.88
C THR B 402 35.33 18.58 1.21
N HIS B 403 35.17 17.50 1.98
CA HIS B 403 34.76 16.21 1.46
C HIS B 403 33.47 16.22 0.64
N GLY B 404 32.48 16.98 1.11
CA GLY B 404 31.19 17.03 0.44
C GLY B 404 30.55 18.40 0.48
N HIS B 405 31.14 19.36 -0.24
CA HIS B 405 30.64 20.73 -0.23
C HIS B 405 30.14 21.16 -1.60
N VAL B 406 28.99 21.82 -1.63
CA VAL B 406 28.44 22.35 -2.87
C VAL B 406 28.85 23.81 -3.05
N GLY B 407 28.41 24.42 -4.15
CA GLY B 407 28.73 25.80 -4.45
C GLY B 407 28.28 26.75 -3.35
N ALA B 408 27.05 26.56 -2.88
CA ALA B 408 26.50 27.40 -1.82
C ALA B 408 27.26 27.25 -0.50
N ASP B 409 27.69 26.02 -0.20
CA ASP B 409 28.42 25.76 1.04
C ASP B 409 29.79 26.42 1.06
N LEU B 410 30.42 26.49 -0.11
CA LEU B 410 31.72 27.14 -0.24
C LEU B 410 31.60 28.64 -0.07
N ALA B 411 30.46 29.19 -0.46
CA ALA B 411 30.19 30.61 -0.31
C ALA B 411 30.12 30.99 1.17
N ALA B 412 29.32 30.23 1.92
CA ALA B 412 29.18 30.46 3.36
C ALA B 412 30.47 30.13 4.11
N LEU B 413 31.28 29.25 3.53
CA LEU B 413 32.55 28.86 4.11
C LEU B 413 33.52 30.05 4.12
N CYS B 414 33.66 30.70 2.96
CA CYS B 414 34.53 31.86 2.82
C CYS B 414 34.00 33.04 3.62
N SER B 415 32.68 33.18 3.66
CA SER B 415 32.03 34.28 4.36
C SER B 415 32.33 34.26 5.86
N GLU B 416 32.16 33.09 6.48
CA GLU B 416 32.40 32.94 7.91
C GLU B 416 33.89 33.05 8.24
N ALA B 417 34.73 32.78 7.24
CA ALA B 417 36.17 32.87 7.42
C ALA B 417 36.65 34.31 7.29
N ALA B 418 35.95 35.09 6.46
CA ALA B 418 36.26 36.51 6.32
C ALA B 418 35.89 37.26 7.60
N LEU B 419 34.76 36.88 8.18
CA LEU B 419 34.29 37.47 9.42
C LEU B 419 35.25 37.19 10.57
N GLN B 420 35.94 36.06 10.48
CA GLN B 420 36.93 35.69 11.47
C GLN B 420 38.08 36.71 11.47
N ALA B 421 38.48 37.12 10.28
CA ALA B 421 39.51 38.14 10.12
C ALA B 421 38.95 39.53 10.43
N ILE B 422 37.63 39.65 10.39
CA ILE B 422 36.95 40.91 10.63
C ILE B 422 36.68 41.14 12.13
N ARG B 423 36.27 40.10 12.83
CA ARG B 423 35.92 40.21 14.24
C ARG B 423 37.12 40.36 15.17
N LYS B 424 38.23 40.87 14.64
CA LYS B 424 39.42 41.10 15.46
C LYS B 424 40.08 42.45 15.16
N LYS B 425 39.61 43.11 14.09
CA LYS B 425 40.22 44.37 13.67
C LYS B 425 39.38 45.59 14.03
N MET B 426 38.66 46.12 13.04
CA MET B 426 37.85 47.32 13.23
C MET B 426 36.61 47.02 14.10
N ASP B 427 36.31 45.75 14.28
CA ASP B 427 35.19 45.33 15.12
C ASP B 427 35.37 45.82 16.55
N LEU B 428 36.62 45.80 17.01
CA LEU B 428 36.96 46.28 18.34
C LEU B 428 36.97 47.80 18.39
N ILE B 429 37.28 48.42 17.26
CA ILE B 429 37.32 49.88 17.16
C ILE B 429 35.91 50.46 17.09
N ASP B 430 35.05 49.84 16.29
CA ASP B 430 33.66 50.26 16.12
C ASP B 430 33.53 51.67 15.54
N LEU B 431 33.34 51.75 14.22
CA LEU B 431 33.13 53.02 13.53
C LEU B 431 31.67 53.16 13.11
N GLU B 432 30.86 53.72 13.99
CA GLU B 432 29.42 53.86 13.77
C GLU B 432 29.09 54.80 12.61
N ASP B 433 28.97 54.25 11.41
CA ASP B 433 28.64 55.03 10.22
C ASP B 433 27.74 54.25 9.27
N GLU B 434 27.11 54.95 8.33
CA GLU B 434 26.30 54.30 7.31
C GLU B 434 27.17 53.90 6.13
N THR B 435 28.45 54.24 6.22
CA THR B 435 29.42 53.88 5.19
C THR B 435 30.80 53.64 5.80
N ILE B 436 31.28 52.41 5.67
CA ILE B 436 32.58 52.03 6.21
C ILE B 436 33.69 52.50 5.28
N ASP B 437 34.78 52.99 5.88
CA ASP B 437 35.89 53.51 5.10
C ASP B 437 36.60 52.39 4.34
N ALA B 438 37.10 52.73 3.14
CA ALA B 438 37.69 51.73 2.25
C ALA B 438 39.14 51.41 2.62
N GLU B 439 39.86 52.43 3.09
CA GLU B 439 41.26 52.26 3.48
C GLU B 439 41.41 51.25 4.62
N VAL B 440 40.42 51.23 5.51
CA VAL B 440 40.43 50.30 6.63
C VAL B 440 40.30 48.85 6.19
N MET B 441 39.42 48.62 5.21
CA MET B 441 39.16 47.27 4.74
C MET B 441 40.24 46.74 3.79
N ASN B 442 40.85 47.64 3.03
CA ASN B 442 41.87 47.26 2.06
C ASN B 442 43.13 46.72 2.73
N SER B 443 43.42 47.21 3.92
CA SER B 443 44.60 46.77 4.67
C SER B 443 44.35 45.39 5.28
N LEU B 444 43.09 45.04 5.44
CA LEU B 444 42.71 43.76 6.02
C LEU B 444 43.09 42.62 5.09
N ALA B 445 43.61 41.54 5.67
CA ALA B 445 43.98 40.37 4.89
C ALA B 445 43.51 39.11 5.60
N VAL B 446 43.32 38.04 4.83
CA VAL B 446 42.83 36.78 5.39
C VAL B 446 43.95 35.75 5.46
N THR B 447 44.12 35.17 6.64
CA THR B 447 45.17 34.18 6.87
C THR B 447 44.64 32.75 6.73
N MET B 448 45.56 31.79 6.78
CA MET B 448 45.21 30.38 6.69
C MET B 448 44.37 29.96 7.89
N ASP B 449 44.63 30.60 9.02
CA ASP B 449 43.92 30.29 10.26
C ASP B 449 42.45 30.71 10.19
N ASP B 450 42.18 31.75 9.41
CA ASP B 450 40.80 32.22 9.23
C ASP B 450 39.98 31.18 8.47
N PHE B 451 40.61 30.57 7.47
CA PHE B 451 39.97 29.51 6.68
C PHE B 451 39.86 28.24 7.53
N ARG B 452 40.81 28.06 8.44
CA ARG B 452 40.83 26.90 9.32
C ARG B 452 39.66 26.89 10.30
N TRP B 453 39.36 28.05 10.87
CA TRP B 453 38.31 28.18 11.89
C TRP B 453 36.91 27.89 11.35
N ALA B 454 36.68 28.24 10.09
CA ALA B 454 35.37 28.05 9.46
C ALA B 454 34.99 26.57 9.32
N LEU B 455 35.98 25.74 8.99
CA LEU B 455 35.75 24.30 8.86
C LEU B 455 35.47 23.65 10.22
N SER B 456 36.03 24.22 11.28
CA SER B 456 35.89 23.68 12.62
C SER B 456 34.46 23.80 13.15
N GLN B 457 33.72 24.76 12.62
CA GLN B 457 32.34 25.00 13.06
C GLN B 457 31.41 23.90 12.56
N SER B 458 30.10 24.08 12.79
CA SER B 458 29.12 23.08 12.39
C SER B 458 28.53 23.36 11.02
N ASN B 459 28.95 24.44 10.39
CA ASN B 459 28.47 24.81 9.06
C ASN B 459 28.98 24.00 7.84
N PRO B 460 30.15 23.32 7.95
CA PRO B 460 30.49 22.51 6.77
C PRO B 460 29.66 21.23 6.65
N SER B 461 28.73 21.01 7.60
CA SER B 461 27.84 19.85 7.53
C SER B 461 26.93 19.92 6.32
N ALA B 462 27.49 19.68 5.15
CA ALA B 462 26.73 19.71 3.90
C ALA B 462 26.30 18.31 3.50
N LEU B 463 25.26 18.24 2.66
CA LEU B 463 24.73 16.96 2.20
C LEU B 463 25.75 16.14 1.43
N ARG B 464 25.84 14.84 1.76
CA ARG B 464 26.78 13.95 1.09
C ARG B 464 26.09 12.85 0.30
N GLU B 465 26.38 12.81 -1.00
CA GLU B 465 25.81 11.80 -1.88
C GLU B 465 26.91 10.96 -2.51
N THR B 466 26.56 10.18 -3.53
CA THR B 466 27.55 9.39 -4.25
C THR B 466 28.48 10.29 -5.07
N VAL B 467 29.74 10.35 -4.67
CA VAL B 467 30.70 11.24 -5.31
C VAL B 467 31.30 10.62 -6.57
N VAL B 468 31.06 11.25 -7.71
CA VAL B 468 31.64 10.80 -8.97
C VAL B 468 32.78 11.74 -9.38
N GLU B 469 34.01 11.25 -9.22
CA GLU B 469 35.19 12.07 -9.49
C GLU B 469 36.29 11.26 -10.16
N VAL B 470 37.36 11.96 -10.53
CA VAL B 470 38.54 11.32 -11.10
C VAL B 470 39.57 11.05 -10.00
N PRO B 471 39.96 9.77 -9.84
CA PRO B 471 40.89 9.35 -8.79
C PRO B 471 42.22 10.11 -8.87
N GLN B 472 42.66 10.66 -7.74
CA GLN B 472 43.90 11.40 -7.68
C GLN B 472 45.07 10.51 -7.24
N VAL B 473 44.97 9.22 -7.58
CA VAL B 473 46.00 8.26 -7.22
C VAL B 473 46.55 7.54 -8.45
N THR B 474 47.85 7.64 -8.65
CA THR B 474 48.50 7.02 -9.80
C THR B 474 48.99 5.62 -9.49
N TRP B 475 49.80 5.06 -10.39
CA TRP B 475 50.34 3.72 -10.20
C TRP B 475 51.48 3.73 -9.20
N GLU B 476 52.06 4.91 -8.98
CA GLU B 476 53.20 5.05 -8.07
C GLU B 476 52.82 4.81 -6.62
N ASP B 477 51.52 4.83 -6.33
CA ASP B 477 51.03 4.55 -4.99
C ASP B 477 50.88 3.04 -4.77
N ILE B 478 51.06 2.28 -5.84
CA ILE B 478 50.99 0.82 -5.78
C ILE B 478 52.29 0.19 -6.26
N GLY B 479 52.98 -0.50 -5.36
CA GLY B 479 54.27 -1.06 -5.66
C GLY B 479 54.22 -2.23 -6.63
N GLY B 480 55.12 -2.22 -7.61
CA GLY B 480 55.24 -3.30 -8.56
C GLY B 480 53.99 -3.51 -9.39
N LEU B 481 53.72 -4.76 -9.73
CA LEU B 481 52.56 -5.14 -10.53
C LEU B 481 52.52 -4.43 -11.88
N GLU B 482 53.55 -4.63 -12.69
CA GLU B 482 53.62 -4.04 -14.01
C GLU B 482 52.79 -4.86 -14.98
N ASP B 483 52.56 -6.12 -14.63
CA ASP B 483 51.78 -7.03 -15.46
C ASP B 483 50.31 -6.63 -15.54
N VAL B 484 49.75 -6.19 -14.42
CA VAL B 484 48.34 -5.81 -14.38
C VAL B 484 48.13 -4.43 -14.97
N LYS B 485 49.20 -3.65 -15.07
CA LYS B 485 49.13 -2.33 -15.70
C LYS B 485 48.78 -2.47 -17.17
N ARG B 486 49.60 -3.24 -17.89
CA ARG B 486 49.38 -3.47 -19.31
C ARG B 486 48.10 -4.27 -19.55
N GLU B 487 47.79 -5.17 -18.62
CA GLU B 487 46.56 -5.94 -18.69
C GLU B 487 45.32 -5.06 -18.59
N LEU B 488 45.31 -4.18 -17.60
CA LEU B 488 44.19 -3.27 -17.40
C LEU B 488 44.07 -2.27 -18.54
N GLN B 489 45.20 -1.82 -19.06
CA GLN B 489 45.21 -0.88 -20.18
C GLN B 489 44.59 -1.47 -21.45
N GLU B 490 44.81 -2.76 -21.67
CA GLU B 490 44.19 -3.43 -22.82
C GLU B 490 42.68 -3.48 -22.68
N LEU B 491 42.21 -3.35 -21.44
CA LEU B 491 40.79 -3.48 -21.12
C LEU B 491 40.05 -2.14 -21.11
N VAL B 492 40.76 -1.06 -20.82
CA VAL B 492 40.13 0.26 -20.77
C VAL B 492 40.83 1.35 -21.57
N GLN B 493 42.17 1.34 -21.57
CA GLN B 493 42.92 2.35 -22.32
C GLN B 493 42.77 2.20 -23.83
N TYR B 494 42.87 0.96 -24.30
CA TYR B 494 42.75 0.68 -25.73
C TYR B 494 41.37 0.94 -26.34
N PRO B 495 40.28 0.48 -25.69
CA PRO B 495 38.97 0.72 -26.31
C PRO B 495 38.48 2.16 -26.26
N VAL B 496 39.27 3.08 -25.72
CA VAL B 496 38.86 4.49 -25.66
C VAL B 496 39.77 5.41 -26.47
N GLU B 497 41.05 5.08 -26.53
CA GLU B 497 42.00 5.89 -27.30
C GLU B 497 42.22 5.31 -28.69
N HIS B 498 41.83 4.05 -28.85
CA HIS B 498 41.88 3.41 -30.16
C HIS B 498 40.62 2.58 -30.41
N PRO B 499 39.45 3.26 -30.52
CA PRO B 499 38.20 2.54 -30.75
C PRO B 499 38.13 2.05 -32.19
N ASP B 500 38.83 2.74 -33.08
CA ASP B 500 38.87 2.38 -34.49
C ASP B 500 39.55 1.03 -34.71
N LYS B 501 40.54 0.73 -33.88
CA LYS B 501 41.29 -0.52 -34.00
C LYS B 501 40.45 -1.73 -33.60
N PHE B 502 39.60 -1.56 -32.58
CA PHE B 502 38.71 -2.63 -32.15
C PHE B 502 37.68 -2.96 -33.21
N LEU B 503 37.23 -1.94 -33.92
CA LEU B 503 36.26 -2.10 -35.00
C LEU B 503 36.92 -2.66 -36.26
N LYS B 504 38.22 -2.42 -36.40
CA LYS B 504 38.97 -2.92 -37.53
C LYS B 504 39.06 -4.43 -37.50
N PHE B 505 39.25 -4.98 -36.30
CA PHE B 505 39.42 -6.42 -36.13
C PHE B 505 38.09 -7.11 -35.80
N GLY B 506 37.10 -6.32 -35.40
CA GLY B 506 35.74 -6.81 -35.24
C GLY B 506 35.39 -7.37 -33.87
N MET B 507 36.38 -7.47 -32.99
CA MET B 507 36.12 -7.99 -31.65
C MET B 507 35.37 -6.96 -30.79
N THR B 508 34.68 -7.44 -29.77
CA THR B 508 33.96 -6.55 -28.87
C THR B 508 34.69 -6.47 -27.53
N PRO B 509 34.86 -5.24 -27.02
CA PRO B 509 35.59 -4.98 -25.76
C PRO B 509 34.93 -5.67 -24.57
N SER B 510 35.74 -6.07 -23.59
CA SER B 510 35.22 -6.68 -22.38
C SER B 510 34.40 -5.66 -21.60
N LYS B 511 33.34 -6.12 -20.96
CA LYS B 511 32.44 -5.22 -20.24
C LYS B 511 32.81 -5.10 -18.77
N GLY B 512 33.67 -5.99 -18.29
CA GLY B 512 34.09 -5.94 -16.91
C GLY B 512 35.14 -6.96 -16.49
N VAL B 513 35.79 -6.67 -15.35
CA VAL B 513 36.83 -7.52 -14.80
C VAL B 513 36.57 -7.73 -13.30
N LEU B 514 36.94 -8.90 -12.79
CA LEU B 514 36.81 -9.18 -11.37
C LEU B 514 38.16 -9.35 -10.70
N PHE B 515 38.39 -8.57 -9.64
CA PHE B 515 39.62 -8.68 -8.85
C PHE B 515 39.40 -9.61 -7.66
N TYR B 516 40.24 -10.63 -7.54
CA TYR B 516 40.17 -11.56 -6.41
C TYR B 516 41.55 -11.81 -5.80
N GLY B 517 41.57 -12.07 -4.49
CA GLY B 517 42.82 -12.25 -3.76
C GLY B 517 42.65 -11.88 -2.31
N PRO B 518 43.76 -11.92 -1.55
CA PRO B 518 43.71 -11.59 -0.12
C PRO B 518 43.45 -10.10 0.10
N PRO B 519 42.75 -9.77 1.20
CA PRO B 519 42.37 -8.39 1.53
C PRO B 519 43.58 -7.49 1.73
N GLY B 520 43.42 -6.20 1.42
CA GLY B 520 44.48 -5.23 1.63
C GLY B 520 45.66 -5.39 0.67
N CYS B 521 45.37 -5.70 -0.59
CA CYS B 521 46.41 -5.82 -1.59
C CYS B 521 46.27 -4.76 -2.67
N GLY B 522 45.39 -3.79 -2.43
CA GLY B 522 45.23 -2.66 -3.32
C GLY B 522 44.33 -2.93 -4.50
N LYS B 523 43.30 -3.75 -4.30
CA LYS B 523 42.32 -4.02 -5.35
C LYS B 523 41.54 -2.75 -5.66
N THR B 524 41.10 -2.06 -4.60
CA THR B 524 40.39 -0.81 -4.74
C THR B 524 41.35 0.25 -5.29
N LEU B 525 42.58 0.24 -4.78
CA LEU B 525 43.59 1.19 -5.19
C LEU B 525 43.94 1.02 -6.67
N LEU B 526 43.96 -0.23 -7.13
CA LEU B 526 44.21 -0.53 -8.54
C LEU B 526 43.12 0.03 -9.44
N ALA B 527 41.86 -0.21 -9.06
CA ALA B 527 40.71 0.27 -9.81
C ALA B 527 40.72 1.78 -9.95
N LYS B 528 41.24 2.47 -8.93
CA LYS B 528 41.37 3.91 -8.97
C LYS B 528 42.55 4.32 -9.84
N ALA B 529 43.67 3.62 -9.68
CA ALA B 529 44.89 3.91 -10.42
C ALA B 529 44.70 3.76 -11.94
N ILE B 530 43.95 2.75 -12.34
CA ILE B 530 43.69 2.51 -13.76
C ILE B 530 42.70 3.57 -14.28
N ALA B 531 41.81 4.02 -13.42
CA ALA B 531 40.88 5.08 -13.77
C ALA B 531 41.64 6.39 -13.92
N ASN B 532 42.71 6.52 -13.14
CA ASN B 532 43.58 7.68 -13.21
C ASN B 532 44.33 7.76 -14.54
N GLU B 533 44.69 6.60 -15.07
CA GLU B 533 45.41 6.54 -16.35
C GLU B 533 44.53 6.96 -17.52
N CYS B 534 43.25 6.56 -17.49
CA CYS B 534 42.32 6.93 -18.53
C CYS B 534 41.69 8.30 -18.26
N GLN B 535 41.95 8.81 -17.06
CA GLN B 535 41.36 10.07 -16.61
C GLN B 535 39.83 10.04 -16.70
N ALA B 536 39.25 8.88 -16.41
CA ALA B 536 37.81 8.70 -16.48
C ALA B 536 37.18 8.84 -15.10
N ASN B 537 35.85 8.83 -15.06
CA ASN B 537 35.14 8.95 -13.79
C ASN B 537 35.15 7.64 -13.02
N PHE B 538 35.07 7.74 -11.69
CA PHE B 538 35.12 6.55 -10.84
C PHE B 538 33.98 6.56 -9.83
N ILE B 539 33.34 5.41 -9.67
CA ILE B 539 32.27 5.26 -8.69
C ILE B 539 32.55 4.07 -7.78
N SER B 540 32.64 4.33 -6.49
CA SER B 540 32.97 3.29 -5.52
C SER B 540 31.75 2.89 -4.69
N ILE B 541 31.15 1.77 -5.04
CA ILE B 541 30.02 1.24 -4.28
C ILE B 541 30.52 0.31 -3.20
N LYS B 542 30.54 0.81 -1.98
CA LYS B 542 31.11 0.07 -0.84
C LYS B 542 30.28 -1.16 -0.48
N GLY B 543 30.91 -2.10 0.21
CA GLY B 543 30.27 -3.31 0.67
C GLY B 543 28.97 -3.12 1.44
N PRO B 544 29.02 -2.40 2.57
CA PRO B 544 27.84 -2.10 3.39
C PRO B 544 26.65 -1.53 2.60
N GLU B 545 26.92 -0.79 1.53
CA GLU B 545 25.85 -0.22 0.72
C GLU B 545 25.08 -1.32 -0.01
N LEU B 546 25.79 -2.35 -0.45
CA LEU B 546 25.17 -3.49 -1.10
C LEU B 546 24.27 -4.25 -0.13
N LEU B 547 24.77 -4.43 1.09
CA LEU B 547 24.01 -5.11 2.13
C LEU B 547 22.76 -4.32 2.53
N THR B 548 22.86 -3.00 2.45
CA THR B 548 21.74 -2.13 2.77
C THR B 548 20.55 -2.40 1.85
N MET B 549 20.84 -2.71 0.60
CA MET B 549 19.82 -3.07 -0.37
C MET B 549 19.29 -4.48 -0.12
N TRP B 550 20.17 -5.37 0.32
CA TRP B 550 19.81 -6.76 0.56
C TRP B 550 18.80 -6.87 1.71
N PHE B 551 19.14 -6.26 2.85
CA PHE B 551 18.28 -6.29 4.02
C PHE B 551 17.01 -5.47 3.81
N GLY B 552 17.14 -4.36 3.09
CA GLY B 552 16.01 -3.47 2.86
C GLY B 552 15.15 -3.86 1.67
N GLU B 553 15.51 -4.97 1.01
CA GLU B 553 14.78 -5.47 -0.16
C GLU B 553 14.68 -4.41 -1.25
N SER B 554 15.73 -3.61 -1.41
CA SER B 554 15.70 -2.51 -2.37
C SER B 554 16.73 -2.69 -3.48
N GLU B 555 16.51 -3.70 -4.32
CA GLU B 555 17.39 -3.94 -5.47
C GLU B 555 17.07 -2.97 -6.59
N ALA B 556 16.02 -2.18 -6.41
CA ALA B 556 15.58 -1.21 -7.41
C ALA B 556 16.60 -0.10 -7.63
N ASN B 557 17.29 0.29 -6.55
CA ASN B 557 18.28 1.36 -6.62
C ASN B 557 19.46 1.05 -7.54
N VAL B 558 19.67 -0.24 -7.80
CA VAL B 558 20.75 -0.69 -8.68
C VAL B 558 20.66 -0.05 -10.06
N ARG B 559 19.47 -0.05 -10.64
CA ARG B 559 19.24 0.58 -11.93
C ARG B 559 19.62 2.06 -11.92
N GLU B 560 19.24 2.76 -10.84
CA GLU B 560 19.52 4.18 -10.71
C GLU B 560 21.03 4.43 -10.68
N ILE B 561 21.76 3.48 -10.10
CA ILE B 561 23.22 3.56 -10.01
C ILE B 561 23.85 3.56 -11.40
N PHE B 562 23.48 2.58 -12.22
CA PHE B 562 24.00 2.46 -13.58
C PHE B 562 23.70 3.71 -14.39
N ASP B 563 22.53 4.28 -14.18
CA ASP B 563 22.12 5.49 -14.88
C ASP B 563 23.03 6.66 -14.52
N LYS B 564 23.45 6.71 -13.26
CA LYS B 564 24.35 7.77 -12.79
C LYS B 564 25.74 7.60 -13.38
N ALA B 565 26.12 6.35 -13.62
CA ALA B 565 27.41 6.06 -14.24
C ALA B 565 27.34 6.28 -15.74
N ARG B 566 26.20 5.92 -16.33
CA ARG B 566 25.98 6.10 -17.76
C ARG B 566 25.91 7.58 -18.12
N GLN B 567 25.38 8.38 -17.20
CA GLN B 567 25.26 9.82 -17.42
C GLN B 567 26.54 10.52 -16.95
N ALA B 568 27.62 9.76 -16.85
CA ALA B 568 28.91 10.30 -16.45
C ALA B 568 30.02 9.62 -17.24
N ALA B 569 29.66 9.04 -18.37
CA ALA B 569 30.62 8.36 -19.24
C ALA B 569 31.63 9.37 -19.81
N PRO B 570 32.91 8.99 -19.85
CA PRO B 570 33.48 7.70 -19.43
C PRO B 570 33.52 7.56 -17.90
N CYS B 571 33.22 6.37 -17.40
CA CYS B 571 33.14 6.13 -15.97
C CYS B 571 33.50 4.69 -15.62
N VAL B 572 34.04 4.50 -14.42
CA VAL B 572 34.38 3.16 -13.94
C VAL B 572 33.50 2.77 -12.75
N LEU B 573 32.69 1.75 -12.94
CA LEU B 573 31.79 1.27 -11.89
C LEU B 573 32.47 0.20 -11.05
N PHE B 574 32.78 0.53 -9.81
CA PHE B 574 33.54 -0.35 -8.94
C PHE B 574 32.72 -0.89 -7.77
N PHE B 575 32.63 -2.22 -7.69
CA PHE B 575 31.91 -2.89 -6.59
C PHE B 575 32.89 -3.53 -5.62
N ASP B 576 33.23 -2.82 -4.55
CA ASP B 576 34.13 -3.36 -3.54
C ASP B 576 33.41 -4.34 -2.63
N GLU B 577 34.07 -5.45 -2.34
CA GLU B 577 33.51 -6.50 -1.47
C GLU B 577 32.17 -7.03 -1.99
N LEU B 578 32.21 -7.58 -3.21
CA LEU B 578 31.01 -8.12 -3.85
C LEU B 578 30.44 -9.30 -3.06
N ASP B 579 31.33 -10.10 -2.49
CA ASP B 579 30.94 -11.32 -1.77
C ASP B 579 30.17 -11.04 -0.49
N SER B 580 30.18 -9.79 -0.05
CA SER B 580 29.55 -9.38 1.20
C SER B 580 28.10 -9.84 1.30
N ILE B 581 27.39 -9.77 0.17
CA ILE B 581 26.01 -10.23 0.11
C ILE B 581 25.94 -11.74 0.31
N ALA B 582 26.74 -12.47 -0.47
CA ALA B 582 26.81 -13.93 -0.35
C ALA B 582 27.29 -14.33 1.03
N LYS B 583 28.18 -13.52 1.62
CA LYS B 583 28.71 -13.76 2.95
C LYS B 583 27.60 -13.71 4.00
N ALA B 584 26.65 -12.81 3.80
CA ALA B 584 25.55 -12.63 4.73
C ALA B 584 24.62 -13.85 4.77
N ARG B 585 24.52 -14.55 3.65
CA ARG B 585 23.69 -15.74 3.57
C ARG B 585 24.44 -16.98 4.04
N GLY B 586 25.45 -16.77 4.89
CA GLY B 586 26.26 -17.85 5.41
C GLY B 586 27.56 -17.98 4.65
N GLY B 587 27.47 -17.86 3.32
CA GLY B 587 28.65 -17.95 2.48
C GLY B 587 29.10 -19.38 2.27
N ASN B 588 29.73 -19.95 3.29
CA ASN B 588 30.25 -21.31 3.23
C ASN B 588 29.14 -22.34 3.05
N ILE B 589 28.16 -22.30 3.95
CA ILE B 589 27.00 -23.17 3.85
C ILE B 589 25.72 -22.34 3.86
N GLY B 590 25.41 -21.76 5.01
CA GLY B 590 24.23 -20.91 5.13
C GLY B 590 22.93 -21.65 4.88
N ASP B 591 22.22 -21.24 3.85
CA ASP B 591 20.95 -21.86 3.49
C ASP B 591 21.22 -23.02 2.56
N GLY B 592 20.19 -23.83 2.31
CA GLY B 592 20.33 -24.95 1.40
C GLY B 592 20.33 -24.47 -0.03
N GLY B 593 21.44 -24.74 -0.73
CA GLY B 593 21.60 -24.27 -2.09
C GLY B 593 21.58 -22.75 -2.13
N GLY B 594 20.88 -22.20 -3.12
CA GLY B 594 20.75 -20.76 -3.25
C GLY B 594 22.06 -20.05 -3.52
N ALA B 595 22.32 -19.77 -4.79
CA ALA B 595 23.57 -19.11 -5.18
C ALA B 595 23.32 -17.69 -5.66
N ALA B 596 22.06 -17.37 -5.91
CA ALA B 596 21.70 -16.05 -6.44
C ALA B 596 20.84 -15.26 -5.46
N ASP B 597 21.03 -13.94 -5.46
CA ASP B 597 20.21 -13.04 -4.65
C ASP B 597 19.67 -11.91 -5.52
N ARG B 598 18.67 -11.20 -5.00
CA ARG B 598 17.99 -10.16 -5.78
C ARG B 598 18.90 -9.00 -6.21
N VAL B 599 19.85 -8.65 -5.35
CA VAL B 599 20.72 -7.50 -5.63
C VAL B 599 21.72 -7.80 -6.74
N ILE B 600 22.46 -8.91 -6.59
CA ILE B 600 23.43 -9.32 -7.59
C ILE B 600 22.74 -9.60 -8.93
N ASN B 601 21.57 -10.22 -8.85
CA ASN B 601 20.78 -10.52 -10.04
C ASN B 601 20.38 -9.25 -10.79
N GLN B 602 20.06 -8.20 -10.05
CA GLN B 602 19.60 -6.95 -10.64
C GLN B 602 20.76 -6.21 -11.30
N ILE B 603 21.96 -6.39 -10.75
CA ILE B 603 23.17 -5.79 -11.31
C ILE B 603 23.44 -6.34 -12.71
N LEU B 604 23.29 -7.65 -12.86
CA LEU B 604 23.49 -8.30 -14.15
C LEU B 604 22.49 -7.81 -15.19
N THR B 605 21.26 -7.57 -14.76
CA THR B 605 20.20 -7.10 -15.65
C THR B 605 20.56 -5.76 -16.27
N GLU B 606 20.97 -4.82 -15.43
CA GLU B 606 21.37 -3.50 -15.89
C GLU B 606 22.73 -3.54 -16.59
N MET B 607 23.47 -4.61 -16.33
CA MET B 607 24.77 -4.80 -16.97
C MET B 607 24.59 -5.24 -18.42
N ASP B 608 23.76 -6.25 -18.64
CA ASP B 608 23.48 -6.73 -19.99
C ASP B 608 22.72 -5.66 -20.78
N GLY B 609 21.82 -4.95 -20.10
CA GLY B 609 21.04 -3.91 -20.71
C GLY B 609 21.89 -2.74 -21.16
N MET B 610 22.95 -2.45 -20.40
CA MET B 610 23.86 -1.36 -20.74
C MET B 610 24.49 -1.61 -22.10
N SER B 611 24.60 -0.56 -22.90
CA SER B 611 25.17 -0.69 -24.24
C SER B 611 26.63 -1.13 -24.20
N THR B 612 26.94 -2.16 -24.98
CA THR B 612 28.30 -2.70 -25.04
C THR B 612 29.30 -1.70 -25.61
N LYS B 613 28.86 -0.91 -26.58
CA LYS B 613 29.75 0.04 -27.25
C LYS B 613 29.62 1.45 -26.67
N LYS B 614 29.40 1.52 -25.37
CA LYS B 614 29.39 2.78 -24.64
C LYS B 614 30.81 3.14 -24.23
N ASN B 615 30.99 3.47 -22.96
CA ASN B 615 32.31 3.76 -22.42
C ASN B 615 32.34 3.54 -20.91
N VAL B 616 31.32 2.88 -20.41
CA VAL B 616 31.21 2.58 -18.98
C VAL B 616 31.82 1.21 -18.69
N PHE B 617 32.73 1.16 -17.73
CA PHE B 617 33.41 -0.08 -17.39
C PHE B 617 33.15 -0.52 -15.95
N ILE B 618 33.01 -1.83 -15.75
CA ILE B 618 32.67 -2.38 -14.45
C ILE B 618 33.81 -3.21 -13.85
N ILE B 619 34.15 -2.94 -12.59
CA ILE B 619 35.18 -3.71 -11.90
C ILE B 619 34.66 -4.23 -10.56
N GLY B 620 34.68 -5.56 -10.39
CA GLY B 620 34.19 -6.17 -9.16
C GLY B 620 35.30 -6.75 -8.30
N ALA B 621 35.44 -6.23 -7.09
CA ALA B 621 36.47 -6.71 -6.17
C ALA B 621 35.89 -7.63 -5.10
N THR B 622 36.65 -8.67 -4.75
CA THR B 622 36.22 -9.62 -3.74
C THR B 622 37.42 -10.32 -3.10
N ASN B 623 37.30 -10.62 -1.81
CA ASN B 623 38.32 -11.39 -1.11
C ASN B 623 37.88 -12.84 -0.88
N ARG B 624 36.70 -13.18 -1.42
CA ARG B 624 36.19 -14.54 -1.35
C ARG B 624 35.49 -14.92 -2.65
N PRO B 625 36.30 -15.26 -3.68
CA PRO B 625 35.77 -15.62 -5.00
C PRO B 625 35.09 -16.98 -4.99
N ASP B 626 35.28 -17.73 -3.90
CA ASP B 626 34.74 -19.08 -3.80
C ASP B 626 33.24 -19.13 -3.51
N ILE B 627 32.64 -17.96 -3.29
CA ILE B 627 31.20 -17.91 -3.01
C ILE B 627 30.45 -16.99 -3.97
N ILE B 628 31.15 -16.49 -4.98
CA ILE B 628 30.54 -15.61 -5.98
C ILE B 628 29.74 -16.38 -7.02
N ASP B 629 28.53 -15.91 -7.28
CA ASP B 629 27.66 -16.47 -8.32
C ASP B 629 28.39 -16.50 -9.65
N PRO B 630 28.56 -17.70 -10.23
CA PRO B 630 29.24 -17.89 -11.52
C PRO B 630 28.55 -17.16 -12.67
N ALA B 631 27.33 -16.70 -12.46
CA ALA B 631 26.59 -15.98 -13.49
C ALA B 631 27.26 -14.67 -13.88
N ILE B 632 28.01 -14.09 -12.95
CA ILE B 632 28.70 -12.83 -13.22
C ILE B 632 29.99 -13.08 -13.99
N LEU B 633 30.50 -14.30 -13.91
CA LEU B 633 31.77 -14.65 -14.54
C LEU B 633 31.60 -15.12 -15.98
N ARG B 634 30.35 -15.14 -16.45
CA ARG B 634 30.07 -15.50 -17.83
C ARG B 634 30.62 -14.44 -18.78
N PRO B 635 31.09 -14.87 -19.96
CA PRO B 635 31.54 -13.97 -21.03
C PRO B 635 30.50 -12.87 -21.30
N GLY B 636 30.97 -11.65 -21.51
CA GLY B 636 30.09 -10.53 -21.78
C GLY B 636 29.68 -9.79 -20.52
N ARG B 637 30.25 -10.19 -19.39
CA ARG B 637 29.99 -9.52 -18.12
C ARG B 637 31.32 -9.21 -17.45
N LEU B 638 31.72 -10.05 -16.49
CA LEU B 638 33.05 -9.96 -15.91
C LEU B 638 33.91 -11.05 -16.53
N ASP B 639 34.35 -10.80 -17.77
CA ASP B 639 35.09 -11.77 -18.55
C ASP B 639 36.44 -12.13 -17.92
N GLN B 640 37.28 -11.12 -17.71
CA GLN B 640 38.62 -11.34 -17.20
C GLN B 640 38.64 -11.60 -15.69
N LEU B 641 39.45 -12.56 -15.29
CA LEU B 641 39.65 -12.87 -13.88
C LEU B 641 41.11 -12.65 -13.50
N ILE B 642 41.36 -11.62 -12.70
CA ILE B 642 42.72 -11.25 -12.35
C ILE B 642 42.99 -11.49 -10.86
N TYR B 643 44.04 -12.24 -10.57
CA TYR B 643 44.39 -12.56 -9.19
C TYR B 643 45.41 -11.58 -8.65
N ILE B 644 45.07 -10.94 -7.53
CA ILE B 644 45.99 -10.01 -6.89
C ILE B 644 46.44 -10.58 -5.56
N PRO B 645 47.69 -11.07 -5.52
CA PRO B 645 48.27 -11.70 -4.33
C PRO B 645 48.91 -10.67 -3.40
N LEU B 646 49.54 -11.15 -2.34
CA LEU B 646 50.28 -10.27 -1.46
C LEU B 646 51.48 -9.73 -2.23
N PRO B 647 51.83 -8.46 -2.00
CA PRO B 647 52.95 -7.84 -2.72
C PRO B 647 54.26 -8.59 -2.46
N ASP B 648 55.06 -8.77 -3.51
CA ASP B 648 56.31 -9.50 -3.37
C ASP B 648 57.41 -8.61 -2.79
N GLU B 649 58.65 -9.06 -2.94
CA GLU B 649 59.79 -8.35 -2.38
C GLU B 649 59.99 -6.98 -3.02
N LYS B 650 59.88 -6.92 -4.34
CA LYS B 650 60.08 -5.66 -5.05
C LYS B 650 58.90 -4.71 -4.88
N SER B 651 57.70 -5.27 -4.77
CA SER B 651 56.49 -4.46 -4.62
C SER B 651 56.46 -3.78 -3.25
N ARG B 652 56.86 -4.52 -2.21
CA ARG B 652 56.85 -4.00 -0.85
C ARG B 652 57.79 -2.80 -0.70
N VAL B 653 58.84 -2.77 -1.52
CA VAL B 653 59.77 -1.65 -1.52
C VAL B 653 59.06 -0.34 -1.86
N ALA B 654 58.39 -0.33 -3.01
CA ALA B 654 57.70 0.86 -3.48
C ALA B 654 56.48 1.20 -2.62
N ILE B 655 55.85 0.17 -2.06
CA ILE B 655 54.68 0.38 -1.20
C ILE B 655 55.05 1.11 0.09
N LEU B 656 56.13 0.67 0.73
CA LEU B 656 56.59 1.29 1.97
C LEU B 656 57.00 2.74 1.72
N LYS B 657 57.60 3.01 0.56
CA LYS B 657 57.97 4.37 0.19
C LYS B 657 56.72 5.22 0.03
N ALA B 658 55.67 4.61 -0.50
CA ALA B 658 54.40 5.30 -0.70
C ALA B 658 53.71 5.64 0.63
N ASN B 659 53.75 4.69 1.56
CA ASN B 659 53.11 4.88 2.86
C ASN B 659 53.85 5.87 3.76
N LEU B 660 55.08 6.20 3.38
CA LEU B 660 55.89 7.13 4.16
C LEU B 660 56.22 8.38 3.37
N ARG B 661 55.45 8.61 2.31
CA ARG B 661 55.62 9.78 1.46
C ARG B 661 55.28 11.06 2.22
N LYS B 662 54.39 10.95 3.20
CA LYS B 662 53.94 12.11 3.95
C LYS B 662 54.45 12.07 5.39
N SER B 663 55.67 11.60 5.57
CA SER B 663 56.26 11.51 6.91
C SER B 663 57.74 11.88 6.92
N PRO B 664 58.17 12.64 7.95
CA PRO B 664 59.57 13.07 8.11
C PRO B 664 60.48 11.91 8.48
N VAL B 665 60.59 10.91 7.61
CA VAL B 665 61.47 9.77 7.86
C VAL B 665 62.93 10.20 7.82
N ALA B 666 63.75 9.58 8.67
CA ALA B 666 65.16 9.91 8.74
C ALA B 666 65.93 9.25 7.60
N LYS B 667 67.21 9.57 7.49
CA LYS B 667 68.04 9.04 6.41
C LYS B 667 68.81 7.80 6.83
N ASP B 668 68.98 7.62 8.14
CA ASP B 668 69.63 6.43 8.67
C ASP B 668 68.68 5.23 8.62
N VAL B 669 67.43 5.50 8.26
CA VAL B 669 66.41 4.46 8.19
C VAL B 669 66.43 3.72 6.86
N ASP B 670 66.56 2.40 6.93
CA ASP B 670 66.56 1.57 5.73
C ASP B 670 65.15 1.07 5.48
N LEU B 671 64.66 1.27 4.26
CA LEU B 671 63.29 0.91 3.90
C LEU B 671 63.23 -0.42 3.16
N GLU B 672 64.18 -0.63 2.27
CA GLU B 672 64.26 -1.86 1.47
C GLU B 672 64.50 -3.08 2.36
N PHE B 673 65.15 -2.83 3.50
CA PHE B 673 65.47 -3.89 4.45
C PHE B 673 64.19 -4.50 5.04
N LEU B 674 63.20 -3.66 5.31
CA LEU B 674 61.92 -4.11 5.84
C LEU B 674 61.13 -4.92 4.80
N ALA B 675 61.44 -4.70 3.52
CA ALA B 675 60.79 -5.44 2.45
C ALA B 675 61.31 -6.88 2.43
N LYS B 676 62.50 -7.07 3.00
CA LYS B 676 63.09 -8.38 3.15
C LYS B 676 62.62 -8.99 4.46
N MET B 677 62.02 -8.15 5.30
CA MET B 677 61.54 -8.56 6.61
C MET B 677 60.14 -9.13 6.48
N THR B 678 59.27 -8.37 5.83
CA THR B 678 57.89 -8.79 5.61
C THR B 678 57.81 -9.67 4.37
N ASN B 679 57.27 -10.87 4.54
CA ASN B 679 57.08 -11.79 3.42
C ASN B 679 55.59 -12.04 3.17
N GLY B 680 54.96 -12.78 4.08
CA GLY B 680 53.53 -13.04 4.00
C GLY B 680 52.70 -11.86 4.48
N PHE B 681 53.10 -10.67 4.05
CA PHE B 681 52.41 -9.44 4.44
C PHE B 681 51.73 -8.80 3.24
N SER B 682 50.72 -7.97 3.51
CA SER B 682 49.99 -7.28 2.46
C SER B 682 50.21 -5.78 2.58
N GLY B 683 49.69 -5.04 1.61
CA GLY B 683 49.79 -3.58 1.63
C GLY B 683 49.14 -3.00 2.87
N ALA B 684 48.05 -3.63 3.31
CA ALA B 684 47.35 -3.22 4.52
C ALA B 684 48.21 -3.53 5.75
N ASP B 685 48.91 -4.65 5.70
CA ASP B 685 49.78 -5.05 6.80
C ASP B 685 50.94 -4.08 6.94
N LEU B 686 51.48 -3.66 5.80
CA LEU B 686 52.57 -2.68 5.77
C LEU B 686 52.14 -1.34 6.35
N THR B 687 50.93 -0.92 6.02
CA THR B 687 50.38 0.33 6.53
C THR B 687 50.21 0.28 8.04
N GLU B 688 49.77 -0.87 8.54
CA GLU B 688 49.61 -1.10 9.98
C GLU B 688 50.91 -0.88 10.75
N ILE B 689 52.02 -1.31 10.16
CA ILE B 689 53.33 -1.16 10.79
C ILE B 689 53.73 0.31 10.89
N CYS B 690 53.57 1.03 9.78
CA CYS B 690 53.91 2.45 9.73
C CYS B 690 53.14 3.30 10.74
N GLN B 691 51.84 3.06 10.85
CA GLN B 691 51.00 3.83 11.76
C GLN B 691 51.36 3.61 13.24
N ARG B 692 51.72 2.38 13.58
CA ARG B 692 52.13 2.08 14.95
C ARG B 692 53.45 2.77 15.28
N ALA B 693 54.29 2.94 14.27
CA ALA B 693 55.56 3.63 14.45
C ALA B 693 55.33 5.13 14.58
N CYS B 694 54.35 5.65 13.85
CA CYS B 694 54.02 7.07 13.89
C CYS B 694 53.38 7.47 15.21
N LYS B 695 52.60 6.58 15.80
CA LYS B 695 52.01 6.82 17.11
C LYS B 695 53.12 7.02 18.14
N LEU B 696 54.16 6.22 18.03
CA LEU B 696 55.31 6.33 18.91
C LEU B 696 56.11 7.58 18.57
N ALA B 697 56.12 7.94 17.30
CA ALA B 697 56.80 9.14 16.84
C ALA B 697 56.16 10.39 17.44
N ILE B 698 54.83 10.44 17.42
CA ILE B 698 54.08 11.55 18.00
C ILE B 698 54.18 11.47 19.52
N ARG B 699 54.21 10.25 20.05
CA ARG B 699 54.38 10.01 21.48
C ARG B 699 55.66 10.65 21.99
N GLU B 700 56.71 10.57 21.18
CA GLU B 700 58.01 11.13 21.54
C GLU B 700 57.98 12.65 21.61
N SER B 701 57.42 13.27 20.57
CA SER B 701 57.38 14.73 20.47
C SER B 701 56.57 15.39 21.57
N ILE B 702 55.41 14.81 21.87
CA ILE B 702 54.50 15.39 22.85
C ILE B 702 55.00 15.22 24.27
N GLU B 703 55.48 14.02 24.59
CA GLU B 703 55.94 13.71 25.94
C GLU B 703 57.19 14.51 26.33
N SER B 704 58.03 14.81 25.35
CA SER B 704 59.26 15.55 25.62
C SER B 704 59.00 17.03 25.92
N GLU B 705 58.17 17.66 25.11
CA GLU B 705 57.84 19.07 25.28
C GLU B 705 57.10 19.33 26.59
N ILE B 706 55.98 18.63 26.78
CA ILE B 706 55.17 18.77 27.98
C ILE B 706 55.85 18.22 29.24
N VAL B 727 63.31 19.05 16.21
CA VAL B 727 63.65 18.09 17.26
C VAL B 727 63.06 16.68 17.03
N PRO B 728 61.75 16.58 16.73
CA PRO B 728 61.22 15.22 16.56
C PRO B 728 60.98 14.82 15.10
N GLU B 729 61.77 13.87 14.63
CA GLU B 729 61.57 13.27 13.31
C GLU B 729 61.54 11.76 13.46
N ILE B 730 60.55 11.11 12.85
CA ILE B 730 60.40 9.66 12.97
C ILE B 730 61.66 8.93 12.50
N ARG B 731 62.24 8.16 13.42
CA ARG B 731 63.55 7.56 13.18
C ARG B 731 63.53 6.04 13.09
N ARG B 732 64.71 5.45 13.16
CA ARG B 732 64.90 4.02 12.95
C ARG B 732 64.24 3.16 14.03
N ASP B 733 64.57 3.42 15.28
CA ASP B 733 64.11 2.60 16.40
C ASP B 733 62.58 2.56 16.55
N HIS B 734 61.90 3.56 15.99
CA HIS B 734 60.44 3.58 15.98
C HIS B 734 59.90 2.37 15.25
N PHE B 735 60.46 2.10 14.07
CA PHE B 735 60.06 0.95 13.26
C PHE B 735 60.40 -0.35 13.97
N GLU B 736 61.61 -0.41 14.52
CA GLU B 736 62.09 -1.62 15.20
C GLU B 736 61.32 -1.90 16.49
N GLU B 737 60.65 -0.89 17.02
CA GLU B 737 59.85 -1.05 18.23
C GLU B 737 58.40 -1.34 17.85
N ALA B 738 58.02 -0.95 16.64
CA ALA B 738 56.67 -1.15 16.13
C ALA B 738 56.47 -2.58 15.61
N MET B 739 57.57 -3.23 15.26
CA MET B 739 57.53 -4.58 14.70
C MET B 739 57.09 -5.61 15.74
N ARG B 740 57.13 -5.23 17.00
CA ARG B 740 56.74 -6.13 18.09
C ARG B 740 55.22 -6.34 18.11
N PHE B 741 54.49 -5.37 17.57
CA PHE B 741 53.04 -5.48 17.43
C PHE B 741 52.66 -5.61 15.95
N ALA B 742 53.41 -6.41 15.22
CA ALA B 742 53.13 -6.63 13.80
C ALA B 742 52.47 -7.97 13.58
N ARG B 743 51.44 -8.00 12.73
CA ARG B 743 50.69 -9.22 12.44
C ARG B 743 50.64 -9.54 10.96
N ARG B 744 50.39 -10.81 10.66
CA ARG B 744 50.17 -11.25 9.29
C ARG B 744 48.68 -11.55 9.12
N SER B 745 47.94 -10.54 8.68
CA SER B 745 46.49 -10.65 8.58
C SER B 745 46.04 -11.75 7.61
N VAL B 746 46.84 -11.95 6.57
CA VAL B 746 46.54 -12.97 5.58
C VAL B 746 47.14 -14.31 5.99
N SER B 747 46.30 -15.23 6.44
CA SER B 747 46.76 -16.53 6.91
C SER B 747 47.20 -17.40 5.73
N ASP B 748 48.15 -18.31 6.00
CA ASP B 748 48.70 -19.18 4.97
C ASP B 748 47.64 -20.09 4.34
N ASP B 749 46.71 -20.56 5.17
CA ASP B 749 45.63 -21.43 4.70
C ASP B 749 44.72 -20.70 3.71
N ASP B 750 44.50 -19.41 3.95
CA ASP B 750 43.71 -18.59 3.04
C ASP B 750 44.45 -18.37 1.72
N ILE B 751 45.77 -18.22 1.80
CA ILE B 751 46.60 -18.07 0.60
C ILE B 751 46.53 -19.32 -0.26
N ASP B 752 46.67 -20.48 0.38
CA ASP B 752 46.62 -21.76 -0.30
C ASP B 752 45.24 -22.00 -0.93
N LYS B 753 44.21 -21.51 -0.27
CA LYS B 753 42.85 -21.60 -0.80
C LYS B 753 42.72 -20.81 -2.10
N TYR B 754 43.38 -19.66 -2.15
CA TYR B 754 43.35 -18.80 -3.34
C TYR B 754 44.17 -19.39 -4.47
N GLU B 755 45.21 -20.13 -4.12
CA GLU B 755 46.01 -20.83 -5.11
C GLU B 755 45.20 -21.93 -5.76
N ASP B 756 44.41 -22.64 -4.95
CA ASP B 756 43.52 -23.69 -5.44
C ASP B 756 42.55 -23.14 -6.49
N PHE B 757 41.95 -22.00 -6.19
CA PHE B 757 41.00 -21.37 -7.10
C PHE B 757 41.71 -20.93 -8.39
N ALA B 758 42.93 -20.43 -8.24
CA ALA B 758 43.71 -19.97 -9.39
C ALA B 758 44.21 -21.14 -10.23
N ASP B 759 44.35 -22.30 -9.59
CA ASP B 759 44.73 -23.52 -10.29
C ASP B 759 43.60 -24.04 -11.16
N THR B 760 42.40 -24.06 -10.60
CA THR B 760 41.23 -24.57 -11.29
C THR B 760 40.88 -23.76 -12.53
N LEU B 761 41.10 -22.46 -12.46
CA LEU B 761 40.76 -21.56 -13.56
C LEU B 761 41.57 -21.82 -14.83
N GLN B 762 42.79 -22.29 -14.67
CA GLN B 762 43.65 -22.59 -15.82
C GLN B 762 44.22 -23.99 -15.75
N GLY B 766 49.34 -27.96 -23.07
CA GLY B 766 48.72 -27.90 -24.40
C GLY B 766 49.78 -27.85 -25.50
N PHE B 767 49.34 -27.96 -26.74
CA PHE B 767 50.26 -27.92 -27.88
C PHE B 767 49.53 -27.49 -29.16
N GLY B 768 50.22 -26.71 -29.98
CA GLY B 768 49.65 -26.22 -31.24
C GLY B 768 50.77 -25.83 -32.20
N SER B 769 50.60 -26.13 -33.49
CA SER B 769 51.63 -25.86 -34.49
C SER B 769 51.06 -25.49 -35.85
N PHE B 770 50.48 -26.48 -36.53
CA PHE B 770 49.93 -26.34 -37.88
C PHE B 770 50.99 -26.04 -38.95
N ARG B 771 50.75 -26.52 -40.16
CA ARG B 771 51.69 -26.33 -41.27
C ARG B 771 50.99 -26.33 -42.62
N ASN C 20 42.93 56.21 20.15
CA ASN C 20 41.53 55.80 20.10
C ASN C 20 40.82 56.01 21.43
N ARG C 21 41.51 56.72 22.34
CA ARG C 21 41.02 56.98 23.70
C ARG C 21 40.81 55.70 24.51
N PRO C 22 41.68 55.47 25.50
CA PRO C 22 41.65 54.28 26.35
C PRO C 22 40.56 54.32 27.42
N ASN C 23 39.55 55.15 27.23
CA ASN C 23 38.44 55.23 28.17
C ASN C 23 37.13 54.82 27.54
N ARG C 24 37.19 54.46 26.26
CA ARG C 24 36.02 54.02 25.53
C ARG C 24 36.01 52.49 25.42
N LEU C 25 35.04 51.87 26.09
CA LEU C 25 34.99 50.41 26.17
C LEU C 25 33.67 49.84 25.61
N ILE C 26 33.61 48.51 25.55
CA ILE C 26 32.44 47.83 25.01
C ILE C 26 31.69 47.06 26.09
N VAL C 27 30.39 47.31 26.20
CA VAL C 27 29.56 46.63 27.19
C VAL C 27 29.35 45.15 26.84
N ASP C 28 29.69 44.28 27.80
CA ASP C 28 29.54 42.84 27.62
C ASP C 28 28.67 42.25 28.72
N GLU C 29 28.37 40.96 28.62
CA GLU C 29 27.59 40.26 29.63
C GLU C 29 28.36 40.24 30.95
N ALA C 30 27.63 40.06 32.06
CA ALA C 30 28.25 40.11 33.38
C ALA C 30 28.44 38.73 33.99
N ILE C 31 29.53 38.56 34.73
CA ILE C 31 29.79 37.34 35.48
C ILE C 31 29.32 37.54 36.92
N ASN C 32 29.52 38.75 37.42
CA ASN C 32 29.06 39.12 38.75
C ASN C 32 27.66 39.71 38.65
N GLU C 33 26.68 38.99 39.19
CA GLU C 33 25.28 39.38 39.05
C GLU C 33 24.85 40.50 40.01
N ASP C 34 25.82 41.10 40.69
CA ASP C 34 25.52 42.22 41.58
C ASP C 34 25.10 43.43 40.76
N ASN C 35 24.14 44.19 41.29
CA ASN C 35 23.55 45.31 40.55
C ASN C 35 24.48 46.50 40.38
N SER C 36 25.36 46.72 41.34
CA SER C 36 26.24 47.89 41.32
C SER C 36 27.71 47.53 41.11
N VAL C 37 27.98 46.73 40.10
CA VAL C 37 29.36 46.34 39.80
C VAL C 37 29.62 46.27 38.29
N VAL C 38 30.79 46.73 37.87
CA VAL C 38 31.21 46.63 36.48
C VAL C 38 32.60 45.99 36.39
N SER C 39 32.67 44.83 35.77
CA SER C 39 33.91 44.05 35.73
C SER C 39 34.82 44.45 34.57
N LEU C 40 36.10 44.62 34.88
CA LEU C 40 37.11 44.93 33.87
C LEU C 40 38.25 43.93 33.97
N SER C 41 39.07 43.85 32.93
CA SER C 41 40.23 42.97 32.94
C SER C 41 41.34 43.64 33.74
N GLN C 42 42.25 42.82 34.27
CA GLN C 42 43.35 43.32 35.10
C GLN C 42 44.28 44.31 34.40
N PRO C 43 44.78 43.97 33.19
CA PRO C 43 45.71 44.93 32.57
C PRO C 43 45.03 46.22 32.12
N LYS C 44 43.73 46.17 31.88
CA LYS C 44 43.01 47.37 31.45
C LYS C 44 42.88 48.35 32.61
N MET C 45 42.70 47.80 33.82
CA MET C 45 42.59 48.61 35.02
C MET C 45 43.93 49.24 35.37
N ASP C 46 45.00 48.66 34.83
CA ASP C 46 46.34 49.19 35.02
C ASP C 46 46.56 50.37 34.07
N GLU C 47 45.86 50.33 32.94
CA GLU C 47 45.93 51.40 31.94
C GLU C 47 44.99 52.56 32.31
N LEU C 48 43.90 52.23 32.98
CA LEU C 48 42.88 53.21 33.33
C LEU C 48 43.07 53.77 34.74
N GLN C 49 44.11 53.29 35.41
CA GLN C 49 44.44 53.69 36.78
C GLN C 49 43.26 53.44 37.72
N LEU C 50 42.76 52.21 37.73
CA LEU C 50 41.65 51.85 38.61
C LEU C 50 42.07 50.74 39.57
N PHE C 51 41.60 50.85 40.81
CA PHE C 51 41.94 49.86 41.83
C PHE C 51 40.77 48.92 42.15
N ARG C 52 40.94 48.09 43.17
CA ARG C 52 39.98 47.03 43.49
C ARG C 52 38.68 47.50 44.14
N GLY C 53 38.36 48.78 44.00
CA GLY C 53 37.12 49.30 44.57
C GLY C 53 36.90 50.78 44.30
N ASP C 54 37.60 51.30 43.30
CA ASP C 54 37.46 52.71 42.93
C ASP C 54 36.08 52.99 42.36
N THR C 55 35.42 54.02 42.87
CA THR C 55 34.10 54.40 42.39
C THR C 55 34.22 55.08 41.03
N VAL C 56 33.68 54.44 40.01
CA VAL C 56 33.77 54.95 38.63
C VAL C 56 32.46 55.58 38.16
N LEU C 57 32.56 56.41 37.12
CA LEU C 57 31.40 57.09 36.56
C LEU C 57 31.17 56.66 35.12
N LEU C 58 30.02 56.04 34.86
CA LEU C 58 29.70 55.55 33.53
C LEU C 58 28.71 56.44 32.77
N LYS C 59 28.99 56.66 31.49
CA LYS C 59 28.10 57.39 30.61
C LYS C 59 27.83 56.57 29.35
N GLY C 60 26.63 56.67 28.82
CA GLY C 60 26.26 55.92 27.64
C GLY C 60 25.40 56.71 26.67
N LYS C 61 24.54 56.01 25.93
CA LYS C 61 23.68 56.66 24.94
C LYS C 61 22.51 57.36 25.61
N LYS C 62 21.78 58.16 24.83
CA LYS C 62 20.71 59.02 25.32
C LYS C 62 21.19 60.02 26.36
N ARG C 63 22.52 60.21 26.42
CA ARG C 63 23.16 61.12 27.36
C ARG C 63 22.69 60.94 28.81
N ARG C 64 23.12 59.83 29.42
CA ARG C 64 22.79 59.54 30.80
C ARG C 64 24.03 59.08 31.55
N GLU C 65 23.99 59.17 32.87
CA GLU C 65 25.15 58.82 33.69
C GLU C 65 24.81 57.72 34.68
N ALA C 66 25.82 57.01 35.13
CA ALA C 66 25.65 55.95 36.12
C ALA C 66 26.95 55.74 36.91
N VAL C 67 26.80 55.33 38.16
CA VAL C 67 27.95 55.14 39.04
C VAL C 67 27.97 53.71 39.55
N CYS C 68 29.13 53.05 39.42
CA CYS C 68 29.27 51.67 39.89
C CYS C 68 30.64 51.46 40.51
N ILE C 69 30.97 50.20 40.77
CA ILE C 69 32.27 49.84 41.34
C ILE C 69 33.00 48.88 40.41
N VAL C 70 34.23 49.22 40.06
CA VAL C 70 35.01 48.41 39.13
C VAL C 70 35.75 47.27 39.84
N LEU C 71 35.64 46.06 39.27
CA LEU C 71 36.34 44.90 39.79
C LEU C 71 37.16 44.24 38.69
N SER C 72 38.06 43.34 39.08
CA SER C 72 38.91 42.65 38.12
C SER C 72 38.32 41.31 37.71
N ASP C 73 38.17 41.10 36.41
CA ASP C 73 37.66 39.84 35.89
C ASP C 73 38.67 39.24 34.90
N ASP C 74 39.22 38.09 35.28
CA ASP C 74 40.22 37.40 34.46
C ASP C 74 39.63 36.90 33.15
N THR C 75 38.34 36.55 33.17
CA THR C 75 37.67 36.00 32.00
C THR C 75 37.23 37.11 31.03
N CYS C 76 37.39 38.36 31.46
CA CYS C 76 37.03 39.50 30.63
C CYS C 76 38.20 39.95 29.77
N SER C 77 37.89 40.52 28.60
CA SER C 77 38.92 41.02 27.70
C SER C 77 39.21 42.48 27.99
N ASP C 78 40.29 42.99 27.40
CA ASP C 78 40.76 44.35 27.65
C ASP C 78 39.83 45.44 27.11
N GLU C 79 39.30 45.23 25.92
CA GLU C 79 38.49 46.25 25.25
C GLU C 79 37.00 46.11 25.56
N LYS C 80 36.66 45.29 26.55
CA LYS C 80 35.27 45.12 26.95
C LYS C 80 35.06 45.40 28.43
N ILE C 81 33.80 45.63 28.81
CA ILE C 81 33.45 45.86 30.22
C ILE C 81 32.15 45.13 30.54
N ARG C 82 32.18 44.35 31.62
CA ARG C 82 31.03 43.53 31.98
C ARG C 82 30.04 44.24 32.90
N MET C 83 28.76 44.13 32.57
CA MET C 83 27.70 44.71 33.37
C MET C 83 26.37 44.00 33.10
N ASN C 84 25.58 43.81 34.16
CA ASN C 84 24.28 43.15 34.02
C ASN C 84 23.25 44.09 33.41
N ARG C 85 22.01 43.63 33.25
CA ARG C 85 20.99 44.40 32.56
C ARG C 85 20.56 45.65 33.32
N VAL C 86 20.81 45.67 34.63
CA VAL C 86 20.43 46.82 35.45
C VAL C 86 21.23 48.06 35.04
N VAL C 87 22.57 47.94 35.07
CA VAL C 87 23.45 49.02 34.65
C VAL C 87 23.28 49.28 33.16
N ARG C 88 23.09 48.20 32.41
CA ARG C 88 22.96 48.25 30.96
C ARG C 88 21.76 49.10 30.53
N ASN C 89 20.62 48.91 31.20
CA ASN C 89 19.41 49.64 30.88
C ASN C 89 19.44 51.07 31.41
N ASN C 90 20.18 51.28 32.49
CA ASN C 90 20.33 52.62 33.07
C ASN C 90 21.14 53.53 32.15
N LEU C 91 22.00 52.92 31.33
CA LEU C 91 22.82 53.67 30.39
C LEU C 91 22.18 53.74 29.01
N ARG C 92 21.01 53.11 28.87
CA ARG C 92 20.29 53.04 27.61
C ARG C 92 21.14 52.47 26.49
N VAL C 93 21.86 51.39 26.79
CA VAL C 93 22.75 50.76 25.82
C VAL C 93 22.42 49.28 25.62
N ARG C 94 22.87 48.72 24.51
CA ARG C 94 22.72 47.29 24.24
C ARG C 94 24.10 46.66 24.22
N LEU C 95 24.15 45.32 24.21
CA LEU C 95 25.42 44.61 24.20
C LEU C 95 26.25 44.92 22.96
N GLY C 96 27.27 45.74 23.13
CA GLY C 96 28.15 46.11 22.03
C GLY C 96 28.37 47.60 21.90
N ASP C 97 27.51 48.38 22.55
CA ASP C 97 27.61 49.84 22.48
C ASP C 97 28.84 50.36 23.24
N VAL C 98 29.16 51.63 23.02
CA VAL C 98 30.33 52.23 23.65
C VAL C 98 29.97 53.07 24.88
N ILE C 99 30.72 52.90 25.95
CA ILE C 99 30.53 53.66 27.17
C ILE C 99 31.85 54.25 27.66
N SER C 100 31.79 55.39 28.32
CA SER C 100 33.00 56.05 28.80
C SER C 100 33.14 55.94 30.32
N ILE C 101 34.08 55.12 30.76
CA ILE C 101 34.34 54.92 32.19
C ILE C 101 35.46 55.84 32.67
N GLN C 102 35.30 56.39 33.88
CA GLN C 102 36.30 57.28 34.45
C GLN C 102 36.27 57.23 35.97
N PRO C 103 37.44 57.31 36.61
CA PRO C 103 37.52 57.29 38.08
C PRO C 103 36.88 58.52 38.68
N CYS C 104 36.04 58.33 39.70
CA CYS C 104 35.36 59.43 40.37
C CYS C 104 35.47 59.29 41.89
N PRO C 105 36.58 59.75 42.47
CA PRO C 105 36.85 59.59 43.90
C PRO C 105 36.28 60.71 44.75
N ASP C 106 35.54 61.64 44.15
CA ASP C 106 34.96 62.74 44.91
C ASP C 106 33.54 62.43 45.36
N VAL C 107 33.11 61.19 45.15
CA VAL C 107 31.78 60.75 45.57
C VAL C 107 31.80 60.38 47.05
N LYS C 108 31.06 61.14 47.86
CA LYS C 108 31.01 60.88 49.29
C LYS C 108 29.69 60.22 49.69
N TYR C 109 29.58 59.88 50.98
CA TYR C 109 28.41 59.18 51.50
C TYR C 109 27.14 60.02 51.35
N GLY C 110 26.01 59.33 51.29
CA GLY C 110 24.73 59.99 51.15
C GLY C 110 24.14 60.43 52.47
N LYS C 111 23.14 61.31 52.40
CA LYS C 111 22.47 61.81 53.59
C LYS C 111 21.04 61.27 53.64
N ARG C 112 20.22 61.75 52.71
CA ARG C 112 18.84 61.29 52.60
C ARG C 112 18.56 60.89 51.16
N ILE C 113 17.87 59.77 50.99
CA ILE C 113 17.60 59.24 49.65
C ILE C 113 16.13 58.90 49.46
N HIS C 114 15.50 59.54 48.47
CA HIS C 114 14.10 59.30 48.18
C HIS C 114 13.98 58.28 47.04
N VAL C 115 13.44 57.10 47.35
CA VAL C 115 13.25 56.08 46.34
C VAL C 115 11.79 55.65 46.25
N LEU C 116 11.37 55.24 45.06
CA LEU C 116 9.98 54.84 44.83
C LEU C 116 9.90 53.61 43.95
N PRO C 117 9.00 52.68 44.28
CA PRO C 117 8.80 51.46 43.50
C PRO C 117 7.97 51.73 42.26
N ILE C 118 7.96 50.78 41.32
CA ILE C 118 7.20 50.91 40.09
C ILE C 118 5.89 50.13 40.16
N ASP C 119 4.82 50.71 39.60
CA ASP C 119 3.48 50.15 39.69
C ASP C 119 3.33 48.72 39.16
N ASP C 120 4.02 48.41 38.06
CA ASP C 120 3.89 47.09 37.45
C ASP C 120 4.82 46.06 38.10
N THR C 121 5.36 46.42 39.26
CA THR C 121 6.26 45.54 40.00
C THR C 121 5.85 45.44 41.47
N VAL C 122 4.74 46.07 41.81
CA VAL C 122 4.23 46.04 43.18
C VAL C 122 2.79 45.56 43.19
N GLU C 123 2.29 45.18 42.02
CA GLU C 123 0.92 44.70 41.87
C GLU C 123 0.70 43.40 42.64
N GLY C 124 0.18 43.51 43.86
CA GLY C 124 -0.12 42.34 44.66
C GLY C 124 0.38 42.37 46.09
N ILE C 125 1.49 43.07 46.33
CA ILE C 125 2.07 43.13 47.67
C ILE C 125 1.88 44.49 48.34
N THR C 126 1.86 44.47 49.68
CA THR C 126 1.77 45.69 50.47
C THR C 126 2.45 45.48 51.82
N GLY C 127 2.65 46.56 52.56
CA GLY C 127 3.29 46.49 53.86
C GLY C 127 4.65 47.16 53.87
N ASN C 128 5.53 46.70 54.75
CA ASN C 128 6.85 47.29 54.90
C ASN C 128 7.80 46.86 53.78
N LEU C 129 7.92 47.71 52.75
CA LEU C 129 8.81 47.43 51.64
C LEU C 129 10.26 47.69 52.03
N PHE C 130 10.45 48.63 52.95
CA PHE C 130 11.78 49.00 53.43
C PHE C 130 12.46 47.85 54.16
N GLU C 131 11.71 47.17 55.03
CA GLU C 131 12.26 46.10 55.85
C GLU C 131 12.51 44.86 55.00
N VAL C 132 11.70 44.69 53.96
CA VAL C 132 11.81 43.53 53.09
C VAL C 132 12.85 43.69 51.99
N TYR C 133 12.76 44.78 51.24
CA TYR C 133 13.62 44.98 50.07
C TYR C 133 14.80 45.91 50.31
N LEU C 134 14.52 47.15 50.68
CA LEU C 134 15.53 48.19 50.79
C LEU C 134 16.64 47.89 51.79
N LYS C 135 16.27 47.59 53.04
CA LYS C 135 17.24 47.38 54.11
C LYS C 135 18.28 46.29 53.84
N PRO C 136 17.87 45.09 53.40
CA PRO C 136 18.90 44.09 53.14
C PRO C 136 19.76 44.44 51.93
N TYR C 137 19.23 45.28 51.04
CA TYR C 137 19.95 45.63 49.80
C TYR C 137 21.10 46.60 50.06
N PHE C 138 20.87 47.60 50.91
CA PHE C 138 21.90 48.58 51.21
C PHE C 138 22.63 48.26 52.52
N LEU C 139 22.35 47.09 53.08
CA LEU C 139 22.94 46.66 54.35
C LEU C 139 24.46 46.57 54.30
N GLU C 140 25.12 47.65 54.70
CA GLU C 140 26.59 47.73 54.73
C GLU C 140 27.21 47.34 53.39
N ALA C 141 26.62 47.84 52.30
CA ALA C 141 27.10 47.51 50.97
C ALA C 141 27.80 48.69 50.32
N TYR C 142 27.46 49.90 50.77
CA TYR C 142 28.02 51.13 50.22
C TYR C 142 27.81 51.21 48.71
N ARG C 143 26.58 51.03 48.27
CA ARG C 143 26.27 51.05 46.84
C ARG C 143 26.16 52.47 46.31
N PRO C 144 26.99 52.81 45.32
CA PRO C 144 26.99 54.15 44.73
C PRO C 144 25.85 54.33 43.72
N ILE C 145 24.75 54.90 44.19
CA ILE C 145 23.59 55.14 43.34
C ILE C 145 23.53 56.58 42.86
N ARG C 146 22.74 56.81 41.82
CA ARG C 146 22.58 58.15 41.25
C ARG C 146 21.11 58.44 40.96
N LYS C 147 20.74 59.71 41.04
CA LYS C 147 19.40 60.16 40.68
C LYS C 147 19.09 59.76 39.23
N GLY C 148 18.12 58.87 39.06
CA GLY C 148 17.75 58.41 37.74
C GLY C 148 18.00 56.93 37.53
N ASP C 149 18.83 56.35 38.39
CA ASP C 149 19.13 54.92 38.30
C ASP C 149 17.91 54.08 38.61
N ILE C 150 17.80 52.93 37.94
CA ILE C 150 16.69 52.01 38.16
C ILE C 150 17.24 50.65 38.54
N PHE C 151 17.23 50.36 39.84
CA PHE C 151 17.76 49.09 40.33
C PHE C 151 16.64 48.11 40.66
N LEU C 152 17.00 46.83 40.74
CA LEU C 152 16.01 45.78 40.96
C LEU C 152 16.34 44.99 42.22
N VAL C 153 15.35 44.87 43.10
CA VAL C 153 15.52 44.12 44.34
C VAL C 153 14.62 42.90 44.33
N ARG C 154 15.21 41.73 44.53
CA ARG C 154 14.46 40.49 44.52
C ARG C 154 14.13 40.03 45.93
N GLY C 155 12.88 39.62 46.14
CA GLY C 155 12.42 39.18 47.45
C GLY C 155 10.91 39.06 47.50
N GLY C 156 10.41 38.36 48.51
CA GLY C 156 8.99 38.14 48.66
C GLY C 156 8.41 37.32 47.51
N MET C 157 9.20 36.38 47.02
CA MET C 157 8.83 35.52 45.91
C MET C 157 8.44 36.31 44.66
N ARG C 158 9.14 37.41 44.43
CA ARG C 158 8.96 38.22 43.23
C ARG C 158 10.14 39.15 43.00
N ALA C 159 9.95 40.11 42.10
CA ALA C 159 10.98 41.11 41.81
C ALA C 159 10.35 42.50 41.72
N VAL C 160 10.95 43.47 42.40
CA VAL C 160 10.43 44.83 42.43
C VAL C 160 11.48 45.83 41.97
N GLU C 161 11.11 46.67 41.01
CA GLU C 161 12.03 47.68 40.48
C GLU C 161 11.82 49.03 41.18
N PHE C 162 12.93 49.66 41.54
CA PHE C 162 12.91 50.99 42.15
C PHE C 162 13.70 51.96 41.29
N LYS C 163 13.24 53.21 41.25
CA LYS C 163 13.99 54.25 40.56
C LYS C 163 14.39 55.35 41.54
N VAL C 164 15.69 55.64 41.59
CA VAL C 164 16.20 56.67 42.49
C VAL C 164 15.70 58.05 42.09
N VAL C 165 14.77 58.58 42.89
CA VAL C 165 14.15 59.86 42.60
C VAL C 165 15.03 61.03 43.02
N GLU C 166 15.43 61.04 44.30
CA GLU C 166 16.22 62.15 44.82
C GLU C 166 17.21 61.74 45.91
N THR C 167 18.44 62.21 45.77
CA THR C 167 19.47 62.02 46.79
C THR C 167 19.96 63.39 47.26
N ASP C 168 20.20 63.52 48.56
CA ASP C 168 20.62 64.81 49.12
C ASP C 168 21.98 65.29 48.57
N PRO C 169 23.00 64.41 48.53
CA PRO C 169 24.23 64.83 47.85
C PRO C 169 24.11 64.68 46.34
N SER C 170 23.35 65.59 45.72
CA SER C 170 23.11 65.56 44.27
C SER C 170 24.40 65.73 43.47
N PRO C 171 24.51 65.02 42.33
CA PRO C 171 23.51 64.08 41.82
C PRO C 171 23.67 62.65 42.36
N TYR C 172 24.91 62.16 42.41
CA TYR C 172 25.16 60.80 42.87
C TYR C 172 25.83 60.75 44.24
N CYS C 173 25.53 59.69 44.99
CA CYS C 173 26.10 59.51 46.32
C CYS C 173 26.15 58.04 46.71
N ILE C 174 26.93 57.74 47.73
CA ILE C 174 27.06 56.37 48.23
C ILE C 174 26.17 56.17 49.46
N VAL C 175 25.47 55.03 49.49
CA VAL C 175 24.56 54.75 50.59
C VAL C 175 25.29 54.27 51.84
N ALA C 176 25.39 55.16 52.82
CA ALA C 176 26.00 54.85 54.11
C ALA C 176 24.94 54.25 55.03
N PRO C 177 25.37 53.51 56.07
CA PRO C 177 24.40 52.93 57.00
C PRO C 177 23.68 53.97 57.86
N ASP C 178 24.03 55.25 57.69
CA ASP C 178 23.34 56.31 58.40
C ASP C 178 22.38 57.04 57.47
N THR C 179 22.51 56.76 56.18
CA THR C 179 21.69 57.42 55.16
C THR C 179 20.21 57.12 55.30
N VAL C 180 19.41 58.18 55.45
CA VAL C 180 17.96 58.05 55.58
C VAL C 180 17.34 57.63 54.26
N ILE C 181 16.53 56.56 54.30
CA ILE C 181 15.87 56.06 53.10
C ILE C 181 14.37 56.33 53.19
N HIS C 182 13.89 57.24 52.36
CA HIS C 182 12.48 57.64 52.37
C HIS C 182 11.64 56.86 51.36
N CYS C 183 10.44 56.49 51.80
CA CYS C 183 9.48 55.78 50.96
C CYS C 183 8.13 56.49 51.04
N GLU C 184 7.83 57.31 50.04
CA GLU C 184 6.62 58.13 50.04
C GLU C 184 5.37 57.26 49.85
N GLY C 185 5.59 56.02 49.43
CA GLY C 185 4.51 55.08 49.20
C GLY C 185 3.64 55.52 48.05
N GLU C 186 4.28 55.89 46.95
CA GLU C 186 3.58 56.29 45.74
C GLU C 186 4.25 55.67 44.52
N PRO C 187 3.63 54.60 43.96
CA PRO C 187 4.14 53.92 42.78
C PRO C 187 4.24 54.86 41.58
N ILE C 188 5.32 54.78 40.81
CA ILE C 188 5.50 55.66 39.67
C ILE C 188 5.23 54.93 38.36
N LYS C 189 4.93 55.70 37.31
CA LYS C 189 4.68 55.12 36.00
C LYS C 189 5.99 54.72 35.33
N ARG C 190 5.90 53.79 34.39
CA ARG C 190 7.06 53.36 33.62
C ARG C 190 7.15 54.15 32.32
N GLU C 191 8.28 54.83 32.12
CA GLU C 191 8.49 55.65 30.93
C GLU C 191 8.69 54.81 29.67
N ASP C 192 8.71 55.47 28.52
CA ASP C 192 8.78 54.80 27.23
C ASP C 192 10.09 54.03 27.01
N GLU C 193 11.22 54.75 27.07
CA GLU C 193 12.52 54.15 26.82
C GLU C 193 13.02 53.30 27.98
N GLU C 194 12.17 53.09 28.98
CA GLU C 194 12.51 52.26 30.13
C GLU C 194 12.12 50.82 29.88
N GLU C 195 13.08 50.02 29.39
CA GLU C 195 12.83 48.61 29.13
C GLU C 195 12.46 47.88 30.41
N SER C 196 11.41 47.06 30.34
CA SER C 196 10.97 46.28 31.49
C SER C 196 11.98 45.21 31.84
N LEU C 197 12.35 45.13 33.11
CA LEU C 197 13.25 44.08 33.57
C LEU C 197 12.48 42.79 33.78
N ASN C 198 11.16 42.88 33.67
CA ASN C 198 10.30 41.71 33.76
C ASN C 198 10.23 40.98 32.42
N GLU C 199 10.66 41.66 31.37
CA GLU C 199 10.65 41.08 30.03
C GLU C 199 11.79 40.08 29.86
N VAL C 200 12.04 39.68 28.61
CA VAL C 200 13.01 38.63 28.33
C VAL C 200 14.40 39.19 28.08
N GLY C 201 15.42 38.37 28.32
CA GLY C 201 16.79 38.74 28.09
C GLY C 201 17.66 37.50 28.03
N TYR C 202 18.96 37.68 27.83
CA TYR C 202 19.88 36.54 27.75
C TYR C 202 20.08 35.89 29.11
N ASP C 203 19.67 36.58 30.18
CA ASP C 203 19.85 36.08 31.54
C ASP C 203 18.61 35.36 32.07
N ASP C 204 17.66 35.09 31.20
CA ASP C 204 16.44 34.38 31.59
C ASP C 204 16.35 33.02 30.93
N ILE C 205 17.45 32.61 30.30
CA ILE C 205 17.50 31.34 29.58
C ILE C 205 18.75 30.53 29.93
N GLY C 206 18.56 29.24 30.15
CA GLY C 206 19.65 28.36 30.53
C GLY C 206 19.58 26.99 29.88
N GLY C 207 20.68 26.25 29.95
CA GLY C 207 20.75 24.93 29.35
C GLY C 207 21.23 25.01 27.91
N CYS C 208 21.01 26.17 27.30
CA CYS C 208 21.40 26.41 25.92
C CYS C 208 22.70 27.21 25.86
N ARG C 209 23.79 26.62 26.36
CA ARG C 209 25.06 27.34 26.44
C ARG C 209 25.66 27.60 25.06
N LYS C 210 26.20 26.55 24.45
CA LYS C 210 26.82 26.65 23.13
C LYS C 210 25.80 27.02 22.06
N GLN C 211 24.53 26.70 22.29
CA GLN C 211 23.47 27.02 21.36
C GLN C 211 23.29 28.53 21.23
N LEU C 212 23.14 29.21 22.37
CA LEU C 212 22.99 30.65 22.40
C LEU C 212 24.24 31.35 21.88
N ALA C 213 25.39 30.73 22.12
CA ALA C 213 26.66 31.26 21.66
C ALA C 213 26.70 31.34 20.14
N GLN C 214 26.27 30.27 19.49
CA GLN C 214 26.17 30.22 18.04
C GLN C 214 25.18 31.26 17.53
N ILE C 215 24.01 31.31 18.16
CA ILE C 215 22.94 32.22 17.77
C ILE C 215 23.38 33.69 17.80
N LYS C 216 24.05 34.07 18.88
CA LYS C 216 24.49 35.44 19.08
C LYS C 216 25.40 35.96 17.97
N GLU C 217 26.50 35.25 17.73
CA GLU C 217 27.50 35.69 16.75
C GLU C 217 27.00 35.63 15.31
N MET C 218 25.83 35.04 15.11
CA MET C 218 25.23 34.98 13.77
C MET C 218 24.39 36.22 13.47
N VAL C 219 23.71 36.74 14.48
CA VAL C 219 22.78 37.85 14.26
C VAL C 219 23.22 39.15 14.95
N GLU C 220 24.39 39.13 15.57
CA GLU C 220 24.92 40.33 16.23
C GLU C 220 25.34 41.37 15.20
N LEU C 221 26.35 41.01 14.41
CA LEU C 221 26.91 41.91 13.39
C LEU C 221 25.93 42.46 12.34
N PRO C 222 25.13 41.59 11.69
CA PRO C 222 24.25 42.12 10.64
C PRO C 222 23.15 43.05 11.17
N LEU C 223 22.78 42.89 12.44
CA LEU C 223 21.71 43.67 13.04
C LEU C 223 22.20 45.00 13.62
N ARG C 224 23.41 44.98 14.21
CA ARG C 224 23.93 46.17 14.86
C ARG C 224 24.55 47.12 13.83
N HIS C 225 25.00 46.55 12.71
CA HIS C 225 25.56 47.35 11.62
C HIS C 225 25.18 46.82 10.24
N PRO C 226 23.95 47.09 9.80
CA PRO C 226 23.52 46.70 8.46
C PRO C 226 24.38 47.38 7.39
N ALA C 227 24.87 48.57 7.71
CA ALA C 227 25.73 49.34 6.81
C ALA C 227 27.01 48.59 6.46
N LEU C 228 27.59 47.90 7.44
CA LEU C 228 28.83 47.15 7.23
C LEU C 228 28.65 46.07 6.18
N PHE C 229 27.62 45.26 6.34
CA PHE C 229 27.33 44.18 5.41
C PHE C 229 26.81 44.73 4.09
N LYS C 230 26.33 45.98 4.10
CA LYS C 230 25.89 46.63 2.88
C LYS C 230 27.11 47.15 2.12
N ALA C 231 28.24 47.19 2.81
CA ALA C 231 29.48 47.64 2.20
C ALA C 231 30.40 46.46 1.89
N ILE C 232 30.36 45.46 2.76
CA ILE C 232 31.21 44.27 2.59
C ILE C 232 30.51 43.19 1.77
N GLY C 233 31.29 42.34 1.12
CA GLY C 233 30.75 41.27 0.31
C GLY C 233 30.57 39.98 1.08
N VAL C 234 29.94 40.09 2.25
CA VAL C 234 29.71 38.93 3.11
C VAL C 234 28.21 38.73 3.31
N LYS C 235 27.75 37.49 3.10
CA LYS C 235 26.33 37.17 3.24
C LYS C 235 25.93 36.81 4.67
N PRO C 236 25.01 37.59 5.25
CA PRO C 236 24.49 37.32 6.59
C PRO C 236 23.37 36.28 6.54
N PRO C 237 23.14 35.56 7.66
CA PRO C 237 22.10 34.53 7.74
C PRO C 237 20.69 35.07 7.55
N ARG C 238 19.92 34.44 6.68
CA ARG C 238 18.55 34.85 6.43
C ARG C 238 17.56 34.12 7.33
N GLY C 239 17.72 32.80 7.40
CA GLY C 239 16.82 31.97 8.18
C GLY C 239 17.52 31.07 9.18
N ILE C 240 17.07 31.13 10.43
CA ILE C 240 17.61 30.27 11.49
C ILE C 240 16.54 29.35 12.05
N LEU C 241 16.81 28.05 12.04
CA LEU C 241 15.85 27.07 12.53
C LEU C 241 16.29 26.52 13.88
N LEU C 242 15.34 26.29 14.77
CA LEU C 242 15.63 25.80 16.11
C LEU C 242 15.07 24.40 16.34
N TYR C 243 15.97 23.43 16.48
CA TYR C 243 15.56 22.05 16.75
C TYR C 243 15.24 21.87 18.23
N GLY C 244 15.16 20.62 18.66
CA GLY C 244 14.96 20.31 20.05
C GLY C 244 13.51 20.10 20.41
N PRO C 245 13.26 19.35 21.49
CA PRO C 245 11.91 19.08 22.00
C PRO C 245 11.32 20.33 22.67
N PRO C 246 9.99 20.43 22.72
CA PRO C 246 9.31 21.55 23.37
C PRO C 246 9.64 21.63 24.85
N GLY C 247 9.76 22.85 25.38
CA GLY C 247 10.02 23.06 26.79
C GLY C 247 11.42 23.56 27.09
N THR C 248 12.26 23.66 26.07
CA THR C 248 13.60 24.20 26.24
C THR C 248 13.53 25.72 26.32
N GLY C 249 12.48 26.28 25.72
CA GLY C 249 12.28 27.72 25.72
C GLY C 249 12.66 28.34 24.39
N LYS C 250 12.10 27.81 23.31
CA LYS C 250 12.38 28.27 21.96
C LYS C 250 11.94 29.72 21.76
N THR C 251 10.67 29.98 22.08
CA THR C 251 10.09 31.31 21.91
C THR C 251 10.81 32.34 22.76
N LEU C 252 11.22 31.93 23.95
CA LEU C 252 11.94 32.80 24.87
C LEU C 252 13.29 33.23 24.30
N ILE C 253 13.98 32.31 23.65
CA ILE C 253 15.28 32.59 23.04
C ILE C 253 15.19 33.68 21.97
N ALA C 254 14.27 33.49 21.03
CA ALA C 254 14.09 34.42 19.92
C ALA C 254 13.71 35.82 20.43
N ARG C 255 12.74 35.88 21.33
CA ARG C 255 12.25 37.14 21.86
C ARG C 255 13.33 37.83 22.69
N ALA C 256 14.21 37.03 23.30
CA ALA C 256 15.31 37.56 24.09
C ALA C 256 16.31 38.32 23.22
N VAL C 257 16.61 37.77 22.06
CA VAL C 257 17.58 38.38 21.14
C VAL C 257 17.13 39.75 20.69
N ALA C 258 15.87 39.85 20.28
CA ALA C 258 15.31 41.11 19.81
C ALA C 258 15.22 42.14 20.94
N ASN C 259 14.80 41.68 22.11
CA ASN C 259 14.65 42.56 23.27
C ASN C 259 15.98 43.02 23.86
N GLU C 260 17.05 42.27 23.60
CA GLU C 260 18.35 42.56 24.18
C GLU C 260 19.22 43.37 23.22
N THR C 261 18.88 43.32 21.94
CA THR C 261 19.63 44.04 20.92
C THR C 261 18.89 45.31 20.48
N GLY C 262 17.67 45.48 20.97
CA GLY C 262 16.87 46.64 20.64
C GLY C 262 16.15 46.53 19.31
N ALA C 263 16.42 45.43 18.59
CA ALA C 263 15.80 45.20 17.29
C ALA C 263 14.30 44.95 17.44
N PHE C 264 13.54 45.26 16.39
CA PHE C 264 12.11 45.06 16.39
C PHE C 264 11.77 43.57 16.44
N PHE C 265 10.61 43.24 17.00
CA PHE C 265 10.21 41.85 17.15
C PHE C 265 8.76 41.65 16.71
N PHE C 266 8.56 40.80 15.70
CA PHE C 266 7.23 40.47 15.25
C PHE C 266 7.09 38.95 15.15
N LEU C 267 6.20 38.39 15.96
CA LEU C 267 6.03 36.95 16.03
C LEU C 267 4.90 36.45 15.15
N ILE C 268 5.05 35.25 14.62
CA ILE C 268 4.01 34.62 13.82
C ILE C 268 3.61 33.29 14.45
N ASN C 269 2.56 33.31 15.25
CA ASN C 269 2.05 32.10 15.88
C ASN C 269 1.56 31.11 14.83
N GLY C 270 1.92 29.84 14.99
CA GLY C 270 1.59 28.81 14.03
C GLY C 270 0.11 28.62 13.75
N PRO C 271 -0.62 28.04 14.72
CA PRO C 271 -2.06 27.79 14.60
C PRO C 271 -2.88 29.07 14.39
N GLU C 272 -2.32 30.22 14.74
CA GLU C 272 -2.98 31.51 14.52
C GLU C 272 -3.23 31.72 13.04
N ILE C 273 -2.29 31.29 12.22
CA ILE C 273 -2.38 31.45 10.77
C ILE C 273 -3.34 30.43 10.15
N MET C 274 -3.27 29.20 10.64
CA MET C 274 -4.13 28.13 10.14
C MET C 274 -5.56 28.24 10.69
N SER C 275 -5.78 29.19 11.59
CA SER C 275 -7.11 29.42 12.15
C SER C 275 -7.87 30.38 11.24
N LYS C 276 -7.14 31.33 10.66
CA LYS C 276 -7.72 32.27 9.70
C LYS C 276 -8.24 31.50 8.50
N LEU C 277 -9.35 31.98 7.93
CA LEU C 277 -9.99 31.31 6.82
C LEU C 277 -9.09 31.25 5.60
N ALA C 278 -9.37 30.31 4.70
CA ALA C 278 -8.59 30.18 3.48
C ALA C 278 -8.66 31.45 2.64
N GLY C 279 -7.56 32.19 2.60
CA GLY C 279 -7.51 33.45 1.90
C GLY C 279 -6.99 34.54 2.82
N GLU C 280 -7.58 34.63 4.00
CA GLU C 280 -7.13 35.55 5.03
C GLU C 280 -5.83 35.03 5.64
N SER C 281 -5.60 33.72 5.46
CA SER C 281 -4.38 33.07 5.94
C SER C 281 -3.15 33.67 5.27
N GLU C 282 -3.13 33.64 3.94
CA GLU C 282 -2.02 34.19 3.17
C GLU C 282 -1.89 35.70 3.38
N SER C 283 -3.02 36.35 3.64
CA SER C 283 -3.04 37.78 3.89
C SER C 283 -2.23 38.15 5.13
N ASN C 284 -2.44 37.39 6.20
CA ASN C 284 -1.73 37.61 7.46
C ASN C 284 -0.23 37.39 7.32
N LEU C 285 0.15 36.39 6.53
CA LEU C 285 1.55 36.10 6.29
C LEU C 285 2.21 37.22 5.49
N ARG C 286 1.48 37.74 4.51
CA ARG C 286 1.94 38.88 3.72
C ARG C 286 2.12 40.10 4.61
N LYS C 287 1.14 40.35 5.47
CA LYS C 287 1.17 41.51 6.37
C LYS C 287 2.27 41.39 7.41
N ALA C 288 2.56 40.16 7.81
CA ALA C 288 3.61 39.89 8.80
C ALA C 288 4.98 40.36 8.32
N PHE C 289 5.39 39.86 7.16
CA PHE C 289 6.67 40.23 6.57
C PHE C 289 6.66 41.72 6.20
N GLU C 290 5.51 42.20 5.76
CA GLU C 290 5.36 43.59 5.33
C GLU C 290 5.56 44.56 6.49
N GLU C 291 4.98 44.22 7.64
CA GLU C 291 5.07 45.08 8.82
C GLU C 291 6.44 45.03 9.47
N ALA C 292 7.07 43.86 9.43
CA ALA C 292 8.39 43.67 10.03
C ALA C 292 9.51 44.25 9.18
N GLU C 293 9.33 44.25 7.86
CA GLU C 293 10.33 44.77 6.93
C GLU C 293 10.43 46.29 7.05
N LYS C 294 9.30 46.94 7.30
CA LYS C 294 9.26 48.38 7.45
C LYS C 294 9.93 48.83 8.75
N ASN C 295 9.87 47.97 9.76
CA ASN C 295 10.44 48.28 11.07
C ASN C 295 11.86 47.72 11.23
N ALA C 296 12.59 47.66 10.13
CA ALA C 296 13.96 47.16 10.13
C ALA C 296 14.88 48.03 10.98
N PRO C 297 15.82 47.42 11.72
CA PRO C 297 16.05 45.97 11.82
C PRO C 297 14.99 45.26 12.64
N ALA C 298 14.70 44.00 12.31
CA ALA C 298 13.66 43.25 12.99
C ALA C 298 13.92 41.74 12.98
N ILE C 299 13.20 41.02 13.83
CA ILE C 299 13.29 39.57 13.88
C ILE C 299 11.91 38.94 13.75
N ILE C 300 11.70 38.23 12.65
CA ILE C 300 10.44 37.53 12.42
C ILE C 300 10.50 36.10 12.95
N PHE C 301 9.71 35.82 13.97
CA PHE C 301 9.73 34.49 14.58
C PHE C 301 8.45 33.70 14.35
N ILE C 302 8.58 32.56 13.67
CA ILE C 302 7.46 31.67 13.43
C ILE C 302 7.44 30.58 14.51
N ASP C 303 6.31 30.43 15.18
CA ASP C 303 6.22 29.48 16.29
C ASP C 303 6.17 28.05 15.80
N GLU C 304 4.97 27.48 15.74
CA GLU C 304 4.79 26.10 15.31
C GLU C 304 4.85 25.97 13.79
N LEU C 305 6.07 26.02 13.26
CA LEU C 305 6.29 25.92 11.82
C LEU C 305 5.85 24.57 11.27
N ASP C 306 5.97 23.54 12.09
CA ASP C 306 5.57 22.18 11.70
C ASP C 306 4.09 22.08 11.37
N ALA C 307 3.28 22.94 11.98
CA ALA C 307 1.85 22.97 11.73
C ALA C 307 1.52 23.67 10.40
N ILE C 308 2.51 24.37 9.85
CA ILE C 308 2.31 25.08 8.60
C ILE C 308 2.84 24.33 7.38
N ALA C 309 4.09 23.88 7.44
CA ALA C 309 4.71 23.21 6.29
C ALA C 309 5.30 21.84 6.60
N PRO C 310 4.43 20.82 6.68
CA PRO C 310 4.87 19.42 6.84
C PRO C 310 4.75 18.68 5.52
N LYS C 311 4.94 19.39 4.41
CA LYS C 311 4.75 18.84 3.06
C LYS C 311 5.41 17.49 2.79
N ARG C 312 4.74 16.43 3.23
CA ARG C 312 5.15 15.06 2.94
C ARG C 312 3.93 14.17 2.73
N GLU C 313 3.43 13.63 3.84
CA GLU C 313 2.22 12.82 3.80
C GLU C 313 1.06 13.59 4.42
N LYS C 314 1.39 14.62 5.21
CA LYS C 314 0.39 15.44 5.85
C LYS C 314 0.01 16.65 4.99
N THR C 315 0.58 16.73 3.80
CA THR C 315 0.22 17.78 2.85
C THR C 315 -0.98 17.37 2.02
N HIS C 316 -1.99 16.81 2.68
CA HIS C 316 -3.15 16.27 2.00
C HIS C 316 -4.19 17.36 1.74
N GLY C 317 -4.19 17.89 0.51
CA GLY C 317 -5.12 18.93 0.13
C GLY C 317 -4.45 20.07 -0.62
N GLU C 318 -5.27 20.89 -1.28
CA GLU C 318 -4.77 22.00 -2.09
C GLU C 318 -4.54 23.26 -1.24
N VAL C 319 -5.41 23.48 -0.27
CA VAL C 319 -5.33 24.68 0.56
C VAL C 319 -4.01 24.79 1.30
N GLU C 320 -3.55 23.67 1.85
CA GLU C 320 -2.31 23.62 2.62
C GLU C 320 -1.09 24.00 1.77
N ARG C 321 -0.99 23.42 0.58
CA ARG C 321 0.13 23.66 -0.31
C ARG C 321 0.27 25.13 -0.72
N ARG C 322 -0.87 25.80 -0.91
CA ARG C 322 -0.88 27.20 -1.32
C ARG C 322 -0.36 28.09 -0.20
N ILE C 323 -0.68 27.75 1.04
CA ILE C 323 -0.24 28.51 2.19
C ILE C 323 1.27 28.43 2.35
N VAL C 324 1.81 27.23 2.17
CA VAL C 324 3.25 26.99 2.28
C VAL C 324 4.02 27.79 1.24
N SER C 325 3.53 27.76 0.00
CA SER C 325 4.17 28.47 -1.10
C SER C 325 4.20 29.98 -0.89
N GLN C 326 3.17 30.51 -0.24
CA GLN C 326 3.10 31.93 0.07
C GLN C 326 4.27 32.33 0.95
N LEU C 327 4.55 31.53 1.96
CA LEU C 327 5.69 31.75 2.84
C LEU C 327 7.00 31.62 2.08
N LEU C 328 7.06 30.61 1.21
CA LEU C 328 8.25 30.34 0.40
C LEU C 328 8.60 31.55 -0.47
N THR C 329 7.58 32.16 -1.07
CA THR C 329 7.78 33.37 -1.87
C THR C 329 8.26 34.51 -0.99
N LEU C 330 7.70 34.60 0.22
CA LEU C 330 8.08 35.64 1.17
C LEU C 330 9.51 35.46 1.67
N MET C 331 9.93 34.21 1.80
CA MET C 331 11.30 33.91 2.20
C MET C 331 12.26 34.37 1.11
N ASP C 332 11.90 34.09 -0.14
CA ASP C 332 12.68 34.53 -1.28
C ASP C 332 12.48 36.02 -1.51
N GLY C 333 11.34 36.53 -1.05
CA GLY C 333 11.00 37.94 -1.21
C GLY C 333 11.86 38.85 -0.36
N LEU C 334 12.64 38.27 0.54
CA LEU C 334 13.57 39.03 1.35
C LEU C 334 14.64 39.64 0.45
N LYS C 335 14.61 40.95 0.30
CA LYS C 335 15.49 41.66 -0.62
C LYS C 335 16.93 41.74 -0.12
N GLN C 336 17.18 41.13 1.03
CA GLN C 336 18.50 41.10 1.67
C GLN C 336 18.98 42.47 2.19
N ARG C 337 18.95 43.49 1.33
CA ARG C 337 19.31 44.84 1.76
C ARG C 337 18.40 45.33 2.88
N ALA C 338 17.14 44.90 2.85
CA ALA C 338 16.26 45.07 3.99
C ALA C 338 16.69 44.05 5.04
N HIS C 339 17.00 44.53 6.24
CA HIS C 339 17.62 43.69 7.25
C HIS C 339 16.64 43.08 8.25
N VAL C 340 16.02 41.99 7.84
CA VAL C 340 15.16 41.20 8.73
C VAL C 340 15.63 39.75 8.74
N ILE C 341 15.53 39.11 9.91
CA ILE C 341 15.96 37.72 10.05
C ILE C 341 14.82 36.84 10.56
N VAL C 342 14.53 35.78 9.83
CA VAL C 342 13.43 34.89 10.17
C VAL C 342 13.87 33.68 10.99
N MET C 343 13.34 33.58 12.21
CA MET C 343 13.60 32.44 13.07
C MET C 343 12.36 31.56 13.20
N ALA C 344 12.56 30.30 13.56
CA ALA C 344 11.45 29.36 13.72
C ALA C 344 11.79 28.25 14.71
N ALA C 345 10.77 27.52 15.13
CA ALA C 345 10.95 26.42 16.07
C ALA C 345 10.08 25.22 15.70
N THR C 346 10.48 24.04 16.14
CA THR C 346 9.72 22.82 15.88
C THR C 346 10.12 21.70 16.84
N ASN C 347 9.40 20.59 16.78
CA ASN C 347 9.68 19.45 17.64
C ASN C 347 10.83 18.61 17.11
N ARG C 348 10.94 18.52 15.79
CA ARG C 348 12.00 17.75 15.15
C ARG C 348 12.24 18.18 13.71
N PRO C 349 13.50 18.09 13.24
CA PRO C 349 13.93 18.44 11.88
C PRO C 349 13.03 17.87 10.77
N ASN C 350 12.59 16.62 10.93
CA ASN C 350 11.83 15.96 9.87
C ASN C 350 10.35 16.31 9.86
N SER C 351 9.98 17.36 10.59
CA SER C 351 8.60 17.86 10.59
C SER C 351 8.40 18.90 9.50
N ILE C 352 9.44 19.69 9.25
CA ILE C 352 9.37 20.81 8.31
C ILE C 352 9.52 20.35 6.87
N ASP C 353 8.90 21.11 5.95
CA ASP C 353 9.00 20.84 4.52
C ASP C 353 10.41 21.09 3.99
N PRO C 354 11.02 20.07 3.37
CA PRO C 354 12.38 20.10 2.82
C PRO C 354 12.65 21.28 1.88
N ALA C 355 11.61 21.88 1.33
CA ALA C 355 11.78 23.04 0.46
C ALA C 355 12.25 24.26 1.26
N LEU C 356 12.01 24.23 2.57
CA LEU C 356 12.45 25.30 3.46
C LEU C 356 13.89 25.06 3.91
N ARG C 357 14.38 23.85 3.69
CA ARG C 357 15.74 23.48 4.06
C ARG C 357 16.74 23.93 3.00
N ARG C 358 16.21 24.45 1.90
CA ARG C 358 17.04 24.89 0.77
C ARG C 358 17.99 26.01 1.16
N PHE C 359 19.27 25.82 0.85
CA PHE C 359 20.31 26.77 1.23
C PHE C 359 20.08 28.14 0.58
N GLY C 360 19.34 29.00 1.27
CA GLY C 360 18.99 30.31 0.75
C GLY C 360 17.81 30.88 1.51
N ARG C 361 17.14 30.01 2.27
CA ARG C 361 16.05 30.40 3.14
C ARG C 361 16.44 30.10 4.57
N PHE C 362 16.04 28.94 5.07
CA PHE C 362 16.51 28.47 6.36
C PHE C 362 17.80 27.67 6.15
N ASP C 363 18.91 28.39 6.02
CA ASP C 363 20.19 27.78 5.73
C ASP C 363 20.94 27.38 7.00
N ARG C 364 20.80 28.19 8.05
CA ARG C 364 21.45 27.91 9.32
C ARG C 364 20.52 27.14 10.25
N GLU C 365 21.04 26.07 10.85
CA GLU C 365 20.25 25.24 11.76
C GLU C 365 20.96 25.05 13.09
N VAL C 366 20.22 25.21 14.18
CA VAL C 366 20.77 25.07 15.52
C VAL C 366 20.01 24.04 16.34
N ASP C 367 20.69 22.96 16.73
CA ASP C 367 20.07 21.92 17.54
C ASP C 367 20.11 22.30 19.01
N ILE C 368 18.93 22.49 19.60
CA ILE C 368 18.82 22.84 21.01
C ILE C 368 18.08 21.76 21.78
N GLY C 369 18.78 20.67 22.08
CA GLY C 369 18.20 19.56 22.81
C GLY C 369 17.99 19.88 24.28
N ILE C 370 17.58 18.88 25.04
CA ILE C 370 17.37 19.05 26.48
C ILE C 370 18.66 19.42 27.18
N PRO C 371 18.57 20.20 28.27
CA PRO C 371 19.76 20.57 29.02
C PRO C 371 20.34 19.37 29.78
N ASP C 372 21.64 19.40 30.03
CA ASP C 372 22.30 18.33 30.77
C ASP C 372 22.24 18.59 32.27
N ALA C 373 23.12 17.92 33.02
CA ALA C 373 23.22 18.12 34.46
C ALA C 373 23.56 19.58 34.78
N THR C 374 24.59 20.09 34.12
CA THR C 374 24.99 21.48 34.30
C THR C 374 23.90 22.41 33.80
N GLY C 375 23.21 22.00 32.74
CA GLY C 375 22.13 22.76 32.17
C GLY C 375 20.97 22.94 33.14
N ARG C 376 20.48 21.84 33.69
CA ARG C 376 19.36 21.88 34.61
C ARG C 376 19.71 22.66 35.88
N LEU C 377 20.95 22.53 36.33
CA LEU C 377 21.43 23.29 37.48
C LEU C 377 21.38 24.78 37.20
N GLU C 378 21.83 25.17 36.01
CA GLU C 378 21.82 26.56 35.58
C GLU C 378 20.39 27.11 35.52
N ILE C 379 19.45 26.28 35.05
CA ILE C 379 18.06 26.68 34.94
C ILE C 379 17.38 26.88 36.29
N LEU C 380 17.60 25.95 37.22
CA LEU C 380 16.97 26.01 38.53
C LEU C 380 17.26 27.29 39.29
N GLN C 381 18.49 27.79 39.18
CA GLN C 381 18.86 29.04 39.82
C GLN C 381 18.10 30.23 39.23
N ILE C 382 17.75 30.11 37.95
CA ILE C 382 17.04 31.17 37.26
C ILE C 382 15.56 31.18 37.63
N HIS C 383 15.00 30.02 37.92
CA HIS C 383 13.59 29.93 38.28
C HIS C 383 13.39 30.14 39.78
N THR C 384 14.47 30.11 40.53
CA THR C 384 14.42 30.31 41.98
C THR C 384 15.09 31.63 42.39
N LYS C 385 15.28 32.51 41.42
CA LYS C 385 15.97 33.79 41.66
C LYS C 385 15.14 34.78 42.48
N ASN C 386 13.83 34.53 42.58
CA ASN C 386 12.94 35.43 43.29
C ASN C 386 12.48 34.88 44.65
N MET C 387 12.51 33.56 44.79
CA MET C 387 12.03 32.91 46.00
C MET C 387 13.15 32.70 47.01
N LYS C 388 12.79 32.71 48.30
CA LYS C 388 13.76 32.57 49.38
C LYS C 388 14.10 31.11 49.65
N LEU C 389 15.21 30.65 49.09
CA LEU C 389 15.66 29.27 49.28
C LEU C 389 16.34 29.08 50.63
N ALA C 390 16.00 27.98 51.31
CA ALA C 390 16.59 27.66 52.60
C ALA C 390 18.03 27.14 52.46
N ASP C 391 18.68 26.91 53.59
CA ASP C 391 20.07 26.45 53.61
C ASP C 391 20.20 24.98 53.21
N ASP C 392 19.21 24.17 53.60
CA ASP C 392 19.26 22.74 53.32
C ASP C 392 19.01 22.43 51.85
N VAL C 393 18.50 23.42 51.13
CA VAL C 393 18.20 23.26 49.71
C VAL C 393 19.46 23.15 48.88
N ASP C 394 19.65 22.00 48.24
CA ASP C 394 20.79 21.79 47.36
C ASP C 394 20.31 21.60 45.92
N LEU C 395 20.32 22.68 45.15
CA LEU C 395 19.82 22.66 43.79
C LEU C 395 20.65 21.76 42.88
N GLU C 396 21.94 21.62 43.21
CA GLU C 396 22.82 20.78 42.42
C GLU C 396 22.42 19.32 42.55
N GLN C 397 21.93 18.95 43.74
CA GLN C 397 21.46 17.59 43.98
C GLN C 397 20.21 17.28 43.16
N VAL C 398 19.27 18.23 43.12
CA VAL C 398 18.02 18.05 42.40
C VAL C 398 18.24 17.96 40.89
N ALA C 399 19.19 18.75 40.39
CA ALA C 399 19.50 18.78 38.96
C ALA C 399 20.06 17.44 38.49
N ASN C 400 20.76 16.75 39.39
CA ASN C 400 21.38 15.48 39.06
C ASN C 400 20.39 14.31 39.00
N GLU C 401 19.31 14.40 39.78
CA GLU C 401 18.34 13.32 39.86
C GLU C 401 17.09 13.58 39.01
N THR C 402 17.13 14.65 38.22
CA THR C 402 16.11 14.90 37.22
C THR C 402 16.57 14.28 35.90
N HIS C 403 16.42 12.96 35.81
CA HIS C 403 16.99 12.16 34.74
C HIS C 403 16.64 12.62 33.32
N GLY C 404 15.39 13.03 33.13
CA GLY C 404 14.92 13.45 31.82
C GLY C 404 13.97 14.62 31.90
N HIS C 405 14.48 15.78 32.29
CA HIS C 405 13.66 16.96 32.49
C HIS C 405 14.01 18.10 31.55
N VAL C 406 12.99 18.75 31.01
CA VAL C 406 13.19 19.93 30.17
C VAL C 406 13.07 21.18 31.03
N GLY C 407 13.25 22.34 30.41
CA GLY C 407 13.18 23.60 31.13
C GLY C 407 11.83 23.86 31.79
N ALA C 408 10.76 23.64 31.03
CA ALA C 408 9.40 23.87 31.52
C ALA C 408 9.02 22.95 32.68
N ASP C 409 9.45 21.70 32.61
CA ASP C 409 9.12 20.72 33.65
C ASP C 409 9.81 21.06 34.97
N LEU C 410 11.00 21.65 34.88
CA LEU C 410 11.73 22.08 36.08
C LEU C 410 11.01 23.26 36.73
N ALA C 411 10.34 24.06 35.90
CA ALA C 411 9.56 25.18 36.39
C ALA C 411 8.38 24.68 37.20
N ALA C 412 7.65 23.71 36.65
CA ALA C 412 6.51 23.11 37.33
C ALA C 412 6.95 22.36 38.58
N LEU C 413 8.21 21.93 38.59
CA LEU C 413 8.78 21.26 39.75
C LEU C 413 8.90 22.24 40.91
N CYS C 414 9.46 23.41 40.62
CA CYS C 414 9.62 24.46 41.62
C CYS C 414 8.26 25.02 42.06
N SER C 415 7.35 25.14 41.10
CA SER C 415 6.02 25.68 41.37
C SER C 415 5.22 24.80 42.34
N GLU C 416 5.18 23.51 42.06
CA GLU C 416 4.44 22.57 42.90
C GLU C 416 5.09 22.41 44.27
N ALA C 417 6.38 22.71 44.32
CA ALA C 417 7.11 22.66 45.58
C ALA C 417 6.87 23.94 46.37
N ALA C 418 6.65 25.03 45.65
CA ALA C 418 6.33 26.31 46.26
C ALA C 418 4.95 26.24 46.90
N LEU C 419 4.02 25.58 46.21
CA LEU C 419 2.67 25.40 46.72
C LEU C 419 2.67 24.56 47.99
N GLN C 420 3.62 23.64 48.07
CA GLN C 420 3.80 22.81 49.26
C GLN C 420 4.27 23.66 50.43
N ALA C 421 5.16 24.61 50.13
CA ALA C 421 5.67 25.52 51.15
C ALA C 421 4.64 26.58 51.53
N ILE C 422 3.66 26.77 50.67
CA ILE C 422 2.61 27.75 50.91
C ILE C 422 1.49 27.16 51.77
N ARG C 423 1.13 25.92 51.50
CA ARG C 423 0.05 25.25 52.21
C ARG C 423 0.45 24.83 53.64
N LYS C 424 1.42 25.52 54.21
CA LYS C 424 1.87 25.24 55.58
C LYS C 424 2.07 26.52 56.37
N LYS C 425 2.02 27.66 55.68
CA LYS C 425 2.26 28.95 56.32
C LYS C 425 0.97 29.74 56.59
N MET C 426 0.66 30.68 55.70
CA MET C 426 -0.52 31.52 55.85
C MET C 426 -1.80 30.72 55.66
N ASP C 427 -1.66 29.49 55.17
CA ASP C 427 -2.80 28.60 54.97
C ASP C 427 -3.56 28.37 56.27
N LEU C 428 -2.83 28.30 57.38
CA LEU C 428 -3.45 28.16 58.69
C LEU C 428 -4.06 29.49 59.14
N ILE C 429 -3.43 30.58 58.72
CA ILE C 429 -3.93 31.91 59.03
C ILE C 429 -5.11 32.28 58.13
N ASP C 430 -4.94 32.01 56.83
CA ASP C 430 -5.95 32.29 55.82
C ASP C 430 -6.33 33.78 55.76
N LEU C 431 -5.67 34.51 54.87
CA LEU C 431 -5.97 35.92 54.68
C LEU C 431 -6.65 36.18 53.34
N GLU C 432 -7.97 36.09 53.32
CA GLU C 432 -8.73 36.28 52.09
C GLU C 432 -8.66 37.75 51.65
N ASP C 433 -7.66 38.08 50.85
CA ASP C 433 -7.47 39.45 50.37
C ASP C 433 -6.97 39.48 48.93
N GLU C 434 -7.10 40.65 48.30
CA GLU C 434 -6.60 40.85 46.95
C GLU C 434 -5.14 41.30 46.96
N THR C 435 -4.60 41.48 48.16
CA THR C 435 -3.21 41.88 48.31
C THR C 435 -2.56 41.29 49.57
N ILE C 436 -1.57 40.43 49.35
CA ILE C 436 -0.85 39.77 50.44
C ILE C 436 0.22 40.68 51.04
N ASP C 437 0.36 40.63 52.37
CA ASP C 437 1.36 41.45 53.07
C ASP C 437 2.77 40.96 52.74
N ALA C 438 3.73 41.87 52.71
CA ALA C 438 5.08 41.54 52.28
C ALA C 438 5.90 40.84 53.36
N GLU C 439 5.67 41.21 54.62
CA GLU C 439 6.38 40.60 55.74
C GLU C 439 6.07 39.11 55.82
N VAL C 440 4.84 38.75 55.49
CA VAL C 440 4.41 37.36 55.51
C VAL C 440 5.13 36.56 54.42
N MET C 441 5.29 37.18 53.25
CA MET C 441 5.91 36.51 52.12
C MET C 441 7.42 36.44 52.22
N ASN C 442 8.03 37.47 52.80
CA ASN C 442 9.49 37.52 52.93
C ASN C 442 9.99 36.48 53.91
N SER C 443 9.17 36.18 54.92
CA SER C 443 9.54 35.19 55.93
C SER C 443 9.39 33.76 55.42
N LEU C 444 8.58 33.60 54.38
CA LEU C 444 8.34 32.27 53.82
C LEU C 444 9.59 31.70 53.16
N ALA C 445 9.85 30.43 53.42
CA ALA C 445 11.00 29.75 52.82
C ALA C 445 10.64 28.34 52.36
N VAL C 446 11.40 27.83 51.39
CA VAL C 446 11.16 26.50 50.85
C VAL C 446 12.26 25.54 51.30
N THR C 447 11.86 24.39 51.84
CA THR C 447 12.81 23.41 52.34
C THR C 447 13.17 22.37 51.29
N MET C 448 14.17 21.54 51.58
CA MET C 448 14.58 20.48 50.68
C MET C 448 13.51 19.41 50.57
N ASP C 449 12.76 19.22 51.66
CA ASP C 449 11.69 18.22 51.70
C ASP C 449 10.55 18.61 50.77
N ASP C 450 10.37 19.91 50.57
CA ASP C 450 9.34 20.41 49.67
C ASP C 450 9.67 20.00 48.24
N PHE C 451 10.96 20.03 47.90
CA PHE C 451 11.41 19.57 46.59
C PHE C 451 11.29 18.05 46.49
N ARG C 452 11.44 17.39 47.63
CA ARG C 452 11.30 15.95 47.71
C ARG C 452 9.86 15.54 47.37
N TRP C 453 8.92 16.29 47.93
CA TRP C 453 7.50 16.02 47.72
C TRP C 453 7.08 16.26 46.27
N ALA C 454 7.67 17.27 45.65
CA ALA C 454 7.38 17.59 44.27
C ALA C 454 7.88 16.50 43.32
N LEU C 455 9.07 15.99 43.61
CA LEU C 455 9.64 14.90 42.82
C LEU C 455 8.89 13.60 43.05
N SER C 456 8.34 13.45 44.25
CA SER C 456 7.62 12.23 44.62
C SER C 456 6.30 12.11 43.87
N GLN C 457 5.75 13.23 43.43
CA GLN C 457 4.48 13.25 42.72
C GLN C 457 4.66 12.72 41.30
N SER C 458 3.59 12.77 40.50
CA SER C 458 3.63 12.27 39.13
C SER C 458 3.93 13.37 38.11
N ASN C 459 4.08 14.60 38.59
CA ASN C 459 4.39 15.73 37.70
C ASN C 459 5.82 15.84 37.12
N PRO C 460 6.83 15.22 37.76
CA PRO C 460 8.13 15.28 37.08
C PRO C 460 8.22 14.33 35.87
N SER C 461 7.12 13.64 35.57
CA SER C 461 7.07 12.74 34.43
C SER C 461 7.25 13.49 33.11
N ALA C 462 8.49 13.88 32.81
CA ALA C 462 8.80 14.57 31.57
C ALA C 462 9.31 13.59 30.54
N LEU C 463 9.22 13.97 29.27
CA LEU C 463 9.67 13.12 28.17
C LEU C 463 11.15 12.78 28.27
N ARG C 464 11.49 11.53 28.01
CA ARG C 464 12.86 11.05 28.11
C ARG C 464 13.43 10.68 26.75
N GLU C 465 14.52 11.34 26.36
CA GLU C 465 15.17 11.08 25.09
C GLU C 465 16.62 10.62 25.27
N THR C 466 17.37 10.61 24.17
CA THR C 466 18.79 10.28 24.21
C THR C 466 19.58 11.39 24.89
N VAL C 467 20.13 11.09 26.06
CA VAL C 467 20.83 12.10 26.85
C VAL C 467 22.28 12.29 26.41
N VAL C 468 22.59 13.48 25.91
CA VAL C 468 23.96 13.82 25.53
C VAL C 468 24.54 14.79 26.55
N GLU C 469 25.43 14.30 27.41
CA GLU C 469 25.99 15.12 28.47
C GLU C 469 27.47 14.84 28.72
N VAL C 470 28.07 15.62 29.61
CA VAL C 470 29.45 15.41 30.01
C VAL C 470 29.49 14.60 31.31
N PRO C 471 30.17 13.44 31.27
CA PRO C 471 30.24 12.52 32.41
C PRO C 471 30.82 13.18 33.66
N GLN C 472 30.12 13.04 34.78
CA GLN C 472 30.60 13.60 36.05
C GLN C 472 31.37 12.55 36.84
N VAL C 473 32.01 11.64 36.12
CA VAL C 473 32.78 10.57 36.73
C VAL C 473 34.23 10.58 36.23
N THR C 474 35.17 10.67 37.16
CA THR C 474 36.59 10.73 36.83
C THR C 474 37.23 9.34 36.79
N TRP C 475 38.55 9.32 36.71
CA TRP C 475 39.30 8.06 36.68
C TRP C 475 39.37 7.43 38.06
N GLU C 476 39.14 8.25 39.09
CA GLU C 476 39.23 7.80 40.48
C GLU C 476 38.16 6.78 40.84
N ASP C 477 37.14 6.66 40.00
CA ASP C 477 36.09 5.67 40.19
C ASP C 477 36.51 4.32 39.64
N ILE C 478 37.67 4.31 38.97
CA ILE C 478 38.22 3.08 38.40
C ILE C 478 39.62 2.82 38.93
N GLY C 479 39.77 1.75 39.69
CA GLY C 479 41.05 1.42 40.30
C GLY C 479 42.07 0.92 39.30
N GLY C 480 43.29 1.46 39.40
CA GLY C 480 44.39 1.00 38.57
C GLY C 480 44.18 1.19 37.08
N LEU C 481 44.74 0.26 36.30
CA LEU C 481 44.67 0.28 34.84
C LEU C 481 45.20 1.58 34.24
N GLU C 482 46.47 1.87 34.51
CA GLU C 482 47.11 3.08 34.00
C GLU C 482 47.53 2.89 32.55
N ASP C 483 47.69 1.64 32.14
CA ASP C 483 48.09 1.33 30.77
C ASP C 483 47.02 1.71 29.75
N VAL C 484 45.76 1.46 30.10
CA VAL C 484 44.66 1.76 29.20
C VAL C 484 44.31 3.25 29.23
N LYS C 485 44.73 3.92 30.29
CA LYS C 485 44.53 5.36 30.42
C LYS C 485 45.37 6.09 29.37
N ARG C 486 46.67 5.82 29.37
CA ARG C 486 47.59 6.45 28.43
C ARG C 486 47.28 6.01 27.00
N GLU C 487 46.80 4.77 26.86
CA GLU C 487 46.38 4.27 25.56
C GLU C 487 45.21 5.07 25.00
N LEU C 488 44.21 5.31 25.83
CA LEU C 488 43.03 6.07 25.42
C LEU C 488 43.36 7.53 25.13
N GLN C 489 44.26 8.11 25.90
CA GLN C 489 44.68 9.49 25.69
C GLN C 489 45.36 9.69 24.34
N GLU C 490 46.15 8.70 23.92
CA GLU C 490 46.81 8.76 22.62
C GLU C 490 45.79 8.73 21.48
N LEU C 491 44.60 8.23 21.77
CA LEU C 491 43.58 8.02 20.76
C LEU C 491 42.60 9.19 20.63
N VAL C 492 42.41 9.95 21.71
CA VAL C 492 41.46 11.06 21.68
C VAL C 492 42.03 12.40 22.15
N GLN C 493 42.88 12.37 23.17
CA GLN C 493 43.48 13.60 23.69
C GLN C 493 44.44 14.23 22.68
N TYR C 494 45.27 13.39 22.07
CA TYR C 494 46.25 13.87 21.09
C TYR C 494 45.67 14.48 19.80
N PRO C 495 44.67 13.81 19.18
CA PRO C 495 44.18 14.41 17.93
C PRO C 495 43.33 15.67 18.12
N VAL C 496 43.15 16.11 19.36
CA VAL C 496 42.40 17.33 19.62
C VAL C 496 43.27 18.41 20.28
N GLU C 497 44.22 17.98 21.09
CA GLU C 497 45.11 18.91 21.80
C GLU C 497 46.43 19.07 21.05
N HIS C 498 46.71 18.13 20.15
CA HIS C 498 47.88 18.22 19.30
C HIS C 498 47.56 17.81 17.86
N PRO C 499 46.71 18.60 17.19
CA PRO C 499 46.37 18.27 15.80
C PRO C 499 47.51 18.58 14.86
N ASP C 500 48.36 19.53 15.25
CA ASP C 500 49.52 19.91 14.46
C ASP C 500 50.55 18.79 14.40
N LYS C 501 50.63 18.00 15.47
CA LYS C 501 51.60 16.91 15.56
C LYS C 501 51.25 15.77 14.62
N PHE C 502 49.96 15.49 14.48
CA PHE C 502 49.50 14.45 13.57
C PHE C 502 49.76 14.84 12.12
N LEU C 503 49.65 16.12 11.83
CA LEU C 503 49.90 16.64 10.49
C LEU C 503 51.42 16.71 10.25
N LYS C 504 52.17 16.84 11.34
CA LYS C 504 53.62 16.87 11.25
C LYS C 504 54.18 15.51 10.84
N PHE C 505 53.62 14.45 11.40
CA PHE C 505 54.10 13.10 11.12
C PHE C 505 53.32 12.40 10.01
N GLY C 506 52.13 12.90 9.72
CA GLY C 506 51.36 12.43 8.58
C GLY C 506 50.40 11.29 8.82
N MET C 507 50.43 10.71 10.02
CA MET C 507 49.55 9.59 10.34
C MET C 507 48.11 10.06 10.52
N THR C 508 47.17 9.13 10.35
CA THR C 508 45.76 9.44 10.55
C THR C 508 45.24 8.79 11.84
N PRO C 509 44.51 9.57 12.64
CA PRO C 509 43.98 9.14 13.95
C PRO C 509 43.02 7.94 13.83
N SER C 510 43.03 7.09 14.85
CA SER C 510 42.12 5.95 14.90
C SER C 510 40.69 6.43 15.06
N LYS C 511 39.75 5.72 14.46
CA LYS C 511 38.34 6.11 14.47
C LYS C 511 37.55 5.44 15.60
N GLY C 512 38.10 4.38 16.17
CA GLY C 512 37.41 3.67 17.24
C GLY C 512 38.16 2.54 17.90
N VAL C 513 37.69 2.15 19.08
CA VAL C 513 38.28 1.07 19.87
C VAL C 513 37.19 0.13 20.38
N LEU C 514 37.53 -1.15 20.52
CA LEU C 514 36.59 -2.12 21.06
C LEU C 514 37.06 -2.64 22.41
N PHE C 515 36.20 -2.54 23.42
CA PHE C 515 36.49 -3.06 24.76
C PHE C 515 35.94 -4.47 24.92
N TYR C 516 36.80 -5.39 25.33
CA TYR C 516 36.36 -6.77 25.58
C TYR C 516 36.86 -7.30 26.93
N GLY C 517 36.05 -8.16 27.54
CA GLY C 517 36.35 -8.71 28.85
C GLY C 517 35.10 -9.08 29.61
N PRO C 518 35.26 -9.54 30.86
CA PRO C 518 34.14 -9.95 31.71
C PRO C 518 33.29 -8.77 32.17
N PRO C 519 31.98 -8.98 32.36
CA PRO C 519 31.05 -7.93 32.75
C PRO C 519 31.40 -7.32 34.11
N GLY C 520 31.07 -6.05 34.30
CA GLY C 520 31.30 -5.37 35.56
C GLY C 520 32.76 -5.10 35.88
N CYS C 521 33.52 -4.74 34.86
CA CYS C 521 34.94 -4.42 35.05
C CYS C 521 35.22 -2.97 34.69
N GLY C 522 34.16 -2.19 34.51
CA GLY C 522 34.28 -0.78 34.27
C GLY C 522 34.51 -0.40 32.82
N LYS C 523 33.94 -1.16 31.89
CA LYS C 523 34.03 -0.83 30.47
C LYS C 523 33.26 0.45 30.19
N THR C 524 32.05 0.53 30.74
CA THR C 524 31.22 1.71 30.60
C THR C 524 31.85 2.88 31.33
N LEU C 525 32.37 2.61 32.53
CA LEU C 525 33.01 3.63 33.35
C LEU C 525 34.25 4.21 32.67
N LEU C 526 35.01 3.36 31.98
CA LEU C 526 36.19 3.80 31.25
C LEU C 526 35.84 4.74 30.11
N ALA C 527 34.84 4.34 29.32
CA ALA C 527 34.38 5.15 28.18
C ALA C 527 33.88 6.53 28.63
N LYS C 528 33.31 6.57 29.82
CA LYS C 528 32.84 7.84 30.41
C LYS C 528 34.03 8.63 30.95
N ALA C 529 34.94 7.93 31.62
CA ALA C 529 36.10 8.56 32.24
C ALA C 529 37.01 9.24 31.23
N ILE C 530 37.17 8.63 30.06
CA ILE C 530 38.03 9.19 29.03
C ILE C 530 37.38 10.44 28.41
N ALA C 531 36.06 10.45 28.36
CA ALA C 531 35.33 11.62 27.87
C ALA C 531 35.45 12.75 28.89
N ASN C 532 35.55 12.37 30.15
CA ASN C 532 35.73 13.33 31.25
C ASN C 532 37.09 14.03 31.18
N GLU C 533 38.10 13.28 30.75
CA GLU C 533 39.45 13.84 30.62
C GLU C 533 39.51 14.87 29.51
N CYS C 534 38.82 14.60 28.41
CA CYS C 534 38.79 15.50 27.26
C CYS C 534 37.72 16.57 27.43
N GLN C 535 36.89 16.42 28.47
CA GLN C 535 35.75 17.31 28.70
C GLN C 535 34.83 17.37 27.49
N ALA C 536 34.69 16.24 26.80
CA ALA C 536 33.84 16.15 25.62
C ALA C 536 32.48 15.54 25.98
N ASN C 537 31.56 15.57 25.03
CA ASN C 537 30.24 15.00 25.23
C ASN C 537 30.23 13.49 25.10
N PHE C 538 29.27 12.85 25.75
CA PHE C 538 29.17 11.39 25.78
C PHE C 538 27.77 10.95 25.38
N ILE C 539 27.70 9.94 24.52
CA ILE C 539 26.42 9.38 24.09
C ILE C 539 26.38 7.87 24.30
N SER C 540 25.42 7.43 25.11
CA SER C 540 25.32 6.02 25.47
C SER C 540 24.17 5.31 24.78
N ILE C 541 24.49 4.56 23.73
CA ILE C 541 23.49 3.75 23.04
C ILE C 541 23.44 2.38 23.68
N LYS C 542 22.42 2.17 24.51
CA LYS C 542 22.32 0.95 25.30
C LYS C 542 22.06 -0.28 24.44
N GLY C 543 22.39 -1.45 24.99
CA GLY C 543 22.17 -2.71 24.31
C GLY C 543 20.74 -2.92 23.82
N PRO C 544 19.77 -2.93 24.73
CA PRO C 544 18.35 -3.05 24.39
C PRO C 544 17.88 -2.06 23.32
N GLU C 545 18.51 -0.89 23.28
CA GLU C 545 18.17 0.13 22.29
C GLU C 545 18.52 -0.33 20.87
N LEU C 546 19.63 -1.06 20.74
CA LEU C 546 20.03 -1.61 19.46
C LEU C 546 19.03 -2.65 18.97
N LEU C 547 18.59 -3.50 19.90
CA LEU C 547 17.63 -4.54 19.56
C LEU C 547 16.27 -3.98 19.16
N THR C 548 15.93 -2.81 19.70
CA THR C 548 14.68 -2.15 19.38
C THR C 548 14.62 -1.85 17.88
N MET C 549 15.78 -1.49 17.33
CA MET C 549 15.92 -1.26 15.89
C MET C 549 15.92 -2.58 15.13
N TRP C 550 16.52 -3.60 15.73
CA TRP C 550 16.62 -4.92 15.11
C TRP C 550 15.25 -5.58 14.95
N PHE C 551 14.50 -5.66 16.05
CA PHE C 551 13.19 -6.29 16.05
C PHE C 551 12.17 -5.47 15.26
N GLY C 552 12.27 -4.15 15.36
CA GLY C 552 11.33 -3.26 14.70
C GLY C 552 11.73 -2.97 13.27
N GLU C 553 12.85 -3.56 12.84
CA GLU C 553 13.36 -3.39 11.48
C GLU C 553 13.57 -1.92 11.13
N SER C 554 14.00 -1.13 12.12
CA SER C 554 14.18 0.30 11.93
C SER C 554 15.64 0.69 12.10
N GLU C 555 16.49 0.24 11.18
CA GLU C 555 17.91 0.59 11.19
C GLU C 555 18.15 2.00 10.68
N ALA C 556 17.08 2.67 10.26
CA ALA C 556 17.17 4.03 9.74
C ALA C 556 17.64 5.01 10.81
N ASN C 557 17.28 4.73 12.07
CA ASN C 557 17.66 5.59 13.19
C ASN C 557 19.17 5.72 13.40
N VAL C 558 19.92 4.74 12.88
CA VAL C 558 21.37 4.74 12.97
C VAL C 558 21.98 6.00 12.37
N ARG C 559 21.52 6.36 11.17
CA ARG C 559 21.95 7.58 10.49
C ARG C 559 21.72 8.82 11.36
N GLU C 560 20.56 8.88 11.98
CA GLU C 560 20.16 10.01 12.81
C GLU C 560 21.07 10.19 14.03
N ILE C 561 21.57 9.09 14.57
CA ILE C 561 22.44 9.13 15.74
C ILE C 561 23.75 9.85 15.49
N PHE C 562 24.46 9.45 14.45
CA PHE C 562 25.75 10.05 14.09
C PHE C 562 25.64 11.55 13.84
N ASP C 563 24.54 11.97 13.23
CA ASP C 563 24.29 13.38 12.96
C ASP C 563 24.19 14.18 14.25
N LYS C 564 23.58 13.57 15.28
CA LYS C 564 23.44 14.22 16.58
C LYS C 564 24.79 14.33 17.27
N ALA C 565 25.66 13.36 17.01
CA ALA C 565 27.01 13.36 17.58
C ALA C 565 27.92 14.31 16.81
N ARG C 566 27.76 14.35 15.49
CA ARG C 566 28.57 15.24 14.65
C ARG C 566 28.25 16.71 14.92
N GLN C 567 26.98 16.99 15.22
CA GLN C 567 26.54 18.35 15.50
C GLN C 567 26.71 18.66 16.99
N ALA C 568 27.56 17.89 17.65
CA ALA C 568 27.86 18.07 19.06
C ALA C 568 29.33 17.82 19.33
N ALA C 569 30.14 17.90 18.27
CA ALA C 569 31.57 17.69 18.37
C ALA C 569 32.23 18.77 19.22
N PRO C 570 33.19 18.39 20.08
CA PRO C 570 33.68 17.02 20.30
C PRO C 570 32.70 16.14 21.06
N CYS C 571 32.59 14.88 20.66
CA CYS C 571 31.62 13.97 21.27
C CYS C 571 32.11 12.52 21.22
N VAL C 572 31.67 11.73 22.19
CA VAL C 572 32.02 10.31 22.25
C VAL C 572 30.81 9.42 22.04
N LEU C 573 30.80 8.67 20.94
CA LEU C 573 29.71 7.75 20.63
C LEU C 573 29.97 6.36 21.20
N PHE C 574 29.19 5.97 22.20
CA PHE C 574 29.43 4.70 22.90
C PHE C 574 28.34 3.65 22.65
N PHE C 575 28.77 2.49 22.15
CA PHE C 575 27.86 1.37 21.91
C PHE C 575 28.06 0.27 22.95
N ASP C 576 27.26 0.30 24.01
CA ASP C 576 27.34 -0.72 25.05
C ASP C 576 26.66 -2.01 24.62
N GLU C 577 27.31 -3.14 24.92
CA GLU C 577 26.79 -4.46 24.57
C GLU C 577 26.54 -4.59 23.08
N LEU C 578 27.59 -4.43 22.29
CA LEU C 578 27.51 -4.53 20.84
C LEU C 578 27.09 -5.94 20.43
N ASP C 579 27.57 -6.92 21.18
CA ASP C 579 27.32 -8.32 20.88
C ASP C 579 25.85 -8.72 21.06
N SER C 580 25.08 -7.86 21.70
CA SER C 580 23.68 -8.14 22.02
C SER C 580 22.87 -8.60 20.81
N ILE C 581 23.13 -7.96 19.66
CA ILE C 581 22.47 -8.35 18.42
C ILE C 581 22.89 -9.75 18.01
N ALA C 582 24.21 -9.97 17.93
CA ALA C 582 24.76 -11.27 17.57
C ALA C 582 24.32 -12.34 18.57
N LYS C 583 24.21 -11.95 19.83
CA LYS C 583 23.74 -12.86 20.88
C LYS C 583 22.30 -13.27 20.60
N ALA C 584 21.51 -12.32 20.09
CA ALA C 584 20.11 -12.56 19.79
C ALA C 584 19.92 -13.54 18.63
N ARG C 585 20.86 -13.54 17.68
CA ARG C 585 20.76 -14.47 16.55
C ARG C 585 21.40 -15.82 16.84
N GLY C 586 21.50 -16.17 18.12
CA GLY C 586 22.07 -17.45 18.50
C GLY C 586 23.53 -17.35 18.90
N GLY C 587 24.30 -16.59 18.15
CA GLY C 587 25.71 -16.42 18.42
C GLY C 587 26.55 -17.58 17.93
N ASN C 588 26.50 -18.69 18.66
CA ASN C 588 27.28 -19.88 18.32
C ASN C 588 26.89 -20.46 16.96
N ILE C 589 25.60 -20.76 16.81
CA ILE C 589 25.06 -21.24 15.53
C ILE C 589 23.93 -20.34 15.09
N GLY C 590 22.80 -20.45 15.78
CA GLY C 590 21.64 -19.63 15.52
C GLY C 590 21.04 -19.75 14.13
N ASP C 591 20.99 -18.63 13.41
CA ASP C 591 20.42 -18.61 12.07
C ASP C 591 21.48 -18.85 11.02
N GLY C 592 21.05 -19.15 9.80
CA GLY C 592 21.94 -19.30 8.67
C GLY C 592 22.29 -17.96 8.04
N GLY C 593 22.61 -16.99 8.89
CA GLY C 593 22.89 -15.63 8.43
C GLY C 593 24.28 -15.17 8.82
N GLY C 594 25.20 -15.26 7.88
CA GLY C 594 26.61 -14.89 8.01
C GLY C 594 27.14 -14.17 9.25
N ALA C 595 27.79 -13.04 9.03
CA ALA C 595 28.38 -12.28 10.13
C ALA C 595 27.73 -10.91 10.34
N ALA C 596 26.95 -10.47 9.36
CA ALA C 596 26.37 -9.13 9.41
C ALA C 596 24.84 -9.10 9.52
N ASP C 597 24.34 -8.07 10.18
CA ASP C 597 22.91 -7.84 10.29
C ASP C 597 22.61 -6.40 9.88
N ARG C 598 21.33 -6.11 9.66
CA ARG C 598 20.92 -4.80 9.12
C ARG C 598 21.31 -3.62 10.00
N VAL C 599 21.28 -3.81 11.32
CA VAL C 599 21.57 -2.72 12.25
C VAL C 599 23.06 -2.40 12.26
N ILE C 600 23.89 -3.42 12.48
CA ILE C 600 25.34 -3.26 12.49
C ILE C 600 25.85 -2.77 11.15
N ASN C 601 25.25 -3.26 10.07
CA ASN C 601 25.63 -2.88 8.72
C ASN C 601 25.47 -1.37 8.47
N GLN C 602 24.40 -0.79 9.01
CA GLN C 602 24.14 0.62 8.82
C GLN C 602 25.10 1.47 9.66
N ILE C 603 25.49 0.92 10.82
CA ILE C 603 26.45 1.59 11.70
C ILE C 603 27.81 1.72 11.02
N LEU C 604 28.25 0.66 10.35
CA LEU C 604 29.51 0.66 9.64
C LEU C 604 29.51 1.71 8.53
N THR C 605 28.37 1.86 7.87
CA THR C 605 28.22 2.82 6.78
C THR C 605 28.43 4.24 7.27
N GLU C 606 27.77 4.59 8.37
CA GLU C 606 27.89 5.93 8.95
C GLU C 606 29.26 6.14 9.60
N MET C 607 29.93 5.04 9.92
CA MET C 607 31.26 5.12 10.52
C MET C 607 32.31 5.47 9.46
N ASP C 608 32.30 4.74 8.35
CA ASP C 608 33.22 4.98 7.26
C ASP C 608 32.94 6.33 6.60
N GLY C 609 31.66 6.68 6.51
CA GLY C 609 31.23 7.92 5.89
C GLY C 609 31.68 9.16 6.63
N MET C 610 31.79 9.05 7.95
CA MET C 610 32.18 10.18 8.80
C MET C 610 33.57 10.69 8.43
N SER C 611 33.71 12.02 8.42
CA SER C 611 34.96 12.68 8.07
C SER C 611 36.09 12.33 9.04
N THR C 612 37.25 11.99 8.49
CA THR C 612 38.41 11.62 9.29
C THR C 612 38.90 12.77 10.17
N LYS C 613 38.75 13.99 9.69
CA LYS C 613 39.22 15.16 10.42
C LYS C 613 38.12 15.82 11.24
N LYS C 614 37.18 15.01 11.73
CA LYS C 614 36.15 15.52 12.63
C LYS C 614 36.64 15.45 14.07
N ASN C 615 35.79 14.93 14.97
CA ASN C 615 36.19 14.76 16.36
C ASN C 615 35.33 13.73 17.09
N VAL C 616 34.58 12.94 16.33
CA VAL C 616 33.72 11.92 16.94
C VAL C 616 34.46 10.58 17.05
N PHE C 617 34.45 10.02 18.25
CA PHE C 617 35.15 8.77 18.51
C PHE C 617 34.17 7.70 18.96
N ILE C 618 34.39 6.47 18.51
CA ILE C 618 33.47 5.37 18.79
C ILE C 618 34.10 4.30 19.69
N ILE C 619 33.37 3.91 20.73
CA ILE C 619 33.83 2.86 21.64
C ILE C 619 32.81 1.75 21.78
N GLY C 620 33.21 0.53 21.45
CA GLY C 620 32.33 -0.62 21.53
C GLY C 620 32.68 -1.56 22.66
N ALA C 621 31.75 -1.72 23.61
CA ALA C 621 31.96 -2.62 24.74
C ALA C 621 31.22 -3.93 24.54
N THR C 622 31.84 -5.03 24.95
CA THR C 622 31.23 -6.35 24.79
C THR C 622 31.73 -7.35 25.82
N ASN C 623 30.84 -8.25 26.21
CA ASN C 623 31.20 -9.36 27.10
C ASN C 623 31.32 -10.66 26.31
N ARG C 624 31.15 -10.56 25.00
CA ARG C 624 31.29 -11.70 24.11
C ARG C 624 31.97 -11.26 22.82
N PRO C 625 33.29 -11.06 22.86
CA PRO C 625 34.05 -10.60 21.68
C PRO C 625 34.19 -11.69 20.62
N ASP C 626 33.86 -12.93 20.98
CA ASP C 626 34.01 -14.07 20.09
C ASP C 626 32.91 -14.16 19.03
N ILE C 627 31.92 -13.27 19.12
CA ILE C 627 30.81 -13.29 18.18
C ILE C 627 30.61 -11.96 17.44
N ILE C 628 31.55 -11.04 17.64
CA ILE C 628 31.47 -9.73 16.98
C ILE C 628 31.90 -9.80 15.52
N ASP C 629 31.13 -9.18 14.65
CA ASP C 629 31.43 -9.11 13.22
C ASP C 629 32.82 -8.54 12.98
N PRO C 630 33.70 -9.33 12.35
CA PRO C 630 35.07 -8.92 12.03
C PRO C 630 35.14 -7.71 11.11
N ALA C 631 34.03 -7.38 10.45
CA ALA C 631 33.96 -6.23 9.55
C ALA C 631 34.16 -4.92 10.31
N ILE C 632 33.81 -4.91 11.59
CA ILE C 632 33.96 -3.72 12.41
C ILE C 632 35.39 -3.60 12.89
N LEU C 633 36.11 -4.72 12.86
CA LEU C 633 37.48 -4.79 13.35
C LEU C 633 38.50 -4.46 12.27
N ARG C 634 38.01 -4.14 11.08
CA ARG C 634 38.89 -3.75 9.97
C ARG C 634 39.60 -2.44 10.30
N PRO C 635 40.85 -2.30 9.83
CA PRO C 635 41.60 -1.04 9.94
C PRO C 635 40.76 0.13 9.43
N GLY C 636 40.79 1.26 10.13
CA GLY C 636 40.02 2.42 9.75
C GLY C 636 38.65 2.44 10.40
N ARG C 637 38.40 1.46 11.27
CA ARG C 637 37.16 1.39 12.02
C ARG C 637 37.46 1.20 13.51
N LEU C 638 37.38 -0.03 13.98
CA LEU C 638 37.81 -0.34 15.35
C LEU C 638 39.19 -0.98 15.33
N ASP C 639 40.21 -0.14 15.13
CA ASP C 639 41.59 -0.61 15.03
C ASP C 639 42.09 -1.23 16.32
N GLN C 640 42.01 -0.46 17.41
CA GLN C 640 42.56 -0.90 18.70
C GLN C 640 41.65 -1.90 19.39
N LEU C 641 42.26 -2.93 19.96
CA LEU C 641 41.55 -3.92 20.75
C LEU C 641 42.09 -3.93 22.17
N ILE C 642 41.28 -3.47 23.12
CA ILE C 642 41.72 -3.34 24.50
C ILE C 642 40.99 -4.29 25.43
N TYR C 643 41.76 -5.07 26.18
CA TYR C 643 41.22 -6.07 27.11
C TYR C 643 41.08 -5.50 28.51
N ILE C 644 39.86 -5.57 29.04
CA ILE C 644 39.59 -5.11 30.40
C ILE C 644 39.26 -6.28 31.31
N PRO C 645 40.23 -6.68 32.16
CA PRO C 645 40.09 -7.82 33.07
C PRO C 645 39.46 -7.44 34.40
N LEU C 646 39.37 -8.40 35.30
CA LEU C 646 38.90 -8.14 36.66
C LEU C 646 39.93 -7.29 37.40
N PRO C 647 39.46 -6.35 38.23
CA PRO C 647 40.35 -5.48 39.01
C PRO C 647 41.22 -6.29 39.96
N ASP C 648 42.50 -5.92 40.08
CA ASP C 648 43.41 -6.65 40.95
C ASP C 648 43.26 -6.20 42.40
N GLU C 649 44.25 -6.53 43.22
CA GLU C 649 44.21 -6.24 44.65
C GLU C 649 44.19 -4.73 44.92
N LYS C 650 45.04 -3.99 44.22
CA LYS C 650 45.14 -2.56 44.43
C LYS C 650 43.94 -1.81 43.84
N SER C 651 43.41 -2.33 42.72
CA SER C 651 42.27 -1.70 42.06
C SER C 651 41.00 -1.82 42.89
N ARG C 652 40.80 -2.99 43.50
CA ARG C 652 39.58 -3.25 44.28
C ARG C 652 39.46 -2.31 45.49
N VAL C 653 40.60 -1.84 45.99
CA VAL C 653 40.60 -0.89 47.10
C VAL C 653 39.88 0.40 46.71
N ALA C 654 40.33 1.01 45.61
CA ALA C 654 39.78 2.28 45.16
C ALA C 654 38.33 2.14 44.70
N ILE C 655 38.00 0.98 44.15
CA ILE C 655 36.64 0.72 43.67
C ILE C 655 35.67 0.68 44.85
N LEU C 656 36.06 -0.03 45.91
CA LEU C 656 35.25 -0.09 47.13
C LEU C 656 35.12 1.29 47.74
N LYS C 657 36.22 2.05 47.69
CA LYS C 657 36.22 3.42 48.19
C LYS C 657 35.30 4.30 47.36
N ALA C 658 35.26 4.06 46.06
CA ALA C 658 34.42 4.84 45.15
C ALA C 658 32.94 4.57 45.39
N ASN C 659 32.58 3.31 45.55
CA ASN C 659 31.19 2.92 45.77
C ASN C 659 30.70 3.29 47.16
N LEU C 660 31.64 3.61 48.05
CA LEU C 660 31.31 3.97 49.43
C LEU C 660 31.75 5.40 49.75
N ARG C 661 32.00 6.19 48.72
CA ARG C 661 32.39 7.58 48.88
C ARG C 661 31.25 8.41 49.45
N LYS C 662 30.03 7.96 49.18
CA LYS C 662 28.83 8.67 49.64
C LYS C 662 28.12 7.86 50.71
N SER C 663 28.89 7.20 51.56
CA SER C 663 28.33 6.37 52.62
C SER C 663 29.10 6.53 53.92
N PRO C 664 28.38 6.59 55.06
CA PRO C 664 28.96 6.73 56.39
C PRO C 664 29.73 5.48 56.84
N VAL C 665 30.79 5.14 56.12
CA VAL C 665 31.60 3.97 56.46
C VAL C 665 32.32 4.22 57.79
N ALA C 666 32.45 3.17 58.58
CA ALA C 666 33.11 3.28 59.88
C ALA C 666 34.62 3.29 59.74
N LYS C 667 35.31 3.52 60.86
CA LYS C 667 36.76 3.59 60.86
C LYS C 667 37.38 2.25 61.24
N ASP C 668 36.59 1.41 61.92
CA ASP C 668 37.04 0.07 62.29
C ASP C 668 36.97 -0.88 61.10
N VAL C 669 36.37 -0.41 60.00
CA VAL C 669 36.22 -1.21 58.80
C VAL C 669 37.47 -1.15 57.91
N ASP C 670 38.04 -2.31 57.62
CA ASP C 670 39.21 -2.39 56.78
C ASP C 670 38.80 -2.67 55.34
N LEU C 671 39.33 -1.88 54.41
CA LEU C 671 38.95 -2.00 53.00
C LEU C 671 39.97 -2.82 52.22
N GLU C 672 41.24 -2.66 52.54
CA GLU C 672 42.30 -3.42 51.89
C GLU C 672 42.17 -4.91 52.19
N PHE C 673 41.55 -5.22 53.33
CA PHE C 673 41.32 -6.60 53.74
C PHE C 673 40.41 -7.33 52.77
N LEU C 674 39.38 -6.65 52.29
CA LEU C 674 38.45 -7.23 51.32
C LEU C 674 39.12 -7.39 49.96
N ALA C 675 40.15 -6.58 49.72
CA ALA C 675 40.89 -6.66 48.46
C ALA C 675 41.78 -7.90 48.45
N LYS C 676 42.12 -8.40 49.64
CA LYS C 676 42.90 -9.62 49.77
C LYS C 676 41.97 -10.82 49.84
N MET C 677 40.69 -10.55 50.10
CA MET C 677 39.70 -11.61 50.23
C MET C 677 39.06 -11.92 48.87
N THR C 678 38.62 -10.87 48.19
CA THR C 678 37.98 -11.02 46.89
C THR C 678 39.02 -11.16 45.78
N ASN C 679 38.92 -12.26 45.03
CA ASN C 679 39.82 -12.49 43.90
C ASN C 679 39.07 -12.47 42.58
N GLY C 680 38.28 -13.52 42.33
CA GLY C 680 37.47 -13.61 41.13
C GLY C 680 36.22 -12.76 41.18
N PHE C 681 36.35 -11.53 41.67
CA PHE C 681 35.22 -10.63 41.79
C PHE C 681 35.35 -9.46 40.81
N SER C 682 34.22 -8.85 40.47
CA SER C 682 34.20 -7.74 39.54
C SER C 682 33.72 -6.47 40.23
N GLY C 683 33.80 -5.35 39.51
CA GLY C 683 33.33 -4.08 40.03
C GLY C 683 31.86 -4.13 40.40
N ALA C 684 31.10 -4.88 39.62
CA ALA C 684 29.67 -5.08 39.89
C ALA C 684 29.47 -5.92 41.14
N ASP C 685 30.34 -6.92 41.32
CA ASP C 685 30.27 -7.79 42.49
C ASP C 685 30.59 -7.04 43.78
N LEU C 686 31.58 -6.14 43.71
CA LEU C 686 31.95 -5.34 44.86
C LEU C 686 30.81 -4.42 45.30
N THR C 687 30.14 -3.81 44.32
CA THR C 687 28.98 -2.97 44.58
C THR C 687 27.87 -3.83 45.18
N GLU C 688 27.72 -5.03 44.63
CA GLU C 688 26.74 -5.99 45.12
C GLU C 688 26.95 -6.30 46.60
N ILE C 689 28.22 -6.43 47.00
CA ILE C 689 28.56 -6.70 48.39
C ILE C 689 28.22 -5.52 49.31
N CYS C 690 28.62 -4.33 48.89
CA CYS C 690 28.38 -3.11 49.67
C CYS C 690 26.91 -2.84 49.93
N GLN C 691 26.09 -2.98 48.89
CA GLN C 691 24.65 -2.71 48.99
C GLN C 691 23.92 -3.70 49.90
N ARG C 692 24.35 -4.96 49.89
CA ARG C 692 23.72 -5.97 50.74
C ARG C 692 23.99 -5.70 52.22
N ALA C 693 25.13 -5.08 52.50
CA ALA C 693 25.46 -4.69 53.87
C ALA C 693 24.59 -3.52 54.29
N CYS C 694 24.31 -2.64 53.33
CA CYS C 694 23.45 -1.48 53.58
C CYS C 694 22.01 -1.91 53.80
N LYS C 695 21.60 -2.98 53.13
CA LYS C 695 20.28 -3.55 53.33
C LYS C 695 20.10 -3.96 54.78
N LEU C 696 21.14 -4.56 55.34
CA LEU C 696 21.14 -4.97 56.74
C LEU C 696 21.29 -3.75 57.67
N ALA C 697 22.02 -2.75 57.21
CA ALA C 697 22.23 -1.53 57.98
C ALA C 697 20.93 -0.78 58.23
N ILE C 698 20.13 -0.62 57.18
CA ILE C 698 18.83 0.03 57.29
C ILE C 698 17.88 -0.87 58.05
N ARG C 699 18.04 -2.17 57.85
CA ARG C 699 17.25 -3.19 58.54
C ARG C 699 17.39 -3.08 60.05
N GLU C 700 18.60 -2.77 60.51
CA GLU C 700 18.87 -2.65 61.94
C GLU C 700 18.15 -1.48 62.58
N SER C 701 18.25 -0.31 61.95
CA SER C 701 17.65 0.91 62.50
C SER C 701 16.13 0.82 62.57
N ILE C 702 15.53 0.26 61.51
CA ILE C 702 14.08 0.18 61.43
C ILE C 702 13.51 -0.89 62.37
N GLU C 703 14.16 -2.05 62.39
CA GLU C 703 13.70 -3.15 63.23
C GLU C 703 13.82 -2.82 64.72
N SER C 704 14.81 -2.00 65.06
CA SER C 704 15.02 -1.62 66.45
C SER C 704 13.93 -0.66 66.91
N GLU C 705 13.62 0.32 66.08
CA GLU C 705 12.58 1.30 66.38
C GLU C 705 11.21 0.64 66.49
N ILE C 706 10.82 -0.10 65.45
CA ILE C 706 9.55 -0.79 65.42
C ILE C 706 9.52 -1.93 66.44
N VAL C 727 22.67 6.91 65.72
CA VAL C 727 22.64 5.56 66.26
C VAL C 727 23.14 4.47 65.28
N PRO C 728 22.65 4.47 64.03
CA PRO C 728 23.12 3.41 63.13
C PRO C 728 24.13 3.89 62.10
N GLU C 729 25.36 3.40 62.21
CA GLU C 729 26.38 3.66 61.19
C GLU C 729 26.97 2.32 60.74
N ILE C 730 27.06 2.13 59.43
CA ILE C 730 27.53 0.86 58.87
C ILE C 730 28.93 0.45 59.34
N ARG C 731 29.01 -0.71 59.98
CA ARG C 731 30.22 -1.17 60.63
C ARG C 731 30.79 -2.45 60.03
N ARG C 732 31.71 -3.09 60.75
CA ARG C 732 32.42 -4.27 60.25
C ARG C 732 31.53 -5.49 59.99
N ASP C 733 30.77 -5.88 61.00
CA ASP C 733 29.97 -7.11 60.94
C ASP C 733 28.94 -7.12 59.80
N HIS C 734 28.58 -5.94 59.31
CA HIS C 734 27.66 -5.82 58.18
C HIS C 734 28.27 -6.50 56.95
N PHE C 735 29.53 -6.16 56.66
CA PHE C 735 30.25 -6.77 55.55
C PHE C 735 30.50 -8.25 55.80
N GLU C 736 30.91 -8.58 57.02
CA GLU C 736 31.27 -9.95 57.38
C GLU C 736 30.09 -10.90 57.33
N GLU C 737 28.87 -10.35 57.38
CA GLU C 737 27.67 -11.17 57.29
C GLU C 737 27.21 -11.27 55.85
N ALA C 738 27.57 -10.28 55.04
CA ALA C 738 27.21 -10.25 53.64
C ALA C 738 28.13 -11.11 52.78
N MET C 739 29.36 -11.32 53.26
CA MET C 739 30.34 -12.08 52.50
C MET C 739 30.02 -13.57 52.43
N ARG C 740 29.17 -14.03 53.35
CA ARG C 740 28.76 -15.43 53.35
C ARG C 740 27.75 -15.69 52.24
N PHE C 741 27.07 -14.63 51.81
CA PHE C 741 26.15 -14.72 50.68
C PHE C 741 26.70 -13.96 49.49
N ALA C 742 28.02 -14.08 49.29
CA ALA C 742 28.69 -13.45 48.16
C ALA C 742 29.05 -14.50 47.11
N ARG C 743 28.85 -14.17 45.85
CA ARG C 743 29.13 -15.11 44.77
C ARG C 743 30.10 -14.53 43.76
N ARG C 744 30.75 -15.41 43.00
CA ARG C 744 31.68 -15.01 41.96
C ARG C 744 31.05 -15.18 40.58
N SER C 745 30.44 -14.11 40.08
CA SER C 745 29.73 -14.15 38.80
C SER C 745 30.65 -14.49 37.65
N VAL C 746 31.91 -14.05 37.74
CA VAL C 746 32.89 -14.34 36.70
C VAL C 746 33.60 -15.66 37.03
N SER C 747 33.23 -16.72 36.30
CA SER C 747 33.82 -18.04 36.53
C SER C 747 35.24 -18.11 35.99
N ASP C 748 36.06 -18.97 36.59
CA ASP C 748 37.46 -19.11 36.21
C ASP C 748 37.62 -19.58 34.76
N ASP C 749 36.73 -20.48 34.34
CA ASP C 749 36.75 -20.99 32.97
C ASP C 749 36.46 -19.91 31.94
N ASP C 750 35.60 -18.96 32.30
CA ASP C 750 35.30 -17.82 31.42
C ASP C 750 36.50 -16.89 31.27
N ILE C 751 37.26 -16.73 32.36
CA ILE C 751 38.47 -15.90 32.34
C ILE C 751 39.47 -16.47 31.34
N ASP C 752 39.66 -17.77 31.40
CA ASP C 752 40.58 -18.47 30.50
C ASP C 752 40.14 -18.35 29.04
N LYS C 753 38.83 -18.28 28.82
CA LYS C 753 38.29 -18.10 27.47
C LYS C 753 38.75 -16.77 26.89
N TYR C 754 38.77 -15.75 27.73
CA TYR C 754 39.19 -14.41 27.31
C TYR C 754 40.70 -14.33 27.11
N GLU C 755 41.43 -15.13 27.89
CA GLU C 755 42.87 -15.24 27.74
C GLU C 755 43.21 -15.91 26.41
N ASP C 756 42.42 -16.92 26.05
CA ASP C 756 42.57 -17.63 24.79
C ASP C 756 42.51 -16.66 23.62
N PHE C 757 41.54 -15.74 23.68
CA PHE C 757 41.37 -14.72 22.66
C PHE C 757 42.57 -13.79 22.61
N ALA C 758 43.14 -13.51 23.78
CA ALA C 758 44.27 -12.59 23.91
C ALA C 758 45.55 -13.15 23.31
N ASP C 759 45.64 -14.47 23.19
CA ASP C 759 46.81 -15.10 22.57
C ASP C 759 46.88 -14.85 21.08
N THR C 760 45.76 -15.02 20.40
CA THR C 760 45.70 -14.86 18.94
C THR C 760 46.00 -13.42 18.52
N LEU C 761 45.57 -12.47 19.35
CA LEU C 761 45.71 -11.05 19.03
C LEU C 761 47.16 -10.53 18.95
N GLN C 762 48.09 -11.16 19.67
CA GLN C 762 49.48 -10.74 19.64
C GLN C 762 50.40 -11.88 19.21
N GLN C 763 50.87 -11.82 17.97
CA GLN C 763 51.85 -12.79 17.46
C GLN C 763 52.86 -12.10 16.55
N SER C 764 53.89 -12.82 16.15
CA SER C 764 54.89 -12.30 15.23
C SER C 764 55.69 -13.43 14.57
N ARG C 765 55.61 -13.52 13.25
CA ARG C 765 56.27 -14.59 12.51
C ARG C 765 57.28 -14.04 11.51
N GLY C 766 58.21 -14.89 11.07
CA GLY C 766 59.23 -14.48 10.13
C GLY C 766 59.52 -15.51 9.06
N PHE C 767 59.10 -15.22 7.83
CA PHE C 767 59.34 -16.11 6.70
C PHE C 767 60.61 -15.70 5.95
N GLY C 768 60.97 -16.48 4.94
CA GLY C 768 62.16 -16.20 4.14
C GLY C 768 62.00 -14.96 3.28
N SER D 196 -27.10 25.91 44.60
CA SER D 196 -28.20 24.97 44.46
C SER D 196 -28.01 23.76 45.37
N LEU D 197 -28.91 23.59 46.33
CA LEU D 197 -28.85 22.48 47.26
C LEU D 197 -29.63 21.27 46.74
N ASN D 198 -29.59 21.07 45.42
CA ASN D 198 -30.33 19.98 44.80
C ASN D 198 -29.72 19.54 43.46
N GLU D 199 -28.93 20.43 42.86
CA GLU D 199 -28.35 20.16 41.55
C GLU D 199 -27.13 19.25 41.64
N VAL D 200 -25.95 19.83 41.45
CA VAL D 200 -24.71 19.05 41.41
C VAL D 200 -23.72 19.51 42.46
N GLY D 201 -23.21 18.58 43.26
CA GLY D 201 -22.23 18.88 44.28
C GLY D 201 -21.15 17.82 44.36
N TYR D 202 -20.42 17.80 45.48
CA TYR D 202 -19.36 16.81 45.68
C TYR D 202 -19.87 15.53 46.32
N ASP D 203 -21.01 15.62 47.01
CA ASP D 203 -21.60 14.46 47.66
C ASP D 203 -22.41 13.62 46.68
N ASP D 204 -22.35 13.98 45.40
CA ASP D 204 -23.05 13.24 44.35
C ASP D 204 -22.08 12.37 43.56
N ILE D 205 -20.80 12.71 43.63
CA ILE D 205 -19.77 11.95 42.92
C ILE D 205 -18.97 11.08 43.89
N GLY D 206 -18.28 10.08 43.34
CA GLY D 206 -17.49 9.17 44.16
C GLY D 206 -16.85 8.09 43.32
N GLY D 207 -16.01 7.28 43.95
CA GLY D 207 -15.32 6.21 43.26
C GLY D 207 -14.07 6.68 42.55
N CYS D 208 -13.79 7.98 42.65
CA CYS D 208 -12.63 8.57 42.01
C CYS D 208 -11.94 9.53 42.98
N ARG D 209 -12.03 9.23 44.27
CA ARG D 209 -11.51 10.12 45.31
C ARG D 209 -9.99 10.27 45.23
N LYS D 210 -9.31 9.28 44.65
CA LYS D 210 -7.87 9.35 44.46
C LYS D 210 -7.49 10.45 43.48
N GLN D 211 -8.36 10.67 42.48
CA GLN D 211 -8.11 11.69 41.47
C GLN D 211 -8.60 13.06 41.93
N LEU D 212 -9.76 13.08 42.59
CA LEU D 212 -10.38 14.33 43.04
C LEU D 212 -9.47 15.14 43.95
N ALA D 213 -8.71 14.45 44.80
CA ALA D 213 -7.81 15.10 45.73
C ALA D 213 -6.70 15.86 45.00
N GLN D 214 -6.22 15.29 43.89
CA GLN D 214 -5.17 15.92 43.10
C GLN D 214 -5.72 17.07 42.27
N ILE D 215 -7.03 17.08 42.05
CA ILE D 215 -7.68 18.13 41.29
C ILE D 215 -7.79 19.41 42.12
N LYS D 216 -8.18 19.26 43.38
CA LYS D 216 -8.27 20.40 44.29
C LYS D 216 -6.93 21.10 44.45
N GLU D 217 -5.84 20.34 44.32
CA GLU D 217 -4.50 20.89 44.39
C GLU D 217 -4.23 21.79 43.19
N MET D 218 -5.06 21.68 42.16
CA MET D 218 -4.89 22.43 40.93
C MET D 218 -5.98 23.48 40.71
N VAL D 219 -7.19 23.18 41.15
CA VAL D 219 -8.33 24.04 40.83
C VAL D 219 -8.84 24.90 41.99
N GLU D 220 -8.67 24.42 43.22
CA GLU D 220 -9.23 25.11 44.38
C GLU D 220 -8.52 26.44 44.64
N LEU D 221 -7.20 26.45 44.49
CA LEU D 221 -6.40 27.63 44.77
C LEU D 221 -6.63 28.81 43.81
N PRO D 222 -6.52 28.59 42.49
CA PRO D 222 -6.65 29.76 41.61
C PRO D 222 -8.09 30.19 41.36
N LEU D 223 -9.05 29.44 41.91
CA LEU D 223 -10.46 29.77 41.72
C LEU D 223 -11.06 30.45 42.94
N ARG D 224 -10.67 29.99 44.13
CA ARG D 224 -11.12 30.60 45.37
C ARG D 224 -10.59 32.02 45.50
N HIS D 225 -9.30 32.19 45.19
CA HIS D 225 -8.66 33.50 45.25
C HIS D 225 -7.69 33.70 44.08
N PRO D 226 -8.15 34.40 43.02
CA PRO D 226 -7.38 34.64 41.82
C PRO D 226 -6.21 35.60 42.04
N ALA D 227 -6.38 36.53 42.98
CA ALA D 227 -5.35 37.52 43.27
C ALA D 227 -4.18 36.92 44.05
N LEU D 228 -4.37 35.70 44.55
CA LEU D 228 -3.32 35.01 45.28
C LEU D 228 -2.22 34.57 44.32
N PHE D 229 -2.59 34.29 43.08
CA PHE D 229 -1.62 33.90 42.06
C PHE D 229 -1.09 35.11 41.29
N LYS D 230 -1.48 36.30 41.75
CA LYS D 230 -0.97 37.54 41.19
C LYS D 230 0.29 37.94 41.93
N ALA D 231 0.27 37.78 43.25
CA ALA D 231 1.40 38.16 44.10
C ALA D 231 2.41 37.03 44.23
N ILE D 232 2.05 35.84 43.76
CA ILE D 232 2.94 34.69 43.83
C ILE D 232 3.59 34.43 42.47
N GLY D 233 4.70 33.70 42.47
CA GLY D 233 5.40 33.37 41.24
C GLY D 233 4.84 32.13 40.60
N VAL D 234 4.05 31.37 41.36
CA VAL D 234 3.44 30.14 40.86
C VAL D 234 2.42 30.44 39.76
N LYS D 235 2.60 29.80 38.61
CA LYS D 235 1.69 30.01 37.48
C LYS D 235 0.39 29.24 37.66
N PRO D 236 -0.73 29.88 37.29
CA PRO D 236 -2.04 29.22 37.30
C PRO D 236 -2.12 28.16 36.21
N PRO D 237 -2.62 26.96 36.54
CA PRO D 237 -2.75 25.88 35.55
C PRO D 237 -3.80 26.21 34.50
N ARG D 238 -3.60 25.72 33.28
CA ARG D 238 -4.51 26.02 32.18
C ARG D 238 -5.32 24.80 31.74
N GLY D 239 -4.63 23.68 31.49
CA GLY D 239 -5.28 22.50 30.94
C GLY D 239 -5.33 21.28 31.85
N ILE D 240 -6.50 20.67 31.92
CA ILE D 240 -6.68 19.43 32.66
C ILE D 240 -7.52 18.45 31.84
N LEU D 241 -6.91 17.34 31.42
CA LEU D 241 -7.59 16.37 30.58
C LEU D 241 -7.95 15.11 31.36
N LEU D 242 -9.21 14.70 31.27
CA LEU D 242 -9.69 13.52 31.96
C LEU D 242 -9.61 12.29 31.07
N TYR D 243 -9.02 11.21 31.58
CA TYR D 243 -8.88 9.97 30.82
C TYR D 243 -10.00 9.00 31.18
N GLY D 244 -9.76 7.71 30.90
CA GLY D 244 -10.71 6.68 31.24
C GLY D 244 -11.86 6.57 30.26
N PRO D 245 -12.41 5.35 30.11
CA PRO D 245 -13.54 5.09 29.20
C PRO D 245 -14.83 5.71 29.73
N PRO D 246 -15.70 6.16 28.82
CA PRO D 246 -17.00 6.76 29.18
C PRO D 246 -17.85 5.84 30.04
N GLY D 247 -18.52 6.40 31.03
CA GLY D 247 -19.35 5.63 31.94
C GLY D 247 -18.98 5.86 33.39
N THR D 248 -17.86 6.54 33.61
CA THR D 248 -17.39 6.82 34.96
C THR D 248 -18.02 8.11 35.50
N GLY D 249 -18.09 9.12 34.66
CA GLY D 249 -18.63 10.41 35.04
C GLY D 249 -17.66 11.53 34.78
N LYS D 250 -17.25 11.67 33.52
CA LYS D 250 -16.24 12.65 33.13
C LYS D 250 -16.79 14.08 33.22
N THR D 251 -18.08 14.22 32.98
CA THR D 251 -18.72 15.53 32.97
C THR D 251 -19.17 15.96 34.37
N LEU D 252 -19.72 15.01 35.12
CA LEU D 252 -20.23 15.27 36.46
C LEU D 252 -19.17 15.80 37.41
N ILE D 253 -17.92 15.40 37.20
CA ILE D 253 -16.82 15.84 38.05
C ILE D 253 -16.49 17.32 37.81
N ALA D 254 -16.26 17.69 36.56
CA ALA D 254 -15.92 19.06 36.21
C ALA D 254 -17.06 20.02 36.51
N ARG D 255 -18.29 19.54 36.39
CA ARG D 255 -19.47 20.35 36.67
C ARG D 255 -19.60 20.62 38.16
N ALA D 256 -19.19 19.65 38.97
CA ALA D 256 -19.28 19.75 40.42
C ALA D 256 -18.24 20.73 40.98
N VAL D 257 -17.07 20.78 40.33
CA VAL D 257 -16.00 21.67 40.76
C VAL D 257 -16.42 23.12 40.62
N ALA D 258 -17.05 23.44 39.49
CA ALA D 258 -17.54 24.79 39.24
C ALA D 258 -18.71 25.12 40.16
N ASN D 259 -19.37 24.09 40.68
CA ASN D 259 -20.48 24.27 41.60
C ASN D 259 -20.02 24.30 43.07
N GLU D 260 -18.74 24.05 43.29
CA GLU D 260 -18.19 24.05 44.64
C GLU D 260 -17.06 25.07 44.81
N THR D 261 -16.97 25.99 43.86
CA THR D 261 -15.97 27.06 43.93
C THR D 261 -16.62 28.41 43.60
N GLY D 262 -17.89 28.37 43.24
CA GLY D 262 -18.61 29.58 42.87
C GLY D 262 -18.24 30.07 41.49
N ALA D 263 -17.52 29.23 40.75
CA ALA D 263 -17.07 29.58 39.41
C ALA D 263 -18.14 29.31 38.37
N PHE D 264 -17.97 29.89 37.18
CA PHE D 264 -18.90 29.68 36.08
C PHE D 264 -18.53 28.40 35.32
N PHE D 265 -19.53 27.76 34.74
CA PHE D 265 -19.32 26.52 34.01
C PHE D 265 -19.86 26.61 32.58
N PHE D 266 -18.99 26.38 31.60
CA PHE D 266 -19.39 26.45 30.20
C PHE D 266 -19.26 25.08 29.54
N LEU D 267 -20.40 24.44 29.29
CA LEU D 267 -20.43 23.14 28.64
C LEU D 267 -20.28 23.28 27.13
N ILE D 268 -19.23 22.68 26.59
CA ILE D 268 -19.02 22.65 25.14
C ILE D 268 -19.08 21.23 24.64
N ASN D 269 -20.20 20.88 24.00
CA ASN D 269 -20.40 19.52 23.51
C ASN D 269 -19.71 19.29 22.18
N GLY D 270 -19.01 18.17 22.05
CA GLY D 270 -18.26 17.82 20.86
C GLY D 270 -19.05 17.85 19.56
N PRO D 271 -19.99 16.90 19.41
CA PRO D 271 -20.83 16.83 18.20
C PRO D 271 -21.69 18.08 17.98
N GLU D 272 -21.94 18.85 19.03
CA GLU D 272 -22.68 20.10 18.90
C GLU D 272 -21.87 21.10 18.07
N ILE D 273 -20.55 21.00 18.17
CA ILE D 273 -19.65 21.87 17.43
C ILE D 273 -19.41 21.32 16.02
N MET D 274 -19.37 20.00 15.90
CA MET D 274 -19.10 19.36 14.62
C MET D 274 -20.36 19.11 13.79
N SER D 275 -21.48 19.66 14.24
CA SER D 275 -22.72 19.60 13.47
C SER D 275 -22.99 20.95 12.81
N LYS D 276 -22.20 21.95 13.20
CA LYS D 276 -22.33 23.29 12.66
C LYS D 276 -21.58 23.43 11.34
N LEU D 277 -22.04 24.35 10.50
CA LEU D 277 -21.48 24.53 9.17
C LEU D 277 -20.07 25.13 9.20
N ALA D 278 -19.42 25.15 8.04
CA ALA D 278 -18.08 25.70 7.92
C ALA D 278 -18.09 27.21 8.17
N GLY D 279 -17.64 27.60 9.36
CA GLY D 279 -17.65 29.00 9.76
C GLY D 279 -18.56 29.21 10.95
N GLU D 280 -19.60 28.40 11.03
CA GLU D 280 -20.53 28.45 12.16
C GLU D 280 -19.91 27.75 13.36
N SER D 281 -18.97 26.85 13.09
CA SER D 281 -18.30 26.10 14.13
C SER D 281 -17.31 26.95 14.93
N GLU D 282 -16.45 27.66 14.22
CA GLU D 282 -15.40 28.46 14.85
C GLU D 282 -15.99 29.62 15.67
N SER D 283 -17.12 30.14 15.22
CA SER D 283 -17.77 31.26 15.90
C SER D 283 -18.34 30.83 17.24
N ASN D 284 -18.68 29.55 17.36
CA ASN D 284 -19.20 29.03 18.62
C ASN D 284 -18.12 28.87 19.68
N LEU D 285 -16.99 28.27 19.29
CA LEU D 285 -15.87 28.09 20.20
C LEU D 285 -15.28 29.44 20.61
N ARG D 286 -15.28 30.39 19.67
CA ARG D 286 -14.81 31.74 19.94
C ARG D 286 -15.64 32.40 21.02
N LYS D 287 -16.97 32.35 20.86
CA LYS D 287 -17.88 32.95 21.82
C LYS D 287 -17.91 32.17 23.12
N ALA D 288 -17.62 30.87 23.04
CA ALA D 288 -17.62 30.02 24.22
C ALA D 288 -16.45 30.34 25.14
N PHE D 289 -15.40 30.94 24.58
CA PHE D 289 -14.22 31.30 25.34
C PHE D 289 -14.27 32.75 25.82
N GLU D 290 -14.95 33.60 25.05
CA GLU D 290 -15.02 35.02 25.37
C GLU D 290 -16.19 35.36 26.27
N GLU D 291 -17.15 34.45 26.38
CA GLU D 291 -18.29 34.63 27.28
C GLU D 291 -17.90 34.23 28.70
N ALA D 292 -17.25 33.09 28.83
CA ALA D 292 -16.82 32.59 30.13
C ALA D 292 -15.61 33.34 30.65
N GLU D 293 -14.92 34.04 29.75
CA GLU D 293 -13.74 34.82 30.13
C GLU D 293 -14.13 35.98 31.04
N LYS D 294 -15.32 36.54 30.80
CA LYS D 294 -15.82 37.65 31.59
C LYS D 294 -16.28 37.19 32.98
N ASN D 295 -16.73 35.94 33.06
CA ASN D 295 -17.22 35.39 34.32
C ASN D 295 -16.11 34.75 35.15
N ALA D 296 -14.95 35.40 35.20
CA ALA D 296 -13.82 34.89 35.95
C ALA D 296 -14.12 34.85 37.45
N PRO D 297 -13.81 33.71 38.09
CA PRO D 297 -13.20 32.53 37.48
C PRO D 297 -14.23 31.61 36.83
N ALA D 298 -13.83 30.93 35.76
CA ALA D 298 -14.73 30.03 35.05
C ALA D 298 -14.01 28.77 34.60
N ILE D 299 -14.78 27.70 34.37
CA ILE D 299 -14.22 26.43 33.94
C ILE D 299 -14.80 25.99 32.60
N ILE D 300 -13.97 26.07 31.55
CA ILE D 300 -14.37 25.62 30.23
C ILE D 300 -14.17 24.11 30.09
N PHE D 301 -15.28 23.38 29.93
CA PHE D 301 -15.22 21.93 29.86
C PHE D 301 -15.71 21.39 28.51
N ILE D 302 -14.84 20.63 27.85
CA ILE D 302 -15.20 20.01 26.57
C ILE D 302 -15.62 18.57 26.81
N ASP D 303 -16.65 18.12 26.10
CA ASP D 303 -17.10 16.74 26.19
C ASP D 303 -16.26 15.84 25.31
N GLU D 304 -16.73 15.61 24.08
CA GLU D 304 -15.99 14.79 23.13
C GLU D 304 -14.92 15.60 22.41
N LEU D 305 -13.71 15.63 22.99
CA LEU D 305 -12.60 16.37 22.41
C LEU D 305 -12.03 15.64 21.20
N ASP D 306 -11.97 14.31 21.29
CA ASP D 306 -11.42 13.50 20.21
C ASP D 306 -12.24 13.62 18.94
N ALA D 307 -13.51 13.98 19.09
CA ALA D 307 -14.39 14.20 17.95
C ALA D 307 -14.14 15.57 17.34
N ILE D 308 -13.41 16.41 18.05
CA ILE D 308 -13.09 17.75 17.57
C ILE D 308 -11.66 17.83 17.05
N ALA D 309 -10.71 17.26 17.78
CA ALA D 309 -9.31 17.29 17.37
C ALA D 309 -8.61 15.94 17.47
N PRO D 310 -8.89 15.05 16.52
CA PRO D 310 -8.20 13.75 16.46
C PRO D 310 -7.04 13.79 15.47
N LYS D 311 -6.40 14.96 15.34
CA LYS D 311 -5.34 15.16 14.35
C LYS D 311 -4.19 14.18 14.52
N ARG D 312 -4.22 13.11 13.72
CA ARG D 312 -3.18 12.10 13.73
C ARG D 312 -3.35 11.23 12.48
N GLU D 313 -4.24 10.25 12.58
CA GLU D 313 -4.64 9.47 11.42
C GLU D 313 -5.96 10.03 10.90
N LYS D 314 -6.72 10.62 11.80
CA LYS D 314 -7.97 11.29 11.45
C LYS D 314 -7.72 12.75 11.17
N THR D 315 -6.48 13.08 10.81
CA THR D 315 -6.07 14.44 10.51
C THR D 315 -6.59 14.88 9.14
N HIS D 316 -7.17 13.94 8.40
CA HIS D 316 -7.72 14.22 7.08
C HIS D 316 -8.88 15.20 7.16
N GLY D 317 -8.75 16.31 6.43
CA GLY D 317 -9.78 17.32 6.41
C GLY D 317 -9.24 18.70 6.04
N GLU D 318 -10.11 19.56 5.53
CA GLU D 318 -9.71 20.91 5.16
C GLU D 318 -10.26 21.92 6.15
N VAL D 319 -11.59 21.94 6.29
CA VAL D 319 -12.24 22.78 7.28
C VAL D 319 -12.03 22.16 8.66
N GLU D 320 -11.80 20.86 8.68
CA GLU D 320 -11.56 20.11 9.91
C GLU D 320 -10.35 20.66 10.66
N ARG D 321 -9.26 20.89 9.94
CA ARG D 321 -8.02 21.37 10.55
C ARG D 321 -8.13 22.81 11.04
N ARG D 322 -9.01 23.59 10.41
CA ARG D 322 -9.20 24.98 10.79
C ARG D 322 -9.83 25.10 12.17
N ILE D 323 -10.84 24.27 12.43
CA ILE D 323 -11.52 24.26 13.72
C ILE D 323 -10.55 23.91 14.83
N VAL D 324 -9.67 22.94 14.56
CA VAL D 324 -8.63 22.55 15.50
C VAL D 324 -7.63 23.68 15.68
N SER D 325 -7.29 24.34 14.57
CA SER D 325 -6.34 25.45 14.61
C SER D 325 -6.94 26.67 15.32
N GLN D 326 -8.27 26.78 15.28
CA GLN D 326 -8.96 27.87 15.97
C GLN D 326 -8.92 27.68 17.47
N LEU D 327 -9.19 26.46 17.92
CA LEU D 327 -9.17 26.13 19.34
C LEU D 327 -7.79 26.36 19.95
N LEU D 328 -6.76 26.05 19.19
CA LEU D 328 -5.38 26.25 19.63
C LEU D 328 -5.11 27.72 19.94
N THR D 329 -5.65 28.61 19.11
CA THR D 329 -5.52 30.04 19.34
C THR D 329 -6.27 30.44 20.60
N LEU D 330 -7.42 29.80 20.82
CA LEU D 330 -8.24 30.07 22.00
C LEU D 330 -7.55 29.59 23.28
N MET D 331 -6.67 28.60 23.14
CA MET D 331 -5.88 28.12 24.27
C MET D 331 -4.81 29.15 24.62
N ASP D 332 -4.20 29.73 23.59
CA ASP D 332 -3.21 30.77 23.78
C ASP D 332 -3.90 32.13 23.91
N GLY D 333 -5.21 32.12 23.69
CA GLY D 333 -6.01 33.32 23.80
C GLY D 333 -6.30 33.69 25.25
N LEU D 334 -6.01 32.76 26.15
CA LEU D 334 -6.14 33.02 27.57
C LEU D 334 -5.08 34.04 27.99
N LYS D 335 -5.53 35.21 28.43
CA LYS D 335 -4.63 36.31 28.73
C LYS D 335 -3.92 36.17 30.08
N GLN D 336 -3.71 34.94 30.52
CA GLN D 336 -3.06 34.65 31.81
C GLN D 336 -3.82 35.25 32.99
N ARG D 337 -3.97 36.58 32.98
CA ARG D 337 -4.73 37.28 33.99
C ARG D 337 -6.18 36.80 34.03
N ALA D 338 -6.77 36.63 32.85
CA ALA D 338 -8.13 36.13 32.73
C ALA D 338 -8.23 34.73 33.32
N HIS D 339 -8.82 34.63 34.50
CA HIS D 339 -8.88 33.37 35.22
C HIS D 339 -9.91 32.40 34.66
N VAL D 340 -9.45 31.53 33.76
CA VAL D 340 -10.28 30.48 33.20
C VAL D 340 -9.44 29.22 32.98
N ILE D 341 -9.94 28.09 33.45
CA ILE D 341 -9.24 26.82 33.28
C ILE D 341 -9.99 25.87 32.36
N VAL D 342 -9.36 25.52 31.24
CA VAL D 342 -9.98 24.66 30.24
C VAL D 342 -9.82 23.18 30.59
N MET D 343 -10.95 22.54 30.90
CA MET D 343 -10.95 21.11 31.18
C MET D 343 -11.54 20.34 30.01
N ALA D 344 -11.29 19.03 29.97
CA ALA D 344 -11.80 18.20 28.89
C ALA D 344 -11.84 16.73 29.28
N ALA D 345 -12.17 15.87 28.32
CA ALA D 345 -12.24 14.43 28.55
C ALA D 345 -12.10 13.67 27.24
N THR D 346 -11.73 12.40 27.34
CA THR D 346 -11.57 11.55 26.16
C THR D 346 -11.60 10.08 26.56
N ASN D 347 -11.70 9.20 25.56
CA ASN D 347 -11.71 7.77 25.81
C ASN D 347 -10.39 7.29 26.39
N ARG D 348 -9.29 7.70 25.76
CA ARG D 348 -7.96 7.37 26.24
C ARG D 348 -6.97 8.47 25.83
N PRO D 349 -5.93 8.69 26.64
CA PRO D 349 -4.88 9.71 26.44
C PRO D 349 -4.46 9.90 24.99
N ASN D 350 -4.10 8.80 24.32
CA ASN D 350 -3.66 8.88 22.92
C ASN D 350 -4.83 8.92 21.94
N SER D 351 -5.54 10.05 21.91
CA SER D 351 -6.68 10.20 21.02
C SER D 351 -6.79 11.64 20.51
N ILE D 352 -5.93 12.52 21.01
CA ILE D 352 -6.00 13.93 20.66
C ILE D 352 -4.72 14.37 19.95
N ASP D 353 -4.77 15.52 19.28
CA ASP D 353 -3.61 16.09 18.60
C ASP D 353 -2.50 16.42 19.59
N PRO D 354 -1.29 15.88 19.35
CA PRO D 354 -0.12 16.12 20.20
C PRO D 354 0.29 17.60 20.33
N ALA D 355 -0.38 18.48 19.61
CA ALA D 355 -0.12 19.92 19.72
C ALA D 355 -0.86 20.52 20.91
N LEU D 356 -1.76 19.72 21.49
CA LEU D 356 -2.51 20.15 22.66
C LEU D 356 -1.83 19.68 23.94
N ARG D 357 -1.12 18.56 23.84
CA ARG D 357 -0.44 17.97 25.00
C ARG D 357 0.79 18.78 25.42
N ARG D 358 1.10 19.83 24.67
CA ARG D 358 2.24 20.67 24.98
C ARG D 358 2.11 21.33 26.35
N PHE D 359 3.19 21.33 27.12
CA PHE D 359 3.20 21.97 28.43
C PHE D 359 3.10 23.49 28.27
N GLY D 360 1.87 23.96 28.11
CA GLY D 360 1.58 25.36 27.91
C GLY D 360 0.09 25.52 27.67
N ARG D 361 -0.52 24.43 27.22
CA ARG D 361 -1.97 24.37 27.04
C ARG D 361 -2.53 23.30 27.98
N PHE D 362 -2.60 22.07 27.50
CA PHE D 362 -3.01 20.94 28.34
C PHE D 362 -1.78 20.25 28.92
N ASP D 363 -1.35 20.71 30.09
CA ASP D 363 -0.16 20.18 30.74
C ASP D 363 -0.49 19.13 31.79
N ARG D 364 -1.55 19.36 32.55
CA ARG D 364 -1.94 18.45 33.61
C ARG D 364 -2.87 17.36 33.08
N GLU D 365 -2.55 16.11 33.42
CA GLU D 365 -3.29 14.97 32.88
C GLU D 365 -3.79 14.05 34.00
N VAL D 366 -5.11 13.94 34.11
CA VAL D 366 -5.72 13.10 35.14
C VAL D 366 -6.23 11.79 34.55
N ASP D 367 -5.68 10.68 35.03
CA ASP D 367 -6.05 9.37 34.52
C ASP D 367 -7.14 8.72 35.38
N ILE D 368 -8.38 9.09 35.13
CA ILE D 368 -9.52 8.52 35.85
C ILE D 368 -9.96 7.22 35.19
N GLY D 369 -9.24 6.14 35.49
CA GLY D 369 -9.53 4.85 34.90
C GLY D 369 -10.78 4.19 35.46
N ILE D 370 -10.98 2.93 35.10
CA ILE D 370 -12.12 2.16 35.58
C ILE D 370 -12.13 2.05 37.11
N PRO D 371 -13.26 2.41 37.73
CA PRO D 371 -13.44 2.34 39.18
C PRO D 371 -13.18 0.94 39.72
N ASP D 372 -12.29 0.83 40.70
CA ASP D 372 -11.93 -0.46 41.27
C ASP D 372 -13.00 -0.98 42.23
N ALA D 373 -12.63 -1.96 43.04
CA ALA D 373 -13.55 -2.58 43.98
C ALA D 373 -14.03 -1.58 45.04
N THR D 374 -13.12 -0.74 45.50
CA THR D 374 -13.46 0.28 46.50
C THR D 374 -14.32 1.37 45.89
N GLY D 375 -14.00 1.74 44.65
CA GLY D 375 -14.70 2.81 43.96
C GLY D 375 -16.17 2.55 43.73
N ARG D 376 -16.50 1.33 43.31
CA ARG D 376 -17.88 0.96 43.00
C ARG D 376 -18.78 1.00 44.24
N LEU D 377 -18.20 0.67 45.39
CA LEU D 377 -18.94 0.70 46.65
C LEU D 377 -19.32 2.13 46.99
N GLU D 378 -18.44 3.07 46.65
CA GLU D 378 -18.69 4.48 46.87
C GLU D 378 -19.83 4.95 45.98
N ILE D 379 -19.93 4.33 44.80
CA ILE D 379 -20.96 4.69 43.82
C ILE D 379 -22.31 4.08 44.18
N LEU D 380 -22.30 2.82 44.58
CA LEU D 380 -23.54 2.10 44.91
C LEU D 380 -24.30 2.76 46.08
N GLN D 381 -23.58 3.49 46.91
CA GLN D 381 -24.19 4.21 48.03
C GLN D 381 -24.98 5.41 47.54
N ILE D 382 -24.75 5.80 46.29
CA ILE D 382 -25.41 6.97 45.72
C ILE D 382 -26.62 6.57 44.88
N HIS D 383 -26.49 5.48 44.13
CA HIS D 383 -27.56 5.00 43.27
C HIS D 383 -28.61 4.21 44.05
N THR D 384 -28.37 4.01 45.34
CA THR D 384 -29.29 3.23 46.17
C THR D 384 -29.75 3.99 47.41
N LYS D 385 -29.43 5.28 47.46
CA LYS D 385 -29.82 6.10 48.61
C LYS D 385 -31.29 6.52 48.52
N ASN D 386 -31.85 6.44 47.32
CA ASN D 386 -33.23 6.84 47.09
C ASN D 386 -34.15 5.66 46.79
N MET D 387 -34.01 4.59 47.58
CA MET D 387 -34.81 3.39 47.38
C MET D 387 -34.87 2.56 48.66
N LYS D 388 -35.79 1.59 48.68
CA LYS D 388 -35.91 0.70 49.82
C LYS D 388 -35.13 -0.59 49.61
N LEU D 389 -34.10 -0.78 50.42
CA LEU D 389 -33.27 -1.98 50.35
C LEU D 389 -33.77 -3.02 51.34
N ALA D 390 -33.87 -4.27 50.88
CA ALA D 390 -34.33 -5.36 51.74
C ALA D 390 -33.27 -5.71 52.78
N ASP D 391 -33.66 -6.51 53.76
CA ASP D 391 -32.76 -6.86 54.87
C ASP D 391 -31.65 -7.80 54.44
N ASP D 392 -31.84 -8.49 53.31
CA ASP D 392 -30.86 -9.44 52.82
C ASP D 392 -29.99 -8.86 51.72
N VAL D 393 -30.11 -7.55 51.50
CA VAL D 393 -29.36 -6.87 50.46
C VAL D 393 -28.03 -6.31 50.98
N ASP D 394 -26.93 -6.81 50.43
CA ASP D 394 -25.61 -6.33 50.81
C ASP D 394 -24.99 -5.56 49.65
N LEU D 395 -24.82 -4.26 49.84
CA LEU D 395 -24.23 -3.40 48.81
C LEU D 395 -22.76 -3.75 48.59
N GLU D 396 -22.10 -4.22 49.64
CA GLU D 396 -20.69 -4.60 49.56
C GLU D 396 -20.51 -5.86 48.73
N GLN D 397 -21.45 -6.79 48.86
CA GLN D 397 -21.42 -8.04 48.11
C GLN D 397 -21.52 -7.76 46.61
N VAL D 398 -22.34 -6.79 46.26
CA VAL D 398 -22.51 -6.39 44.87
C VAL D 398 -21.27 -5.65 44.37
N ALA D 399 -20.67 -4.85 45.24
CA ALA D 399 -19.50 -4.06 44.88
C ALA D 399 -18.26 -4.93 44.68
N ASN D 400 -18.32 -6.17 45.14
CA ASN D 400 -17.18 -7.08 45.02
C ASN D 400 -17.17 -7.90 43.73
N GLU D 401 -18.24 -8.66 43.51
CA GLU D 401 -18.31 -9.53 42.34
C GLU D 401 -18.85 -8.81 41.10
N THR D 402 -18.37 -7.59 40.88
CA THR D 402 -18.74 -6.81 39.70
C THR D 402 -17.52 -6.13 39.09
N HIS D 403 -16.40 -6.87 39.05
CA HIS D 403 -15.17 -6.35 38.47
C HIS D 403 -15.32 -6.06 36.98
N GLY D 404 -15.42 -4.79 36.64
CA GLY D 404 -15.55 -4.38 35.25
C GLY D 404 -16.74 -3.48 35.01
N HIS D 405 -17.28 -2.91 36.08
CA HIS D 405 -18.41 -2.00 35.98
C HIS D 405 -17.99 -0.55 36.13
N VAL D 406 -18.74 0.35 35.51
CA VAL D 406 -18.49 1.78 35.66
C VAL D 406 -19.70 2.46 36.30
N GLY D 407 -19.54 3.73 36.65
CA GLY D 407 -20.59 4.49 37.31
C GLY D 407 -21.90 4.51 36.58
N ALA D 408 -21.85 4.44 35.25
CA ALA D 408 -23.05 4.40 34.44
C ALA D 408 -23.64 3.00 34.41
N ASP D 409 -22.77 1.99 34.35
CA ASP D 409 -23.21 0.60 34.32
C ASP D 409 -23.70 0.13 35.69
N LEU D 410 -23.36 0.88 36.73
CA LEU D 410 -23.86 0.59 38.07
C LEU D 410 -25.27 1.14 38.23
N ALA D 411 -25.57 2.20 37.49
CA ALA D 411 -26.91 2.78 37.48
C ALA D 411 -27.86 1.91 36.69
N ALA D 412 -27.35 1.34 35.59
CA ALA D 412 -28.14 0.42 34.78
C ALA D 412 -28.27 -0.93 35.48
N LEU D 413 -27.39 -1.19 36.43
CA LEU D 413 -27.43 -2.40 37.22
C LEU D 413 -28.62 -2.38 38.18
N CYS D 414 -28.73 -1.28 38.92
CA CYS D 414 -29.83 -1.10 39.87
C CYS D 414 -31.16 -0.96 39.12
N SER D 415 -31.07 -0.49 37.88
CA SER D 415 -32.25 -0.31 37.04
C SER D 415 -32.95 -1.64 36.78
N GLU D 416 -32.17 -2.63 36.35
CA GLU D 416 -32.72 -3.95 36.06
C GLU D 416 -33.23 -4.63 37.32
N ALA D 417 -32.59 -4.32 38.45
CA ALA D 417 -32.99 -4.87 39.73
C ALA D 417 -34.27 -4.19 40.22
N ALA D 418 -34.46 -2.94 39.79
CA ALA D 418 -35.65 -2.19 40.17
C ALA D 418 -36.86 -2.65 39.36
N LEU D 419 -36.65 -2.89 38.07
CA LEU D 419 -37.72 -3.35 37.19
C LEU D 419 -38.25 -4.71 37.60
N GLN D 420 -37.35 -5.57 38.07
CA GLN D 420 -37.73 -6.92 38.50
C GLN D 420 -38.60 -6.89 39.74
N ALA D 421 -38.30 -5.97 40.66
CA ALA D 421 -39.05 -5.82 41.89
C ALA D 421 -40.45 -5.27 41.63
N ILE D 422 -40.54 -4.36 40.67
CA ILE D 422 -41.82 -3.74 40.31
C ILE D 422 -42.75 -4.74 39.62
N ARG D 423 -42.18 -5.55 38.73
CA ARG D 423 -42.96 -6.54 37.99
C ARG D 423 -43.27 -7.78 38.81
N LYS D 424 -43.61 -7.60 40.09
CA LYS D 424 -43.92 -8.72 40.97
C LYS D 424 -45.05 -8.42 41.94
N LYS D 425 -45.39 -7.14 42.09
CA LYS D 425 -46.40 -6.73 43.06
C LYS D 425 -47.61 -6.05 42.46
N MET D 426 -47.78 -4.76 42.74
CA MET D 426 -48.97 -4.02 42.35
C MET D 426 -49.15 -3.91 40.84
N ASP D 427 -48.06 -4.08 40.10
CA ASP D 427 -48.11 -4.00 38.65
C ASP D 427 -48.99 -5.11 38.08
N LEU D 428 -49.04 -6.24 38.79
CA LEU D 428 -49.92 -7.34 38.41
C LEU D 428 -51.37 -6.92 38.56
N ILE D 429 -51.65 -6.16 39.61
CA ILE D 429 -52.98 -5.61 39.84
C ILE D 429 -53.23 -4.45 38.89
N ASP D 430 -52.23 -3.57 38.78
CA ASP D 430 -52.28 -2.41 37.90
C ASP D 430 -53.45 -1.49 38.21
N LEU D 431 -53.27 -0.58 39.15
CA LEU D 431 -54.29 0.40 39.50
C LEU D 431 -54.07 1.71 38.75
N GLU D 432 -55.14 2.26 38.22
CA GLU D 432 -55.07 3.50 37.45
C GLU D 432 -55.99 4.57 38.02
N ASP D 433 -55.40 5.49 38.80
CA ASP D 433 -56.17 6.56 39.41
C ASP D 433 -55.78 7.92 38.80
N GLU D 434 -55.83 8.96 39.62
CA GLU D 434 -55.41 10.28 39.18
C GLU D 434 -53.89 10.30 39.01
N THR D 435 -53.22 9.42 39.74
CA THR D 435 -51.78 9.25 39.64
C THR D 435 -51.40 7.80 39.97
N ILE D 436 -50.12 7.47 39.83
CA ILE D 436 -49.65 6.13 40.14
C ILE D 436 -49.74 5.85 41.64
N ASP D 437 -50.45 4.79 41.99
CA ASP D 437 -50.66 4.42 43.39
C ASP D 437 -49.34 4.00 44.05
N ALA D 438 -49.12 4.48 45.28
CA ALA D 438 -47.94 4.12 46.04
C ALA D 438 -48.28 3.05 47.06
N GLU D 439 -47.76 3.21 48.28
CA GLU D 439 -48.01 2.29 49.39
C GLU D 439 -47.62 0.84 49.08
N VAL D 440 -48.38 0.21 48.18
CA VAL D 440 -48.14 -1.17 47.80
C VAL D 440 -46.77 -1.36 47.15
N MET D 441 -46.37 -0.38 46.34
CA MET D 441 -45.09 -0.45 45.65
C MET D 441 -44.06 0.50 46.29
N ASN D 442 -44.52 1.35 47.20
CA ASN D 442 -43.64 2.29 47.89
C ASN D 442 -42.80 1.59 48.95
N SER D 443 -43.42 0.68 49.70
CA SER D 443 -42.73 -0.08 50.73
C SER D 443 -42.23 -1.41 50.18
N LEU D 444 -42.15 -1.49 48.85
CA LEU D 444 -41.68 -2.71 48.19
C LEU D 444 -40.18 -2.87 48.41
N ALA D 445 -39.82 -3.67 49.39
CA ALA D 445 -38.42 -3.92 49.70
C ALA D 445 -37.74 -4.68 48.57
N VAL D 446 -36.88 -3.98 47.82
CA VAL D 446 -36.15 -4.59 46.72
C VAL D 446 -35.23 -5.69 47.25
N THR D 447 -35.63 -6.94 47.02
CA THR D 447 -34.91 -8.09 47.56
C THR D 447 -33.51 -8.26 46.97
N MET D 448 -32.71 -9.09 47.62
CA MET D 448 -31.36 -9.39 47.15
C MET D 448 -31.42 -10.19 45.85
N ASP D 449 -32.51 -10.91 45.68
CA ASP D 449 -32.71 -11.74 44.49
C ASP D 449 -32.90 -10.88 43.24
N ASP D 450 -33.29 -9.63 43.43
CA ASP D 450 -33.47 -8.70 42.32
C ASP D 450 -32.13 -8.34 41.69
N PHE D 451 -31.15 -8.05 42.52
CA PHE D 451 -29.81 -7.73 42.05
C PHE D 451 -29.09 -8.97 41.54
N ARG D 452 -29.48 -10.13 42.07
CA ARG D 452 -28.92 -11.41 41.64
C ARG D 452 -29.31 -11.67 40.19
N TRP D 453 -30.56 -11.37 39.87
CA TRP D 453 -31.06 -11.52 38.51
C TRP D 453 -30.54 -10.39 37.63
N ALA D 454 -30.21 -9.26 38.25
CA ALA D 454 -29.69 -8.11 37.53
C ALA D 454 -28.30 -8.39 36.99
N LEU D 455 -27.58 -9.30 37.64
CA LEU D 455 -26.24 -9.67 37.20
C LEU D 455 -26.29 -10.73 36.11
N SER D 456 -27.31 -11.58 36.16
CA SER D 456 -27.50 -12.63 35.17
C SER D 456 -27.70 -12.06 33.78
N GLN D 457 -28.34 -10.90 33.71
CA GLN D 457 -28.53 -10.19 32.45
C GLN D 457 -27.17 -9.76 31.92
N SER D 458 -27.07 -9.59 30.59
CA SER D 458 -25.80 -9.24 29.97
C SER D 458 -25.54 -7.73 30.01
N ASN D 459 -26.16 -7.05 30.97
CA ASN D 459 -25.93 -5.61 31.15
C ASN D 459 -24.51 -5.16 31.54
N PRO D 460 -23.74 -5.99 32.27
CA PRO D 460 -22.36 -5.54 32.47
C PRO D 460 -21.54 -5.62 31.18
N SER D 461 -21.84 -4.73 30.24
CA SER D 461 -21.14 -4.69 28.97
C SER D 461 -20.07 -3.60 29.00
N ALA D 462 -19.84 -3.05 30.18
CA ALA D 462 -18.83 -2.01 30.36
C ALA D 462 -17.45 -2.52 29.97
N LEU D 463 -16.60 -1.62 29.49
CA LEU D 463 -15.28 -1.99 29.00
C LEU D 463 -14.40 -2.58 30.10
N ARG D 464 -13.56 -3.55 29.73
CA ARG D 464 -12.67 -4.20 30.67
C ARG D 464 -11.22 -3.98 30.28
N GLU D 465 -10.65 -2.85 30.71
CA GLU D 465 -9.27 -2.52 30.40
C GLU D 465 -8.30 -3.18 31.38
N THR D 466 -7.10 -2.62 31.49
CA THR D 466 -6.12 -3.10 32.44
C THR D 466 -6.60 -2.79 33.86
N VAL D 467 -6.77 -3.84 34.66
CA VAL D 467 -7.30 -3.70 36.01
C VAL D 467 -6.22 -3.23 36.99
N VAL D 468 -6.30 -1.95 37.37
CA VAL D 468 -5.40 -1.39 38.36
C VAL D 468 -6.15 -1.17 39.67
N GLU D 469 -6.04 -2.11 40.59
CA GLU D 469 -6.77 -2.06 41.85
C GLU D 469 -5.88 -2.27 43.06
N VAL D 470 -6.36 -1.84 44.22
CA VAL D 470 -5.69 -2.13 45.48
C VAL D 470 -6.04 -3.56 45.89
N PRO D 471 -5.01 -4.38 46.15
CA PRO D 471 -5.15 -5.79 46.50
C PRO D 471 -6.20 -6.06 47.59
N GLN D 472 -6.87 -7.20 47.48
CA GLN D 472 -7.95 -7.55 48.38
C GLN D 472 -7.54 -8.66 49.35
N VAL D 473 -6.42 -9.31 49.03
CA VAL D 473 -5.95 -10.45 49.82
C VAL D 473 -4.76 -10.09 50.70
N THR D 474 -4.87 -10.40 51.98
CA THR D 474 -3.82 -10.13 52.94
C THR D 474 -2.89 -11.33 53.09
N TRP D 475 -1.97 -11.26 54.04
CA TRP D 475 -1.02 -12.34 54.27
C TRP D 475 -1.70 -13.55 54.91
N GLU D 476 -2.91 -13.35 55.41
CA GLU D 476 -3.65 -14.38 56.12
C GLU D 476 -4.05 -15.55 55.21
N ASP D 477 -4.02 -15.30 53.91
CA ASP D 477 -4.42 -16.32 52.93
C ASP D 477 -3.26 -17.26 52.59
N ILE D 478 -2.03 -16.80 52.84
CA ILE D 478 -0.85 -17.62 52.60
C ILE D 478 -0.16 -18.00 53.91
N GLY D 479 -0.03 -19.29 54.16
CA GLY D 479 0.53 -19.78 55.40
C GLY D 479 2.04 -19.70 55.49
N GLY D 480 2.52 -19.22 56.63
CA GLY D 480 3.95 -19.16 56.90
C GLY D 480 4.72 -18.22 56.00
N LEU D 481 5.90 -18.65 55.57
CA LEU D 481 6.77 -17.87 54.69
C LEU D 481 7.16 -16.53 55.28
N GLU D 482 7.27 -16.47 56.61
CA GLU D 482 7.65 -15.24 57.29
C GLU D 482 9.08 -14.82 56.93
N ASP D 483 9.89 -15.79 56.54
CA ASP D 483 11.27 -15.53 56.16
C ASP D 483 11.36 -14.69 54.88
N VAL D 484 10.50 -14.97 53.91
CA VAL D 484 10.48 -14.20 52.66
C VAL D 484 9.58 -12.98 52.76
N LYS D 485 8.57 -13.04 53.64
CA LYS D 485 7.71 -11.89 53.91
C LYS D 485 8.55 -10.72 54.36
N ARG D 486 9.45 -10.99 55.30
CA ARG D 486 10.31 -9.98 55.89
C ARG D 486 11.28 -9.40 54.86
N GLU D 487 11.60 -10.19 53.85
CA GLU D 487 12.48 -9.75 52.77
C GLU D 487 11.70 -8.95 51.73
N LEU D 488 10.42 -9.26 51.59
CA LEU D 488 9.55 -8.54 50.67
C LEU D 488 9.32 -7.11 51.14
N GLN D 489 9.04 -6.96 52.43
CA GLN D 489 8.81 -5.65 53.03
C GLN D 489 10.07 -4.80 52.97
N GLU D 490 11.21 -5.47 52.96
CA GLU D 490 12.51 -4.79 52.94
C GLU D 490 12.80 -4.16 51.58
N LEU D 491 12.00 -4.53 50.58
CA LEU D 491 12.27 -4.09 49.21
C LEU D 491 11.22 -3.11 48.67
N VAL D 492 10.08 -3.01 49.35
CA VAL D 492 9.04 -2.09 48.92
C VAL D 492 8.45 -1.26 50.06
N GLN D 493 8.25 -1.88 51.23
CA GLN D 493 7.65 -1.18 52.35
C GLN D 493 8.63 -0.22 53.00
N TYR D 494 9.92 -0.52 52.90
CA TYR D 494 10.96 0.34 53.46
C TYR D 494 11.08 1.71 52.76
N PRO D 495 11.19 1.74 51.42
CA PRO D 495 11.32 3.06 50.81
C PRO D 495 10.02 3.86 50.81
N VAL D 496 8.89 3.20 51.04
CA VAL D 496 7.59 3.85 50.96
C VAL D 496 7.09 4.29 52.33
N GLU D 497 7.72 3.79 53.40
CA GLU D 497 7.32 4.15 54.76
C GLU D 497 8.49 4.67 55.59
N HIS D 498 9.71 4.31 55.18
CA HIS D 498 10.91 4.84 55.84
C HIS D 498 11.95 5.25 54.80
N PRO D 499 11.62 6.25 53.95
CA PRO D 499 12.52 6.62 52.86
C PRO D 499 13.74 7.41 53.33
N ASP D 500 13.63 8.01 54.51
CA ASP D 500 14.72 8.82 55.06
C ASP D 500 15.94 7.96 55.36
N LYS D 501 15.71 6.70 55.71
CA LYS D 501 16.78 5.77 56.06
C LYS D 501 17.59 5.35 54.84
N PHE D 502 17.06 5.62 53.65
CA PHE D 502 17.73 5.27 52.41
C PHE D 502 18.68 6.37 51.93
N LEU D 503 18.50 7.57 52.48
CA LEU D 503 19.37 8.70 52.12
C LEU D 503 20.47 8.89 53.15
N LYS D 504 20.29 8.30 54.32
CA LYS D 504 21.27 8.40 55.39
C LYS D 504 22.49 7.52 55.11
N PHE D 505 22.25 6.26 54.77
CA PHE D 505 23.33 5.32 54.50
C PHE D 505 23.87 5.45 53.09
N GLY D 506 23.01 5.77 52.15
CA GLY D 506 23.41 5.98 50.77
C GLY D 506 23.29 4.74 49.91
N MET D 507 22.06 4.38 49.56
CA MET D 507 21.82 3.27 48.66
C MET D 507 20.50 3.45 47.92
N THR D 508 20.37 2.79 46.77
CA THR D 508 19.14 2.84 46.00
C THR D 508 18.43 1.48 46.03
N PRO D 509 17.10 1.51 46.21
CA PRO D 509 16.30 0.28 46.31
C PRO D 509 16.28 -0.49 44.99
N SER D 510 16.14 -1.80 45.08
CA SER D 510 16.08 -2.64 43.88
C SER D 510 14.86 -2.29 43.05
N LYS D 511 15.00 -2.38 41.73
CA LYS D 511 13.91 -2.05 40.82
C LYS D 511 12.86 -3.16 40.75
N GLY D 512 13.31 -4.40 40.92
CA GLY D 512 12.41 -5.53 40.84
C GLY D 512 12.94 -6.84 41.41
N VAL D 513 12.07 -7.83 41.48
CA VAL D 513 12.42 -9.15 41.99
C VAL D 513 12.00 -10.23 41.00
N LEU D 514 12.09 -11.49 41.41
CA LEU D 514 11.66 -12.60 40.57
C LEU D 514 11.03 -13.72 41.40
N PHE D 515 9.93 -14.27 40.89
CA PHE D 515 9.21 -15.35 41.56
C PHE D 515 9.27 -16.63 40.73
N TYR D 516 9.71 -17.72 41.35
CA TYR D 516 9.71 -19.02 40.69
C TYR D 516 9.37 -20.15 41.65
N GLY D 517 9.27 -21.36 41.10
CA GLY D 517 8.85 -22.53 41.87
C GLY D 517 7.68 -23.19 41.18
N PRO D 518 7.21 -24.33 41.75
CA PRO D 518 6.10 -25.10 41.19
C PRO D 518 4.84 -24.25 41.02
N PRO D 519 4.13 -24.46 39.89
CA PRO D 519 2.91 -23.71 39.57
C PRO D 519 1.79 -23.97 40.59
N GLY D 520 1.14 -22.91 41.04
CA GLY D 520 0.01 -23.04 41.94
C GLY D 520 0.38 -23.12 43.40
N CYS D 521 1.48 -22.48 43.77
CA CYS D 521 1.95 -22.48 45.16
C CYS D 521 1.70 -21.15 45.86
N GLY D 522 1.17 -20.19 45.12
CA GLY D 522 0.83 -18.89 45.69
C GLY D 522 1.79 -17.78 45.32
N LYS D 523 2.40 -17.88 44.14
CA LYS D 523 3.33 -16.87 43.66
C LYS D 523 2.61 -15.58 43.31
N THR D 524 1.38 -15.71 42.84
CA THR D 524 0.58 -14.54 42.46
C THR D 524 -0.09 -13.91 43.68
N LEU D 525 -0.62 -14.75 44.56
CA LEU D 525 -1.27 -14.27 45.78
C LEU D 525 -0.27 -13.54 46.68
N LEU D 526 0.98 -13.95 46.62
CA LEU D 526 2.04 -13.29 47.38
C LEU D 526 2.30 -11.90 46.82
N ALA D 527 2.31 -11.80 45.50
CA ALA D 527 2.52 -10.51 44.83
C ALA D 527 1.38 -9.54 45.12
N LYS D 528 0.20 -10.10 45.39
CA LYS D 528 -0.94 -9.28 45.80
C LYS D 528 -0.81 -8.91 47.27
N ALA D 529 -0.35 -9.86 48.08
CA ALA D 529 -0.25 -9.68 49.52
C ALA D 529 0.74 -8.60 49.92
N ILE D 530 1.85 -8.51 49.18
CA ILE D 530 2.90 -7.56 49.51
C ILE D 530 2.45 -6.12 49.27
N ALA D 531 1.64 -5.89 48.25
CA ALA D 531 1.10 -4.57 47.96
C ALA D 531 -0.03 -4.25 48.94
N ASN D 532 -0.66 -5.30 49.46
CA ASN D 532 -1.72 -5.15 50.46
C ASN D 532 -1.16 -4.58 51.75
N GLU D 533 0.13 -4.81 51.99
CA GLU D 533 0.82 -4.31 53.17
C GLU D 533 1.00 -2.80 53.07
N CYS D 534 1.26 -2.32 51.86
CA CYS D 534 1.54 -0.90 51.64
C CYS D 534 0.34 -0.17 51.04
N GLN D 535 -0.73 -0.90 50.79
CA GLN D 535 -1.94 -0.34 50.20
C GLN D 535 -1.67 0.35 48.86
N ALA D 536 -0.77 -0.23 48.07
CA ALA D 536 -0.41 0.33 46.78
C ALA D 536 -1.18 -0.35 45.65
N ASN D 537 -1.18 0.26 44.47
CA ASN D 537 -1.88 -0.31 43.33
C ASN D 537 -1.25 -1.62 42.87
N PHE D 538 -2.04 -2.44 42.19
CA PHE D 538 -1.58 -3.75 41.73
C PHE D 538 -2.00 -4.03 40.30
N ILE D 539 -1.04 -3.96 39.38
CA ILE D 539 -1.30 -4.27 37.98
C ILE D 539 -0.90 -5.71 37.67
N SER D 540 -1.86 -6.51 37.23
CA SER D 540 -1.60 -7.91 36.94
C SER D 540 -1.54 -8.20 35.44
N ILE D 541 -0.33 -8.13 34.89
CA ILE D 541 -0.13 -8.45 33.48
C ILE D 541 -0.01 -9.96 33.31
N LYS D 542 -1.11 -10.58 32.86
CA LYS D 542 -1.17 -12.03 32.74
C LYS D 542 -0.25 -12.57 31.66
N GLY D 543 -0.21 -13.90 31.55
CA GLY D 543 0.59 -14.58 30.54
C GLY D 543 0.21 -14.26 29.10
N PRO D 544 -1.02 -14.63 28.70
CA PRO D 544 -1.50 -14.40 27.33
C PRO D 544 -1.44 -12.92 26.91
N GLU D 545 -1.47 -12.02 27.87
CA GLU D 545 -1.38 -10.59 27.60
C GLU D 545 -0.01 -10.24 27.02
N LEU D 546 0.98 -11.08 27.31
CA LEU D 546 2.32 -10.90 26.78
C LEU D 546 2.47 -11.56 25.42
N LEU D 547 1.84 -12.72 25.25
CA LEU D 547 1.92 -13.48 24.01
C LEU D 547 1.26 -12.74 22.85
N THR D 548 0.18 -12.02 23.14
CA THR D 548 -0.55 -11.29 22.12
C THR D 548 0.33 -10.23 21.48
N MET D 549 1.28 -9.71 22.24
CA MET D 549 2.23 -8.73 21.72
C MET D 549 3.31 -9.39 20.88
N TRP D 550 3.68 -10.61 21.25
CA TRP D 550 4.70 -11.36 20.51
C TRP D 550 4.11 -11.94 19.23
N PHE D 551 2.79 -12.12 19.23
CA PHE D 551 2.09 -12.65 18.07
C PHE D 551 1.54 -11.55 17.17
N GLY D 552 1.72 -10.30 17.60
CA GLY D 552 1.21 -9.17 16.85
C GLY D 552 2.20 -8.04 16.70
N GLU D 553 3.43 -8.25 17.18
CA GLU D 553 4.50 -7.25 17.12
C GLU D 553 4.09 -5.90 17.71
N SER D 554 3.38 -5.95 18.83
CA SER D 554 2.97 -4.74 19.53
C SER D 554 3.70 -4.64 20.87
N GLU D 555 5.02 -4.66 20.82
CA GLU D 555 5.84 -4.61 22.02
C GLU D 555 5.91 -3.19 22.60
N ALA D 556 5.45 -2.22 21.82
CA ALA D 556 5.45 -0.83 22.24
C ALA D 556 4.35 -0.54 23.25
N ASN D 557 3.51 -1.54 23.51
CA ASN D 557 2.47 -1.43 24.52
C ASN D 557 3.05 -1.50 25.92
N VAL D 558 4.29 -1.96 26.02
CA VAL D 558 5.02 -2.00 27.28
C VAL D 558 5.18 -0.58 27.82
N ARG D 559 5.61 0.33 26.95
CA ARG D 559 5.74 1.74 27.30
C ARG D 559 4.37 2.32 27.61
N GLU D 560 3.34 1.79 26.94
CA GLU D 560 1.97 2.20 27.18
C GLU D 560 1.49 1.69 28.53
N ILE D 561 2.10 0.61 29.00
CA ILE D 561 1.76 0.03 30.30
C ILE D 561 2.63 0.61 31.42
N PHE D 562 3.93 0.76 31.16
CA PHE D 562 4.86 1.32 32.13
C PHE D 562 4.47 2.74 32.55
N ASP D 563 4.06 3.54 31.58
CA ASP D 563 3.64 4.90 31.85
C ASP D 563 2.23 4.95 32.44
N LYS D 564 1.57 3.80 32.46
CA LYS D 564 0.27 3.67 33.09
C LYS D 564 0.45 3.21 34.54
N ALA D 565 1.62 2.62 34.81
CA ALA D 565 1.99 2.22 36.17
C ALA D 565 2.69 3.38 36.86
N ARG D 566 3.48 4.12 36.09
CA ARG D 566 4.18 5.30 36.61
C ARG D 566 3.17 6.37 37.02
N GLN D 567 2.10 6.50 36.23
CA GLN D 567 1.04 7.45 36.53
C GLN D 567 0.06 6.82 37.53
N ALA D 568 0.60 6.04 38.45
CA ALA D 568 -0.19 5.38 39.49
C ALA D 568 0.71 5.06 40.67
N ALA D 569 1.92 5.60 40.65
CA ALA D 569 2.91 5.36 41.69
C ALA D 569 2.41 5.87 43.05
N PRO D 570 2.70 5.11 44.12
CA PRO D 570 3.43 3.84 44.13
C PRO D 570 2.56 2.67 43.66
N CYS D 571 3.18 1.68 43.03
CA CYS D 571 2.46 0.52 42.51
C CYS D 571 3.41 -0.62 42.20
N VAL D 572 2.86 -1.83 42.05
CA VAL D 572 3.65 -2.98 41.66
C VAL D 572 3.21 -3.50 40.28
N LEU D 573 4.16 -3.58 39.36
CA LEU D 573 3.88 -4.08 38.02
C LEU D 573 4.16 -5.58 37.97
N PHE D 574 3.09 -6.37 38.13
CA PHE D 574 3.23 -7.82 38.24
C PHE D 574 3.15 -8.51 36.88
N PHE D 575 4.28 -9.04 36.42
CA PHE D 575 4.34 -9.81 35.19
C PHE D 575 4.12 -11.29 35.48
N ASP D 576 2.96 -11.81 35.10
CA ASP D 576 2.67 -13.23 35.29
C ASP D 576 3.18 -14.03 34.09
N GLU D 577 3.95 -15.06 34.36
CA GLU D 577 4.52 -15.94 33.33
C GLU D 577 5.38 -15.18 32.32
N LEU D 578 6.64 -14.94 32.68
CA LEU D 578 7.59 -14.34 31.75
C LEU D 578 8.09 -15.40 30.78
N ASP D 579 7.93 -16.67 31.18
CA ASP D 579 8.42 -17.80 30.41
C ASP D 579 7.57 -18.09 29.19
N SER D 580 6.31 -17.62 29.22
CA SER D 580 5.33 -17.93 28.19
C SER D 580 5.82 -17.64 26.77
N ILE D 581 6.51 -16.51 26.61
CA ILE D 581 7.06 -16.15 25.30
C ILE D 581 8.21 -17.07 24.93
N ALA D 582 9.07 -17.35 25.90
CA ALA D 582 10.19 -18.26 25.69
C ALA D 582 9.68 -19.69 25.54
N LYS D 583 8.57 -19.99 26.20
CA LYS D 583 7.95 -21.30 26.10
C LYS D 583 7.33 -21.51 24.73
N ALA D 584 6.91 -20.40 24.10
CA ALA D 584 6.27 -20.47 22.81
C ALA D 584 7.27 -20.36 21.66
N ARG D 585 8.40 -19.73 21.93
CA ARG D 585 9.43 -19.55 20.90
C ARG D 585 10.42 -20.71 20.90
N GLY D 586 10.31 -21.57 21.91
CA GLY D 586 11.20 -22.72 22.03
C GLY D 586 10.82 -23.62 23.18
N GLY D 587 11.82 -24.15 23.88
CA GLY D 587 11.59 -25.00 25.03
C GLY D 587 11.03 -26.37 24.66
N ASN D 588 9.78 -26.39 24.19
CA ASN D 588 9.13 -27.63 23.80
C ASN D 588 9.80 -28.32 22.62
N ILE D 589 10.02 -27.57 21.55
CA ILE D 589 10.71 -28.09 20.38
C ILE D 589 12.01 -27.33 20.14
N GLY D 590 11.97 -26.01 20.32
CA GLY D 590 13.15 -25.18 20.23
C GLY D 590 13.51 -24.76 18.82
N ASP D 591 13.79 -23.47 18.65
CA ASP D 591 14.19 -22.93 17.36
C ASP D 591 15.65 -22.53 17.35
N GLY D 592 16.08 -21.83 16.31
CA GLY D 592 17.45 -21.38 16.20
C GLY D 592 17.62 -19.95 16.67
N GLY D 593 16.81 -19.55 17.64
CA GLY D 593 16.86 -18.20 18.16
C GLY D 593 17.87 -18.06 19.28
N GLY D 594 18.04 -16.83 19.77
CA GLY D 594 18.97 -16.55 20.85
C GLY D 594 18.30 -16.58 22.21
N ALA D 595 18.22 -15.40 22.84
CA ALA D 595 17.64 -15.31 24.18
C ALA D 595 16.46 -14.33 24.21
N ALA D 596 16.77 -13.04 24.20
CA ALA D 596 15.76 -12.00 24.32
C ALA D 596 14.90 -11.88 23.07
N ASP D 597 13.65 -11.45 23.27
CA ASP D 597 12.72 -11.23 22.17
C ASP D 597 12.28 -9.76 22.14
N ARG D 598 11.37 -9.43 21.22
CA ARG D 598 10.94 -8.05 21.05
C ARG D 598 10.18 -7.51 22.26
N VAL D 599 9.54 -8.40 23.00
CA VAL D 599 8.75 -8.00 24.15
C VAL D 599 9.62 -7.74 25.37
N ILE D 600 10.34 -8.77 25.81
CA ILE D 600 11.23 -8.69 26.97
C ILE D 600 12.19 -7.52 26.85
N ASN D 601 12.71 -7.32 25.64
CA ASN D 601 13.62 -6.21 25.37
C ASN D 601 12.99 -4.86 25.68
N GLN D 602 11.75 -4.68 25.24
CA GLN D 602 11.05 -3.42 25.48
C GLN D 602 10.63 -3.31 26.94
N ILE D 603 10.50 -4.46 27.60
CA ILE D 603 10.20 -4.47 29.04
C ILE D 603 11.44 -4.02 29.81
N LEU D 604 12.61 -4.38 29.31
CA LEU D 604 13.87 -3.96 29.91
C LEU D 604 14.22 -2.53 29.48
N THR D 605 13.73 -2.14 28.32
CA THR D 605 13.97 -0.79 27.79
C THR D 605 13.31 0.24 28.69
N GLU D 606 12.12 -0.09 29.20
CA GLU D 606 11.40 0.77 30.11
C GLU D 606 11.94 0.67 31.53
N MET D 607 12.42 -0.52 31.88
CA MET D 607 12.94 -0.78 33.22
C MET D 607 14.25 -0.05 33.44
N ASP D 608 15.00 0.16 32.36
CA ASP D 608 16.24 0.93 32.40
C ASP D 608 15.95 2.41 32.21
N GLY D 609 14.67 2.73 32.01
CA GLY D 609 14.25 4.11 31.85
C GLY D 609 13.39 4.55 33.03
N MET D 610 12.79 3.57 33.71
CA MET D 610 11.97 3.84 34.88
C MET D 610 12.84 4.35 36.02
N SER D 611 12.78 5.66 36.25
CA SER D 611 13.61 6.30 37.27
C SER D 611 13.25 5.83 38.67
N THR D 612 14.23 5.87 39.58
CA THR D 612 14.02 5.42 40.95
C THR D 612 13.30 6.47 41.78
N LYS D 613 12.96 7.59 41.14
CA LYS D 613 12.23 8.67 41.80
C LYS D 613 10.86 8.17 42.25
N LYS D 614 10.11 7.60 41.32
CA LYS D 614 8.80 7.03 41.63
C LYS D 614 9.00 5.69 42.33
N ASN D 615 8.01 5.29 43.11
CA ASN D 615 8.09 4.02 43.83
C ASN D 615 7.38 2.88 43.09
N VAL D 616 7.60 2.83 41.78
CA VAL D 616 7.03 1.76 40.95
C VAL D 616 7.91 0.52 41.01
N PHE D 617 7.34 -0.57 41.50
CA PHE D 617 8.09 -1.82 41.61
C PHE D 617 7.64 -2.82 40.55
N ILE D 618 8.51 -3.79 40.25
CA ILE D 618 8.24 -4.77 39.21
C ILE D 618 8.45 -6.20 39.71
N ILE D 619 7.42 -7.02 39.58
CA ILE D 619 7.50 -8.41 40.03
C ILE D 619 7.46 -9.38 38.86
N GLY D 620 8.52 -10.16 38.70
CA GLY D 620 8.59 -11.15 37.64
C GLY D 620 8.22 -12.54 38.13
N ALA D 621 7.18 -13.11 37.55
CA ALA D 621 6.72 -14.43 37.94
C ALA D 621 6.96 -15.46 36.84
N THR D 622 7.37 -16.65 37.23
CA THR D 622 7.63 -17.72 36.28
C THR D 622 7.62 -19.09 36.96
N ASN D 623 7.57 -20.15 36.17
CA ASN D 623 7.67 -21.50 36.68
C ASN D 623 8.72 -22.30 35.90
N ARG D 624 9.43 -21.60 35.03
CA ARG D 624 10.53 -22.17 34.27
C ARG D 624 11.73 -21.23 34.30
N PRO D 625 12.42 -21.16 35.45
CA PRO D 625 13.50 -20.18 35.65
C PRO D 625 14.73 -20.48 34.78
N ASP D 626 14.86 -21.72 34.34
CA ASP D 626 16.03 -22.14 33.58
C ASP D 626 15.98 -21.68 32.12
N ILE D 627 14.88 -21.05 31.73
CA ILE D 627 14.71 -20.59 30.35
C ILE D 627 14.58 -19.08 30.26
N ILE D 628 14.51 -18.42 31.42
CA ILE D 628 14.36 -16.97 31.47
C ILE D 628 15.65 -16.26 31.06
N ASP D 629 15.51 -15.14 30.36
CA ASP D 629 16.65 -14.35 29.90
C ASP D 629 17.49 -13.84 31.06
N PRO D 630 18.79 -14.21 31.08
CA PRO D 630 19.74 -13.81 32.12
C PRO D 630 19.96 -12.30 32.19
N ALA D 631 19.65 -11.59 31.10
CA ALA D 631 19.87 -10.15 31.04
C ALA D 631 18.87 -9.36 31.89
N ILE D 632 17.92 -10.06 32.47
CA ILE D 632 16.91 -9.43 33.32
C ILE D 632 17.34 -9.49 34.78
N LEU D 633 18.21 -10.45 35.10
CA LEU D 633 18.65 -10.66 36.47
C LEU D 633 19.84 -9.77 36.83
N ARG D 634 20.27 -8.97 35.87
CA ARG D 634 21.40 -8.06 36.06
C ARG D 634 21.13 -7.03 37.16
N PRO D 635 22.19 -6.67 37.91
CA PRO D 635 22.09 -5.60 38.91
C PRO D 635 21.64 -4.29 38.27
N GLY D 636 20.40 -3.90 38.55
CA GLY D 636 19.82 -2.71 37.94
C GLY D 636 18.44 -3.02 37.40
N ARG D 637 18.00 -4.26 37.60
CA ARG D 637 16.69 -4.71 37.15
C ARG D 637 16.08 -5.64 38.19
N LEU D 638 15.89 -6.90 37.82
CA LEU D 638 15.40 -7.90 38.77
C LEU D 638 16.57 -8.47 39.56
N ASP D 639 16.99 -7.75 40.60
CA ASP D 639 18.18 -8.12 41.36
C ASP D 639 17.99 -9.38 42.19
N GLN D 640 16.91 -9.43 42.95
CA GLN D 640 16.69 -10.52 43.90
C GLN D 640 15.98 -11.71 43.28
N LEU D 641 16.34 -12.91 43.75
CA LEU D 641 15.70 -14.14 43.29
C LEU D 641 15.04 -14.86 44.46
N ILE D 642 13.71 -14.87 44.47
CA ILE D 642 12.96 -15.49 45.56
C ILE D 642 12.25 -16.77 45.11
N TYR D 643 12.57 -17.88 45.76
CA TYR D 643 12.01 -19.17 45.42
C TYR D 643 10.84 -19.55 46.32
N ILE D 644 9.77 -20.05 45.71
CA ILE D 644 8.58 -20.46 46.45
C ILE D 644 8.25 -21.93 46.17
N PRO D 645 8.52 -22.80 47.14
CA PRO D 645 8.29 -24.24 47.01
C PRO D 645 6.86 -24.64 47.36
N LEU D 646 6.66 -25.94 47.62
CA LEU D 646 5.37 -26.45 48.02
C LEU D 646 5.15 -26.22 49.51
N PRO D 647 3.90 -25.90 49.90
CA PRO D 647 3.58 -25.60 51.30
C PRO D 647 3.88 -26.75 52.25
N ASP D 648 4.56 -26.44 53.35
CA ASP D 648 4.92 -27.44 54.35
C ASP D 648 3.75 -27.77 55.27
N GLU D 649 4.02 -28.56 56.30
CA GLU D 649 2.98 -28.95 57.25
C GLU D 649 2.49 -27.75 58.06
N LYS D 650 3.39 -26.82 58.35
CA LYS D 650 3.03 -25.62 59.10
C LYS D 650 2.33 -24.62 58.19
N SER D 651 2.54 -24.77 56.88
CA SER D 651 1.98 -23.84 55.90
C SER D 651 0.58 -24.24 55.44
N ARG D 652 0.40 -25.52 55.14
CA ARG D 652 -0.88 -26.02 54.62
C ARG D 652 -2.04 -25.79 55.60
N VAL D 653 -1.72 -25.67 56.88
CA VAL D 653 -2.74 -25.42 57.91
C VAL D 653 -3.45 -24.09 57.67
N ALA D 654 -2.67 -23.05 57.42
CA ALA D 654 -3.21 -21.70 57.25
C ALA D 654 -3.73 -21.44 55.83
N ILE D 655 -3.42 -22.35 54.91
CA ILE D 655 -3.89 -22.22 53.54
C ILE D 655 -5.24 -22.93 53.37
N LEU D 656 -5.46 -23.97 54.16
CA LEU D 656 -6.76 -24.64 54.19
C LEU D 656 -7.83 -23.67 54.65
N LYS D 657 -7.60 -23.02 55.77
CA LYS D 657 -8.51 -22.00 56.28
C LYS D 657 -8.27 -20.67 55.55
N ALA D 658 -8.46 -20.70 54.24
CA ALA D 658 -8.29 -19.52 53.41
C ALA D 658 -9.21 -19.61 52.19
N ASN D 659 -9.25 -20.80 51.60
CA ASN D 659 -10.18 -21.08 50.52
C ASN D 659 -11.43 -21.77 51.06
N LEU D 660 -11.39 -22.07 52.37
CA LEU D 660 -12.54 -22.65 53.06
C LEU D 660 -13.18 -21.61 53.95
N ARG D 661 -12.91 -20.35 53.68
CA ARG D 661 -13.47 -19.24 54.44
C ARG D 661 -15.00 -19.19 54.30
N LYS D 662 -15.47 -19.49 53.10
CA LYS D 662 -16.90 -19.43 52.82
C LYS D 662 -17.44 -20.82 52.48
N SER D 663 -17.16 -21.79 53.36
CA SER D 663 -17.61 -23.16 53.15
C SER D 663 -18.22 -23.74 54.43
N PRO D 664 -19.52 -24.08 54.37
CA PRO D 664 -20.27 -24.61 55.51
C PRO D 664 -19.76 -25.96 55.99
N VAL D 665 -18.62 -25.97 56.67
CA VAL D 665 -18.07 -27.21 57.22
C VAL D 665 -18.85 -27.64 58.46
N ALA D 666 -18.70 -28.90 58.86
CA ALA D 666 -19.43 -29.44 60.00
C ALA D 666 -18.55 -29.54 61.24
N LYS D 667 -19.06 -30.21 62.26
CA LYS D 667 -18.35 -30.37 63.53
C LYS D 667 -17.29 -31.47 63.44
N ASP D 668 -17.60 -32.51 62.67
CA ASP D 668 -16.70 -33.66 62.56
C ASP D 668 -15.68 -33.49 61.44
N VAL D 669 -15.03 -32.33 61.41
CA VAL D 669 -14.02 -32.05 60.39
C VAL D 669 -12.66 -31.78 61.02
N ASP D 670 -11.76 -32.76 60.91
CA ASP D 670 -10.40 -32.62 61.44
C ASP D 670 -9.47 -32.10 60.35
N LEU D 671 -9.17 -30.80 60.42
CA LEU D 671 -8.37 -30.14 59.39
C LEU D 671 -6.91 -30.60 59.39
N GLU D 672 -6.46 -31.12 60.53
CA GLU D 672 -5.06 -31.53 60.67
C GLU D 672 -4.85 -32.98 60.22
N PHE D 673 -5.92 -33.61 59.75
CA PHE D 673 -5.83 -34.99 59.27
C PHE D 673 -5.17 -35.04 57.90
N LEU D 674 -5.12 -33.91 57.22
CA LEU D 674 -4.48 -33.80 55.92
C LEU D 674 -3.32 -32.83 55.96
N ALA D 675 -3.13 -32.17 57.09
CA ALA D 675 -2.05 -31.21 57.26
C ALA D 675 -0.76 -31.93 57.63
N LYS D 676 -0.88 -33.20 58.02
CA LYS D 676 0.28 -34.00 58.38
C LYS D 676 0.36 -35.25 57.50
N MET D 677 -0.64 -35.40 56.62
CA MET D 677 -0.73 -36.58 55.77
C MET D 677 -0.17 -36.31 54.38
N THR D 678 -0.48 -35.13 53.85
CA THR D 678 -0.03 -34.75 52.51
C THR D 678 1.44 -34.36 52.50
N ASN D 679 1.98 -34.14 51.30
CA ASN D 679 3.38 -33.75 51.15
C ASN D 679 3.59 -32.91 49.89
N GLY D 680 3.90 -33.59 48.79
CA GLY D 680 4.14 -32.92 47.53
C GLY D 680 2.86 -32.42 46.88
N PHE D 681 2.29 -31.36 47.45
CA PHE D 681 1.06 -30.77 46.92
C PHE D 681 1.17 -29.25 46.87
N SER D 682 0.42 -28.63 45.97
CA SER D 682 0.41 -27.18 45.85
C SER D 682 -0.96 -26.61 46.20
N GLY D 683 -1.02 -25.30 46.37
CA GLY D 683 -2.25 -24.62 46.77
C GLY D 683 -3.41 -24.84 45.82
N ALA D 684 -3.12 -24.87 44.53
CA ALA D 684 -4.14 -25.10 43.52
C ALA D 684 -4.64 -26.54 43.55
N ASP D 685 -3.74 -27.45 43.90
CA ASP D 685 -4.08 -28.86 43.99
C ASP D 685 -5.00 -29.13 45.17
N LEU D 686 -4.81 -28.38 46.25
CA LEU D 686 -5.61 -28.54 47.45
C LEU D 686 -6.98 -27.89 47.29
N THR D 687 -7.01 -26.77 46.58
CA THR D 687 -8.25 -26.01 46.39
C THR D 687 -9.27 -26.81 45.60
N GLU D 688 -8.79 -27.55 44.61
CA GLU D 688 -9.67 -28.36 43.76
C GLU D 688 -10.31 -29.50 44.55
N ILE D 689 -9.59 -30.02 45.54
CA ILE D 689 -10.10 -31.07 46.40
C ILE D 689 -11.32 -30.57 47.17
N CYS D 690 -11.25 -29.30 47.60
CA CYS D 690 -12.36 -28.68 48.31
C CYS D 690 -13.59 -28.60 47.41
N GLN D 691 -13.37 -28.28 46.15
CA GLN D 691 -14.45 -28.14 45.18
C GLN D 691 -15.07 -29.50 44.84
N ARG D 692 -14.22 -30.49 44.57
CA ARG D 692 -14.70 -31.83 44.23
C ARG D 692 -15.46 -32.46 45.39
N ALA D 693 -15.02 -32.17 46.61
CA ALA D 693 -15.72 -32.62 47.80
C ALA D 693 -17.03 -31.87 47.91
N CYS D 694 -17.03 -30.63 47.44
CA CYS D 694 -18.22 -29.79 47.45
C CYS D 694 -19.17 -30.17 46.33
N LYS D 695 -18.61 -30.57 45.18
CA LYS D 695 -19.40 -31.02 44.04
C LYS D 695 -20.25 -32.23 44.42
N LEU D 696 -19.66 -33.14 45.18
CA LEU D 696 -20.36 -34.33 45.63
C LEU D 696 -21.26 -34.02 46.82
N ALA D 697 -21.02 -32.86 47.44
CA ALA D 697 -21.82 -32.42 48.58
C ALA D 697 -23.14 -31.81 48.12
N ILE D 698 -23.09 -31.12 46.98
CA ILE D 698 -24.28 -30.52 46.40
C ILE D 698 -25.19 -31.61 45.84
N ARG D 699 -24.58 -32.67 45.34
CA ARG D 699 -25.33 -33.83 44.84
C ARG D 699 -26.19 -34.42 45.95
N GLU D 700 -25.65 -34.45 47.16
CA GLU D 700 -26.36 -34.99 48.31
C GLU D 700 -27.53 -34.11 48.75
N SER D 701 -27.59 -32.90 48.19
CA SER D 701 -28.65 -31.96 48.55
C SER D 701 -29.80 -31.99 47.55
N ILE D 702 -29.47 -31.97 46.26
CA ILE D 702 -30.47 -31.97 45.20
C ILE D 702 -31.17 -33.33 45.10
N GLU D 703 -30.42 -34.39 45.39
CA GLU D 703 -30.94 -35.74 45.37
C GLU D 703 -32.06 -35.93 46.40
N SER D 704 -31.94 -35.21 47.51
CA SER D 704 -32.91 -35.32 48.60
C SER D 704 -34.26 -34.72 48.24
N GLU D 705 -34.24 -33.56 47.57
CA GLU D 705 -35.48 -32.87 47.22
C GLU D 705 -36.11 -33.42 45.94
N ILE D 706 -35.28 -33.93 45.04
CA ILE D 706 -35.76 -34.47 43.77
C ILE D 706 -35.70 -36.00 43.77
N VAL D 727 -28.38 -30.96 56.36
CA VAL D 727 -28.32 -31.28 54.94
C VAL D 727 -27.47 -30.30 54.12
N PRO D 728 -27.70 -28.97 54.26
CA PRO D 728 -26.88 -28.07 53.44
C PRO D 728 -25.53 -27.73 54.08
N GLU D 729 -24.95 -28.67 54.83
CA GLU D 729 -23.62 -28.47 55.40
C GLU D 729 -22.70 -29.63 55.03
N ILE D 730 -21.51 -29.32 54.53
CA ILE D 730 -20.57 -30.35 54.10
C ILE D 730 -19.91 -31.03 55.29
N ARG D 731 -19.63 -32.33 55.14
CA ARG D 731 -19.05 -33.12 56.22
C ARG D 731 -17.77 -33.83 55.78
N ARG D 732 -17.21 -34.64 56.68
CA ARG D 732 -15.91 -35.28 56.44
C ARG D 732 -15.93 -36.30 55.32
N ASP D 733 -16.98 -37.12 55.25
CA ASP D 733 -17.05 -38.19 54.26
C ASP D 733 -17.09 -37.65 52.83
N HIS D 734 -17.50 -36.40 52.67
CA HIS D 734 -17.49 -35.74 51.37
C HIS D 734 -16.05 -35.42 50.95
N PHE D 735 -15.23 -35.04 51.92
CA PHE D 735 -13.82 -34.74 51.67
C PHE D 735 -13.01 -36.02 51.49
N GLU D 736 -13.23 -37.00 52.37
CA GLU D 736 -12.46 -38.23 52.35
C GLU D 736 -12.71 -39.05 51.08
N GLU D 737 -13.95 -39.00 50.59
CA GLU D 737 -14.29 -39.70 49.36
C GLU D 737 -13.68 -38.97 48.17
N ALA D 738 -13.45 -37.67 48.34
CA ALA D 738 -12.84 -36.85 47.30
C ALA D 738 -11.33 -36.90 47.37
N MET D 739 -10.78 -38.04 47.76
CA MET D 739 -9.34 -38.24 47.82
C MET D 739 -8.87 -39.15 46.69
N ARG D 740 -9.83 -39.79 46.03
CA ARG D 740 -9.52 -40.62 44.87
C ARG D 740 -9.07 -39.75 43.69
N PHE D 741 -9.50 -38.49 43.72
CA PHE D 741 -9.12 -37.54 42.69
C PHE D 741 -8.10 -36.53 43.21
N ALA D 742 -7.18 -37.02 44.05
CA ALA D 742 -6.15 -36.17 44.62
C ALA D 742 -5.07 -35.85 43.58
N ARG D 743 -4.90 -34.57 43.30
CA ARG D 743 -3.93 -34.13 42.29
C ARG D 743 -2.60 -33.79 42.95
N ARG D 744 -1.54 -34.46 42.50
CA ARG D 744 -0.20 -34.20 43.01
C ARG D 744 0.55 -33.20 42.14
N SER D 745 0.08 -33.06 40.89
CA SER D 745 0.65 -32.12 39.93
C SER D 745 2.14 -32.33 39.69
N VAL D 746 2.95 -31.45 40.29
CA VAL D 746 4.40 -31.49 40.10
C VAL D 746 5.01 -32.75 40.68
N SER D 747 5.52 -33.61 39.80
CA SER D 747 6.15 -34.87 40.22
C SER D 747 7.48 -34.59 40.92
N ASP D 748 7.97 -35.59 41.64
CA ASP D 748 9.21 -35.46 42.39
C ASP D 748 10.42 -35.27 41.47
N ASP D 749 10.29 -35.69 40.22
CA ASP D 749 11.34 -35.49 39.23
C ASP D 749 11.59 -34.01 38.98
N ASP D 750 10.51 -33.24 38.90
CA ASP D 750 10.61 -31.80 38.71
C ASP D 750 10.99 -31.12 40.02
N ILE D 751 10.56 -31.71 41.13
CA ILE D 751 10.82 -31.15 42.46
C ILE D 751 12.31 -31.04 42.76
N ASP D 752 13.04 -32.15 42.64
CA ASP D 752 14.47 -32.16 42.91
C ASP D 752 15.27 -31.46 41.82
N LYS D 753 14.61 -31.20 40.68
CA LYS D 753 15.26 -30.47 39.59
C LYS D 753 14.95 -28.97 39.67
N TYR D 754 14.55 -28.54 40.86
CA TYR D 754 14.44 -27.12 41.16
C TYR D 754 15.67 -26.70 41.98
N GLU D 755 16.13 -27.62 42.81
CA GLU D 755 17.30 -27.39 43.64
C GLU D 755 18.57 -27.42 42.78
N ASP D 756 18.47 -27.99 41.59
CA ASP D 756 19.59 -28.05 40.66
C ASP D 756 19.71 -26.76 39.87
N PHE D 757 19.59 -25.62 40.56
CA PHE D 757 19.64 -24.32 39.90
C PHE D 757 20.26 -23.26 40.80
N ALA D 758 19.53 -22.85 41.83
CA ALA D 758 19.98 -21.75 42.69
C ALA D 758 20.61 -22.25 43.98
N ASP D 759 21.79 -22.86 43.86
CA ASP D 759 22.54 -23.31 45.03
C ASP D 759 23.88 -22.58 45.14
N THR D 760 24.83 -22.95 44.29
CA THR D 760 26.12 -22.27 44.25
C THR D 760 26.05 -21.08 43.30
N LEU D 761 24.96 -21.02 42.53
CA LEU D 761 24.75 -19.94 41.58
C LEU D 761 24.37 -18.65 42.30
N GLN D 762 23.95 -18.78 43.55
CA GLN D 762 23.57 -17.63 44.37
C GLN D 762 24.61 -17.37 45.45
N GLY D 766 31.10 -20.86 49.91
CA GLY D 766 30.88 -19.46 50.21
C GLY D 766 32.05 -18.87 50.99
N PHE D 767 32.24 -17.56 50.87
CA PHE D 767 33.32 -16.88 51.55
C PHE D 767 32.99 -16.60 53.01
N GLY D 768 33.80 -17.14 53.92
CA GLY D 768 33.59 -16.93 55.35
C GLY D 768 34.55 -15.85 55.86
N SER D 769 34.07 -14.62 55.92
CA SER D 769 34.89 -13.49 56.35
C SER D 769 35.09 -13.47 57.87
N PHE D 770 35.97 -12.59 58.32
CA PHE D 770 36.26 -12.45 59.74
C PHE D 770 36.69 -11.02 60.09
N ARG D 771 37.75 -10.55 59.44
CA ARG D 771 38.28 -9.20 59.65
C ARG D 771 38.64 -8.94 61.11
N ASN E 20 -59.45 -8.22 44.12
CA ASN E 20 -59.14 -7.53 42.87
C ASN E 20 -60.20 -7.78 41.80
N ARG E 21 -61.30 -8.39 42.21
CA ARG E 21 -62.39 -8.78 41.31
C ARG E 21 -61.94 -9.79 40.26
N PRO E 22 -62.44 -11.03 40.37
CA PRO E 22 -62.05 -12.14 39.48
C PRO E 22 -62.68 -12.03 38.09
N ASN E 23 -63.13 -10.84 37.70
CA ASN E 23 -63.68 -10.62 36.37
C ASN E 23 -62.85 -9.62 35.58
N ARG E 24 -61.82 -9.09 36.21
CA ARG E 24 -60.91 -8.16 35.57
C ARG E 24 -59.59 -8.84 35.23
N LEU E 25 -59.33 -9.04 33.94
CA LEU E 25 -58.13 -9.75 33.51
C LEU E 25 -57.25 -8.92 32.59
N ILE E 26 -56.08 -9.44 32.26
CA ILE E 26 -55.13 -8.75 31.40
C ILE E 26 -54.97 -9.50 30.08
N VAL E 27 -55.15 -8.78 28.98
CA VAL E 27 -55.02 -9.37 27.65
C VAL E 27 -53.58 -9.73 27.29
N ASP E 28 -53.36 -10.99 26.94
CA ASP E 28 -52.03 -11.45 26.54
C ASP E 28 -52.11 -12.09 25.15
N GLU E 29 -50.95 -12.44 24.58
CA GLU E 29 -50.90 -13.09 23.29
C GLU E 29 -51.54 -14.49 23.36
N ALA E 30 -51.96 -14.99 22.20
CA ALA E 30 -52.65 -16.27 22.15
C ALA E 30 -51.77 -17.40 21.63
N ILE E 31 -51.97 -18.60 22.16
CA ILE E 31 -51.27 -19.79 21.68
C ILE E 31 -52.12 -20.48 20.64
N ASN E 32 -53.44 -20.46 20.86
CA ASN E 32 -54.38 -21.02 19.91
C ASN E 32 -54.81 -19.94 18.92
N GLU E 33 -54.40 -20.10 17.66
CA GLU E 33 -54.62 -19.08 16.64
C GLU E 33 -56.04 -19.09 16.06
N ASP E 34 -56.93 -19.87 16.66
CA ASP E 34 -58.32 -19.90 16.23
C ASP E 34 -58.99 -18.57 16.55
N ASN E 35 -59.89 -18.14 15.67
CA ASN E 35 -60.51 -16.81 15.79
C ASN E 35 -61.49 -16.71 16.96
N SER E 36 -62.11 -17.83 17.31
CA SER E 36 -63.14 -17.82 18.35
C SER E 36 -62.71 -18.59 19.61
N VAL E 37 -61.53 -18.27 20.11
CA VAL E 37 -61.04 -18.92 21.33
C VAL E 37 -60.28 -17.95 22.25
N VAL E 38 -60.52 -18.06 23.54
CA VAL E 38 -59.80 -17.31 24.55
C VAL E 38 -59.27 -18.24 25.64
N SER E 39 -57.95 -18.30 25.77
CA SER E 39 -57.34 -19.25 26.69
C SER E 39 -57.23 -18.72 28.11
N LEU E 40 -57.67 -19.53 29.07
CA LEU E 40 -57.58 -19.18 30.47
C LEU E 40 -56.91 -20.31 31.26
N SER E 41 -56.45 -20.00 32.46
CA SER E 41 -55.84 -21.00 33.32
C SER E 41 -56.92 -21.87 34.00
N GLN E 42 -56.53 -23.08 34.37
CA GLN E 42 -57.46 -24.03 34.99
C GLN E 42 -58.08 -23.55 36.33
N PRO E 43 -57.25 -23.07 37.28
CA PRO E 43 -57.86 -22.68 38.55
C PRO E 43 -58.74 -21.43 38.44
N LYS E 44 -58.55 -20.63 37.41
CA LYS E 44 -59.34 -19.42 37.21
C LYS E 44 -60.76 -19.79 36.80
N MET E 45 -60.88 -20.86 36.00
CA MET E 45 -62.19 -21.34 35.58
C MET E 45 -62.92 -22.01 36.73
N ASP E 46 -62.18 -22.41 37.76
CA ASP E 46 -62.76 -23.00 38.95
C ASP E 46 -63.30 -21.93 39.87
N GLU E 47 -62.72 -20.73 39.77
CA GLU E 47 -63.15 -19.59 40.57
C GLU E 47 -64.35 -18.92 39.92
N LEU E 48 -64.42 -19.00 38.59
CA LEU E 48 -65.49 -18.36 37.84
C LEU E 48 -66.60 -19.36 37.49
N GLN E 49 -66.41 -20.61 37.90
CA GLN E 49 -67.38 -21.67 37.65
C GLN E 49 -67.69 -21.83 36.16
N LEU E 50 -66.66 -22.10 35.37
CA LEU E 50 -66.79 -22.22 33.92
C LEU E 50 -66.53 -23.64 33.44
N PHE E 51 -67.26 -24.06 32.42
CA PHE E 51 -67.14 -25.41 31.87
C PHE E 51 -66.31 -25.45 30.58
N ARG E 52 -66.26 -26.62 29.96
CA ARG E 52 -65.39 -26.86 28.81
C ARG E 52 -65.88 -26.26 27.49
N GLY E 53 -66.76 -25.28 27.56
CA GLY E 53 -67.27 -24.65 26.34
C GLY E 53 -68.24 -23.51 26.56
N ASP E 54 -68.21 -22.90 27.74
CA ASP E 54 -69.08 -21.78 28.04
C ASP E 54 -68.75 -20.55 27.19
N THR E 55 -69.77 -19.99 26.56
CA THR E 55 -69.61 -18.79 25.74
C THR E 55 -69.44 -17.56 26.62
N VAL E 56 -68.28 -16.91 26.52
CA VAL E 56 -67.98 -15.75 27.37
C VAL E 56 -68.17 -14.43 26.62
N LEU E 57 -68.35 -13.35 27.38
CA LEU E 57 -68.54 -12.03 26.80
C LEU E 57 -67.44 -11.06 27.21
N LEU E 58 -66.72 -10.54 26.22
CA LEU E 58 -65.62 -9.63 26.47
C LEU E 58 -66.00 -8.17 26.21
N LYS E 59 -65.55 -7.28 27.10
CA LYS E 59 -65.79 -5.85 26.95
C LYS E 59 -64.46 -5.09 26.99
N GLY E 60 -64.37 -4.02 26.20
CA GLY E 60 -63.13 -3.25 26.13
C GLY E 60 -63.33 -1.76 25.97
N LYS E 61 -62.35 -1.11 25.34
CA LYS E 61 -62.38 0.33 25.14
C LYS E 61 -63.31 0.72 23.99
N LYS E 62 -63.60 2.01 23.89
CA LYS E 62 -64.54 2.54 22.89
C LYS E 62 -65.93 1.91 23.00
N ARG E 63 -66.18 1.29 24.15
CA ARG E 63 -67.45 0.61 24.43
C ARG E 63 -67.87 -0.37 23.34
N ARG E 64 -67.18 -1.49 23.26
CA ARG E 64 -67.50 -2.53 22.29
C ARG E 64 -67.52 -3.90 22.95
N GLU E 65 -68.26 -4.84 22.36
CA GLU E 65 -68.40 -6.17 22.93
C GLU E 65 -68.02 -7.27 21.95
N ALA E 66 -67.68 -8.44 22.48
CA ALA E 66 -67.34 -9.59 21.65
C ALA E 66 -67.60 -10.91 22.38
N VAL E 67 -67.95 -11.94 21.63
CA VAL E 67 -68.26 -13.25 22.22
C VAL E 67 -67.37 -14.35 21.64
N CYS E 68 -66.76 -15.15 22.51
CA CYS E 68 -65.91 -16.24 22.08
C CYS E 68 -66.09 -17.49 22.95
N ILE E 69 -65.18 -18.44 22.81
CA ILE E 69 -65.23 -19.68 23.59
C ILE E 69 -63.98 -19.88 24.43
N VAL E 70 -64.18 -20.11 25.73
CA VAL E 70 -63.08 -20.27 26.67
C VAL E 70 -62.54 -21.71 26.72
N LEU E 71 -61.22 -21.84 26.68
CA LEU E 71 -60.58 -23.15 26.79
C LEU E 71 -59.55 -23.13 27.92
N SER E 72 -59.08 -24.32 28.30
CA SER E 72 -58.12 -24.43 29.40
C SER E 72 -56.68 -24.45 28.90
N ASP E 73 -55.86 -23.55 29.44
CA ASP E 73 -54.45 -23.48 29.08
C ASP E 73 -53.60 -23.57 30.35
N ASP E 74 -52.83 -24.65 30.45
CA ASP E 74 -51.97 -24.87 31.61
C ASP E 74 -50.84 -23.84 31.68
N THR E 75 -50.40 -23.37 30.52
CA THR E 75 -49.30 -22.42 30.45
C THR E 75 -49.75 -20.99 30.71
N CYS E 76 -51.07 -20.80 30.83
CA CYS E 76 -51.63 -19.47 31.08
C CYS E 76 -51.70 -19.17 32.58
N SER E 77 -51.60 -17.90 32.93
CA SER E 77 -51.67 -17.47 34.31
C SER E 77 -53.10 -17.15 34.74
N ASP E 78 -53.31 -16.99 36.05
CA ASP E 78 -54.65 -16.79 36.60
C ASP E 78 -55.25 -15.43 36.26
N GLU E 79 -54.44 -14.38 36.36
CA GLU E 79 -54.92 -13.01 36.16
C GLU E 79 -54.77 -12.49 34.74
N LYS E 80 -54.48 -13.39 33.79
CA LYS E 80 -54.35 -12.98 32.39
C LYS E 80 -55.26 -13.78 31.46
N ILE E 81 -55.49 -13.26 30.26
CA ILE E 81 -56.32 -13.93 29.27
C ILE E 81 -55.71 -13.83 27.87
N ARG E 82 -55.59 -14.98 27.21
CA ARG E 82 -54.98 -15.06 25.88
C ARG E 82 -55.99 -14.81 24.78
N MET E 83 -55.63 -13.97 23.81
CA MET E 83 -56.49 -13.70 22.67
C MET E 83 -55.71 -13.18 21.46
N ASN E 84 -56.13 -13.61 20.27
CA ASN E 84 -55.48 -13.20 19.04
C ASN E 84 -55.83 -11.77 18.61
N ARG E 85 -55.31 -11.35 17.47
CA ARG E 85 -55.47 -9.96 17.01
C ARG E 85 -56.90 -9.61 16.59
N VAL E 86 -57.70 -10.63 16.32
CA VAL E 86 -59.09 -10.41 15.91
C VAL E 86 -59.92 -9.77 17.03
N VAL E 87 -59.94 -10.43 18.17
CA VAL E 87 -60.67 -9.92 19.34
C VAL E 87 -60.02 -8.64 19.86
N ARG E 88 -58.69 -8.59 19.76
CA ARG E 88 -57.91 -7.46 20.26
C ARG E 88 -58.31 -6.13 19.62
N ASN E 89 -58.49 -6.13 18.30
CA ASN E 89 -58.87 -4.92 17.58
C ASN E 89 -60.36 -4.59 17.74
N ASN E 90 -61.16 -5.63 17.96
CA ASN E 90 -62.60 -5.46 18.16
C ASN E 90 -62.91 -4.75 19.47
N LEU E 91 -62.02 -4.92 20.45
CA LEU E 91 -62.18 -4.29 21.75
C LEU E 91 -61.40 -2.97 21.84
N ARG E 92 -60.70 -2.63 20.78
CA ARG E 92 -59.87 -1.43 20.72
C ARG E 92 -58.86 -1.39 21.86
N VAL E 93 -58.21 -2.53 22.10
CA VAL E 93 -57.25 -2.63 23.20
C VAL E 93 -55.88 -3.09 22.74
N ARG E 94 -54.88 -2.85 23.58
CA ARG E 94 -53.51 -3.31 23.33
C ARG E 94 -53.12 -4.34 24.39
N LEU E 95 -52.01 -5.03 24.16
CA LEU E 95 -51.52 -6.02 25.10
C LEU E 95 -51.14 -5.39 26.44
N GLY E 96 -52.01 -5.57 27.43
CA GLY E 96 -51.78 -5.04 28.76
C GLY E 96 -52.99 -4.32 29.33
N ASP E 97 -53.93 -3.97 28.46
CA ASP E 97 -55.14 -3.26 28.89
C ASP E 97 -56.05 -4.16 29.71
N VAL E 98 -57.04 -3.55 30.36
CA VAL E 98 -57.97 -4.30 31.20
C VAL E 98 -59.28 -4.56 30.48
N ILE E 99 -59.76 -5.81 30.57
CA ILE E 99 -61.03 -6.20 29.97
C ILE E 99 -61.91 -6.95 30.97
N SER E 100 -63.21 -6.84 30.81
CA SER E 100 -64.15 -7.50 31.71
C SER E 100 -64.83 -8.69 31.03
N ILE E 101 -64.43 -9.89 31.41
CA ILE E 101 -64.98 -11.12 30.86
C ILE E 101 -66.12 -11.65 31.72
N GLN E 102 -67.15 -12.18 31.07
CA GLN E 102 -68.29 -12.75 31.79
C GLN E 102 -68.97 -13.86 30.98
N PRO E 103 -69.39 -14.93 31.68
CA PRO E 103 -70.06 -16.08 31.06
C PRO E 103 -71.45 -15.72 30.53
N CYS E 104 -71.75 -16.17 29.32
CA CYS E 104 -73.06 -15.91 28.72
C CYS E 104 -73.64 -17.19 28.15
N PRO E 105 -74.27 -18.00 29.02
CA PRO E 105 -74.81 -19.31 28.62
C PRO E 105 -76.24 -19.21 28.10
N ASP E 106 -76.75 -17.99 27.97
CA ASP E 106 -78.10 -17.76 27.48
C ASP E 106 -78.11 -17.50 25.98
N VAL E 107 -76.97 -17.73 25.33
CA VAL E 107 -76.84 -17.53 23.90
C VAL E 107 -77.39 -18.74 23.13
N LYS E 108 -78.43 -18.51 22.33
CA LYS E 108 -79.01 -19.57 21.53
C LYS E 108 -78.61 -19.46 20.06
N TYR E 109 -79.04 -20.43 19.26
CA TYR E 109 -78.69 -20.48 17.85
C TYR E 109 -79.18 -19.27 17.07
N GLY E 110 -78.51 -18.97 15.96
CA GLY E 110 -78.87 -17.84 15.14
C GLY E 110 -79.97 -18.16 14.14
N LYS E 111 -80.53 -17.11 13.55
CA LYS E 111 -81.59 -17.27 12.56
C LYS E 111 -81.08 -16.87 11.18
N ARG E 112 -80.80 -15.58 11.01
CA ARG E 112 -80.28 -15.06 9.76
C ARG E 112 -79.02 -14.24 10.02
N ILE E 113 -78.01 -14.43 9.17
CA ILE E 113 -76.76 -13.72 9.35
C ILE E 113 -76.31 -13.06 8.04
N HIS E 114 -76.25 -11.73 8.06
CA HIS E 114 -75.81 -10.95 6.91
C HIS E 114 -74.35 -10.53 7.09
N VAL E 115 -73.48 -11.04 6.23
CA VAL E 115 -72.06 -10.68 6.31
C VAL E 115 -71.57 -10.05 5.01
N LEU E 116 -70.60 -9.15 5.14
CA LEU E 116 -70.03 -8.46 3.98
C LEU E 116 -68.51 -8.34 4.12
N PRO E 117 -67.78 -8.54 3.01
CA PRO E 117 -66.31 -8.45 3.01
C PRO E 117 -65.81 -7.01 2.97
N ILE E 118 -64.52 -6.83 3.24
CA ILE E 118 -63.90 -5.51 3.23
C ILE E 118 -63.12 -5.30 1.93
N ASP E 119 -63.20 -4.08 1.40
CA ASP E 119 -62.62 -3.73 0.11
C ASP E 119 -61.13 -4.02 -0.05
N ASP E 120 -60.35 -3.79 1.00
CA ASP E 120 -58.90 -3.95 0.91
C ASP E 120 -58.45 -5.40 1.11
N THR E 121 -59.41 -6.32 1.05
CA THR E 121 -59.12 -7.74 1.21
C THR E 121 -59.79 -8.57 0.12
N VAL E 122 -60.46 -7.88 -0.81
CA VAL E 122 -61.13 -8.55 -1.91
C VAL E 122 -60.70 -7.99 -3.26
N GLU E 123 -59.75 -7.05 -3.21
CA GLU E 123 -59.25 -6.43 -4.43
C GLU E 123 -58.55 -7.45 -5.32
N GLY E 124 -59.28 -7.99 -6.29
CA GLY E 124 -58.72 -8.95 -7.22
C GLY E 124 -59.54 -10.21 -7.39
N ILE E 125 -60.26 -10.60 -6.35
CA ILE E 125 -61.07 -11.82 -6.39
C ILE E 125 -62.56 -11.52 -6.45
N THR E 126 -63.31 -12.44 -7.06
CA THR E 126 -64.76 -12.33 -7.13
C THR E 126 -65.41 -13.71 -7.25
N GLY E 127 -66.73 -13.76 -7.11
CA GLY E 127 -67.46 -15.01 -7.21
C GLY E 127 -68.11 -15.43 -5.91
N ASN E 128 -68.32 -16.74 -5.76
CA ASN E 128 -68.98 -17.27 -4.57
C ASN E 128 -68.06 -17.30 -3.36
N LEU E 129 -68.15 -16.28 -2.53
CA LEU E 129 -67.35 -16.21 -1.31
C LEU E 129 -67.93 -17.10 -0.22
N PHE E 130 -69.24 -17.30 -0.27
CA PHE E 130 -69.94 -18.11 0.72
C PHE E 130 -69.52 -19.58 0.72
N GLU E 131 -69.42 -20.16 -0.47
CA GLU E 131 -69.08 -21.57 -0.59
C GLU E 131 -67.59 -21.79 -0.34
N VAL E 132 -66.79 -20.79 -0.65
CA VAL E 132 -65.33 -20.87 -0.50
C VAL E 132 -64.86 -20.57 0.91
N TYR E 133 -65.27 -19.42 1.44
CA TYR E 133 -64.79 -18.96 2.73
C TYR E 133 -65.79 -19.21 3.86
N LEU E 134 -66.99 -18.66 3.72
CA LEU E 134 -68.00 -18.70 4.78
C LEU E 134 -68.39 -20.11 5.21
N LYS E 135 -68.83 -20.93 4.25
CA LYS E 135 -69.31 -22.28 4.53
C LYS E 135 -68.31 -23.19 5.27
N PRO E 136 -67.06 -23.29 4.78
CA PRO E 136 -66.12 -24.16 5.50
C PRO E 136 -65.73 -23.59 6.86
N TYR E 137 -65.87 -22.28 7.03
CA TYR E 137 -65.47 -21.61 8.26
C TYR E 137 -66.44 -21.88 9.40
N PHE E 138 -67.74 -21.84 9.09
CA PHE E 138 -68.78 -22.09 10.09
C PHE E 138 -69.28 -23.53 10.03
N LEU E 139 -68.60 -24.37 9.26
CA LEU E 139 -69.00 -25.76 9.08
C LEU E 139 -69.03 -26.52 10.39
N GLU E 140 -70.21 -26.57 11.01
CA GLU E 140 -70.43 -27.26 12.28
C GLU E 140 -69.45 -26.81 13.36
N ALA E 141 -69.24 -25.50 13.45
CA ALA E 141 -68.31 -24.94 14.42
C ALA E 141 -69.05 -24.27 15.57
N TYR E 142 -70.29 -23.87 15.32
CA TYR E 142 -71.13 -23.19 16.31
C TYR E 142 -70.44 -21.95 16.88
N ARG E 143 -70.00 -21.06 16.00
CA ARG E 143 -69.28 -19.87 16.41
C ARG E 143 -70.22 -18.78 16.91
N PRO E 144 -70.02 -18.35 18.17
CA PRO E 144 -70.85 -17.31 18.78
C PRO E 144 -70.45 -15.90 18.33
N ILE E 145 -71.16 -15.36 17.33
CA ILE E 145 -70.84 -14.04 16.82
C ILE E 145 -71.77 -12.97 17.38
N ARG E 146 -71.34 -11.72 17.30
CA ARG E 146 -72.13 -10.58 17.77
C ARG E 146 -72.04 -9.44 16.77
N LYS E 147 -73.07 -8.61 16.71
CA LYS E 147 -73.06 -7.43 15.86
C LYS E 147 -71.87 -6.53 16.18
N GLY E 148 -70.97 -6.38 15.22
CA GLY E 148 -69.78 -5.59 15.42
C GLY E 148 -68.50 -6.41 15.29
N ASP E 149 -68.64 -7.72 15.38
CA ASP E 149 -67.49 -8.61 15.27
C ASP E 149 -66.91 -8.59 13.85
N ILE E 150 -65.59 -8.69 13.77
CA ILE E 150 -64.90 -8.73 12.48
C ILE E 150 -64.00 -9.95 12.41
N PHE E 151 -64.45 -10.98 11.71
CA PHE E 151 -63.67 -12.22 11.63
C PHE E 151 -62.91 -12.32 10.32
N LEU E 152 -61.88 -13.16 10.31
CA LEU E 152 -61.00 -13.29 9.14
C LEU E 152 -60.92 -14.73 8.66
N VAL E 153 -61.18 -14.92 7.37
CA VAL E 153 -61.09 -16.25 6.76
C VAL E 153 -59.97 -16.30 5.74
N ARG E 154 -59.05 -17.26 5.91
CA ARG E 154 -57.91 -17.40 5.02
C ARG E 154 -58.15 -18.47 3.96
N GLY E 155 -57.77 -18.15 2.72
CA GLY E 155 -57.95 -19.06 1.60
C GLY E 155 -57.68 -18.38 0.28
N GLY E 156 -57.46 -19.18 -0.76
CA GLY E 156 -57.15 -18.65 -2.08
C GLY E 156 -55.86 -17.87 -2.07
N MET E 157 -54.92 -18.32 -1.24
CA MET E 157 -53.61 -17.68 -1.08
C MET E 157 -53.73 -16.20 -0.69
N ARG E 158 -54.71 -15.90 0.15
CA ARG E 158 -54.89 -14.55 0.69
C ARG E 158 -55.77 -14.58 1.93
N ALA E 159 -56.21 -13.39 2.36
CA ALA E 159 -57.07 -13.27 3.53
C ALA E 159 -58.20 -12.28 3.27
N VAL E 160 -59.42 -12.66 3.62
CA VAL E 160 -60.58 -11.80 3.42
C VAL E 160 -61.29 -11.55 4.74
N GLU E 161 -61.49 -10.28 5.07
CA GLU E 161 -62.13 -9.90 6.33
C GLU E 161 -63.61 -9.64 6.16
N PHE E 162 -64.42 -10.17 7.08
CA PHE E 162 -65.86 -9.94 7.07
C PHE E 162 -66.30 -9.28 8.37
N LYS E 163 -67.30 -8.41 8.28
CA LYS E 163 -67.88 -7.79 9.46
C LYS E 163 -69.35 -8.13 9.61
N VAL E 164 -69.72 -8.69 10.76
CA VAL E 164 -71.09 -9.05 11.04
C VAL E 164 -71.98 -7.81 11.15
N VAL E 165 -72.83 -7.61 10.15
CA VAL E 165 -73.67 -6.43 10.11
C VAL E 165 -74.89 -6.53 11.03
N GLU E 166 -75.71 -7.56 10.80
CA GLU E 166 -76.91 -7.75 11.62
C GLU E 166 -77.31 -9.21 11.75
N THR E 167 -77.61 -9.62 12.98
CA THR E 167 -78.12 -10.96 13.25
C THR E 167 -79.50 -10.87 13.89
N ASP E 168 -80.38 -11.79 13.53
CA ASP E 168 -81.75 -11.79 14.04
C ASP E 168 -81.83 -11.96 15.57
N PRO E 169 -81.09 -12.93 16.14
CA PRO E 169 -81.08 -12.95 17.60
C PRO E 169 -80.09 -11.93 18.15
N SER E 170 -80.42 -10.65 18.04
CA SER E 170 -79.56 -9.57 18.52
C SER E 170 -79.42 -9.61 20.03
N PRO E 171 -78.22 -9.29 20.55
CA PRO E 171 -77.02 -8.96 19.78
C PRO E 171 -76.18 -10.17 19.39
N TYR E 172 -76.05 -11.14 20.30
CA TYR E 172 -75.22 -12.31 20.06
C TYR E 172 -76.02 -13.57 19.75
N CYS E 173 -75.44 -14.44 18.93
CA CYS E 173 -76.09 -15.69 18.55
C CYS E 173 -75.06 -16.73 18.12
N ILE E 174 -75.49 -18.00 18.09
CA ILE E 174 -74.62 -19.10 17.68
C ILE E 174 -74.90 -19.49 16.24
N VAL E 175 -73.86 -19.68 15.44
CA VAL E 175 -74.02 -20.08 14.06
C VAL E 175 -74.33 -21.57 13.97
N ALA E 176 -75.60 -21.90 13.75
CA ALA E 176 -76.03 -23.28 13.58
C ALA E 176 -75.92 -23.67 12.11
N PRO E 177 -75.84 -24.98 11.82
CA PRO E 177 -75.78 -25.42 10.42
C PRO E 177 -77.11 -25.21 9.70
N ASP E 178 -78.12 -24.71 10.41
CA ASP E 178 -79.40 -24.37 9.82
C ASP E 178 -79.56 -22.86 9.68
N THR E 179 -78.66 -22.13 10.34
CA THR E 179 -78.69 -20.67 10.30
C THR E 179 -78.42 -20.14 8.90
N VAL E 180 -79.34 -19.33 8.39
CA VAL E 180 -79.21 -18.76 7.06
C VAL E 180 -78.07 -17.74 6.99
N ILE E 181 -77.15 -17.95 6.06
CA ILE E 181 -76.02 -17.05 5.88
C ILE E 181 -76.13 -16.30 4.55
N HIS E 182 -76.38 -14.99 4.63
CA HIS E 182 -76.56 -14.19 3.44
C HIS E 182 -75.27 -13.52 3.01
N CYS E 183 -75.02 -13.51 1.70
CA CYS E 183 -73.83 -12.85 1.15
C CYS E 183 -74.21 -11.94 -0.02
N GLU E 184 -74.38 -10.65 0.28
CA GLU E 184 -74.81 -9.69 -0.73
C GLU E 184 -73.70 -9.37 -1.73
N GLY E 185 -72.46 -9.71 -1.37
CA GLY E 185 -71.32 -9.49 -2.24
C GLY E 185 -71.03 -8.03 -2.51
N GLU E 186 -70.99 -7.22 -1.45
CA GLU E 186 -70.68 -5.80 -1.59
C GLU E 186 -69.68 -5.33 -0.54
N PRO E 187 -68.43 -5.06 -0.97
CA PRO E 187 -67.34 -4.62 -0.10
C PRO E 187 -67.66 -3.30 0.62
N ILE E 188 -67.30 -3.24 1.91
CA ILE E 188 -67.55 -2.06 2.72
C ILE E 188 -66.27 -1.28 3.00
N LYS E 189 -66.40 -0.01 3.35
CA LYS E 189 -65.24 0.83 3.67
C LYS E 189 -64.67 0.53 5.05
N ARG E 190 -63.38 0.83 5.21
CA ARG E 190 -62.70 0.70 6.49
C ARG E 190 -62.69 2.02 7.27
N GLU E 191 -63.23 2.00 8.48
CA GLU E 191 -63.27 3.20 9.30
C GLU E 191 -61.89 3.58 9.84
N ASP E 192 -61.80 4.75 10.46
CA ASP E 192 -60.54 5.29 10.94
C ASP E 192 -59.91 4.45 12.05
N GLU E 193 -60.65 4.26 13.15
CA GLU E 193 -60.14 3.54 14.30
C GLU E 193 -60.07 2.03 14.06
N GLU E 194 -60.38 1.63 12.83
CA GLU E 194 -60.29 0.23 12.45
C GLU E 194 -58.90 -0.07 11.88
N GLU E 195 -57.98 -0.49 12.73
CA GLU E 195 -56.63 -0.83 12.29
C GLU E 195 -56.67 -2.01 11.34
N SER E 196 -55.92 -1.91 10.25
CA SER E 196 -55.86 -2.97 9.26
C SER E 196 -55.21 -4.23 9.82
N LEU E 197 -55.85 -5.37 9.62
CA LEU E 197 -55.31 -6.64 10.06
C LEU E 197 -54.24 -7.11 9.08
N ASN E 198 -54.11 -6.38 7.98
CA ASN E 198 -53.09 -6.66 6.99
C ASN E 198 -51.75 -6.06 7.41
N GLU E 199 -51.79 -5.18 8.41
CA GLU E 199 -50.58 -4.52 8.91
C GLU E 199 -49.73 -5.48 9.77
N VAL E 200 -48.75 -4.91 10.45
CA VAL E 200 -47.79 -5.71 11.21
C VAL E 200 -48.22 -5.91 12.66
N GLY E 201 -47.73 -7.00 13.26
CA GLY E 201 -48.01 -7.32 14.65
C GLY E 201 -47.01 -8.33 15.19
N TYR E 202 -47.16 -8.71 16.44
CA TYR E 202 -46.26 -9.69 17.07
C TYR E 202 -46.48 -11.10 16.53
N ASP E 203 -47.59 -11.30 15.83
CA ASP E 203 -47.92 -12.62 15.29
C ASP E 203 -47.45 -12.77 13.84
N ASP E 204 -46.65 -11.81 13.38
CA ASP E 204 -46.11 -11.84 12.03
C ASP E 204 -44.58 -11.97 12.05
N ILE E 205 -44.03 -12.26 13.22
CA ILE E 205 -42.59 -12.40 13.36
C ILE E 205 -42.21 -13.67 14.12
N GLY E 206 -41.23 -14.40 13.62
CA GLY E 206 -40.80 -15.64 14.23
C GLY E 206 -39.30 -15.86 14.17
N GLY E 207 -38.81 -16.81 14.96
CA GLY E 207 -37.40 -17.12 15.02
C GLY E 207 -36.64 -16.31 16.05
N CYS E 208 -37.18 -15.14 16.38
CA CYS E 208 -36.56 -14.26 17.35
C CYS E 208 -37.23 -14.38 18.71
N ARG E 209 -37.13 -15.56 19.32
CA ARG E 209 -37.79 -15.84 20.59
C ARG E 209 -37.14 -15.06 21.73
N LYS E 210 -35.94 -15.46 22.12
CA LYS E 210 -35.21 -14.81 23.21
C LYS E 210 -34.91 -13.35 22.91
N GLN E 211 -34.81 -13.00 21.63
CA GLN E 211 -34.59 -11.63 21.22
C GLN E 211 -35.79 -10.76 21.57
N LEU E 212 -36.98 -11.17 21.11
CA LEU E 212 -38.21 -10.45 21.39
C LEU E 212 -38.53 -10.42 22.88
N ALA E 213 -38.13 -11.47 23.58
CA ALA E 213 -38.32 -11.56 25.02
C ALA E 213 -37.61 -10.39 25.70
N GLN E 214 -36.35 -10.19 25.31
CA GLN E 214 -35.59 -9.04 25.78
C GLN E 214 -36.20 -7.73 25.32
N ILE E 215 -36.57 -7.67 24.04
CA ILE E 215 -37.09 -6.45 23.44
C ILE E 215 -38.35 -5.89 24.13
N LYS E 216 -39.34 -6.75 24.37
CA LYS E 216 -40.58 -6.28 24.99
C LYS E 216 -40.33 -5.72 26.38
N GLU E 217 -39.70 -6.51 27.24
CA GLU E 217 -39.48 -6.12 28.63
C GLU E 217 -38.57 -4.92 28.78
N MET E 218 -37.95 -4.49 27.68
CA MET E 218 -37.15 -3.28 27.68
C MET E 218 -38.01 -2.05 27.38
N VAL E 219 -38.98 -2.23 26.50
CA VAL E 219 -39.81 -1.11 26.04
C VAL E 219 -41.28 -1.22 26.44
N GLU E 220 -41.61 -2.23 27.24
CA GLU E 220 -43.00 -2.42 27.67
C GLU E 220 -43.43 -1.32 28.63
N LEU E 221 -42.78 -1.27 29.78
CA LEU E 221 -43.10 -0.29 30.82
C LEU E 221 -43.03 1.19 30.40
N PRO E 222 -41.93 1.62 29.76
CA PRO E 222 -41.86 3.05 29.44
C PRO E 222 -42.89 3.52 28.40
N LEU E 223 -43.33 2.60 27.53
CA LEU E 223 -44.28 2.96 26.48
C LEU E 223 -45.74 2.82 26.93
N ARG E 224 -46.02 1.76 27.68
CA ARG E 224 -47.39 1.50 28.13
C ARG E 224 -47.71 2.27 29.41
N HIS E 225 -46.67 2.59 30.17
CA HIS E 225 -46.85 3.37 31.40
C HIS E 225 -45.71 4.35 31.60
N PRO E 226 -45.74 5.49 30.87
CA PRO E 226 -44.74 6.55 31.01
C PRO E 226 -44.75 7.15 32.41
N ALA E 227 -45.91 7.13 33.05
CA ALA E 227 -46.08 7.66 34.40
C ALA E 227 -45.14 7.00 35.42
N LEU E 228 -44.91 5.71 35.26
CA LEU E 228 -44.05 4.96 36.17
C LEU E 228 -42.62 5.48 36.20
N PHE E 229 -42.03 5.67 35.02
CA PHE E 229 -40.64 6.14 34.93
C PHE E 229 -40.47 7.61 35.30
N LYS E 230 -41.56 8.37 35.24
CA LYS E 230 -41.52 9.78 35.61
C LYS E 230 -41.59 9.94 37.13
N ALA E 231 -41.97 8.86 37.81
CA ALA E 231 -42.07 8.86 39.27
C ALA E 231 -40.90 8.12 39.90
N ILE E 232 -40.44 7.06 39.23
CA ILE E 232 -39.34 6.26 39.74
C ILE E 232 -38.00 6.81 39.25
N GLY E 233 -36.93 6.56 40.01
CA GLY E 233 -35.61 7.03 39.65
C GLY E 233 -34.85 6.01 38.82
N VAL E 234 -35.51 5.48 37.80
CA VAL E 234 -34.91 4.47 36.93
C VAL E 234 -34.87 4.98 35.49
N LYS E 235 -33.71 4.88 34.85
CA LYS E 235 -33.55 5.32 33.47
C LYS E 235 -33.92 4.22 32.49
N PRO E 236 -34.89 4.51 31.62
CA PRO E 236 -35.27 3.55 30.57
C PRO E 236 -34.31 3.64 29.39
N PRO E 237 -34.20 2.57 28.60
CA PRO E 237 -33.30 2.57 27.44
C PRO E 237 -33.67 3.62 26.41
N ARG E 238 -32.70 4.41 25.98
CA ARG E 238 -32.94 5.45 24.99
C ARG E 238 -32.71 4.92 23.57
N GLY E 239 -31.62 4.20 23.39
CA GLY E 239 -31.28 3.67 22.08
C GLY E 239 -31.07 2.17 22.07
N ILE E 240 -31.77 1.49 21.17
CA ILE E 240 -31.64 0.05 21.01
C ILE E 240 -31.13 -0.29 19.62
N LEU E 241 -30.04 -1.04 19.55
CA LEU E 241 -29.44 -1.41 18.28
C LEU E 241 -29.71 -2.87 17.95
N LEU E 242 -29.95 -3.14 16.67
CA LEU E 242 -30.27 -4.50 16.22
C LEU E 242 -29.18 -5.05 15.31
N TYR E 243 -28.48 -6.08 15.78
CA TYR E 243 -27.45 -6.74 14.98
C TYR E 243 -28.08 -7.72 13.99
N GLY E 244 -27.27 -8.61 13.45
CA GLY E 244 -27.75 -9.65 12.57
C GLY E 244 -27.67 -9.28 11.09
N PRO E 245 -27.63 -10.30 10.22
CA PRO E 245 -27.56 -10.14 8.77
C PRO E 245 -28.90 -9.65 8.21
N PRO E 246 -28.87 -9.00 7.04
CA PRO E 246 -30.10 -8.53 6.40
C PRO E 246 -31.01 -9.70 6.02
N GLY E 247 -32.32 -9.51 6.17
CA GLY E 247 -33.27 -10.53 5.81
C GLY E 247 -33.93 -11.21 7.00
N THR E 248 -33.47 -10.88 8.19
CA THR E 248 -34.06 -11.44 9.41
C THR E 248 -35.37 -10.72 9.70
N GLY E 249 -35.46 -9.48 9.24
CA GLY E 249 -36.66 -8.69 9.42
C GLY E 249 -36.50 -7.70 10.56
N LYS E 250 -35.43 -6.90 10.50
CA LYS E 250 -35.14 -5.93 11.54
C LYS E 250 -36.25 -4.89 11.61
N THR E 251 -36.56 -4.31 10.46
CA THR E 251 -37.60 -3.28 10.37
C THR E 251 -38.97 -3.85 10.74
N LEU E 252 -39.20 -5.09 10.34
CA LEU E 252 -40.46 -5.77 10.64
C LEU E 252 -40.70 -5.94 12.14
N ILE E 253 -39.63 -6.30 12.86
CA ILE E 253 -39.71 -6.45 14.31
C ILE E 253 -40.05 -5.14 15.00
N ALA E 254 -39.31 -4.09 14.65
CA ALA E 254 -39.51 -2.77 15.27
C ALA E 254 -40.90 -2.21 15.03
N ARG E 255 -41.37 -2.26 13.79
CA ARG E 255 -42.68 -1.70 13.44
C ARG E 255 -43.80 -2.49 14.10
N ALA E 256 -43.56 -3.77 14.37
CA ALA E 256 -44.54 -4.61 15.03
C ALA E 256 -44.80 -4.11 16.45
N VAL E 257 -43.74 -3.68 17.12
CA VAL E 257 -43.83 -3.17 18.49
C VAL E 257 -44.72 -1.93 18.59
N ALA E 258 -44.51 -0.98 17.68
CA ALA E 258 -45.26 0.26 17.69
C ALA E 258 -46.74 0.02 17.40
N ASN E 259 -47.03 -0.86 16.44
CA ASN E 259 -48.41 -1.17 16.09
C ASN E 259 -49.10 -1.99 17.18
N GLU E 260 -48.30 -2.66 18.01
CA GLU E 260 -48.84 -3.54 19.05
C GLU E 260 -48.94 -2.83 20.39
N THR E 261 -48.17 -1.76 20.55
CA THR E 261 -48.18 -1.00 21.80
C THR E 261 -48.98 0.29 21.65
N GLY E 262 -49.40 0.59 20.42
CA GLY E 262 -50.19 1.77 20.15
C GLY E 262 -49.36 3.04 20.03
N ALA E 263 -48.07 2.91 20.29
CA ALA E 263 -47.15 4.05 20.23
C ALA E 263 -46.96 4.54 18.80
N PHE E 264 -46.63 5.82 18.66
CA PHE E 264 -46.38 6.41 17.35
C PHE E 264 -45.13 5.79 16.74
N PHE E 265 -45.08 5.76 15.41
CA PHE E 265 -43.95 5.15 14.71
C PHE E 265 -43.44 6.06 13.60
N PHE E 266 -42.17 6.46 13.69
CA PHE E 266 -41.56 7.27 12.65
C PHE E 266 -40.23 6.66 12.24
N LEU E 267 -40.14 6.24 10.98
CA LEU E 267 -38.95 5.56 10.47
C LEU E 267 -38.02 6.53 9.74
N ILE E 268 -36.72 6.26 9.83
CA ILE E 268 -35.73 7.05 9.11
C ILE E 268 -34.87 6.12 8.24
N ASN E 269 -35.23 6.03 6.97
CA ASN E 269 -34.48 5.21 6.03
C ASN E 269 -33.06 5.72 5.87
N GLY E 270 -32.10 4.80 5.87
CA GLY E 270 -30.69 5.13 5.81
C GLY E 270 -30.30 5.94 4.59
N PRO E 271 -30.27 5.29 3.41
CA PRO E 271 -29.90 5.96 2.16
C PRO E 271 -30.79 7.13 1.80
N GLU E 272 -32.01 7.18 2.35
CA GLU E 272 -32.92 8.29 2.10
C GLU E 272 -32.33 9.61 2.56
N ILE E 273 -31.64 9.58 3.69
CA ILE E 273 -31.02 10.77 4.25
C ILE E 273 -29.72 11.08 3.50
N MET E 274 -28.97 10.03 3.18
CA MET E 274 -27.71 10.19 2.47
C MET E 274 -27.92 10.45 0.98
N SER E 275 -29.17 10.39 0.53
CA SER E 275 -29.50 10.71 -0.86
C SER E 275 -29.79 12.19 -1.00
N LYS E 276 -30.42 12.76 0.03
CA LYS E 276 -30.70 14.19 0.05
C LYS E 276 -29.39 14.97 0.02
N LEU E 277 -29.41 16.10 -0.67
CA LEU E 277 -28.21 16.91 -0.85
C LEU E 277 -27.71 17.48 0.47
N ALA E 278 -26.43 17.87 0.50
CA ALA E 278 -25.82 18.44 1.69
C ALA E 278 -26.54 19.71 2.13
N GLY E 279 -27.22 19.62 3.27
CA GLY E 279 -28.00 20.74 3.77
C GLY E 279 -29.41 20.27 4.10
N GLU E 280 -30.02 19.60 3.13
CA GLU E 280 -31.33 18.99 3.34
C GLU E 280 -31.19 17.75 4.21
N SER E 281 -29.97 17.21 4.26
CA SER E 281 -29.67 16.04 5.07
C SER E 281 -29.93 16.27 6.56
N GLU E 282 -29.25 17.26 7.13
CA GLU E 282 -29.43 17.59 8.54
C GLU E 282 -30.83 18.12 8.81
N SER E 283 -31.41 18.78 7.81
CA SER E 283 -32.75 19.35 7.93
C SER E 283 -33.80 18.26 8.13
N ASN E 284 -33.71 17.20 7.34
CA ASN E 284 -34.66 16.09 7.45
C ASN E 284 -34.58 15.39 8.80
N LEU E 285 -33.36 15.27 9.32
CA LEU E 285 -33.14 14.65 10.63
C LEU E 285 -33.72 15.51 11.75
N ARG E 286 -33.58 16.83 11.61
CA ARG E 286 -34.15 17.77 12.57
C ARG E 286 -35.67 17.62 12.62
N LYS E 287 -36.29 17.58 11.45
CA LYS E 287 -37.74 17.46 11.35
C LYS E 287 -38.19 16.07 11.81
N ALA E 288 -37.33 15.08 11.59
CA ALA E 288 -37.61 13.71 11.99
C ALA E 288 -37.82 13.60 13.50
N PHE E 289 -36.82 14.02 14.26
CA PHE E 289 -36.89 13.97 15.71
C PHE E 289 -37.98 14.91 16.24
N GLU E 290 -38.11 16.06 15.60
CA GLU E 290 -39.06 17.08 16.06
C GLU E 290 -40.50 16.63 15.94
N GLU E 291 -40.85 16.01 14.82
CA GLU E 291 -42.22 15.59 14.59
C GLU E 291 -42.56 14.35 15.41
N ALA E 292 -41.57 13.49 15.62
CA ALA E 292 -41.78 12.27 16.39
C ALA E 292 -41.82 12.56 17.89
N GLU E 293 -41.09 13.58 18.32
CA GLU E 293 -41.06 13.96 19.73
C GLU E 293 -42.38 14.56 20.17
N LYS E 294 -43.03 15.29 19.26
CA LYS E 294 -44.32 15.91 19.53
C LYS E 294 -45.41 14.85 19.66
N ASN E 295 -45.24 13.74 18.95
CA ASN E 295 -46.22 12.66 18.96
C ASN E 295 -45.90 11.59 19.98
N ALA E 296 -45.27 12.00 21.08
CA ALA E 296 -44.90 11.08 22.15
C ALA E 296 -46.15 10.45 22.77
N PRO E 297 -46.08 9.14 23.12
CA PRO E 297 -44.93 8.25 22.95
C PRO E 297 -44.69 7.85 21.50
N ALA E 298 -43.43 7.62 21.14
CA ALA E 298 -43.08 7.30 19.76
C ALA E 298 -41.82 6.45 19.68
N ILE E 299 -41.60 5.82 18.52
CA ILE E 299 -40.40 5.03 18.28
C ILE E 299 -39.74 5.45 16.97
N ILE E 300 -38.54 6.03 17.08
CA ILE E 300 -37.77 6.40 15.90
C ILE E 300 -36.85 5.26 15.48
N PHE E 301 -37.13 4.68 14.32
CA PHE E 301 -36.33 3.55 13.84
C PHE E 301 -35.50 3.93 12.61
N ILE E 302 -34.18 3.83 12.74
CA ILE E 302 -33.28 4.11 11.64
C ILE E 302 -32.91 2.81 10.94
N ASP E 303 -33.11 2.77 9.62
CA ASP E 303 -32.87 1.56 8.85
C ASP E 303 -31.39 1.29 8.67
N GLU E 304 -30.85 1.66 7.51
CA GLU E 304 -29.43 1.43 7.23
C GLU E 304 -28.57 2.48 7.94
N LEU E 305 -28.39 2.30 9.25
CA LEU E 305 -27.60 3.22 10.05
C LEU E 305 -26.14 3.21 9.59
N ASP E 306 -25.69 2.07 9.08
CA ASP E 306 -24.33 1.92 8.59
C ASP E 306 -24.04 2.87 7.44
N ALA E 307 -25.08 3.23 6.70
CA ALA E 307 -24.94 4.19 5.61
C ALA E 307 -24.84 5.62 6.12
N ILE E 308 -25.18 5.81 7.40
CA ILE E 308 -25.13 7.13 8.00
C ILE E 308 -23.87 7.38 8.81
N ALA E 309 -23.56 6.46 9.74
CA ALA E 309 -22.41 6.64 10.62
C ALA E 309 -21.45 5.45 10.65
N PRO E 310 -20.61 5.32 9.61
CA PRO E 310 -19.56 4.30 9.59
C PRO E 310 -18.19 4.93 9.89
N LYS E 311 -18.20 6.00 10.67
CA LYS E 311 -17.01 6.80 10.97
C LYS E 311 -15.77 5.99 11.39
N ARG E 312 -15.06 5.47 10.39
CA ARG E 312 -13.79 4.77 10.61
C ARG E 312 -12.82 5.07 9.48
N GLU E 313 -12.91 4.26 8.43
CA GLU E 313 -12.09 4.46 7.24
C GLU E 313 -12.95 5.00 6.10
N LYS E 314 -14.27 4.80 6.23
CA LYS E 314 -15.22 5.25 5.23
C LYS E 314 -15.73 6.66 5.52
N THR E 315 -15.14 7.31 6.52
CA THR E 315 -15.50 8.68 6.86
C THR E 315 -14.75 9.70 5.99
N HIS E 316 -14.74 9.44 4.70
CA HIS E 316 -14.01 10.27 3.73
C HIS E 316 -14.81 11.49 3.29
N GLY E 317 -14.52 12.64 3.90
CA GLY E 317 -15.21 13.88 3.55
C GLY E 317 -15.69 14.68 4.75
N GLU E 318 -16.02 15.94 4.52
CA GLU E 318 -16.48 16.83 5.59
C GLU E 318 -17.98 16.67 5.82
N VAL E 319 -18.72 16.47 4.73
CA VAL E 319 -20.17 16.35 4.79
C VAL E 319 -20.59 15.16 5.65
N GLU E 320 -19.92 14.04 5.45
CA GLU E 320 -20.24 12.80 6.18
C GLU E 320 -20.06 12.97 7.68
N ARG E 321 -18.91 13.54 8.07
CA ARG E 321 -18.62 13.78 9.49
C ARG E 321 -19.65 14.70 10.13
N ARG E 322 -20.13 15.66 9.37
CA ARG E 322 -21.12 16.63 9.85
C ARG E 322 -22.46 15.95 10.12
N ILE E 323 -22.81 15.00 9.27
CA ILE E 323 -24.06 14.26 9.41
C ILE E 323 -24.05 13.38 10.66
N VAL E 324 -22.94 12.70 10.89
CA VAL E 324 -22.80 11.82 12.05
C VAL E 324 -22.92 12.60 13.35
N SER E 325 -22.24 13.73 13.42
CA SER E 325 -22.27 14.58 14.61
C SER E 325 -23.67 15.11 14.86
N GLN E 326 -24.41 15.38 13.79
CA GLN E 326 -25.79 15.82 13.89
C GLN E 326 -26.65 14.76 14.57
N LEU E 327 -26.45 13.50 14.19
CA LEU E 327 -27.17 12.39 14.79
C LEU E 327 -26.79 12.21 16.26
N LEU E 328 -25.49 12.34 16.55
CA LEU E 328 -24.99 12.21 17.91
C LEU E 328 -25.64 13.20 18.87
N THR E 329 -25.74 14.46 18.43
CA THR E 329 -26.39 15.49 19.22
C THR E 329 -27.88 15.23 19.40
N LEU E 330 -28.52 14.73 18.34
CA LEU E 330 -29.94 14.42 18.40
C LEU E 330 -30.21 13.26 19.34
N MET E 331 -29.28 12.32 19.41
CA MET E 331 -29.37 11.21 20.36
C MET E 331 -29.24 11.75 21.78
N ASP E 332 -28.33 12.69 21.98
CA ASP E 332 -28.14 13.34 23.26
C ASP E 332 -29.29 14.32 23.51
N GLY E 333 -29.90 14.79 22.43
CA GLY E 333 -30.99 15.75 22.51
C GLY E 333 -32.27 15.18 23.11
N LEU E 334 -32.30 13.87 23.30
CA LEU E 334 -33.44 13.22 23.94
C LEU E 334 -33.58 13.70 25.38
N LYS E 335 -34.63 14.46 25.65
CA LYS E 335 -34.82 15.09 26.95
C LYS E 335 -35.27 14.11 28.03
N GLN E 336 -35.39 12.84 27.66
CA GLN E 336 -35.82 11.77 28.59
C GLN E 336 -37.26 11.93 29.07
N ARG E 337 -37.60 13.11 29.57
CA ARG E 337 -38.96 13.41 30.01
C ARG E 337 -39.95 13.26 28.85
N ALA E 338 -39.50 13.60 27.66
CA ALA E 338 -40.22 13.25 26.44
C ALA E 338 -39.99 11.77 26.16
N HIS E 339 -41.08 11.03 26.01
CA HIS E 339 -40.99 9.57 25.93
C HIS E 339 -40.91 9.07 24.49
N VAL E 340 -39.71 9.13 23.92
CA VAL E 340 -39.45 8.58 22.61
C VAL E 340 -38.27 7.61 22.69
N ILE E 341 -38.33 6.54 21.89
CA ILE E 341 -37.27 5.54 21.90
C ILE E 341 -36.69 5.38 20.50
N VAL E 342 -35.37 5.55 20.40
CA VAL E 342 -34.69 5.47 19.12
C VAL E 342 -34.13 4.07 18.89
N MET E 343 -34.63 3.40 17.86
CA MET E 343 -34.13 2.09 17.49
C MET E 343 -33.36 2.17 16.18
N ALA E 344 -32.51 1.18 15.94
CA ALA E 344 -31.72 1.14 14.72
C ALA E 344 -31.38 -0.28 14.30
N ALA E 345 -30.90 -0.43 13.08
CA ALA E 345 -30.56 -1.74 12.55
C ALA E 345 -29.26 -1.67 11.74
N THR E 346 -28.60 -2.81 11.60
CA THR E 346 -27.38 -2.89 10.81
C THR E 346 -27.07 -4.32 10.42
N ASN E 347 -26.07 -4.49 9.56
CA ASN E 347 -25.67 -5.81 9.10
C ASN E 347 -24.77 -6.49 10.12
N ARG E 348 -23.96 -5.67 10.80
CA ARG E 348 -23.00 -6.17 11.79
C ARG E 348 -22.59 -5.06 12.75
N PRO E 349 -22.29 -5.42 14.01
CA PRO E 349 -21.87 -4.49 15.06
C PRO E 349 -20.79 -3.51 14.60
N ASN E 350 -19.84 -3.99 13.81
CA ASN E 350 -18.69 -3.18 13.39
C ASN E 350 -18.99 -2.23 12.23
N SER E 351 -20.27 -2.03 11.94
CA SER E 351 -20.66 -1.08 10.90
C SER E 351 -20.88 0.33 11.44
N ILE E 352 -21.41 0.41 12.66
CA ILE E 352 -21.75 1.69 13.27
C ILE E 352 -20.53 2.36 13.90
N ASP E 353 -20.55 3.70 13.93
CA ASP E 353 -19.51 4.48 14.57
C ASP E 353 -19.56 4.29 16.08
N PRO E 354 -18.44 3.85 16.68
CA PRO E 354 -18.29 3.59 18.13
C PRO E 354 -18.78 4.74 19.03
N ALA E 355 -18.85 5.95 18.49
CA ALA E 355 -19.33 7.10 19.27
C ALA E 355 -20.82 6.96 19.60
N LEU E 356 -21.53 6.16 18.82
CA LEU E 356 -22.94 5.89 19.09
C LEU E 356 -23.10 4.72 20.05
N ARG E 357 -22.02 4.01 20.29
CA ARG E 357 -22.04 2.84 21.17
C ARG E 357 -21.94 3.25 22.64
N ARG E 358 -21.69 4.53 22.88
CA ARG E 358 -21.54 5.04 24.24
C ARG E 358 -22.83 4.91 25.03
N PHE E 359 -22.75 4.25 26.19
CA PHE E 359 -23.93 3.98 27.01
C PHE E 359 -24.57 5.27 27.51
N GLY E 360 -25.55 5.74 26.75
CA GLY E 360 -26.23 7.01 27.01
C GLY E 360 -26.95 7.39 25.73
N ARG E 361 -26.57 6.72 24.65
CA ARG E 361 -27.23 6.85 23.37
C ARG E 361 -27.79 5.49 23.00
N PHE E 362 -27.05 4.73 22.21
CA PHE E 362 -27.39 3.33 21.96
C PHE E 362 -26.72 2.43 22.98
N ASP E 363 -27.34 2.31 24.15
CA ASP E 363 -26.76 1.55 25.25
C ASP E 363 -27.14 0.07 25.22
N ARG E 364 -28.37 -0.22 24.83
CA ARG E 364 -28.83 -1.60 24.76
C ARG E 364 -28.68 -2.15 23.34
N GLU E 365 -28.12 -3.35 23.23
CA GLU E 365 -27.89 -3.98 21.94
C GLU E 365 -28.44 -5.41 21.90
N VAL E 366 -29.13 -5.74 20.82
CA VAL E 366 -29.72 -7.08 20.67
C VAL E 366 -29.25 -7.76 19.39
N ASP E 367 -28.54 -8.88 19.54
CA ASP E 367 -28.05 -9.65 18.41
C ASP E 367 -29.15 -10.58 17.89
N ILE E 368 -29.56 -10.38 16.65
CA ILE E 368 -30.61 -11.18 16.04
C ILE E 368 -30.09 -11.98 14.85
N GLY E 369 -29.40 -13.08 15.13
CA GLY E 369 -28.87 -13.94 14.09
C GLY E 369 -29.94 -14.76 13.38
N ILE E 370 -29.50 -15.65 12.50
CA ILE E 370 -30.42 -16.51 11.76
C ILE E 370 -31.20 -17.44 12.69
N PRO E 371 -32.45 -17.79 12.29
CA PRO E 371 -33.30 -18.69 13.08
C PRO E 371 -32.81 -20.13 13.04
N ASP E 372 -33.15 -20.90 14.08
CA ASP E 372 -32.78 -22.30 14.14
C ASP E 372 -33.81 -23.18 13.44
N ALA E 373 -33.77 -24.48 13.74
CA ALA E 373 -34.73 -25.42 13.19
C ALA E 373 -36.15 -25.05 13.63
N THR E 374 -36.33 -24.88 14.93
CA THR E 374 -37.62 -24.47 15.48
C THR E 374 -37.98 -23.07 15.03
N GLY E 375 -36.97 -22.21 14.92
CA GLY E 375 -37.16 -20.83 14.49
C GLY E 375 -37.67 -20.72 13.07
N ARG E 376 -36.97 -21.36 12.14
CA ARG E 376 -37.37 -21.34 10.74
C ARG E 376 -38.73 -22.01 10.54
N LEU E 377 -38.98 -23.05 11.34
CA LEU E 377 -40.27 -23.72 11.33
C LEU E 377 -41.36 -22.75 11.73
N GLU E 378 -41.09 -21.96 12.76
CA GLU E 378 -42.02 -20.94 13.24
C GLU E 378 -42.29 -19.91 12.14
N ILE E 379 -41.25 -19.56 11.41
CA ILE E 379 -41.37 -18.60 10.31
C ILE E 379 -42.16 -19.17 9.13
N LEU E 380 -41.86 -20.41 8.77
CA LEU E 380 -42.51 -21.07 7.63
C LEU E 380 -44.03 -21.15 7.79
N GLN E 381 -44.48 -21.36 9.03
CA GLN E 381 -45.92 -21.42 9.31
C GLN E 381 -46.61 -20.08 9.06
N ILE E 382 -45.86 -18.99 9.22
CA ILE E 382 -46.42 -17.66 9.04
C ILE E 382 -46.58 -17.29 7.57
N HIS E 383 -45.68 -17.79 6.73
CA HIS E 383 -45.72 -17.48 5.30
C HIS E 383 -46.60 -18.44 4.52
N THR E 384 -47.00 -19.53 5.16
CA THR E 384 -47.86 -20.53 4.52
C THR E 384 -49.26 -20.55 5.12
N LYS E 385 -49.60 -19.47 5.82
CA LYS E 385 -50.90 -19.36 6.48
C LYS E 385 -52.06 -19.16 5.50
N ASN E 386 -51.73 -18.79 4.26
CA ASN E 386 -52.75 -18.50 3.26
C ASN E 386 -52.90 -19.58 2.20
N MET E 387 -51.83 -20.36 1.98
CA MET E 387 -51.82 -21.37 0.93
C MET E 387 -52.28 -22.73 1.43
N LYS E 388 -52.92 -23.50 0.56
CA LYS E 388 -53.44 -24.82 0.90
C LYS E 388 -52.39 -25.91 0.76
N LEU E 389 -51.77 -26.29 1.87
CA LEU E 389 -50.78 -27.36 1.86
C LEU E 389 -51.45 -28.73 1.82
N ALA E 390 -50.91 -29.62 0.99
CA ALA E 390 -51.45 -30.97 0.86
C ALA E 390 -51.12 -31.84 2.07
N ASP E 391 -51.60 -33.08 2.05
CA ASP E 391 -51.41 -34.00 3.18
C ASP E 391 -49.96 -34.47 3.27
N ASP E 392 -49.32 -34.66 2.13
CA ASP E 392 -47.94 -35.15 2.08
C ASP E 392 -46.95 -34.08 2.54
N VAL E 393 -47.41 -32.84 2.59
CA VAL E 393 -46.57 -31.72 2.97
C VAL E 393 -46.17 -31.76 4.45
N ASP E 394 -44.88 -31.90 4.69
CA ASP E 394 -44.34 -31.90 6.05
C ASP E 394 -43.47 -30.66 6.26
N LEU E 395 -44.07 -29.63 6.86
CA LEU E 395 -43.39 -28.35 7.04
C LEU E 395 -42.17 -28.45 7.94
N GLU E 396 -42.17 -29.40 8.86
CA GLU E 396 -41.05 -29.61 9.76
C GLU E 396 -39.82 -30.07 8.98
N GLN E 397 -40.06 -30.85 7.93
CA GLN E 397 -38.98 -31.36 7.09
C GLN E 397 -38.23 -30.24 6.38
N VAL E 398 -38.98 -29.27 5.87
CA VAL E 398 -38.40 -28.14 5.15
C VAL E 398 -37.55 -27.28 6.07
N ALA E 399 -38.01 -27.11 7.31
CA ALA E 399 -37.30 -26.29 8.29
C ALA E 399 -35.94 -26.90 8.67
N ASN E 400 -35.87 -28.22 8.64
CA ASN E 400 -34.65 -28.92 9.01
C ASN E 400 -33.59 -28.91 7.91
N GLU E 401 -34.04 -28.81 6.66
CA GLU E 401 -33.11 -28.84 5.53
C GLU E 401 -32.81 -27.44 5.02
N THR E 402 -33.28 -26.44 5.75
CA THR E 402 -32.88 -25.06 5.52
C THR E 402 -31.71 -24.72 6.42
N HIS E 403 -30.52 -25.24 6.07
CA HIS E 403 -29.35 -25.15 6.95
C HIS E 403 -28.96 -23.74 7.38
N GLY E 404 -29.04 -22.78 6.47
CA GLY E 404 -28.67 -21.41 6.79
C GLY E 404 -29.56 -20.41 6.11
N HIS E 405 -30.84 -20.42 6.50
CA HIS E 405 -31.82 -19.55 5.87
C HIS E 405 -32.47 -18.59 6.87
N VAL E 406 -32.61 -17.33 6.46
CA VAL E 406 -33.27 -16.32 7.28
C VAL E 406 -34.75 -16.21 6.90
N GLY E 407 -35.47 -15.33 7.60
CA GLY E 407 -36.89 -15.12 7.36
C GLY E 407 -37.24 -14.70 5.95
N ALA E 408 -36.50 -13.72 5.41
CA ALA E 408 -36.76 -13.22 4.07
C ALA E 408 -36.52 -14.29 3.00
N ASP E 409 -35.50 -15.11 3.20
CA ASP E 409 -35.16 -16.17 2.25
C ASP E 409 -36.25 -17.24 2.21
N LEU E 410 -36.87 -17.48 3.36
CA LEU E 410 -37.97 -18.44 3.45
C LEU E 410 -39.21 -17.90 2.74
N ALA E 411 -39.36 -16.58 2.73
CA ALA E 411 -40.48 -15.93 2.06
C ALA E 411 -40.43 -16.13 0.56
N ALA E 412 -39.28 -15.84 -0.04
CA ALA E 412 -39.09 -16.01 -1.48
C ALA E 412 -39.12 -17.49 -1.84
N LEU E 413 -38.80 -18.32 -0.85
CA LEU E 413 -38.84 -19.77 -1.01
C LEU E 413 -40.28 -20.22 -1.23
N CYS E 414 -41.17 -19.73 -0.38
CA CYS E 414 -42.59 -20.05 -0.48
C CYS E 414 -43.21 -19.48 -1.76
N SER E 415 -42.77 -18.27 -2.13
CA SER E 415 -43.31 -17.60 -3.30
C SER E 415 -43.06 -18.36 -4.60
N GLU E 416 -41.81 -18.73 -4.83
CA GLU E 416 -41.44 -19.46 -6.04
C GLU E 416 -41.98 -20.89 -6.04
N ALA E 417 -42.24 -21.42 -4.85
CA ALA E 417 -42.78 -22.77 -4.71
C ALA E 417 -44.29 -22.75 -4.96
N ALA E 418 -44.94 -21.66 -4.59
CA ALA E 418 -46.36 -21.49 -4.84
C ALA E 418 -46.62 -21.32 -6.33
N LEU E 419 -45.76 -20.53 -6.98
CA LEU E 419 -45.86 -20.30 -8.41
C LEU E 419 -45.61 -21.59 -9.18
N GLN E 420 -44.78 -22.45 -8.60
CA GLN E 420 -44.51 -23.76 -9.18
C GLN E 420 -45.78 -24.61 -9.14
N ALA E 421 -46.52 -24.51 -8.05
CA ALA E 421 -47.78 -25.22 -7.89
C ALA E 421 -48.87 -24.58 -8.74
N ILE E 422 -48.65 -23.32 -9.13
CA ILE E 422 -49.62 -22.58 -9.93
C ILE E 422 -49.41 -22.87 -11.42
N ARG E 423 -48.15 -22.93 -11.84
CA ARG E 423 -47.83 -23.15 -13.25
C ARG E 423 -48.06 -24.59 -13.72
N LYS E 424 -48.96 -25.30 -13.03
CA LYS E 424 -49.28 -26.68 -13.40
C LYS E 424 -50.79 -26.93 -13.35
N LYS E 425 -51.54 -25.98 -12.80
CA LYS E 425 -52.97 -26.14 -12.63
C LYS E 425 -53.77 -25.34 -13.66
N MET E 426 -54.27 -24.18 -13.26
CA MET E 426 -55.09 -23.35 -14.14
C MET E 426 -54.25 -22.75 -15.25
N ASP E 427 -52.93 -22.84 -15.12
CA ASP E 427 -52.01 -22.36 -16.14
C ASP E 427 -52.25 -23.08 -17.46
N LEU E 428 -52.55 -24.37 -17.38
CA LEU E 428 -52.87 -25.17 -18.56
C LEU E 428 -54.28 -24.86 -19.05
N ILE E 429 -55.17 -24.52 -18.13
CA ILE E 429 -56.54 -24.18 -18.46
C ILE E 429 -56.59 -22.77 -19.05
N ASP E 430 -55.89 -21.85 -18.40
CA ASP E 430 -55.80 -20.44 -18.82
C ASP E 430 -57.16 -19.74 -18.85
N LEU E 431 -57.46 -19.04 -17.77
CA LEU E 431 -58.68 -18.25 -17.69
C LEU E 431 -58.33 -16.76 -17.79
N GLU E 432 -58.29 -16.27 -19.01
CA GLU E 432 -57.89 -14.89 -19.28
C GLU E 432 -58.88 -13.86 -18.74
N ASP E 433 -58.63 -13.42 -17.51
CA ASP E 433 -59.46 -12.41 -16.87
C ASP E 433 -58.58 -11.49 -16.01
N GLU E 434 -59.10 -10.32 -15.68
CA GLU E 434 -58.38 -9.38 -14.83
C GLU E 434 -58.70 -9.63 -13.36
N THR E 435 -59.57 -10.60 -13.11
CA THR E 435 -59.93 -10.98 -11.75
C THR E 435 -60.19 -12.48 -11.65
N ILE E 436 -59.37 -13.16 -10.86
CA ILE E 436 -59.48 -14.61 -10.72
C ILE E 436 -60.60 -15.01 -9.77
N ASP E 437 -61.35 -16.04 -10.15
CA ASP E 437 -62.45 -16.54 -9.34
C ASP E 437 -61.94 -17.24 -8.08
N ALA E 438 -62.72 -17.18 -7.01
CA ALA E 438 -62.29 -17.71 -5.72
C ALA E 438 -62.41 -19.23 -5.65
N GLU E 439 -63.44 -19.77 -6.31
CA GLU E 439 -63.66 -21.22 -6.32
C GLU E 439 -62.50 -21.94 -6.99
N VAL E 440 -61.93 -21.31 -8.02
CA VAL E 440 -60.79 -21.87 -8.73
C VAL E 440 -59.55 -21.87 -7.85
N MET E 441 -59.38 -20.83 -7.06
CA MET E 441 -58.21 -20.69 -6.21
C MET E 441 -58.31 -21.59 -4.98
N ASN E 442 -59.54 -21.81 -4.52
CA ASN E 442 -59.78 -22.66 -3.36
C ASN E 442 -59.42 -24.11 -3.63
N SER E 443 -59.58 -24.53 -4.88
CA SER E 443 -59.28 -25.90 -5.29
C SER E 443 -57.78 -26.14 -5.43
N LEU E 444 -57.01 -25.08 -5.62
CA LEU E 444 -55.57 -25.18 -5.79
C LEU E 444 -54.88 -25.67 -4.52
N ALA E 445 -53.94 -26.60 -4.67
CA ALA E 445 -53.18 -27.11 -3.55
C ALA E 445 -51.70 -27.25 -3.88
N VAL E 446 -50.85 -27.19 -2.85
CA VAL E 446 -49.41 -27.29 -3.03
C VAL E 446 -48.89 -28.62 -2.49
N THR E 447 -48.12 -29.34 -3.30
CA THR E 447 -47.59 -30.63 -2.89
C THR E 447 -46.18 -30.50 -2.34
N MET E 448 -45.66 -31.58 -1.78
CA MET E 448 -44.32 -31.60 -1.21
C MET E 448 -43.28 -31.42 -2.31
N ASP E 449 -43.58 -31.92 -3.50
CA ASP E 449 -42.69 -31.83 -4.65
C ASP E 449 -42.58 -30.38 -5.14
N ASP E 450 -43.64 -29.60 -4.92
CA ASP E 450 -43.65 -28.20 -5.31
C ASP E 450 -42.64 -27.40 -4.49
N PHE E 451 -42.52 -27.75 -3.22
CA PHE E 451 -41.53 -27.12 -2.33
C PHE E 451 -40.12 -27.53 -2.73
N ARG E 452 -40.01 -28.73 -3.31
CA ARG E 452 -38.73 -29.26 -3.74
C ARG E 452 -38.09 -28.42 -4.85
N TRP E 453 -38.92 -27.98 -5.80
CA TRP E 453 -38.43 -27.20 -6.93
C TRP E 453 -37.82 -25.86 -6.52
N ALA E 454 -38.41 -25.23 -5.51
CA ALA E 454 -37.91 -23.96 -5.02
C ALA E 454 -36.53 -24.13 -4.38
N LEU E 455 -36.37 -25.21 -3.63
CA LEU E 455 -35.10 -25.53 -3.01
C LEU E 455 -34.07 -25.91 -4.06
N SER E 456 -34.54 -26.50 -5.15
CA SER E 456 -33.66 -26.95 -6.23
C SER E 456 -33.05 -25.78 -7.00
N GLN E 457 -33.75 -24.64 -6.99
CA GLN E 457 -33.28 -23.46 -7.71
C GLN E 457 -32.10 -22.81 -7.00
N SER E 458 -31.67 -21.65 -7.50
CA SER E 458 -30.52 -20.95 -6.93
C SER E 458 -30.94 -19.90 -5.91
N ASN E 459 -32.24 -19.75 -5.69
CA ASN E 459 -32.73 -18.79 -4.71
C ASN E 459 -32.58 -19.13 -3.21
N PRO E 460 -32.44 -20.41 -2.84
CA PRO E 460 -32.16 -20.62 -1.41
C PRO E 460 -30.71 -20.29 -1.03
N SER E 461 -29.92 -19.83 -2.00
CA SER E 461 -28.54 -19.42 -1.76
C SER E 461 -28.47 -18.20 -0.83
N ALA E 462 -28.69 -18.42 0.45
CA ALA E 462 -28.63 -17.35 1.43
C ALA E 462 -27.26 -17.29 2.10
N LEU E 463 -26.91 -16.12 2.62
CA LEU E 463 -25.63 -15.93 3.30
C LEU E 463 -25.56 -16.84 4.54
N ARG E 464 -24.41 -17.50 4.72
CA ARG E 464 -24.25 -18.40 5.85
C ARG E 464 -23.19 -17.89 6.82
N GLU E 465 -23.59 -17.69 8.07
CA GLU E 465 -22.70 -17.19 9.10
C GLU E 465 -22.58 -18.18 10.26
N THR E 466 -22.05 -17.71 11.38
CA THR E 466 -21.94 -18.54 12.58
C THR E 466 -23.32 -18.85 13.14
N VAL E 467 -23.70 -20.11 13.08
CA VAL E 467 -25.05 -20.53 13.46
C VAL E 467 -25.21 -20.74 14.97
N VAL E 468 -26.08 -19.93 15.56
CA VAL E 468 -26.43 -20.06 16.97
C VAL E 468 -27.82 -20.65 17.09
N GLU E 469 -27.91 -21.90 17.52
CA GLU E 469 -29.21 -22.59 17.55
C GLU E 469 -29.42 -23.44 18.81
N VAL E 470 -30.65 -23.93 18.94
CA VAL E 470 -31.00 -24.85 20.02
C VAL E 470 -30.97 -26.28 19.49
N PRO E 471 -30.13 -27.14 20.11
CA PRO E 471 -29.97 -28.52 19.66
C PRO E 471 -31.27 -29.32 19.66
N GLN E 472 -31.58 -29.94 18.52
CA GLN E 472 -32.78 -30.77 18.41
C GLN E 472 -32.45 -32.24 18.62
N VAL E 473 -31.41 -32.51 19.41
CA VAL E 473 -30.97 -33.87 19.67
C VAL E 473 -30.92 -34.19 21.17
N THR E 474 -31.63 -35.24 21.56
CA THR E 474 -31.69 -35.64 22.96
C THR E 474 -30.61 -36.67 23.30
N TRP E 475 -30.71 -37.26 24.48
CA TRP E 475 -29.75 -38.26 24.94
C TRP E 475 -30.00 -39.60 24.26
N GLU E 476 -31.21 -39.79 23.73
CA GLU E 476 -31.60 -41.05 23.11
C GLU E 476 -30.83 -41.33 21.82
N ASP E 477 -30.19 -40.29 21.28
CA ASP E 477 -29.36 -40.44 20.09
C ASP E 477 -27.94 -40.85 20.45
N ILE E 478 -27.65 -40.89 21.75
CA ILE E 478 -26.33 -41.27 22.24
C ILE E 478 -26.40 -42.45 23.18
N GLY E 479 -25.80 -43.58 22.77
CA GLY E 479 -25.87 -44.81 23.53
C GLY E 479 -25.06 -44.82 24.81
N GLY E 480 -25.68 -45.29 25.89
CA GLY E 480 -25.02 -45.47 27.17
C GLY E 480 -24.48 -44.20 27.81
N LEU E 481 -23.38 -44.35 28.55
CA LEU E 481 -22.73 -43.23 29.24
C LEU E 481 -23.66 -42.49 30.20
N GLU E 482 -24.19 -43.20 31.18
CA GLU E 482 -25.09 -42.60 32.16
C GLU E 482 -24.33 -41.83 33.23
N ASP E 483 -23.05 -42.19 33.41
CA ASP E 483 -22.21 -41.53 34.39
C ASP E 483 -21.90 -40.08 34.03
N VAL E 484 -21.66 -39.83 32.74
CA VAL E 484 -21.31 -38.48 32.29
C VAL E 484 -22.53 -37.58 32.16
N LYS E 485 -23.73 -38.17 32.14
CA LYS E 485 -24.96 -37.40 32.06
C LYS E 485 -25.12 -36.53 33.30
N ARG E 486 -25.12 -37.15 34.47
CA ARG E 486 -25.24 -36.41 35.73
C ARG E 486 -23.99 -35.57 35.95
N GLU E 487 -22.85 -36.05 35.45
CA GLU E 487 -21.60 -35.30 35.51
C GLU E 487 -21.73 -33.98 34.75
N LEU E 488 -22.26 -34.04 33.54
CA LEU E 488 -22.46 -32.84 32.74
C LEU E 488 -23.52 -31.97 33.41
N GLN E 489 -24.52 -32.60 34.00
CA GLN E 489 -25.57 -31.87 34.72
C GLN E 489 -25.00 -31.11 35.90
N GLU E 490 -24.01 -31.68 36.57
CA GLU E 490 -23.32 -31.01 37.66
C GLU E 490 -22.54 -29.81 37.15
N LEU E 491 -22.22 -29.83 35.86
CA LEU E 491 -21.39 -28.79 35.26
C LEU E 491 -22.20 -27.66 34.63
N VAL E 492 -23.41 -27.97 34.14
CA VAL E 492 -24.24 -26.96 33.51
C VAL E 492 -25.69 -26.90 34.00
N GLN E 493 -26.30 -28.05 34.24
CA GLN E 493 -27.69 -28.10 34.69
C GLN E 493 -27.85 -27.53 36.09
N TYR E 494 -26.96 -27.93 36.99
CA TYR E 494 -27.02 -27.47 38.37
C TYR E 494 -26.77 -25.97 38.58
N PRO E 495 -25.74 -25.40 37.94
CA PRO E 495 -25.52 -23.97 38.20
C PRO E 495 -26.54 -23.04 37.55
N VAL E 496 -27.52 -23.58 36.83
CA VAL E 496 -28.56 -22.74 36.22
C VAL E 496 -29.96 -23.07 36.74
N GLU E 497 -30.20 -24.35 37.05
CA GLU E 497 -31.51 -24.76 37.56
C GLU E 497 -31.49 -24.84 39.07
N HIS E 498 -30.30 -24.89 39.65
CA HIS E 498 -30.12 -24.84 41.10
C HIS E 498 -28.94 -23.95 41.46
N PRO E 499 -29.05 -22.64 41.17
CA PRO E 499 -27.95 -21.70 41.43
C PRO E 499 -27.83 -21.39 42.91
N ASP E 500 -28.91 -21.58 43.65
CA ASP E 500 -28.92 -21.34 45.10
C ASP E 500 -27.99 -22.29 45.83
N LYS E 501 -27.84 -23.51 45.31
CA LYS E 501 -26.98 -24.52 45.94
C LYS E 501 -25.51 -24.15 45.82
N PHE E 502 -25.14 -23.57 44.67
CA PHE E 502 -23.77 -23.14 44.45
C PHE E 502 -23.37 -21.99 45.36
N LEU E 503 -24.33 -21.10 45.63
CA LEU E 503 -24.09 -19.95 46.50
C LEU E 503 -24.13 -20.34 47.97
N LYS E 504 -24.86 -21.41 48.29
CA LYS E 504 -24.94 -21.91 49.66
C LYS E 504 -23.61 -22.48 50.15
N PHE E 505 -22.91 -23.19 49.26
CA PHE E 505 -21.67 -23.86 49.63
C PHE E 505 -20.44 -23.01 49.33
N GLY E 506 -20.59 -22.00 48.49
CA GLY E 506 -19.53 -21.03 48.27
C GLY E 506 -18.58 -21.38 47.14
N MET E 507 -18.72 -22.57 46.57
CA MET E 507 -17.85 -23.00 45.49
C MET E 507 -18.14 -22.26 44.18
N THR E 508 -17.15 -22.21 43.30
CA THR E 508 -17.31 -21.56 42.01
C THR E 508 -17.40 -22.60 40.89
N PRO E 509 -18.38 -22.44 39.99
CA PRO E 509 -18.61 -23.36 38.88
C PRO E 509 -17.41 -23.44 37.94
N SER E 510 -17.19 -24.62 37.34
CA SER E 510 -16.13 -24.79 36.36
C SER E 510 -16.46 -23.97 35.12
N LYS E 511 -15.43 -23.45 34.47
CA LYS E 511 -15.62 -22.58 33.31
C LYS E 511 -15.60 -23.35 31.99
N GLY E 512 -15.11 -24.58 32.02
CA GLY E 512 -15.06 -25.40 30.82
C GLY E 512 -14.55 -26.81 31.01
N VAL E 513 -14.85 -27.66 30.02
CA VAL E 513 -14.44 -29.06 30.04
C VAL E 513 -13.83 -29.43 28.69
N LEU E 514 -12.87 -30.34 28.70
CA LEU E 514 -12.26 -30.81 27.45
C LEU E 514 -12.59 -32.28 27.19
N PHE E 515 -13.15 -32.55 26.01
CA PHE E 515 -13.45 -33.91 25.59
C PHE E 515 -12.30 -34.46 24.74
N TYR E 516 -11.77 -35.61 25.14
CA TYR E 516 -10.72 -36.28 24.37
C TYR E 516 -10.99 -37.76 24.18
N GLY E 517 -10.52 -38.30 23.05
CA GLY E 517 -10.77 -39.69 22.70
C GLY E 517 -10.74 -39.91 21.20
N PRO E 518 -11.01 -41.15 20.76
CA PRO E 518 -10.99 -41.49 19.34
C PRO E 518 -12.13 -40.84 18.55
N PRO E 519 -11.88 -40.53 17.28
CA PRO E 519 -12.85 -39.86 16.41
C PRO E 519 -14.12 -40.69 16.20
N GLY E 520 -15.25 -40.02 16.00
CA GLY E 520 -16.51 -40.69 15.75
C GLY E 520 -17.07 -41.40 16.96
N CYS E 521 -16.95 -40.77 18.13
CA CYS E 521 -17.48 -41.33 19.36
C CYS E 521 -18.56 -40.46 19.97
N GLY E 522 -19.00 -39.45 19.22
CA GLY E 522 -20.10 -38.61 19.65
C GLY E 522 -19.71 -37.47 20.58
N LYS E 523 -18.52 -36.91 20.38
CA LYS E 523 -18.08 -35.77 21.18
C LYS E 523 -18.96 -34.55 20.88
N THR E 524 -19.22 -34.33 19.60
CA THR E 524 -20.07 -33.24 19.15
C THR E 524 -21.51 -33.46 19.60
N LEU E 525 -21.99 -34.69 19.48
CA LEU E 525 -23.36 -35.03 19.84
C LEU E 525 -23.64 -34.82 21.33
N LEU E 526 -22.65 -35.11 22.17
CA LEU E 526 -22.78 -34.93 23.61
C LEU E 526 -22.99 -33.47 23.99
N ALA E 527 -22.15 -32.60 23.45
CA ALA E 527 -22.22 -31.17 23.73
C ALA E 527 -23.58 -30.58 23.34
N LYS E 528 -24.18 -31.11 22.28
CA LYS E 528 -25.50 -30.68 21.84
C LYS E 528 -26.60 -31.26 22.73
N ALA E 529 -26.48 -32.54 23.05
CA ALA E 529 -27.48 -33.24 23.85
C ALA E 529 -27.63 -32.63 25.24
N ILE E 530 -26.51 -32.23 25.85
CA ILE E 530 -26.53 -31.63 27.17
C ILE E 530 -27.10 -30.22 27.11
N ALA E 531 -26.86 -29.54 25.98
CA ALA E 531 -27.41 -28.21 25.77
C ALA E 531 -28.91 -28.31 25.53
N ASN E 532 -29.33 -29.42 24.91
CA ASN E 532 -30.74 -29.69 24.68
C ASN E 532 -31.45 -29.95 26.00
N GLU E 533 -30.74 -30.58 26.93
CA GLU E 533 -31.28 -30.88 28.24
C GLU E 533 -31.49 -29.58 29.03
N CYS E 534 -30.55 -28.65 28.87
CA CYS E 534 -30.64 -27.36 29.54
C CYS E 534 -31.51 -26.40 28.74
N GLN E 535 -31.84 -26.80 27.51
CA GLN E 535 -32.59 -25.96 26.58
C GLN E 535 -31.90 -24.61 26.37
N ALA E 536 -30.57 -24.63 26.38
CA ALA E 536 -29.77 -23.43 26.23
C ALA E 536 -29.30 -23.26 24.79
N ASN E 537 -28.66 -22.13 24.50
CA ASN E 537 -28.16 -21.86 23.16
C ASN E 537 -26.88 -22.63 22.90
N PHE E 538 -26.63 -22.94 21.63
CA PHE E 538 -25.45 -23.71 21.26
C PHE E 538 -24.70 -23.07 20.09
N ILE E 539 -23.38 -23.04 20.20
CA ILE E 539 -22.53 -22.51 19.13
C ILE E 539 -21.44 -23.50 18.75
N SER E 540 -21.44 -23.90 17.49
CA SER E 540 -20.49 -24.91 17.00
C SER E 540 -19.41 -24.29 16.13
N ILE E 541 -18.23 -24.09 16.70
CA ILE E 541 -17.08 -23.56 15.97
C ILE E 541 -16.26 -24.69 15.36
N LYS E 542 -16.43 -24.89 14.05
CA LYS E 542 -15.78 -26.01 13.37
C LYS E 542 -14.27 -25.84 13.27
N GLY E 543 -13.57 -26.96 13.08
CA GLY E 543 -12.13 -26.97 12.94
C GLY E 543 -11.54 -26.06 11.88
N PRO E 544 -11.93 -26.26 10.61
CA PRO E 544 -11.47 -25.43 9.48
C PRO E 544 -11.65 -23.93 9.71
N GLU E 545 -12.69 -23.55 10.46
CA GLU E 545 -12.95 -22.15 10.75
C GLU E 545 -11.85 -21.57 11.63
N LEU E 546 -11.36 -22.38 12.56
CA LEU E 546 -10.26 -21.98 13.44
C LEU E 546 -8.98 -21.84 12.63
N LEU E 547 -8.76 -22.76 11.70
CA LEU E 547 -7.57 -22.73 10.85
C LEU E 547 -7.56 -21.51 9.93
N THR E 548 -8.75 -21.06 9.57
CA THR E 548 -8.88 -19.88 8.70
C THR E 548 -8.27 -18.65 9.36
N MET E 549 -8.40 -18.56 10.68
CA MET E 549 -7.82 -17.47 11.45
C MET E 549 -6.30 -17.64 11.59
N TRP E 550 -5.86 -18.89 11.71
CA TRP E 550 -4.44 -19.19 11.88
C TRP E 550 -3.62 -18.80 10.65
N PHE E 551 -4.05 -19.26 9.48
CA PHE E 551 -3.35 -18.96 8.24
C PHE E 551 -3.46 -17.49 7.87
N GLY E 552 -4.62 -16.91 8.16
CA GLY E 552 -4.87 -15.51 7.82
C GLY E 552 -4.36 -14.54 8.86
N GLU E 553 -3.75 -15.08 9.92
CA GLU E 553 -3.21 -14.27 11.02
C GLU E 553 -4.26 -13.35 11.65
N SER E 554 -5.49 -13.82 11.73
CA SER E 554 -6.58 -13.01 12.26
C SER E 554 -7.17 -13.61 13.53
N GLU E 555 -6.38 -13.59 14.61
CA GLU E 555 -6.84 -14.08 15.89
C GLU E 555 -7.75 -13.06 16.58
N ALA E 556 -7.87 -11.88 15.98
CA ALA E 556 -8.71 -10.82 16.53
C ALA E 556 -10.19 -11.21 16.51
N ASN E 557 -10.58 -11.97 15.49
CA ASN E 557 -11.96 -12.41 15.34
C ASN E 557 -12.46 -13.28 16.49
N VAL E 558 -11.53 -13.87 17.23
CA VAL E 558 -11.84 -14.67 18.40
C VAL E 558 -12.67 -13.87 19.40
N ARG E 559 -12.26 -12.62 19.60
CA ARG E 559 -12.98 -11.69 20.47
C ARG E 559 -14.45 -11.55 20.07
N GLU E 560 -14.69 -11.42 18.76
CA GLU E 560 -16.05 -11.24 18.25
C GLU E 560 -16.93 -12.45 18.57
N ILE E 561 -16.32 -13.63 18.59
CA ILE E 561 -17.04 -14.86 18.89
C ILE E 561 -17.62 -14.86 20.31
N PHE E 562 -16.75 -14.60 21.28
CA PHE E 562 -17.17 -14.57 22.69
C PHE E 562 -18.26 -13.54 22.95
N ASP E 563 -18.16 -12.38 22.31
CA ASP E 563 -19.17 -11.34 22.46
C ASP E 563 -20.52 -11.81 21.92
N LYS E 564 -20.47 -12.52 20.80
CA LYS E 564 -21.68 -13.06 20.19
C LYS E 564 -22.24 -14.22 21.01
N ALA E 565 -21.34 -14.93 21.69
CA ALA E 565 -21.74 -16.03 22.56
C ALA E 565 -22.27 -15.53 23.89
N ARG E 566 -21.66 -14.46 24.40
CA ARG E 566 -22.08 -13.84 25.65
C ARG E 566 -23.46 -13.23 25.49
N GLN E 567 -23.77 -12.77 24.29
CA GLN E 567 -25.05 -12.15 23.99
C GLN E 567 -26.09 -13.20 23.61
N ALA E 568 -25.85 -14.43 24.04
CA ALA E 568 -26.75 -15.54 23.78
C ALA E 568 -26.85 -16.44 25.00
N ALA E 569 -26.50 -15.89 26.17
CA ALA E 569 -26.58 -16.63 27.43
C ALA E 569 -28.02 -16.98 27.78
N PRO E 570 -28.27 -18.19 28.27
CA PRO E 570 -27.28 -19.26 28.49
C PRO E 570 -26.81 -19.88 27.19
N CYS E 571 -25.51 -20.19 27.11
CA CYS E 571 -24.94 -20.67 25.85
C CYS E 571 -23.79 -21.65 26.09
N VAL E 572 -23.61 -22.56 25.14
CA VAL E 572 -22.52 -23.53 25.20
C VAL E 572 -21.52 -23.28 24.07
N LEU E 573 -20.30 -22.91 24.44
CA LEU E 573 -19.26 -22.63 23.46
C LEU E 573 -18.48 -23.91 23.14
N PHE E 574 -18.68 -24.42 21.93
CA PHE E 574 -18.10 -25.70 21.53
C PHE E 574 -17.00 -25.55 20.48
N PHE E 575 -15.80 -26.03 20.79
CA PHE E 575 -14.69 -25.99 19.86
C PHE E 575 -14.40 -27.37 19.28
N ASP E 576 -14.95 -27.66 18.11
CA ASP E 576 -14.72 -28.94 17.46
C ASP E 576 -13.34 -28.94 16.81
N GLU E 577 -12.62 -30.06 16.99
CA GLU E 577 -11.27 -30.22 16.42
C GLU E 577 -10.33 -29.12 16.89
N LEU E 578 -10.15 -29.02 18.20
CA LEU E 578 -9.29 -28.00 18.79
C LEU E 578 -7.83 -28.21 18.38
N ASP E 579 -7.44 -29.48 18.29
CA ASP E 579 -6.05 -29.85 17.96
C ASP E 579 -5.65 -29.48 16.54
N SER E 580 -6.63 -29.15 15.71
CA SER E 580 -6.41 -28.85 14.30
C SER E 580 -5.34 -27.79 14.07
N ILE E 581 -5.33 -26.77 14.92
CA ILE E 581 -4.32 -25.71 14.84
C ILE E 581 -2.94 -26.26 15.14
N ALA E 582 -2.81 -26.94 16.28
CA ALA E 582 -1.56 -27.56 16.68
C ALA E 582 -1.11 -28.61 15.66
N LYS E 583 -2.09 -29.28 15.07
CA LYS E 583 -1.83 -30.29 14.05
C LYS E 583 -1.14 -29.70 12.82
N ALA E 584 -1.52 -28.46 12.50
CA ALA E 584 -0.96 -27.77 11.34
C ALA E 584 0.53 -27.49 11.50
N ARG E 585 0.96 -27.30 12.74
CA ARG E 585 2.38 -27.06 13.02
C ARG E 585 3.15 -28.36 13.21
N GLY E 586 2.65 -29.45 12.64
CA GLY E 586 3.30 -30.74 12.75
C GLY E 586 2.72 -31.62 13.83
N GLY E 587 2.41 -31.01 14.97
CA GLY E 587 1.86 -31.74 16.10
C GLY E 587 2.92 -32.47 16.89
N ASN E 588 3.38 -33.59 16.36
CA ASN E 588 4.38 -34.41 17.05
C ASN E 588 5.70 -33.66 17.21
N ILE E 589 6.27 -33.22 16.09
CA ILE E 589 7.48 -32.41 16.11
C ILE E 589 7.26 -31.13 15.31
N GLY E 590 7.16 -31.29 13.99
CA GLY E 590 6.91 -30.18 13.09
C GLY E 590 7.99 -29.12 13.08
N ASP E 591 7.61 -27.90 13.41
CA ASP E 591 8.54 -26.77 13.43
C ASP E 591 9.14 -26.62 14.82
N GLY E 592 10.18 -25.80 14.92
CA GLY E 592 10.80 -25.52 16.19
C GLY E 592 10.02 -24.52 17.01
N GLY E 593 8.71 -24.71 17.09
CA GLY E 593 7.82 -23.81 17.79
C GLY E 593 7.46 -24.35 19.15
N GLY E 594 6.92 -23.49 20.01
CA GLY E 594 6.51 -23.91 21.34
C GLY E 594 5.24 -24.74 21.34
N ALA E 595 4.40 -24.51 22.34
CA ALA E 595 3.16 -25.26 22.50
C ALA E 595 1.95 -24.36 22.24
N ALA E 596 2.22 -23.06 22.13
CA ALA E 596 1.15 -22.08 21.98
C ALA E 596 1.14 -21.40 20.62
N ASP E 597 -0.05 -21.06 20.15
CA ASP E 597 -0.22 -20.32 18.90
C ASP E 597 -1.10 -19.11 19.16
N ARG E 598 -1.12 -18.17 18.22
CA ARG E 598 -1.82 -16.91 18.40
C ARG E 598 -3.33 -17.06 18.59
N VAL E 599 -3.93 -18.03 17.90
CA VAL E 599 -5.38 -18.22 17.95
C VAL E 599 -5.85 -18.82 19.27
N ILE E 600 -5.25 -19.94 19.65
CA ILE E 600 -5.60 -20.61 20.91
C ILE E 600 -5.29 -19.74 22.11
N ASN E 601 -4.19 -19.00 22.04
CA ASN E 601 -3.80 -18.08 23.10
C ASN E 601 -4.86 -17.01 23.32
N GLN E 602 -5.48 -16.56 22.24
CA GLN E 602 -6.49 -15.51 22.31
C GLN E 602 -7.77 -16.06 22.94
N ILE E 603 -8.02 -17.35 22.71
CA ILE E 603 -9.16 -18.02 23.33
C ILE E 603 -9.01 -18.01 24.84
N LEU E 604 -7.79 -18.28 25.30
CA LEU E 604 -7.47 -18.26 26.73
C LEU E 604 -7.68 -16.86 27.31
N THR E 605 -7.31 -15.85 26.52
CA THR E 605 -7.45 -14.45 26.93
C THR E 605 -8.93 -14.10 27.14
N GLU E 606 -9.75 -14.46 26.17
CA GLU E 606 -11.18 -14.20 26.24
C GLU E 606 -11.86 -15.10 27.26
N MET E 607 -11.21 -16.22 27.59
CA MET E 607 -11.73 -17.14 28.59
C MET E 607 -11.50 -16.61 30.00
N ASP E 608 -10.27 -16.21 30.28
CA ASP E 608 -9.92 -15.66 31.58
C ASP E 608 -10.60 -14.32 31.83
N GLY E 609 -10.70 -13.51 30.78
CA GLY E 609 -11.34 -12.22 30.86
C GLY E 609 -12.83 -12.32 31.13
N MET E 610 -13.45 -13.37 30.60
CA MET E 610 -14.87 -13.61 30.79
C MET E 610 -15.21 -13.82 32.26
N SER E 611 -16.33 -13.25 32.69
CA SER E 611 -16.77 -13.37 34.07
C SER E 611 -17.10 -14.83 34.41
N THR E 612 -16.57 -15.30 35.52
CA THR E 612 -16.79 -16.68 35.96
C THR E 612 -18.26 -16.96 36.28
N LYS E 613 -18.96 -15.95 36.80
CA LYS E 613 -20.35 -16.11 37.21
C LYS E 613 -21.32 -15.64 36.13
N LYS E 614 -20.95 -15.87 34.87
CA LYS E 614 -21.82 -15.57 33.74
C LYS E 614 -22.78 -16.73 33.47
N ASN E 615 -22.85 -17.14 32.21
CA ASN E 615 -23.69 -18.26 31.82
C ASN E 615 -23.18 -18.93 30.55
N VAL E 616 -21.96 -18.59 30.16
CA VAL E 616 -21.33 -19.17 28.99
C VAL E 616 -20.46 -20.36 29.40
N PHE E 617 -20.65 -21.50 28.74
CA PHE E 617 -19.90 -22.70 29.06
C PHE E 617 -19.06 -23.16 27.89
N ILE E 618 -17.87 -23.67 28.17
CA ILE E 618 -16.93 -24.04 27.13
C ILE E 618 -16.68 -25.56 27.07
N ILE E 619 -16.80 -26.13 25.88
CA ILE E 619 -16.53 -27.55 25.69
C ILE E 619 -15.54 -27.75 24.55
N GLY E 620 -14.41 -28.37 24.85
CA GLY E 620 -13.38 -28.61 23.86
C GLY E 620 -13.25 -30.08 23.48
N ALA E 621 -13.53 -30.38 22.21
CA ALA E 621 -13.42 -31.75 21.72
C ALA E 621 -12.14 -31.94 20.92
N THR E 622 -11.50 -33.09 21.09
CA THR E 622 -10.26 -33.38 20.38
C THR E 622 -10.02 -34.88 20.25
N ASN E 623 -9.43 -35.28 19.12
CA ASN E 623 -9.02 -36.66 18.92
C ASN E 623 -7.51 -36.80 19.09
N ARG E 624 -6.86 -35.70 19.43
CA ARG E 624 -5.43 -35.68 19.67
C ARG E 624 -5.10 -34.77 20.86
N PRO E 625 -5.36 -35.25 22.09
CA PRO E 625 -5.11 -34.47 23.29
C PRO E 625 -3.62 -34.37 23.62
N ASP E 626 -2.82 -35.18 22.93
CA ASP E 626 -1.38 -35.25 23.19
C ASP E 626 -0.62 -34.06 22.59
N ILE E 627 -1.32 -33.22 21.84
CA ILE E 627 -0.71 -32.06 21.21
C ILE E 627 -1.40 -30.76 21.63
N ILE E 628 -2.32 -30.87 22.57
CA ILE E 628 -3.05 -29.72 23.09
C ILE E 628 -2.20 -28.93 24.08
N ASP E 629 -2.18 -27.61 23.92
CA ASP E 629 -1.48 -26.71 24.81
C ASP E 629 -1.91 -26.93 26.26
N PRO E 630 -0.97 -27.31 27.13
CA PRO E 630 -1.24 -27.54 28.55
C PRO E 630 -1.76 -26.30 29.27
N ALA E 631 -1.61 -25.14 28.65
CA ALA E 631 -2.07 -23.88 29.24
C ALA E 631 -3.59 -23.83 29.38
N ILE E 632 -4.29 -24.58 28.53
CA ILE E 632 -5.74 -24.61 28.56
C ILE E 632 -6.25 -25.52 29.67
N LEU E 633 -5.39 -26.42 30.13
CA LEU E 633 -5.78 -27.41 31.13
C LEU E 633 -5.57 -26.88 32.55
N ARG E 634 -5.10 -25.65 32.65
CA ARG E 634 -4.93 -25.00 33.95
C ARG E 634 -6.27 -24.75 34.61
N PRO E 635 -6.32 -24.86 35.95
CA PRO E 635 -7.51 -24.52 36.75
C PRO E 635 -8.07 -23.17 36.37
N GLY E 636 -9.40 -23.06 36.30
CA GLY E 636 -10.05 -21.82 35.94
C GLY E 636 -10.29 -21.71 34.45
N ARG E 637 -9.97 -22.77 33.72
CA ARG E 637 -10.18 -22.82 32.28
C ARG E 637 -10.91 -24.10 31.91
N LEU E 638 -10.17 -25.09 31.43
CA LEU E 638 -10.74 -26.42 31.20
C LEU E 638 -10.33 -27.34 32.34
N ASP E 639 -10.98 -27.18 33.48
CA ASP E 639 -10.65 -27.92 34.70
C ASP E 639 -10.88 -29.41 34.52
N GLN E 640 -12.10 -29.79 34.16
CA GLN E 640 -12.45 -31.20 34.05
C GLN E 640 -11.93 -31.79 32.75
N LEU E 641 -11.38 -33.00 32.84
CA LEU E 641 -10.90 -33.73 31.67
C LEU E 641 -11.66 -35.04 31.53
N ILE E 642 -12.50 -35.13 30.50
CA ILE E 642 -13.34 -36.32 30.32
C ILE E 642 -12.97 -37.10 29.06
N TYR E 643 -12.70 -38.39 29.24
CA TYR E 643 -12.30 -39.27 28.15
C TYR E 643 -13.49 -39.99 27.55
N ILE E 644 -13.67 -39.87 26.24
CA ILE E 644 -14.74 -40.54 25.53
C ILE E 644 -14.18 -41.64 24.62
N PRO E 645 -14.32 -42.90 25.03
CA PRO E 645 -13.79 -44.05 24.31
C PRO E 645 -14.72 -44.58 23.24
N LEU E 646 -14.33 -45.67 22.59
CA LEU E 646 -15.17 -46.36 21.63
C LEU E 646 -16.37 -46.99 22.34
N PRO E 647 -17.54 -46.97 21.70
CA PRO E 647 -18.74 -47.56 22.28
C PRO E 647 -18.56 -49.06 22.53
N ASP E 648 -19.03 -49.54 23.67
CA ASP E 648 -18.90 -50.95 24.02
C ASP E 648 -19.98 -51.79 23.35
N GLU E 649 -20.15 -53.02 23.83
CA GLU E 649 -21.12 -53.94 23.25
C GLU E 649 -22.56 -53.46 23.45
N LYS E 650 -22.85 -53.03 24.68
CA LYS E 650 -24.20 -52.56 25.01
C LYS E 650 -24.49 -51.18 24.43
N SER E 651 -23.44 -50.36 24.32
CA SER E 651 -23.57 -49.00 23.81
C SER E 651 -23.93 -48.98 22.33
N ARG E 652 -23.32 -49.87 21.56
CA ARG E 652 -23.54 -49.93 20.11
C ARG E 652 -24.98 -50.26 19.76
N VAL E 653 -25.67 -50.94 20.67
CA VAL E 653 -27.08 -51.28 20.48
C VAL E 653 -27.95 -50.03 20.31
N ALA E 654 -27.85 -49.12 21.28
CA ALA E 654 -28.65 -47.90 21.28
C ALA E 654 -28.24 -46.96 20.14
N ILE E 655 -26.96 -47.01 19.78
CA ILE E 655 -26.44 -46.17 18.71
C ILE E 655 -27.04 -46.55 17.35
N LEU E 656 -27.09 -47.85 17.07
CA LEU E 656 -27.64 -48.35 15.82
C LEU E 656 -29.12 -48.02 15.67
N LYS E 657 -29.86 -48.11 16.76
CA LYS E 657 -31.29 -47.80 16.75
C LYS E 657 -31.54 -46.33 16.43
N ALA E 658 -30.68 -45.46 16.94
CA ALA E 658 -30.81 -44.02 16.71
C ALA E 658 -30.56 -43.66 15.25
N ASN E 659 -29.54 -44.28 14.65
CA ASN E 659 -29.17 -44.00 13.27
C ASN E 659 -30.15 -44.57 12.24
N LEU E 660 -31.03 -45.46 12.70
CA LEU E 660 -31.99 -46.09 11.81
C LEU E 660 -33.44 -45.77 12.19
N ARG E 661 -33.62 -44.71 12.98
CA ARG E 661 -34.95 -44.28 13.39
C ARG E 661 -35.75 -43.76 12.20
N LYS E 662 -35.06 -43.25 11.19
CA LYS E 662 -35.69 -42.73 9.98
C LYS E 662 -35.43 -43.60 8.77
N SER E 663 -35.45 -44.92 8.98
CA SER E 663 -35.23 -45.86 7.90
C SER E 663 -36.20 -47.03 8.02
N PRO E 664 -36.76 -47.48 6.88
CA PRO E 664 -37.71 -48.59 6.86
C PRO E 664 -37.06 -49.92 7.18
N VAL E 665 -36.50 -50.04 8.38
CA VAL E 665 -35.86 -51.28 8.81
C VAL E 665 -36.90 -52.39 9.01
N ALA E 666 -36.51 -53.61 8.66
CA ALA E 666 -37.40 -54.74 8.82
C ALA E 666 -37.37 -55.24 10.26
N LYS E 667 -38.23 -56.21 10.57
CA LYS E 667 -38.32 -56.73 11.93
C LYS E 667 -37.49 -58.01 12.10
N ASP E 668 -37.19 -58.67 10.98
CA ASP E 668 -36.36 -59.87 11.01
C ASP E 668 -34.90 -59.51 11.25
N VAL E 669 -34.61 -58.22 11.26
CA VAL E 669 -33.25 -57.74 11.49
C VAL E 669 -32.90 -57.64 12.96
N ASP E 670 -31.83 -58.33 13.36
CA ASP E 670 -31.37 -58.30 14.74
C ASP E 670 -30.29 -57.24 14.89
N LEU E 671 -30.43 -56.39 15.90
CA LEU E 671 -29.50 -55.28 16.09
C LEU E 671 -28.43 -55.60 17.13
N GLU E 672 -28.83 -56.30 18.19
CA GLU E 672 -27.89 -56.72 19.23
C GLU E 672 -26.84 -57.68 18.68
N PHE E 673 -27.21 -58.39 17.61
CA PHE E 673 -26.31 -59.32 16.95
C PHE E 673 -25.09 -58.62 16.37
N LEU E 674 -25.31 -57.45 15.78
CA LEU E 674 -24.22 -56.67 15.22
C LEU E 674 -23.35 -56.06 16.32
N ALA E 675 -23.94 -55.89 17.50
CA ALA E 675 -23.21 -55.33 18.64
C ALA E 675 -22.24 -56.35 19.23
N LYS E 676 -22.53 -57.63 19.02
CA LYS E 676 -21.63 -58.70 19.47
C LYS E 676 -20.62 -59.03 18.39
N MET E 677 -20.88 -58.56 17.17
CA MET E 677 -20.00 -58.82 16.05
C MET E 677 -18.95 -57.73 15.98
N THR E 678 -19.40 -56.48 16.04
CA THR E 678 -18.50 -55.34 16.03
C THR E 678 -17.95 -55.11 17.43
N ASN E 679 -16.63 -55.10 17.56
CA ASN E 679 -15.98 -54.83 18.83
C ASN E 679 -15.19 -53.53 18.81
N GLY E 680 -14.07 -53.55 18.09
CA GLY E 680 -13.25 -52.36 17.93
C GLY E 680 -13.79 -51.35 16.94
N PHE E 681 -15.10 -51.09 17.02
CA PHE E 681 -15.76 -50.16 16.13
C PHE E 681 -16.22 -48.91 16.89
N SER E 682 -16.43 -47.83 16.15
CA SER E 682 -16.89 -46.58 16.74
C SER E 682 -18.28 -46.22 16.22
N GLY E 683 -18.87 -45.18 16.80
CA GLY E 683 -20.18 -44.71 16.38
C GLY E 683 -20.24 -44.28 14.93
N ALA E 684 -19.15 -43.69 14.44
CA ALA E 684 -19.08 -43.24 13.05
C ALA E 684 -19.01 -44.43 12.10
N ASP E 685 -18.32 -45.48 12.51
CA ASP E 685 -18.18 -46.69 11.69
C ASP E 685 -19.53 -47.36 11.51
N LEU E 686 -20.33 -47.37 12.58
CA LEU E 686 -21.67 -47.94 12.54
C LEU E 686 -22.54 -47.19 11.54
N THR E 687 -22.42 -45.86 11.55
CA THR E 687 -23.16 -45.02 10.61
C THR E 687 -22.73 -45.31 9.17
N GLU E 688 -21.43 -45.50 8.98
CA GLU E 688 -20.87 -45.84 7.68
C GLU E 688 -21.49 -47.13 7.13
N ILE E 689 -21.72 -48.08 8.03
CA ILE E 689 -22.32 -49.36 7.66
C ILE E 689 -23.75 -49.16 7.17
N CYS E 690 -24.51 -48.34 7.89
CA CYS E 690 -25.90 -48.05 7.52
C CYS E 690 -26.03 -47.45 6.14
N GLN E 691 -25.16 -46.50 5.81
CA GLN E 691 -25.19 -45.85 4.50
C GLN E 691 -24.86 -46.83 3.37
N ARG E 692 -23.94 -47.76 3.64
CA ARG E 692 -23.58 -48.79 2.68
C ARG E 692 -24.75 -49.74 2.46
N ALA E 693 -25.55 -49.95 3.51
CA ALA E 693 -26.72 -50.79 3.43
C ALA E 693 -27.84 -50.09 2.67
N CYS E 694 -27.94 -48.78 2.86
CA CYS E 694 -28.97 -47.99 2.20
C CYS E 694 -28.69 -47.89 0.70
N LYS E 695 -27.41 -47.85 0.34
CA LYS E 695 -27.01 -47.86 -1.07
C LYS E 695 -27.50 -49.12 -1.77
N LEU E 696 -27.41 -50.24 -1.08
CA LEU E 696 -27.88 -51.52 -1.61
C LEU E 696 -29.39 -51.55 -1.68
N ALA E 697 -30.03 -50.89 -0.72
CA ALA E 697 -31.50 -50.82 -0.67
C ALA E 697 -32.07 -50.04 -1.85
N ILE E 698 -31.48 -48.88 -2.14
CA ILE E 698 -31.93 -48.04 -3.24
C ILE E 698 -31.64 -48.65 -4.61
N ARG E 699 -30.49 -49.31 -4.73
CA ARG E 699 -30.11 -49.98 -5.96
C ARG E 699 -31.14 -51.05 -6.34
N GLU E 700 -31.65 -51.75 -5.33
CA GLU E 700 -32.65 -52.79 -5.56
C GLU E 700 -33.95 -52.20 -6.08
N SER E 701 -34.39 -51.12 -5.44
CA SER E 701 -35.65 -50.48 -5.79
C SER E 701 -35.66 -49.90 -7.19
N ILE E 702 -34.57 -49.26 -7.58
CA ILE E 702 -34.48 -48.58 -8.87
C ILE E 702 -34.38 -49.55 -10.04
N GLU E 703 -33.55 -50.57 -9.90
CA GLU E 703 -33.35 -51.55 -10.97
C GLU E 703 -34.62 -52.34 -11.25
N SER E 704 -35.43 -52.54 -10.22
CA SER E 704 -36.68 -53.27 -10.34
C SER E 704 -37.72 -52.49 -11.14
N GLU E 705 -37.82 -51.20 -10.86
CA GLU E 705 -38.79 -50.33 -11.52
C GLU E 705 -38.61 -50.25 -13.03
N ILE E 706 -37.40 -49.88 -13.45
CA ILE E 706 -37.09 -49.75 -14.87
C ILE E 706 -37.09 -51.11 -15.56
N VAL E 727 -43.01 -51.37 -1.70
CA VAL E 727 -42.25 -52.36 -2.46
C VAL E 727 -40.81 -52.57 -1.95
N PRO E 728 -40.04 -51.48 -1.73
CA PRO E 728 -38.67 -51.71 -1.28
C PRO E 728 -38.46 -51.42 0.21
N GLU E 729 -38.18 -52.45 0.99
CA GLU E 729 -37.81 -52.25 2.39
C GLU E 729 -36.50 -52.95 2.70
N ILE E 730 -35.58 -52.21 3.32
CA ILE E 730 -34.24 -52.73 3.64
C ILE E 730 -34.30 -53.95 4.56
N ARG E 731 -33.72 -55.06 4.09
CA ARG E 731 -33.85 -56.33 4.79
C ARG E 731 -32.52 -56.84 5.35
N ARG E 732 -32.50 -58.13 5.69
CA ARG E 732 -31.35 -58.75 6.36
C ARG E 732 -30.08 -58.78 5.52
N ASP E 733 -30.16 -59.35 4.33
CA ASP E 733 -28.99 -59.55 3.47
C ASP E 733 -28.27 -58.27 3.07
N HIS E 734 -28.97 -57.14 3.14
CA HIS E 734 -28.36 -55.84 2.86
C HIS E 734 -27.25 -55.54 3.86
N PHE E 735 -27.55 -55.75 5.14
CA PHE E 735 -26.59 -55.54 6.21
C PHE E 735 -25.41 -56.53 6.13
N GLU E 736 -25.73 -57.80 5.92
CA GLU E 736 -24.71 -58.85 5.86
C GLU E 736 -23.78 -58.71 4.65
N GLU E 737 -24.21 -57.95 3.66
CA GLU E 737 -23.39 -57.73 2.47
C GLU E 737 -22.51 -56.50 2.63
N ALA E 738 -22.95 -55.59 3.50
CA ALA E 738 -22.19 -54.38 3.76
C ALA E 738 -21.06 -54.63 4.76
N MET E 739 -21.23 -55.66 5.58
CA MET E 739 -20.25 -55.99 6.61
C MET E 739 -18.94 -56.54 6.05
N ARG E 740 -18.98 -57.01 4.80
CA ARG E 740 -17.79 -57.54 4.15
C ARG E 740 -16.84 -56.40 3.78
N PHE E 741 -17.40 -55.22 3.60
CA PHE E 741 -16.60 -54.02 3.36
C PHE E 741 -16.68 -53.08 4.55
N ALA E 742 -16.61 -53.64 5.75
CA ALA E 742 -16.65 -52.84 6.97
C ALA E 742 -15.24 -52.71 7.55
N ARG E 743 -14.91 -51.51 7.99
CA ARG E 743 -13.58 -51.23 8.52
C ARG E 743 -13.63 -50.61 9.91
N ARG E 744 -12.52 -50.70 10.62
CA ARG E 744 -12.37 -50.09 11.94
C ARG E 744 -11.50 -48.83 11.82
N SER E 745 -12.16 -47.69 11.66
CA SER E 745 -11.46 -46.41 11.47
C SER E 745 -10.57 -46.08 12.65
N VAL E 746 -10.97 -46.51 13.83
CA VAL E 746 -10.19 -46.28 15.04
C VAL E 746 -9.18 -47.41 15.20
N SER E 747 -7.91 -47.08 14.93
CA SER E 747 -6.87 -48.11 14.99
C SER E 747 -6.59 -48.51 16.43
N ASP E 748 -6.17 -49.76 16.60
CA ASP E 748 -5.91 -50.33 17.92
C ASP E 748 -4.77 -49.66 18.67
N ASP E 749 -3.72 -49.28 17.95
CA ASP E 749 -2.57 -48.63 18.56
C ASP E 749 -2.93 -47.28 19.17
N ASP E 750 -3.86 -46.57 18.53
CA ASP E 750 -4.34 -45.30 19.05
C ASP E 750 -5.17 -45.50 20.32
N ILE E 751 -5.90 -46.60 20.38
CA ILE E 751 -6.70 -46.92 21.55
C ILE E 751 -5.78 -47.11 22.75
N ASP E 752 -4.70 -47.86 22.57
CA ASP E 752 -3.75 -48.08 23.64
C ASP E 752 -3.07 -46.78 24.03
N LYS E 753 -2.82 -45.94 23.04
CA LYS E 753 -2.23 -44.62 23.25
C LYS E 753 -3.14 -43.74 24.09
N TYR E 754 -4.44 -43.85 23.86
CA TYR E 754 -5.41 -43.04 24.58
C TYR E 754 -5.52 -43.52 26.03
N GLU E 755 -5.31 -44.82 26.22
CA GLU E 755 -5.24 -45.38 27.56
C GLU E 755 -3.99 -44.86 28.25
N ASP E 756 -2.90 -44.81 27.50
CA ASP E 756 -1.62 -44.29 27.98
C ASP E 756 -1.76 -42.84 28.47
N PHE E 757 -2.43 -42.02 27.67
CA PHE E 757 -2.64 -40.62 28.01
C PHE E 757 -3.51 -40.46 29.27
N ALA E 758 -4.51 -41.32 29.39
CA ALA E 758 -5.41 -41.25 30.54
C ALA E 758 -4.72 -41.71 31.82
N ASP E 759 -3.68 -42.52 31.67
CA ASP E 759 -2.89 -42.97 32.82
C ASP E 759 -2.01 -41.86 33.40
N THR E 760 -1.28 -41.17 32.53
CA THR E 760 -0.36 -40.14 32.96
C THR E 760 -1.07 -38.93 33.57
N LEU E 761 -2.23 -38.58 33.01
CA LEU E 761 -2.98 -37.41 33.45
C LEU E 761 -3.51 -37.54 34.88
N GLN E 762 -3.78 -38.78 35.29
CA GLN E 762 -4.30 -39.05 36.62
C GLN E 762 -3.44 -40.09 37.36
N ASN F 20 -64.83 -24.21 -24.35
CA ASN F 20 -63.72 -23.30 -24.64
C ASN F 20 -63.32 -23.29 -26.10
N ARG F 21 -64.10 -23.98 -26.94
CA ARG F 21 -63.84 -24.08 -28.38
C ARG F 21 -62.49 -24.72 -28.71
N PRO F 22 -62.52 -25.95 -29.25
CA PRO F 22 -61.30 -26.69 -29.57
C PRO F 22 -60.60 -26.19 -30.83
N ASN F 23 -60.90 -24.97 -31.26
CA ASN F 23 -60.26 -24.40 -32.44
C ASN F 23 -59.48 -23.12 -32.09
N ARG F 24 -59.56 -22.72 -30.83
CA ARG F 24 -58.84 -21.55 -30.35
C ARG F 24 -57.62 -21.95 -29.54
N LEU F 25 -56.43 -21.64 -30.05
CA LEU F 25 -55.18 -22.06 -29.41
C LEU F 25 -54.29 -20.89 -29.00
N ILE F 26 -53.18 -21.22 -28.33
CA ILE F 26 -52.24 -20.22 -27.83
C ILE F 26 -50.92 -20.29 -28.58
N VAL F 27 -50.46 -19.14 -29.07
CA VAL F 27 -49.20 -19.05 -29.82
C VAL F 27 -47.97 -19.31 -28.95
N ASP F 28 -47.13 -20.24 -29.38
CA ASP F 28 -45.91 -20.60 -28.66
C ASP F 28 -44.69 -20.38 -29.55
N GLU F 29 -43.50 -20.59 -29.00
CA GLU F 29 -42.25 -20.43 -29.75
C GLU F 29 -42.18 -21.42 -30.91
N ALA F 30 -41.39 -21.09 -31.93
CA ALA F 30 -41.30 -21.91 -33.13
C ALA F 30 -40.00 -22.70 -33.20
N ILE F 31 -40.09 -23.91 -33.75
CA ILE F 31 -38.92 -24.75 -34.00
C ILE F 31 -38.47 -24.56 -35.45
N ASN F 32 -39.45 -24.45 -36.35
CA ASN F 32 -39.18 -24.21 -37.77
C ASN F 32 -39.18 -22.72 -38.07
N GLU F 33 -38.00 -22.19 -38.42
CA GLU F 33 -37.84 -20.75 -38.63
C GLU F 33 -38.33 -20.30 -40.01
N ASP F 34 -39.00 -21.19 -40.73
CA ASP F 34 -39.58 -20.84 -42.04
C ASP F 34 -40.71 -19.84 -41.87
N ASN F 35 -40.83 -18.92 -42.80
CA ASN F 35 -41.80 -17.83 -42.70
C ASN F 35 -43.26 -18.25 -42.86
N SER F 36 -43.49 -19.28 -43.66
CA SER F 36 -44.85 -19.71 -43.97
C SER F 36 -45.18 -21.09 -43.40
N VAL F 37 -44.94 -21.28 -42.11
CA VAL F 37 -45.23 -22.56 -41.47
C VAL F 37 -45.77 -22.40 -40.05
N VAL F 38 -46.76 -23.22 -39.71
CA VAL F 38 -47.30 -23.25 -38.35
C VAL F 38 -47.33 -24.67 -37.82
N SER F 39 -46.56 -24.93 -36.76
CA SER F 39 -46.42 -26.27 -36.21
C SER F 39 -47.46 -26.58 -35.15
N LEU F 40 -48.08 -27.75 -35.27
CA LEU F 40 -49.06 -28.22 -34.30
C LEU F 40 -48.68 -29.61 -33.81
N SER F 41 -49.26 -30.02 -32.68
CA SER F 41 -49.01 -31.35 -32.14
C SER F 41 -49.82 -32.37 -32.94
N GLN F 42 -49.36 -33.62 -32.93
CA GLN F 42 -50.00 -34.69 -33.70
C GLN F 42 -51.47 -34.97 -33.33
N PRO F 43 -51.78 -35.14 -32.03
CA PRO F 43 -53.18 -35.46 -31.73
C PRO F 43 -54.12 -34.27 -31.96
N LYS F 44 -53.58 -33.05 -31.95
CA LYS F 44 -54.39 -31.86 -32.13
C LYS F 44 -54.85 -31.73 -33.58
N MET F 45 -53.99 -32.13 -34.52
CA MET F 45 -54.32 -32.06 -35.93
C MET F 45 -55.38 -33.09 -36.32
N ASP F 46 -55.55 -34.10 -35.47
CA ASP F 46 -56.57 -35.12 -35.69
C ASP F 46 -57.93 -34.63 -35.23
N GLU F 47 -57.93 -33.71 -34.27
CA GLU F 47 -59.15 -33.13 -33.75
C GLU F 47 -59.64 -31.97 -34.62
N LEU F 48 -58.70 -31.30 -35.28
CA LEU F 48 -59.02 -30.14 -36.09
C LEU F 48 -59.18 -30.52 -37.57
N GLN F 49 -59.00 -31.80 -37.87
CA GLN F 49 -59.14 -32.33 -39.22
C GLN F 49 -58.23 -31.62 -40.21
N LEU F 50 -56.93 -31.63 -39.94
CA LEU F 50 -55.97 -30.96 -40.82
C LEU F 50 -55.00 -31.97 -41.45
N PHE F 51 -54.64 -31.72 -42.70
CA PHE F 51 -53.75 -32.62 -43.43
C PHE F 51 -52.32 -32.10 -43.50
N ARG F 52 -51.48 -32.79 -44.26
CA ARG F 52 -50.04 -32.48 -44.33
C ARG F 52 -49.73 -31.27 -45.22
N GLY F 53 -50.75 -30.47 -45.51
CA GLY F 53 -50.57 -29.28 -46.34
C GLY F 53 -51.84 -28.49 -46.53
N ASP F 54 -52.81 -28.72 -45.65
CA ASP F 54 -54.08 -28.00 -45.70
C ASP F 54 -53.88 -26.52 -45.37
N THR F 55 -54.40 -25.65 -46.22
CA THR F 55 -54.30 -24.21 -45.99
C THR F 55 -55.24 -23.78 -44.86
N VAL F 56 -54.66 -23.30 -43.77
CA VAL F 56 -55.43 -22.89 -42.60
C VAL F 56 -55.55 -21.38 -42.51
N LEU F 57 -56.55 -20.91 -41.77
CA LEU F 57 -56.78 -19.48 -41.60
C LEU F 57 -56.64 -19.07 -40.14
N LEU F 58 -55.70 -18.18 -39.86
CA LEU F 58 -55.46 -17.71 -38.49
C LEU F 58 -56.08 -16.33 -38.29
N LYS F 59 -56.72 -16.15 -37.13
CA LYS F 59 -57.30 -14.86 -36.78
C LYS F 59 -56.79 -14.43 -35.40
N GLY F 60 -56.56 -13.13 -35.24
CA GLY F 60 -56.05 -12.63 -33.97
C GLY F 60 -56.61 -11.28 -33.58
N LYS F 61 -55.81 -10.51 -32.85
CA LYS F 61 -56.23 -9.19 -32.40
C LYS F 61 -56.13 -8.16 -33.52
N LYS F 62 -56.68 -6.98 -33.27
CA LYS F 62 -56.76 -5.91 -34.28
C LYS F 62 -57.52 -6.35 -35.54
N ARG F 63 -58.27 -7.44 -35.42
CA ARG F 63 -59.05 -8.01 -36.51
C ARG F 63 -58.25 -8.20 -37.80
N ARG F 64 -57.34 -9.17 -37.80
CA ARG F 64 -56.55 -9.46 -38.99
C ARG F 64 -56.48 -10.96 -39.26
N GLU F 65 -56.22 -11.32 -40.52
CA GLU F 65 -56.18 -12.72 -40.91
C GLU F 65 -54.86 -13.07 -41.60
N ALA F 66 -54.53 -14.35 -41.60
CA ALA F 66 -53.32 -14.83 -42.26
C ALA F 66 -53.48 -16.29 -42.67
N VAL F 67 -52.81 -16.68 -43.75
CA VAL F 67 -52.91 -18.04 -44.26
C VAL F 67 -51.54 -18.70 -44.31
N CYS F 68 -51.45 -19.91 -43.75
CA CYS F 68 -50.20 -20.66 -43.73
C CYS F 68 -50.44 -22.15 -43.96
N ILE F 69 -49.42 -22.96 -43.71
CA ILE F 69 -49.52 -24.41 -43.88
C ILE F 69 -49.23 -25.11 -42.56
N VAL F 70 -50.15 -25.99 -42.15
CA VAL F 70 -50.03 -26.69 -40.88
C VAL F 70 -49.17 -27.96 -41.00
N LEU F 71 -48.24 -28.13 -40.06
CA LEU F 71 -47.41 -29.32 -40.01
C LEU F 71 -47.48 -29.99 -38.64
N SER F 72 -46.99 -31.22 -38.57
CA SER F 72 -47.03 -31.99 -37.32
C SER F 72 -45.72 -31.88 -36.54
N ASP F 73 -45.82 -31.49 -35.27
CA ASP F 73 -44.66 -31.38 -34.40
C ASP F 73 -44.86 -32.24 -33.15
N ASP F 74 -44.06 -33.29 -33.01
CA ASP F 74 -44.16 -34.20 -31.87
C ASP F 74 -43.77 -33.51 -30.56
N THR F 75 -42.85 -32.56 -30.65
CA THR F 75 -42.36 -31.85 -29.47
C THR F 75 -43.31 -30.74 -29.04
N CYS F 76 -44.34 -30.51 -29.84
CA CYS F 76 -45.33 -29.47 -29.54
C CYS F 76 -46.45 -30.03 -28.67
N SER F 77 -47.03 -29.16 -27.83
CA SER F 77 -48.12 -29.56 -26.96
C SER F 77 -49.48 -29.36 -27.62
N ASP F 78 -50.52 -29.90 -27.00
CA ASP F 78 -51.87 -29.87 -27.55
C ASP F 78 -52.49 -28.47 -27.54
N GLU F 79 -52.28 -27.75 -26.45
CA GLU F 79 -52.93 -26.45 -26.26
C GLU F 79 -52.09 -25.28 -26.78
N LYS F 80 -51.02 -25.60 -27.53
CA LYS F 80 -50.17 -24.55 -28.10
C LYS F 80 -50.00 -24.69 -29.60
N ILE F 81 -49.55 -23.61 -30.24
CA ILE F 81 -49.28 -23.61 -31.68
C ILE F 81 -48.00 -22.82 -31.98
N ARG F 82 -47.10 -23.46 -32.72
CA ARG F 82 -45.80 -22.85 -33.02
C ARG F 82 -45.83 -21.99 -34.28
N MET F 83 -45.25 -20.80 -34.18
CA MET F 83 -45.15 -19.89 -35.32
C MET F 83 -44.03 -18.88 -35.12
N ASN F 84 -43.32 -18.55 -36.20
CA ASN F 84 -42.21 -17.60 -36.14
C ASN F 84 -42.68 -16.16 -36.01
N ARG F 85 -41.72 -15.24 -35.97
CA ARG F 85 -42.01 -13.82 -35.73
C ARG F 85 -42.74 -13.14 -36.89
N VAL F 86 -42.65 -13.71 -38.08
CA VAL F 86 -43.30 -13.14 -39.25
C VAL F 86 -44.82 -13.18 -39.13
N VAL F 87 -45.36 -14.38 -38.92
CA VAL F 87 -46.80 -14.56 -38.77
C VAL F 87 -47.30 -13.90 -37.48
N ARG F 88 -46.48 -13.95 -36.44
CA ARG F 88 -46.84 -13.41 -35.14
C ARG F 88 -47.15 -11.91 -35.19
N ASN F 89 -46.31 -11.14 -35.88
CA ASN F 89 -46.52 -9.71 -35.99
C ASN F 89 -47.63 -9.34 -36.96
N ASN F 90 -47.84 -10.18 -37.97
CA ASN F 90 -48.91 -9.95 -38.94
C ASN F 90 -50.29 -10.15 -38.33
N LEU F 91 -50.37 -10.95 -37.27
CA LEU F 91 -51.62 -11.20 -36.58
C LEU F 91 -51.81 -10.25 -35.40
N ARG F 92 -50.81 -9.40 -35.18
CA ARG F 92 -50.82 -8.42 -34.09
C ARG F 92 -51.02 -9.08 -32.73
N VAL F 93 -50.33 -10.18 -32.48
CA VAL F 93 -50.46 -10.92 -31.23
C VAL F 93 -49.13 -11.10 -30.52
N ARG F 94 -49.21 -11.38 -29.22
CA ARG F 94 -48.03 -11.67 -28.41
C ARG F 94 -48.08 -13.13 -27.95
N LEU F 95 -46.97 -13.63 -27.42
CA LEU F 95 -46.94 -14.99 -26.88
C LEU F 95 -47.90 -15.12 -25.70
N GLY F 96 -49.06 -15.71 -25.94
CA GLY F 96 -50.05 -15.90 -24.90
C GLY F 96 -51.43 -15.46 -25.31
N ASP F 97 -51.50 -14.68 -26.39
CA ASP F 97 -52.77 -14.18 -26.90
C ASP F 97 -53.60 -15.31 -27.52
N VAL F 98 -54.87 -15.04 -27.78
CA VAL F 98 -55.76 -16.05 -28.34
C VAL F 98 -55.94 -15.91 -29.84
N ILE F 99 -55.85 -17.03 -30.54
CA ILE F 99 -56.06 -17.07 -31.97
C ILE F 99 -57.02 -18.19 -32.36
N SER F 100 -57.79 -17.98 -33.41
CA SER F 100 -58.74 -18.98 -33.87
C SER F 100 -58.30 -19.59 -35.20
N ILE F 101 -57.85 -20.83 -35.16
CA ILE F 101 -57.40 -21.51 -36.37
C ILE F 101 -58.54 -22.35 -36.96
N GLN F 102 -58.66 -22.33 -38.29
CA GLN F 102 -59.69 -23.08 -38.99
C GLN F 102 -59.27 -23.40 -40.42
N PRO F 103 -59.63 -24.60 -40.90
CA PRO F 103 -59.27 -25.05 -42.26
C PRO F 103 -59.96 -24.20 -43.34
N CYS F 104 -59.19 -23.82 -44.35
CA CYS F 104 -59.71 -23.01 -45.46
C CYS F 104 -59.30 -23.60 -46.81
N PRO F 105 -60.08 -24.59 -47.29
CA PRO F 105 -59.77 -25.33 -48.52
C PRO F 105 -60.30 -24.67 -49.80
N ASP F 106 -60.87 -23.48 -49.68
CA ASP F 106 -61.42 -22.81 -50.86
C ASP F 106 -60.43 -21.84 -51.51
N VAL F 107 -59.18 -21.87 -51.04
CA VAL F 107 -58.15 -21.01 -51.58
C VAL F 107 -57.52 -21.59 -52.85
N LYS F 108 -57.70 -20.90 -53.98
CA LYS F 108 -57.14 -21.34 -55.25
C LYS F 108 -55.92 -20.50 -55.65
N TYR F 109 -55.30 -20.85 -56.77
CA TYR F 109 -54.10 -20.16 -57.24
C TYR F 109 -54.34 -18.69 -57.55
N GLY F 110 -53.28 -17.89 -57.47
CA GLY F 110 -53.36 -16.46 -57.72
C GLY F 110 -53.24 -16.11 -59.20
N LYS F 111 -53.61 -14.87 -59.53
CA LYS F 111 -53.53 -14.38 -60.90
C LYS F 111 -52.46 -13.32 -61.05
N ARG F 112 -52.67 -12.16 -60.43
CA ARG F 112 -51.70 -11.08 -60.46
C ARG F 112 -51.40 -10.59 -59.05
N ILE F 113 -50.11 -10.38 -58.75
CA ILE F 113 -49.70 -9.96 -57.43
C ILE F 113 -48.73 -8.79 -57.47
N HIS F 114 -49.13 -7.67 -56.87
CA HIS F 114 -48.30 -6.48 -56.81
C HIS F 114 -47.59 -6.36 -55.46
N VAL F 115 -46.26 -6.48 -55.48
CA VAL F 115 -45.49 -6.36 -54.25
C VAL F 115 -44.46 -5.23 -54.37
N LEU F 116 -44.17 -4.59 -53.23
CA LEU F 116 -43.23 -3.48 -53.20
C LEU F 116 -42.33 -3.54 -51.96
N PRO F 117 -41.04 -3.24 -52.13
CA PRO F 117 -40.09 -3.26 -51.02
C PRO F 117 -40.20 -2.01 -50.15
N ILE F 118 -39.62 -2.07 -48.95
CA ILE F 118 -39.65 -0.94 -48.02
C ILE F 118 -38.32 -0.18 -48.06
N ASP F 119 -38.41 1.15 -47.98
CA ASP F 119 -37.24 2.02 -48.11
C ASP F 119 -36.11 1.72 -47.11
N ASP F 120 -36.48 1.42 -45.87
CA ASP F 120 -35.49 1.20 -44.82
C ASP F 120 -34.95 -0.24 -44.81
N THR F 121 -35.20 -0.97 -45.89
CA THR F 121 -34.74 -2.35 -46.00
C THR F 121 -34.05 -2.61 -47.33
N VAL F 122 -33.91 -1.55 -48.13
CA VAL F 122 -33.25 -1.65 -49.43
C VAL F 122 -32.14 -0.60 -49.52
N GLU F 123 -31.92 0.10 -48.42
CA GLU F 123 -30.90 1.14 -48.34
C GLU F 123 -29.51 0.59 -48.57
N GLY F 124 -29.03 0.71 -49.81
CA GLY F 124 -27.70 0.25 -50.16
C GLY F 124 -27.67 -0.58 -51.44
N ILE F 125 -28.77 -1.27 -51.72
CA ILE F 125 -28.86 -2.10 -52.92
C ILE F 125 -29.80 -1.52 -53.97
N THR F 126 -29.52 -1.84 -55.24
CA THR F 126 -30.36 -1.42 -56.35
C THR F 126 -30.23 -2.43 -57.49
N GLY F 127 -31.09 -2.31 -58.50
CA GLY F 127 -31.05 -3.21 -59.62
C GLY F 127 -32.28 -4.11 -59.70
N ASN F 128 -32.09 -5.30 -60.28
CA ASN F 128 -33.19 -6.24 -60.46
C ASN F 128 -33.56 -6.92 -59.16
N LEU F 129 -34.59 -6.39 -58.50
CA LEU F 129 -35.07 -6.95 -57.23
C LEU F 129 -35.88 -8.22 -57.45
N PHE F 130 -36.52 -8.33 -58.61
CA PHE F 130 -37.35 -9.47 -58.95
C PHE F 130 -36.54 -10.76 -59.06
N GLU F 131 -35.39 -10.68 -59.73
CA GLU F 131 -34.56 -11.85 -59.99
C GLU F 131 -33.83 -12.33 -58.73
N VAL F 132 -33.53 -11.40 -57.84
CA VAL F 132 -32.76 -11.72 -56.64
C VAL F 132 -33.62 -12.28 -55.52
N TYR F 133 -34.66 -11.55 -55.12
CA TYR F 133 -35.49 -11.94 -53.97
C TYR F 133 -36.82 -12.57 -54.35
N LEU F 134 -37.64 -11.84 -55.11
CA LEU F 134 -39.01 -12.25 -55.40
C LEU F 134 -39.11 -13.60 -56.11
N LYS F 135 -38.45 -13.73 -57.26
CA LYS F 135 -38.53 -14.96 -58.06
C LYS F 135 -38.09 -16.24 -57.34
N PRO F 136 -36.90 -16.24 -56.70
CA PRO F 136 -36.48 -17.49 -56.03
C PRO F 136 -37.31 -17.82 -54.79
N TYR F 137 -37.95 -16.83 -54.18
CA TYR F 137 -38.70 -17.05 -52.95
C TYR F 137 -40.02 -17.76 -53.19
N PHE F 138 -40.73 -17.37 -54.25
CA PHE F 138 -42.01 -17.99 -54.60
C PHE F 138 -41.87 -19.03 -55.71
N LEU F 139 -40.64 -19.36 -56.06
CA LEU F 139 -40.36 -20.30 -57.14
C LEU F 139 -40.96 -21.68 -56.88
N GLU F 140 -42.18 -21.89 -57.39
CA GLU F 140 -42.90 -23.15 -57.25
C GLU F 140 -42.99 -23.62 -55.80
N ALA F 141 -43.28 -22.68 -54.91
CA ALA F 141 -43.39 -22.99 -53.48
C ALA F 141 -44.85 -22.96 -53.04
N TYR F 142 -45.67 -22.27 -53.83
CA TYR F 142 -47.09 -22.11 -53.56
C TYR F 142 -47.35 -21.50 -52.18
N ARG F 143 -46.70 -20.37 -51.91
CA ARG F 143 -46.85 -19.69 -50.63
C ARG F 143 -48.13 -18.86 -50.62
N PRO F 144 -49.02 -19.15 -49.66
CA PRO F 144 -50.30 -18.45 -49.55
C PRO F 144 -50.18 -17.07 -48.90
N ILE F 145 -50.10 -16.03 -49.72
CA ILE F 145 -50.00 -14.67 -49.22
C ILE F 145 -51.37 -13.98 -49.28
N ARG F 146 -51.52 -12.91 -48.50
CA ARG F 146 -52.77 -12.16 -48.47
C ARG F 146 -52.51 -10.66 -48.47
N LYS F 147 -53.45 -9.90 -49.02
CA LYS F 147 -53.36 -8.44 -49.02
C LYS F 147 -53.29 -7.90 -47.59
N GLY F 148 -52.15 -7.31 -47.25
CA GLY F 148 -51.94 -6.77 -45.91
C GLY F 148 -50.81 -7.46 -45.17
N ASP F 149 -50.45 -8.65 -45.63
CA ASP F 149 -49.37 -9.42 -45.01
C ASP F 149 -48.01 -8.77 -45.24
N ILE F 150 -47.12 -8.91 -44.26
CA ILE F 150 -45.77 -8.37 -44.37
C ILE F 150 -44.76 -9.49 -44.17
N PHE F 151 -44.20 -9.98 -45.28
CA PHE F 151 -43.27 -11.10 -45.23
C PHE F 151 -41.82 -10.65 -45.42
N LEU F 152 -40.89 -11.52 -45.00
CA LEU F 152 -39.47 -11.20 -45.02
C LEU F 152 -38.69 -12.23 -45.84
N VAL F 153 -37.89 -11.73 -46.78
CA VAL F 153 -37.05 -12.59 -47.61
C VAL F 153 -35.56 -12.36 -47.33
N ARG F 154 -34.85 -13.43 -46.98
CA ARG F 154 -33.43 -13.32 -46.68
C ARG F 154 -32.57 -13.72 -47.87
N GLY F 155 -31.54 -12.92 -48.12
CA GLY F 155 -30.64 -13.17 -49.24
C GLY F 155 -29.73 -11.98 -49.51
N GLY F 156 -28.66 -12.20 -50.26
CA GLY F 156 -27.71 -11.15 -50.59
C GLY F 156 -27.02 -10.57 -49.37
N MET F 157 -26.74 -11.42 -48.39
CA MET F 157 -26.07 -11.02 -47.15
C MET F 157 -26.81 -9.90 -46.41
N ARG F 158 -28.14 -9.94 -46.47
CA ARG F 158 -28.98 -8.99 -45.74
C ARG F 158 -30.42 -9.49 -45.65
N ALA F 159 -31.31 -8.60 -45.24
CA ALA F 159 -32.73 -8.93 -45.15
C ALA F 159 -33.59 -7.80 -45.71
N VAL F 160 -34.52 -8.16 -46.58
CA VAL F 160 -35.40 -7.17 -47.21
C VAL F 160 -36.87 -7.50 -46.99
N GLU F 161 -37.62 -6.51 -46.50
CA GLU F 161 -39.04 -6.70 -46.22
C GLU F 161 -39.91 -6.24 -47.38
N PHE F 162 -40.91 -7.06 -47.69
CA PHE F 162 -41.87 -6.77 -48.74
C PHE F 162 -43.28 -6.67 -48.17
N LYS F 163 -44.08 -5.77 -48.73
CA LYS F 163 -45.48 -5.65 -48.31
C LYS F 163 -46.42 -5.91 -49.48
N VAL F 164 -47.33 -6.87 -49.28
CA VAL F 164 -48.31 -7.21 -50.31
C VAL F 164 -49.27 -6.05 -50.54
N VAL F 165 -49.13 -5.38 -51.68
CA VAL F 165 -49.97 -4.23 -51.99
C VAL F 165 -51.34 -4.67 -52.49
N GLU F 166 -51.34 -5.44 -53.58
CA GLU F 166 -52.59 -5.89 -54.17
C GLU F 166 -52.45 -7.24 -54.88
N THR F 167 -53.39 -8.14 -54.60
CA THR F 167 -53.45 -9.43 -55.29
C THR F 167 -54.76 -9.53 -56.06
N ASP F 168 -54.72 -10.11 -57.25
CA ASP F 168 -55.91 -10.21 -58.08
C ASP F 168 -57.03 -11.04 -57.42
N PRO F 169 -56.71 -12.23 -56.90
CA PRO F 169 -57.76 -12.89 -56.11
C PRO F 169 -57.79 -12.36 -54.68
N SER F 170 -58.26 -11.13 -54.52
CA SER F 170 -58.31 -10.50 -53.19
C SER F 170 -59.28 -11.24 -52.27
N PRO F 171 -58.93 -11.36 -50.99
CA PRO F 171 -57.67 -10.86 -50.39
C PRO F 171 -56.51 -11.86 -50.47
N TYR F 172 -56.79 -13.14 -50.25
CA TYR F 172 -55.73 -14.15 -50.21
C TYR F 172 -55.72 -15.04 -51.46
N CYS F 173 -54.52 -15.46 -51.85
CA CYS F 173 -54.34 -16.32 -53.01
C CYS F 173 -53.04 -17.10 -52.91
N ILE F 174 -52.91 -18.14 -53.73
CA ILE F 174 -51.69 -18.94 -53.77
C ILE F 174 -50.81 -18.51 -54.94
N VAL F 175 -49.52 -18.34 -54.68
CA VAL F 175 -48.58 -17.90 -55.71
C VAL F 175 -48.18 -19.04 -56.65
N ALA F 176 -48.75 -19.04 -57.85
CA ALA F 176 -48.41 -20.01 -58.87
C ALA F 176 -47.20 -19.52 -59.67
N PRO F 177 -46.47 -20.45 -60.31
CA PRO F 177 -45.32 -20.04 -61.13
C PRO F 177 -45.74 -19.31 -62.42
N ASP F 178 -47.04 -19.19 -62.63
CA ASP F 178 -47.57 -18.44 -63.76
C ASP F 178 -48.10 -17.09 -63.31
N THR F 179 -48.21 -16.89 -62.00
CA THR F 179 -48.73 -15.66 -61.43
C THR F 179 -47.87 -14.46 -61.78
N VAL F 180 -48.48 -13.45 -62.40
CA VAL F 180 -47.76 -12.24 -62.78
C VAL F 180 -47.34 -11.43 -61.56
N ILE F 181 -46.03 -11.18 -61.44
CA ILE F 181 -45.49 -10.41 -60.33
C ILE F 181 -44.93 -9.08 -60.81
N HIS F 182 -45.59 -7.99 -60.44
CA HIS F 182 -45.16 -6.66 -60.88
C HIS F 182 -44.26 -6.00 -59.83
N CYS F 183 -43.21 -5.34 -60.32
CA CYS F 183 -42.29 -4.61 -59.46
C CYS F 183 -42.09 -3.19 -59.99
N GLU F 184 -42.82 -2.25 -59.41
CA GLU F 184 -42.79 -0.87 -59.87
C GLU F 184 -41.48 -0.17 -59.53
N GLY F 185 -40.70 -0.77 -58.64
CA GLY F 185 -39.42 -0.23 -58.25
C GLY F 185 -39.53 1.09 -57.52
N GLU F 186 -40.41 1.14 -56.53
CA GLU F 186 -40.61 2.34 -55.73
C GLU F 186 -40.71 2.00 -54.25
N PRO F 187 -39.67 2.36 -53.47
CA PRO F 187 -39.64 2.10 -52.03
C PRO F 187 -40.82 2.75 -51.32
N ILE F 188 -41.43 2.02 -50.39
CA ILE F 188 -42.62 2.50 -49.70
C ILE F 188 -42.33 2.96 -48.28
N LYS F 189 -43.22 3.80 -47.75
CA LYS F 189 -43.10 4.30 -46.39
C LYS F 189 -43.52 3.23 -45.39
N ARG F 190 -43.05 3.37 -44.15
CA ARG F 190 -43.43 2.45 -43.09
C ARG F 190 -44.64 2.99 -42.33
N GLU F 191 -45.70 2.19 -42.27
CA GLU F 191 -46.92 2.60 -41.60
C GLU F 191 -46.75 2.62 -40.08
N ASP F 192 -47.71 3.21 -39.39
CA ASP F 192 -47.64 3.37 -37.94
C ASP F 192 -47.72 2.05 -37.18
N GLU F 193 -48.83 1.34 -37.34
CA GLU F 193 -49.08 0.10 -36.61
C GLU F 193 -48.32 -1.10 -37.17
N GLU F 194 -47.46 -0.87 -38.16
CA GLU F 194 -46.64 -1.93 -38.72
C GLU F 194 -45.30 -2.01 -38.00
N GLU F 195 -45.24 -2.84 -36.96
CA GLU F 195 -44.01 -3.02 -36.19
C GLU F 195 -42.91 -3.61 -37.06
N SER F 196 -41.71 -3.04 -36.92
CA SER F 196 -40.55 -3.49 -37.70
C SER F 196 -40.09 -4.89 -37.31
N LEU F 197 -39.88 -5.73 -38.31
CA LEU F 197 -39.37 -7.08 -38.11
C LEU F 197 -37.85 -7.04 -37.93
N ASN F 198 -37.28 -5.85 -38.11
CA ASN F 198 -35.86 -5.63 -37.94
C ASN F 198 -35.51 -5.46 -36.47
N GLU F 199 -36.53 -5.28 -35.63
CA GLU F 199 -36.33 -5.08 -34.20
C GLU F 199 -35.88 -6.36 -33.49
N VAL F 200 -35.92 -6.35 -32.17
CA VAL F 200 -35.38 -7.45 -31.37
C VAL F 200 -36.42 -8.53 -31.07
N GLY F 201 -35.94 -9.75 -30.85
CA GLY F 201 -36.81 -10.86 -30.51
C GLY F 201 -36.03 -12.01 -29.88
N TYR F 202 -36.73 -13.09 -29.57
CA TYR F 202 -36.10 -14.27 -28.96
C TYR F 202 -35.21 -15.03 -29.92
N ASP F 203 -35.31 -14.72 -31.21
CA ASP F 203 -34.54 -15.40 -32.24
C ASP F 203 -33.25 -14.65 -32.54
N ASP F 204 -32.92 -13.69 -31.69
CA ASP F 204 -31.70 -12.92 -31.84
C ASP F 204 -30.74 -13.17 -30.69
N ILE F 205 -31.05 -14.17 -29.88
CA ILE F 205 -30.22 -14.52 -28.73
C ILE F 205 -29.96 -16.02 -28.62
N GLY F 206 -28.70 -16.37 -28.39
CA GLY F 206 -28.32 -17.77 -28.25
C GLY F 206 -27.23 -17.96 -27.21
N GLY F 207 -27.04 -19.21 -26.77
CA GLY F 207 -26.03 -19.53 -25.79
C GLY F 207 -26.53 -19.40 -24.35
N CYS F 208 -27.53 -18.55 -24.17
CA CYS F 208 -28.10 -18.30 -22.85
C CYS F 208 -29.39 -19.09 -22.67
N ARG F 209 -29.28 -20.41 -22.69
CA ARG F 209 -30.43 -21.30 -22.61
C ARG F 209 -31.11 -21.26 -21.24
N LYS F 210 -30.45 -21.85 -20.24
CA LYS F 210 -30.98 -21.87 -18.88
C LYS F 210 -31.13 -20.46 -18.31
N GLN F 211 -30.33 -19.54 -18.83
CA GLN F 211 -30.40 -18.14 -18.42
C GLN F 211 -31.75 -17.56 -18.80
N LEU F 212 -32.12 -17.72 -20.08
CA LEU F 212 -33.41 -17.26 -20.57
C LEU F 212 -34.56 -18.00 -19.89
N ALA F 213 -34.32 -19.26 -19.54
CA ALA F 213 -35.31 -20.08 -18.87
C ALA F 213 -35.73 -19.48 -17.53
N GLN F 214 -34.75 -19.15 -16.70
CA GLN F 214 -35.02 -18.49 -15.43
C GLN F 214 -35.63 -17.11 -15.61
N ILE F 215 -35.02 -16.31 -16.48
CA ILE F 215 -35.45 -14.93 -16.72
C ILE F 215 -36.90 -14.85 -17.17
N LYS F 216 -37.26 -15.67 -18.14
CA LYS F 216 -38.62 -15.68 -18.68
C LYS F 216 -39.67 -16.01 -17.63
N GLU F 217 -39.51 -17.14 -16.95
CA GLU F 217 -40.48 -17.61 -15.97
C GLU F 217 -40.55 -16.72 -14.73
N MET F 218 -39.62 -15.78 -14.60
CA MET F 218 -39.63 -14.83 -13.49
C MET F 218 -40.46 -13.59 -13.81
N VAL F 219 -40.41 -13.15 -15.06
CA VAL F 219 -41.08 -11.91 -15.44
C VAL F 219 -42.26 -12.14 -16.41
N GLU F 220 -42.58 -13.40 -16.66
CA GLU F 220 -43.69 -13.74 -17.55
C GLU F 220 -45.02 -13.35 -16.92
N LEU F 221 -45.33 -13.98 -15.79
CA LEU F 221 -46.59 -13.73 -15.08
C LEU F 221 -46.85 -12.27 -14.68
N PRO F 222 -45.88 -11.60 -14.02
CA PRO F 222 -46.19 -10.23 -13.58
C PRO F 222 -46.37 -9.24 -14.72
N LEU F 223 -45.74 -9.49 -15.87
CA LEU F 223 -45.82 -8.57 -17.00
C LEU F 223 -47.01 -8.86 -17.91
N ARG F 224 -47.27 -10.14 -18.14
CA ARG F 224 -48.36 -10.54 -19.03
C ARG F 224 -49.69 -10.54 -18.30
N HIS F 225 -49.63 -10.71 -16.98
CA HIS F 225 -50.84 -10.64 -16.17
C HIS F 225 -50.56 -9.97 -14.82
N PRO F 226 -50.46 -8.63 -14.83
CA PRO F 226 -50.26 -7.84 -13.61
C PRO F 226 -51.43 -8.01 -12.65
N ALA F 227 -52.61 -8.27 -13.21
CA ALA F 227 -53.82 -8.45 -12.43
C ALA F 227 -53.70 -9.60 -11.42
N LEU F 228 -53.02 -10.67 -11.82
CA LEU F 228 -52.85 -11.82 -10.95
C LEU F 228 -52.09 -11.47 -9.66
N PHE F 229 -50.95 -10.81 -9.81
CA PHE F 229 -50.14 -10.45 -8.66
C PHE F 229 -50.79 -9.34 -7.85
N LYS F 230 -51.68 -8.58 -8.47
CA LYS F 230 -52.44 -7.57 -7.74
C LYS F 230 -53.60 -8.24 -7.04
N ALA F 231 -53.89 -9.48 -7.43
CA ALA F 231 -54.96 -10.25 -6.83
C ALA F 231 -54.42 -11.31 -5.89
N ILE F 232 -53.28 -11.90 -6.24
CA ILE F 232 -52.70 -12.95 -5.43
C ILE F 232 -51.72 -12.38 -4.39
N GLY F 233 -51.55 -13.11 -3.30
CA GLY F 233 -50.64 -12.70 -2.25
C GLY F 233 -49.25 -13.28 -2.45
N VAL F 234 -48.74 -13.14 -3.67
CA VAL F 234 -47.42 -13.65 -4.04
C VAL F 234 -46.52 -12.51 -4.47
N LYS F 235 -45.33 -12.45 -3.91
CA LYS F 235 -44.37 -11.40 -4.24
C LYS F 235 -43.52 -11.76 -5.46
N PRO F 236 -43.64 -10.95 -6.53
CA PRO F 236 -42.87 -11.12 -7.76
C PRO F 236 -41.49 -10.46 -7.65
N PRO F 237 -40.52 -10.92 -8.45
CA PRO F 237 -39.17 -10.34 -8.43
C PRO F 237 -39.18 -8.89 -8.90
N ARG F 238 -38.55 -8.01 -8.12
CA ARG F 238 -38.49 -6.59 -8.47
C ARG F 238 -37.23 -6.26 -9.26
N GLY F 239 -36.09 -6.77 -8.82
CA GLY F 239 -34.81 -6.47 -9.43
C GLY F 239 -34.03 -7.69 -9.90
N ILE F 240 -33.62 -7.67 -11.16
CA ILE F 240 -32.84 -8.75 -11.74
C ILE F 240 -31.45 -8.29 -12.21
N LEU F 241 -30.42 -8.97 -11.73
CA LEU F 241 -29.03 -8.62 -12.07
C LEU F 241 -28.45 -9.62 -13.06
N LEU F 242 -27.65 -9.12 -14.00
CA LEU F 242 -27.05 -9.96 -15.03
C LEU F 242 -25.53 -10.03 -14.90
N TYR F 243 -25.04 -11.22 -14.55
CA TYR F 243 -23.60 -11.46 -14.42
C TYR F 243 -22.95 -11.68 -15.78
N GLY F 244 -21.73 -12.21 -15.75
CA GLY F 244 -21.04 -12.58 -16.98
C GLY F 244 -20.14 -11.48 -17.53
N PRO F 245 -19.12 -11.88 -18.32
CA PRO F 245 -18.20 -10.94 -18.94
C PRO F 245 -18.88 -10.16 -20.07
N PRO F 246 -18.37 -8.96 -20.38
CA PRO F 246 -18.92 -8.12 -21.46
C PRO F 246 -18.79 -8.81 -22.82
N GLY F 247 -19.80 -8.62 -23.68
CA GLY F 247 -19.78 -9.18 -25.01
C GLY F 247 -20.73 -10.33 -25.21
N THR F 248 -21.36 -10.77 -24.13
CA THR F 248 -22.32 -11.87 -24.22
C THR F 248 -23.65 -11.36 -24.79
N GLY F 249 -23.92 -10.08 -24.58
CA GLY F 249 -25.13 -9.47 -25.09
C GLY F 249 -26.18 -9.30 -24.01
N LYS F 250 -25.80 -8.65 -22.91
CA LYS F 250 -26.69 -8.44 -21.78
C LYS F 250 -27.89 -7.59 -22.19
N THR F 251 -27.59 -6.44 -22.79
CA THR F 251 -28.61 -5.48 -23.20
C THR F 251 -29.57 -6.06 -24.25
N LEU F 252 -29.04 -6.86 -25.17
CA LEU F 252 -29.85 -7.48 -26.21
C LEU F 252 -30.91 -8.41 -25.61
N ILE F 253 -30.50 -9.18 -24.60
CA ILE F 253 -31.41 -10.08 -23.90
C ILE F 253 -32.54 -9.31 -23.21
N ALA F 254 -32.16 -8.29 -22.46
CA ALA F 254 -33.11 -7.47 -21.70
C ALA F 254 -34.15 -6.79 -22.59
N ARG F 255 -33.68 -6.17 -23.67
CA ARG F 255 -34.56 -5.43 -24.57
C ARG F 255 -35.54 -6.37 -25.27
N ALA F 256 -35.13 -7.62 -25.45
CA ALA F 256 -35.98 -8.63 -26.07
C ALA F 256 -37.19 -8.96 -25.20
N VAL F 257 -36.97 -9.01 -23.88
CA VAL F 257 -38.04 -9.34 -22.94
C VAL F 257 -39.17 -8.31 -22.99
N ALA F 258 -38.81 -7.03 -23.00
CA ALA F 258 -39.79 -5.96 -23.04
C ALA F 258 -40.56 -5.97 -24.36
N ASN F 259 -39.84 -6.25 -25.46
CA ASN F 259 -40.44 -6.30 -26.78
C ASN F 259 -41.35 -7.50 -26.98
N GLU F 260 -41.15 -8.55 -26.19
CA GLU F 260 -41.92 -9.78 -26.34
C GLU F 260 -43.10 -9.83 -25.39
N THR F 261 -43.02 -9.04 -24.32
CA THR F 261 -44.10 -8.99 -23.33
C THR F 261 -44.95 -7.75 -23.52
N GLY F 262 -44.51 -6.86 -24.42
CA GLY F 262 -45.25 -5.65 -24.72
C GLY F 262 -45.02 -4.54 -23.73
N ALA F 263 -44.25 -4.81 -22.68
CA ALA F 263 -43.96 -3.83 -21.66
C ALA F 263 -43.10 -2.68 -22.20
N PHE F 264 -43.25 -1.50 -21.60
CA PHE F 264 -42.49 -0.33 -22.00
C PHE F 264 -41.01 -0.52 -21.68
N PHE F 265 -40.14 0.14 -22.44
CA PHE F 265 -38.70 -0.03 -22.24
C PHE F 265 -37.96 1.30 -22.19
N PHE F 266 -37.30 1.55 -21.06
CA PHE F 266 -36.45 2.71 -20.88
C PHE F 266 -35.12 2.28 -20.31
N LEU F 267 -34.05 2.52 -21.06
CA LEU F 267 -32.72 2.08 -20.65
C LEU F 267 -31.99 3.20 -19.92
N ILE F 268 -31.17 2.81 -18.95
CA ILE F 268 -30.34 3.76 -18.23
C ILE F 268 -28.88 3.37 -18.39
N ASN F 269 -28.23 3.95 -19.38
CA ASN F 269 -26.81 3.69 -19.63
C ASN F 269 -25.97 4.19 -18.45
N GLY F 270 -25.00 3.38 -18.05
CA GLY F 270 -24.17 3.67 -16.89
C GLY F 270 -23.44 4.99 -16.99
N PRO F 271 -22.42 5.06 -17.85
CA PRO F 271 -21.62 6.28 -18.04
C PRO F 271 -22.45 7.48 -18.50
N GLU F 272 -23.63 7.22 -19.07
CA GLU F 272 -24.53 8.28 -19.50
C GLU F 272 -24.95 9.15 -18.31
N ILE F 273 -25.20 8.49 -17.18
CA ILE F 273 -25.62 9.18 -15.96
C ILE F 273 -24.44 9.80 -15.24
N MET F 274 -23.31 9.09 -15.23
CA MET F 274 -22.11 9.58 -14.56
C MET F 274 -21.40 10.66 -15.39
N SER F 275 -21.90 10.92 -16.59
CA SER F 275 -21.37 11.97 -17.43
C SER F 275 -22.06 13.29 -17.10
N LYS F 276 -23.35 13.20 -16.80
CA LYS F 276 -24.13 14.37 -16.39
C LYS F 276 -23.60 14.95 -15.09
N LEU F 277 -23.67 16.27 -14.99
CA LEU F 277 -23.12 17.00 -13.85
C LEU F 277 -23.84 16.64 -12.55
N ALA F 278 -23.18 16.91 -11.43
CA ALA F 278 -23.75 16.64 -10.11
C ALA F 278 -25.03 17.44 -9.89
N GLY F 279 -26.17 16.74 -9.85
CA GLY F 279 -27.45 17.37 -9.72
C GLY F 279 -28.42 16.89 -10.78
N GLU F 280 -27.97 16.93 -12.03
CA GLU F 280 -28.74 16.40 -13.15
C GLU F 280 -28.71 14.87 -13.10
N SER F 281 -27.71 14.33 -12.39
CA SER F 281 -27.56 12.89 -12.24
C SER F 281 -28.79 12.29 -11.56
N GLU F 282 -29.11 12.78 -10.36
CA GLU F 282 -30.28 12.31 -9.64
C GLU F 282 -31.55 12.69 -10.38
N SER F 283 -31.49 13.80 -11.12
CA SER F 283 -32.63 14.27 -11.89
C SER F 283 -33.01 13.27 -12.97
N ASN F 284 -32.02 12.76 -13.69
CA ASN F 284 -32.26 11.77 -14.74
C ASN F 284 -32.83 10.48 -14.15
N LEU F 285 -32.34 10.10 -12.97
CA LEU F 285 -32.83 8.91 -12.29
C LEU F 285 -34.26 9.13 -11.80
N ARG F 286 -34.55 10.32 -11.33
CA ARG F 286 -35.90 10.69 -10.92
C ARG F 286 -36.87 10.63 -12.09
N LYS F 287 -36.46 11.21 -13.22
CA LYS F 287 -37.31 11.24 -14.40
C LYS F 287 -37.47 9.85 -15.01
N ALA F 288 -36.41 9.04 -14.92
CA ALA F 288 -36.43 7.70 -15.48
C ALA F 288 -37.49 6.81 -14.84
N PHE F 289 -37.41 6.63 -13.53
CA PHE F 289 -38.35 5.79 -12.80
C PHE F 289 -39.77 6.34 -12.83
N GLU F 290 -39.90 7.66 -12.73
CA GLU F 290 -41.21 8.29 -12.66
C GLU F 290 -42.01 8.14 -13.95
N GLU F 291 -41.36 8.38 -15.09
CA GLU F 291 -42.03 8.30 -16.38
C GLU F 291 -42.25 6.85 -16.82
N ALA F 292 -41.36 5.96 -16.40
CA ALA F 292 -41.46 4.55 -16.74
C ALA F 292 -42.54 3.86 -15.91
N GLU F 293 -42.77 4.39 -14.70
CA GLU F 293 -43.78 3.84 -13.80
C GLU F 293 -45.18 4.08 -14.37
N LYS F 294 -45.35 5.19 -15.05
CA LYS F 294 -46.62 5.53 -15.66
C LYS F 294 -46.95 4.60 -16.83
N ASN F 295 -45.92 4.11 -17.49
CA ASN F 295 -46.09 3.23 -18.65
C ASN F 295 -46.09 1.76 -18.26
N ALA F 296 -46.54 1.46 -17.04
CA ALA F 296 -46.60 0.09 -16.56
C ALA F 296 -47.58 -0.75 -17.39
N PRO F 297 -47.22 -2.02 -17.65
CA PRO F 297 -45.98 -2.69 -17.23
C PRO F 297 -44.77 -2.22 -18.03
N ALA F 298 -43.61 -2.20 -17.39
CA ALA F 298 -42.39 -1.73 -18.04
C ALA F 298 -41.14 -2.37 -17.44
N ILE F 299 -40.03 -2.29 -18.15
CA ILE F 299 -38.75 -2.79 -17.65
C ILE F 299 -37.65 -1.74 -17.75
N ILE F 300 -37.16 -1.31 -16.60
CA ILE F 300 -36.06 -0.35 -16.53
C ILE F 300 -34.73 -1.09 -16.51
N PHE F 301 -33.93 -0.90 -17.56
CA PHE F 301 -32.65 -1.60 -17.68
C PHE F 301 -31.45 -0.67 -17.51
N ILE F 302 -30.65 -0.95 -16.50
CA ILE F 302 -29.43 -0.20 -16.25
C ILE F 302 -28.26 -0.91 -16.90
N ASP F 303 -27.52 -0.20 -17.74
CA ASP F 303 -26.43 -0.81 -18.50
C ASP F 303 -25.23 -1.10 -17.62
N GLU F 304 -24.23 -0.22 -17.68
CA GLU F 304 -23.01 -0.39 -16.88
C GLU F 304 -23.25 0.04 -15.45
N LEU F 305 -23.90 -0.83 -14.68
CA LEU F 305 -24.22 -0.54 -13.27
C LEU F 305 -22.97 -0.40 -12.42
N ASP F 306 -21.91 -1.11 -12.78
CA ASP F 306 -20.64 -1.05 -12.06
C ASP F 306 -20.03 0.36 -12.07
N ALA F 307 -20.34 1.12 -13.11
CA ALA F 307 -19.86 2.49 -13.23
C ALA F 307 -20.66 3.44 -12.34
N ILE F 308 -21.79 2.96 -11.83
CA ILE F 308 -22.66 3.77 -10.98
C ILE F 308 -22.42 3.51 -9.50
N ALA F 309 -22.42 2.24 -9.10
CA ALA F 309 -22.27 1.89 -7.70
C ALA F 309 -21.13 0.91 -7.43
N PRO F 310 -19.88 1.41 -7.42
CA PRO F 310 -18.72 0.60 -7.07
C PRO F 310 -18.28 0.94 -5.65
N LYS F 311 -19.26 1.29 -4.81
CA LYS F 311 -19.03 1.76 -3.45
C LYS F 311 -18.08 0.88 -2.63
N ARG F 312 -16.78 1.07 -2.85
CA ARG F 312 -15.75 0.38 -2.07
C ARG F 312 -14.52 1.27 -1.85
N GLU F 313 -13.59 1.22 -2.80
CA GLU F 313 -12.39 2.04 -2.76
C GLU F 313 -12.43 3.16 -3.80
N LYS F 314 -13.25 2.99 -4.82
CA LYS F 314 -13.38 3.98 -5.89
C LYS F 314 -14.47 4.99 -5.57
N THR F 315 -15.03 4.89 -4.36
CA THR F 315 -16.06 5.81 -3.90
C THR F 315 -15.46 7.09 -3.32
N HIS F 316 -14.51 7.68 -4.04
CA HIS F 316 -13.81 8.86 -3.56
C HIS F 316 -14.64 10.11 -3.86
N GLY F 317 -15.38 10.58 -2.85
CA GLY F 317 -16.21 11.76 -3.00
C GLY F 317 -17.61 11.55 -2.45
N GLU F 318 -18.33 12.65 -2.25
CA GLU F 318 -19.68 12.60 -1.70
C GLU F 318 -20.74 12.36 -2.77
N VAL F 319 -20.51 12.94 -3.95
CA VAL F 319 -21.48 12.86 -5.04
C VAL F 319 -21.81 11.41 -5.44
N GLU F 320 -20.79 10.58 -5.54
CA GLU F 320 -20.97 9.18 -5.94
C GLU F 320 -21.85 8.43 -4.97
N ARG F 321 -21.54 8.55 -3.68
CA ARG F 321 -22.32 7.89 -2.63
C ARG F 321 -23.76 8.39 -2.65
N ARG F 322 -23.92 9.67 -2.96
CA ARG F 322 -25.23 10.29 -3.03
C ARG F 322 -26.03 9.71 -4.20
N ILE F 323 -25.34 9.45 -5.30
CA ILE F 323 -25.96 8.86 -6.48
C ILE F 323 -26.44 7.44 -6.18
N VAL F 324 -25.58 6.68 -5.50
CA VAL F 324 -25.92 5.31 -5.13
C VAL F 324 -27.15 5.29 -4.24
N SER F 325 -27.16 6.15 -3.24
CA SER F 325 -28.29 6.24 -2.31
C SER F 325 -29.56 6.69 -3.03
N GLN F 326 -29.39 7.55 -4.03
CA GLN F 326 -30.53 8.01 -4.85
C GLN F 326 -31.17 6.83 -5.56
N LEU F 327 -30.33 5.98 -6.15
CA LEU F 327 -30.81 4.78 -6.83
C LEU F 327 -31.43 3.81 -5.83
N LEU F 328 -30.77 3.68 -4.68
CA LEU F 328 -31.25 2.80 -3.61
C LEU F 328 -32.65 3.17 -3.16
N THR F 329 -32.89 4.47 -2.99
CA THR F 329 -34.20 4.97 -2.60
C THR F 329 -35.23 4.70 -3.70
N LEU F 330 -34.83 4.87 -4.95
CA LEU F 330 -35.71 4.64 -6.08
C LEU F 330 -36.07 3.17 -6.22
N MET F 331 -35.13 2.30 -5.84
CA MET F 331 -35.37 0.86 -5.85
C MET F 331 -36.43 0.50 -4.83
N ASP F 332 -36.36 1.13 -3.66
CA ASP F 332 -37.33 0.93 -2.60
C ASP F 332 -38.66 1.59 -2.92
N GLY F 333 -38.61 2.61 -3.77
CA GLY F 333 -39.79 3.38 -4.14
C GLY F 333 -40.81 2.62 -4.97
N LEU F 334 -40.46 1.43 -5.41
CA LEU F 334 -41.38 0.59 -6.18
C LEU F 334 -42.59 0.22 -5.32
N LYS F 335 -43.74 0.79 -5.66
CA LYS F 335 -44.96 0.65 -4.87
C LYS F 335 -45.66 -0.70 -5.06
N GLN F 336 -45.05 -1.59 -5.84
CA GLN F 336 -45.62 -2.91 -6.14
C GLN F 336 -46.91 -2.87 -6.96
N ARG F 337 -47.88 -2.09 -6.52
CA ARG F 337 -49.13 -1.94 -7.26
C ARG F 337 -48.84 -1.33 -8.64
N ALA F 338 -47.84 -0.45 -8.70
CA ALA F 338 -47.28 -0.05 -9.98
C ALA F 338 -46.36 -1.17 -10.46
N HIS F 339 -46.63 -1.68 -11.65
CA HIS F 339 -45.95 -2.87 -12.12
C HIS F 339 -44.75 -2.60 -13.03
N VAL F 340 -43.61 -2.28 -12.41
CA VAL F 340 -42.36 -2.12 -13.15
C VAL F 340 -41.27 -3.01 -12.56
N ILE F 341 -40.42 -3.55 -13.43
CA ILE F 341 -39.33 -4.43 -12.99
C ILE F 341 -37.98 -3.91 -13.46
N VAL F 342 -37.06 -3.72 -12.53
CA VAL F 342 -35.75 -3.17 -12.85
C VAL F 342 -34.68 -4.24 -13.08
N MET F 343 -34.12 -4.25 -14.29
CA MET F 343 -33.03 -5.16 -14.62
C MET F 343 -31.73 -4.37 -14.76
N ALA F 344 -30.60 -5.06 -14.63
CA ALA F 344 -29.30 -4.41 -14.72
C ALA F 344 -28.22 -5.38 -15.19
N ALA F 345 -27.06 -4.83 -15.55
CA ALA F 345 -25.95 -5.65 -16.02
C ALA F 345 -24.60 -5.17 -15.47
N THR F 346 -23.63 -6.08 -15.44
CA THR F 346 -22.28 -5.76 -14.97
C THR F 346 -21.29 -6.81 -15.45
N ASN F 347 -20.00 -6.57 -15.19
CA ASN F 347 -18.96 -7.50 -15.60
C ASN F 347 -18.86 -8.68 -14.64
N ARG F 348 -19.09 -8.42 -13.36
CA ARG F 348 -19.02 -9.45 -12.33
C ARG F 348 -19.78 -9.02 -11.08
N PRO F 349 -20.35 -10.01 -10.35
CA PRO F 349 -21.15 -9.80 -9.14
C PRO F 349 -20.53 -8.82 -8.14
N ASN F 350 -19.23 -8.92 -7.92
CA ASN F 350 -18.55 -8.11 -6.91
C ASN F 350 -18.16 -6.71 -7.38
N SER F 351 -18.73 -6.27 -8.50
CA SER F 351 -18.50 -4.92 -8.99
C SER F 351 -19.52 -3.98 -8.39
N ILE F 352 -20.73 -4.49 -8.18
CA ILE F 352 -21.83 -3.71 -7.65
C ILE F 352 -21.71 -3.57 -6.14
N ASP F 353 -22.24 -2.47 -5.61
CA ASP F 353 -22.25 -2.24 -4.16
C ASP F 353 -23.18 -3.23 -3.48
N PRO F 354 -22.63 -4.01 -2.51
CA PRO F 354 -23.35 -5.04 -1.76
C PRO F 354 -24.67 -4.57 -1.15
N ALA F 355 -24.83 -3.25 -0.98
CA ALA F 355 -26.08 -2.71 -0.46
C ALA F 355 -27.22 -2.89 -1.46
N LEU F 356 -26.86 -3.10 -2.73
CA LEU F 356 -27.84 -3.37 -3.77
C LEU F 356 -28.18 -4.85 -3.83
N ARG F 357 -27.38 -5.66 -3.14
CA ARG F 357 -27.61 -7.10 -3.08
C ARG F 357 -28.66 -7.47 -2.04
N ARG F 358 -29.10 -6.48 -1.27
CA ARG F 358 -30.06 -6.70 -0.21
C ARG F 358 -31.38 -7.23 -0.76
N PHE F 359 -31.83 -8.36 -0.23
CA PHE F 359 -33.03 -9.04 -0.71
C PHE F 359 -34.27 -8.18 -0.52
N GLY F 360 -34.62 -7.42 -1.55
CA GLY F 360 -35.71 -6.48 -1.51
C GLY F 360 -35.50 -5.53 -2.68
N ARG F 361 -34.29 -5.56 -3.22
CA ARG F 361 -33.93 -4.80 -4.39
C ARG F 361 -33.56 -5.76 -5.52
N PHE F 362 -32.26 -6.03 -5.64
CA PHE F 362 -31.79 -7.05 -6.58
C PHE F 362 -31.72 -8.42 -5.90
N ASP F 363 -32.87 -9.09 -5.84
CA ASP F 363 -32.97 -10.36 -5.14
C ASP F 363 -32.65 -11.56 -6.04
N ARG F 364 -33.06 -11.47 -7.30
CA ARG F 364 -32.82 -12.55 -8.25
C ARG F 364 -31.54 -12.30 -9.04
N GLU F 365 -30.71 -13.34 -9.16
CA GLU F 365 -29.43 -13.21 -9.86
C GLU F 365 -29.28 -14.27 -10.95
N VAL F 366 -28.85 -13.84 -12.12
CA VAL F 366 -28.66 -14.75 -13.25
C VAL F 366 -27.25 -14.67 -13.82
N ASP F 367 -26.52 -15.77 -13.74
CA ASP F 367 -25.16 -15.83 -14.27
C ASP F 367 -25.17 -16.13 -15.76
N ILE F 368 -24.66 -15.20 -16.55
CA ILE F 368 -24.61 -15.38 -18.01
C ILE F 368 -23.16 -15.44 -18.50
N GLY F 369 -22.52 -16.58 -18.30
CA GLY F 369 -21.16 -16.78 -18.74
C GLY F 369 -21.06 -16.95 -20.24
N ILE F 370 -19.87 -17.25 -20.74
CA ILE F 370 -19.66 -17.49 -22.15
C ILE F 370 -20.44 -18.72 -22.62
N PRO F 371 -20.89 -18.71 -23.89
CA PRO F 371 -21.61 -19.87 -24.43
C PRO F 371 -20.68 -21.06 -24.65
N ASP F 372 -21.24 -22.27 -24.60
CA ASP F 372 -20.47 -23.48 -24.83
C ASP F 372 -20.44 -23.81 -26.33
N ALA F 373 -20.10 -25.06 -26.64
CA ALA F 373 -20.09 -25.53 -28.03
C ALA F 373 -21.49 -25.43 -28.62
N THR F 374 -22.47 -25.96 -27.92
CA THR F 374 -23.86 -25.91 -28.35
C THR F 374 -24.38 -24.47 -28.37
N GLY F 375 -23.93 -23.69 -27.40
CA GLY F 375 -24.32 -22.29 -27.29
C GLY F 375 -23.88 -21.44 -28.46
N ARG F 376 -22.60 -21.50 -28.78
CA ARG F 376 -22.03 -20.72 -29.89
C ARG F 376 -22.63 -21.12 -31.24
N LEU F 377 -22.97 -22.39 -31.39
CA LEU F 377 -23.61 -22.87 -32.61
C LEU F 377 -24.94 -22.15 -32.82
N GLU F 378 -25.71 -22.03 -31.75
CA GLU F 378 -26.99 -21.32 -31.80
C GLU F 378 -26.78 -19.87 -32.22
N ILE F 379 -25.72 -19.26 -31.70
CA ILE F 379 -25.39 -17.87 -32.03
C ILE F 379 -24.96 -17.73 -33.49
N LEU F 380 -24.13 -18.66 -33.94
CA LEU F 380 -23.61 -18.63 -35.31
C LEU F 380 -24.74 -18.67 -36.34
N GLN F 381 -25.79 -19.43 -36.02
CA GLN F 381 -26.96 -19.50 -36.90
C GLN F 381 -27.67 -18.15 -36.97
N ILE F 382 -27.56 -17.37 -35.91
CA ILE F 382 -28.20 -16.06 -35.85
C ILE F 382 -27.41 -15.02 -36.65
N HIS F 383 -26.09 -15.17 -36.68
CA HIS F 383 -25.24 -14.22 -37.40
C HIS F 383 -25.03 -14.62 -38.85
N THR F 384 -25.37 -15.86 -39.19
CA THR F 384 -25.22 -16.34 -40.57
C THR F 384 -26.56 -16.61 -41.24
N LYS F 385 -27.64 -16.09 -40.68
CA LYS F 385 -28.97 -16.30 -41.22
C LYS F 385 -29.21 -15.49 -42.49
N ASN F 386 -28.35 -14.50 -42.72
CA ASN F 386 -28.51 -13.62 -43.88
C ASN F 386 -27.50 -13.90 -44.98
N MET F 387 -26.36 -14.47 -44.62
CA MET F 387 -25.30 -14.74 -45.58
C MET F 387 -25.41 -16.15 -46.16
N LYS F 388 -24.95 -16.31 -47.40
CA LYS F 388 -25.05 -17.57 -48.10
C LYS F 388 -23.92 -18.52 -47.72
N LEU F 389 -24.20 -19.43 -46.79
CA LEU F 389 -23.22 -20.43 -46.37
C LEU F 389 -23.15 -21.56 -47.39
N ALA F 390 -21.92 -21.95 -47.75
CA ALA F 390 -21.71 -23.04 -48.69
C ALA F 390 -21.97 -24.41 -48.08
N ASP F 391 -21.87 -25.45 -48.90
CA ASP F 391 -22.12 -26.82 -48.44
C ASP F 391 -20.97 -27.33 -47.57
N ASP F 392 -19.76 -26.93 -47.90
CA ASP F 392 -18.58 -27.39 -47.17
C ASP F 392 -18.47 -26.71 -45.81
N VAL F 393 -19.20 -25.61 -45.66
CA VAL F 393 -19.18 -24.84 -44.42
C VAL F 393 -19.90 -25.57 -43.29
N ASP F 394 -19.14 -25.93 -42.25
CA ASP F 394 -19.73 -26.55 -41.08
C ASP F 394 -19.61 -25.62 -39.88
N LEU F 395 -20.66 -24.86 -39.62
CA LEU F 395 -20.66 -23.86 -38.55
C LEU F 395 -20.55 -24.51 -37.19
N GLU F 396 -21.04 -25.74 -37.07
CA GLU F 396 -20.99 -26.47 -35.82
C GLU F 396 -19.54 -26.81 -35.47
N GLN F 397 -18.74 -27.04 -36.50
CA GLN F 397 -17.32 -27.32 -36.32
C GLN F 397 -16.60 -26.11 -35.72
N VAL F 398 -16.94 -24.93 -36.23
CA VAL F 398 -16.32 -23.69 -35.77
C VAL F 398 -16.65 -23.45 -34.30
N ALA F 399 -17.87 -23.81 -33.91
CA ALA F 399 -18.33 -23.62 -32.54
C ALA F 399 -17.55 -24.50 -31.57
N ASN F 400 -17.06 -25.64 -32.05
CA ASN F 400 -16.31 -26.57 -31.20
C ASN F 400 -14.87 -26.14 -30.94
N GLU F 401 -14.28 -25.42 -31.89
CA GLU F 401 -12.89 -25.01 -31.78
C GLU F 401 -12.73 -23.54 -31.36
N THR F 402 -13.84 -22.91 -31.01
CA THR F 402 -13.82 -21.57 -30.42
C THR F 402 -13.82 -21.67 -28.89
N HIS F 403 -12.65 -22.02 -28.34
CA HIS F 403 -12.53 -22.35 -26.92
C HIS F 403 -13.07 -21.31 -25.94
N GLY F 404 -12.84 -20.04 -26.22
CA GLY F 404 -13.27 -18.99 -25.31
C GLY F 404 -13.78 -17.73 -26.00
N HIS F 405 -14.91 -17.86 -26.68
CA HIS F 405 -15.50 -16.73 -27.40
C HIS F 405 -16.90 -16.39 -26.88
N VAL F 406 -17.17 -15.10 -26.75
CA VAL F 406 -18.48 -14.62 -26.33
C VAL F 406 -19.33 -14.30 -27.56
N GLY F 407 -20.57 -13.87 -27.33
CA GLY F 407 -21.50 -13.55 -28.39
C GLY F 407 -21.01 -12.48 -29.36
N ALA F 408 -20.47 -11.40 -28.81
CA ALA F 408 -19.96 -10.28 -29.62
C ALA F 408 -18.79 -10.68 -30.52
N ASP F 409 -17.95 -11.58 -30.03
CA ASP F 409 -16.77 -12.01 -30.77
C ASP F 409 -17.13 -12.78 -32.04
N LEU F 410 -18.24 -13.50 -31.99
CA LEU F 410 -18.72 -14.25 -33.15
C LEU F 410 -19.20 -13.31 -34.25
N ALA F 411 -19.70 -12.14 -33.84
CA ALA F 411 -20.15 -11.13 -34.79
C ALA F 411 -18.97 -10.59 -35.60
N ALA F 412 -17.92 -10.19 -34.90
CA ALA F 412 -16.71 -9.69 -35.55
C ALA F 412 -16.00 -10.80 -36.32
N LEU F 413 -16.22 -12.04 -35.89
CA LEU F 413 -15.64 -13.20 -36.54
C LEU F 413 -16.25 -13.40 -37.93
N CYS F 414 -17.57 -13.36 -38.00
CA CYS F 414 -18.29 -13.51 -39.26
C CYS F 414 -18.03 -12.32 -40.17
N SER F 415 -17.96 -11.14 -39.57
CA SER F 415 -17.74 -9.90 -40.33
C SER F 415 -16.39 -9.88 -41.04
N GLU F 416 -15.33 -10.20 -40.29
CA GLU F 416 -13.97 -10.18 -40.85
C GLU F 416 -13.77 -11.32 -41.85
N ALA F 417 -14.58 -12.36 -41.73
CA ALA F 417 -14.51 -13.50 -42.64
C ALA F 417 -15.23 -13.18 -43.95
N ALA F 418 -16.26 -12.35 -43.85
CA ALA F 418 -17.00 -11.90 -45.03
C ALA F 418 -16.13 -11.00 -45.89
N LEU F 419 -15.34 -10.15 -45.22
CA LEU F 419 -14.44 -9.24 -45.92
C LEU F 419 -13.38 -10.00 -46.71
N GLN F 420 -13.02 -11.18 -46.21
CA GLN F 420 -12.08 -12.04 -46.92
C GLN F 420 -12.70 -12.53 -48.23
N ALA F 421 -13.99 -12.88 -48.17
CA ALA F 421 -14.71 -13.33 -49.34
C ALA F 421 -15.07 -12.18 -50.28
N ILE F 422 -15.07 -10.97 -49.75
CA ILE F 422 -15.41 -9.79 -50.55
C ILE F 422 -14.21 -9.24 -51.30
N ARG F 423 -13.06 -9.18 -50.62
CA ARG F 423 -11.84 -8.62 -51.22
C ARG F 423 -11.20 -9.54 -52.26
N LYS F 424 -12.02 -10.38 -52.90
CA LYS F 424 -11.54 -11.27 -53.95
C LYS F 424 -12.48 -11.23 -55.14
N LYS F 425 -13.63 -10.59 -54.95
CA LYS F 425 -14.66 -10.52 -55.99
C LYS F 425 -14.73 -9.16 -56.69
N MET F 426 -15.66 -8.33 -56.27
CA MET F 426 -15.90 -7.03 -56.89
C MET F 426 -14.76 -6.05 -56.61
N ASP F 427 -13.86 -6.41 -55.70
CA ASP F 427 -12.70 -5.57 -55.37
C ASP F 427 -11.84 -5.27 -56.59
N LEU F 428 -11.72 -6.27 -57.47
CA LEU F 428 -10.97 -6.09 -58.72
C LEU F 428 -11.77 -5.25 -59.71
N ILE F 429 -13.09 -5.38 -59.66
CA ILE F 429 -13.98 -4.62 -60.53
C ILE F 429 -14.10 -3.17 -60.05
N ASP F 430 -14.31 -3.01 -58.75
CA ASP F 430 -14.45 -1.70 -58.12
C ASP F 430 -15.61 -0.89 -58.71
N LEU F 431 -16.76 -0.95 -58.04
CA LEU F 431 -17.92 -0.18 -58.47
C LEU F 431 -18.15 1.01 -57.55
N GLU F 432 -17.47 2.11 -57.86
CA GLU F 432 -17.56 3.31 -57.05
C GLU F 432 -18.95 3.93 -57.19
N ASP F 433 -19.85 3.50 -56.29
CA ASP F 433 -21.23 3.98 -56.31
C ASP F 433 -21.76 4.13 -54.89
N GLU F 434 -22.86 4.85 -54.74
CA GLU F 434 -23.49 5.02 -53.44
C GLU F 434 -24.44 3.86 -53.16
N THR F 435 -24.60 2.99 -54.15
CA THR F 435 -25.43 1.79 -54.01
C THR F 435 -24.91 0.64 -54.86
N ILE F 436 -24.49 -0.44 -54.20
CA ILE F 436 -23.97 -1.61 -54.89
C ILE F 436 -25.13 -2.47 -55.41
N ASP F 437 -24.97 -3.03 -56.61
CA ASP F 437 -26.02 -3.84 -57.23
C ASP F 437 -26.22 -5.15 -56.47
N ALA F 438 -27.46 -5.61 -56.43
CA ALA F 438 -27.83 -6.79 -55.65
C ALA F 438 -27.52 -8.12 -56.35
N GLU F 439 -27.64 -8.14 -57.67
CA GLU F 439 -27.41 -9.36 -58.44
C GLU F 439 -25.98 -9.89 -58.28
N VAL F 440 -25.02 -8.98 -58.21
CA VAL F 440 -23.63 -9.36 -58.02
C VAL F 440 -23.40 -9.93 -56.63
N MET F 441 -24.05 -9.33 -55.64
CA MET F 441 -23.88 -9.73 -54.24
C MET F 441 -24.65 -11.00 -53.89
N ASN F 442 -25.79 -11.20 -54.53
CA ASN F 442 -26.63 -12.36 -54.25
C ASN F 442 -25.94 -13.66 -54.68
N SER F 443 -25.13 -13.57 -55.72
CA SER F 443 -24.40 -14.74 -56.22
C SER F 443 -23.20 -15.05 -55.33
N LEU F 444 -22.76 -14.06 -54.56
CA LEU F 444 -21.61 -14.20 -53.68
C LEU F 444 -21.89 -15.19 -52.55
N ALA F 445 -20.90 -16.03 -52.26
CA ALA F 445 -21.01 -17.01 -51.18
C ALA F 445 -19.72 -17.06 -50.37
N VAL F 446 -19.83 -17.50 -49.12
CA VAL F 446 -18.68 -17.57 -48.23
C VAL F 446 -18.24 -19.02 -48.03
N THR F 447 -16.95 -19.27 -48.21
CA THR F 447 -16.40 -20.61 -48.09
C THR F 447 -15.86 -20.89 -46.68
N MET F 448 -15.51 -22.15 -46.44
CA MET F 448 -14.99 -22.56 -45.14
C MET F 448 -13.64 -21.93 -44.86
N ASP F 449 -12.86 -21.70 -45.91
CA ASP F 449 -11.53 -21.10 -45.78
C ASP F 449 -11.60 -19.63 -45.38
N ASP F 450 -12.69 -18.97 -45.76
CA ASP F 450 -12.89 -17.57 -45.39
C ASP F 450 -13.07 -17.45 -43.88
N PHE F 451 -13.74 -18.43 -43.28
CA PHE F 451 -13.91 -18.48 -41.85
C PHE F 451 -12.59 -18.80 -41.17
N ARG F 452 -11.74 -19.54 -41.88
CA ARG F 452 -10.41 -19.90 -41.38
C ARG F 452 -9.52 -18.67 -41.25
N TRP F 453 -9.57 -17.79 -42.24
CA TRP F 453 -8.74 -16.60 -42.27
C TRP F 453 -9.08 -15.63 -41.13
N ALA F 454 -10.37 -15.56 -40.78
CA ALA F 454 -10.82 -14.69 -39.70
C ALA F 454 -10.25 -15.16 -38.37
N LEU F 455 -10.22 -16.48 -38.18
CA LEU F 455 -9.65 -17.06 -36.97
C LEU F 455 -8.15 -16.85 -36.93
N SER F 456 -7.54 -16.77 -38.11
CA SER F 456 -6.09 -16.60 -38.24
C SER F 456 -5.64 -15.20 -37.80
N GLN F 457 -6.56 -14.23 -37.86
CA GLN F 457 -6.25 -12.86 -37.50
C GLN F 457 -6.10 -12.70 -35.98
N SER F 458 -5.97 -11.46 -35.52
CA SER F 458 -5.79 -11.20 -34.09
C SER F 458 -7.10 -10.90 -33.39
N ASN F 459 -8.20 -10.91 -34.15
CA ASN F 459 -9.52 -10.64 -33.58
C ASN F 459 -10.19 -11.76 -32.75
N PRO F 460 -9.79 -13.04 -32.93
CA PRO F 460 -10.41 -14.01 -32.03
C PRO F 460 -9.87 -13.95 -30.60
N SER F 461 -8.96 -13.01 -30.33
CA SER F 461 -8.41 -12.83 -28.99
C SER F 461 -9.50 -12.37 -28.02
N ALA F 462 -10.37 -13.30 -27.64
CA ALA F 462 -11.45 -13.00 -26.71
C ALA F 462 -11.06 -13.38 -25.29
N LEU F 463 -11.73 -12.77 -24.31
CA LEU F 463 -11.46 -13.04 -22.91
C LEU F 463 -11.71 -14.51 -22.56
N ARG F 464 -10.77 -15.09 -21.82
CA ARG F 464 -10.89 -16.49 -21.41
C ARG F 464 -11.02 -16.62 -19.89
N GLU F 465 -12.14 -17.21 -19.46
CA GLU F 465 -12.39 -17.40 -18.04
C GLU F 465 -12.57 -18.88 -17.74
N THR F 466 -13.06 -19.18 -16.53
CA THR F 466 -13.38 -20.55 -16.16
C THR F 466 -14.62 -21.00 -16.92
N VAL F 467 -14.45 -21.94 -17.84
CA VAL F 467 -15.54 -22.38 -18.71
C VAL F 467 -16.41 -23.42 -18.02
N VAL F 468 -17.67 -23.07 -17.80
CA VAL F 468 -18.64 -24.00 -17.22
C VAL F 468 -19.61 -24.48 -18.28
N GLU F 469 -19.44 -25.73 -18.70
CA GLU F 469 -20.27 -26.29 -19.77
C GLU F 469 -20.62 -27.75 -19.49
N VAL F 470 -21.44 -28.31 -20.36
CA VAL F 470 -21.79 -29.73 -20.27
C VAL F 470 -20.88 -30.54 -21.17
N PRO F 471 -20.17 -31.52 -20.58
CA PRO F 471 -19.19 -32.36 -21.29
C PRO F 471 -19.78 -33.07 -22.49
N GLN F 472 -19.09 -32.97 -23.63
CA GLN F 472 -19.54 -33.61 -24.87
C GLN F 472 -18.88 -34.98 -25.05
N VAL F 473 -18.55 -35.62 -23.94
CA VAL F 473 -17.92 -36.94 -23.98
C VAL F 473 -18.70 -37.97 -23.16
N THR F 474 -19.09 -39.06 -23.82
CA THR F 474 -19.86 -40.11 -23.17
C THR F 474 -18.96 -41.20 -22.60
N TRP F 475 -19.57 -42.30 -22.19
CA TRP F 475 -18.81 -43.43 -21.64
C TRP F 475 -18.14 -44.20 -22.77
N GLU F 476 -18.64 -44.01 -23.99
CA GLU F 476 -18.13 -44.74 -25.15
C GLU F 476 -16.69 -44.37 -25.51
N ASP F 477 -16.20 -43.27 -24.94
CA ASP F 477 -14.83 -42.87 -25.17
C ASP F 477 -13.89 -43.58 -24.20
N ILE F 478 -14.47 -44.26 -23.22
CA ILE F 478 -13.70 -45.05 -22.27
C ILE F 478 -14.22 -46.49 -22.25
N GLY F 479 -13.40 -47.41 -22.72
CA GLY F 479 -13.79 -48.80 -22.87
C GLY F 479 -13.97 -49.56 -21.56
N GLY F 480 -15.04 -50.35 -21.49
CA GLY F 480 -15.28 -51.21 -20.34
C GLY F 480 -15.52 -50.45 -19.05
N LEU F 481 -15.07 -51.06 -17.94
CA LEU F 481 -15.24 -50.49 -16.61
C LEU F 481 -16.71 -50.23 -16.31
N GLU F 482 -17.50 -51.29 -16.31
CA GLU F 482 -18.94 -51.19 -16.06
C GLU F 482 -19.22 -51.05 -14.58
N ASP F 483 -18.27 -51.48 -13.75
CA ASP F 483 -18.42 -51.39 -12.30
C ASP F 483 -18.40 -49.95 -11.80
N VAL F 484 -17.52 -49.13 -12.38
CA VAL F 484 -17.41 -47.73 -11.97
C VAL F 484 -18.51 -46.86 -12.56
N LYS F 485 -19.16 -47.35 -13.62
CA LYS F 485 -20.27 -46.64 -14.22
C LYS F 485 -21.41 -46.58 -13.22
N ARG F 486 -21.82 -47.76 -12.75
CA ARG F 486 -22.90 -47.87 -11.78
C ARG F 486 -22.47 -47.27 -10.44
N GLU F 487 -21.18 -47.34 -10.14
CA GLU F 487 -20.64 -46.75 -8.93
C GLU F 487 -20.85 -45.24 -8.91
N LEU F 488 -20.49 -44.58 -10.01
CA LEU F 488 -20.67 -43.14 -10.13
C LEU F 488 -22.15 -42.77 -10.21
N GLN F 489 -22.93 -43.60 -10.89
CA GLN F 489 -24.37 -43.37 -11.02
C GLN F 489 -25.09 -43.42 -9.67
N GLU F 490 -24.65 -44.32 -8.80
CA GLU F 490 -25.22 -44.42 -7.46
C GLU F 490 -24.92 -43.16 -6.65
N LEU F 491 -23.88 -42.44 -7.05
CA LEU F 491 -23.43 -41.27 -6.30
C LEU F 491 -24.01 -39.95 -6.80
N VAL F 492 -24.37 -39.88 -8.08
CA VAL F 492 -24.90 -38.64 -8.64
C VAL F 492 -26.23 -38.79 -9.40
N GLN F 493 -26.38 -39.88 -10.14
CA GLN F 493 -27.60 -40.11 -10.92
C GLN F 493 -28.81 -40.35 -10.02
N TYR F 494 -28.61 -41.16 -8.99
CA TYR F 494 -29.70 -41.49 -8.07
C TYR F 494 -30.25 -40.31 -7.24
N PRO F 495 -29.37 -39.49 -6.64
CA PRO F 495 -29.92 -38.40 -5.82
C PRO F 495 -30.55 -37.26 -6.63
N VAL F 496 -30.58 -37.38 -7.96
CA VAL F 496 -31.19 -36.35 -8.80
C VAL F 496 -32.39 -36.89 -9.58
N GLU F 497 -32.35 -38.16 -9.94
CA GLU F 497 -33.43 -38.77 -10.71
C GLU F 497 -34.41 -39.50 -9.80
N HIS F 498 -33.97 -39.78 -8.57
CA HIS F 498 -34.85 -40.37 -7.56
C HIS F 498 -34.66 -39.73 -6.19
N PRO F 499 -35.02 -38.43 -6.07
CA PRO F 499 -34.86 -37.77 -4.78
C PRO F 499 -35.93 -38.21 -3.79
N ASP F 500 -37.08 -38.64 -4.31
CA ASP F 500 -38.17 -39.14 -3.48
C ASP F 500 -37.78 -40.45 -2.79
N LYS F 501 -36.95 -41.24 -3.46
CA LYS F 501 -36.53 -42.53 -2.95
C LYS F 501 -35.56 -42.38 -1.78
N PHE F 502 -34.73 -41.35 -1.83
CA PHE F 502 -33.78 -41.05 -0.75
C PHE F 502 -34.52 -40.64 0.52
N LEU F 503 -35.65 -39.96 0.36
CA LEU F 503 -36.45 -39.53 1.49
C LEU F 503 -37.21 -40.72 2.08
N LYS F 504 -37.45 -41.72 1.24
CA LYS F 504 -38.12 -42.93 1.68
C LYS F 504 -37.24 -43.73 2.63
N PHE F 505 -35.95 -43.80 2.31
CA PHE F 505 -35.01 -44.58 3.12
C PHE F 505 -34.30 -43.73 4.17
N GLY F 506 -34.30 -42.42 3.98
CA GLY F 506 -33.80 -41.50 4.99
C GLY F 506 -32.33 -41.17 4.94
N MET F 507 -31.59 -41.85 4.07
CA MET F 507 -30.15 -41.62 3.95
C MET F 507 -29.84 -40.30 3.26
N THR F 508 -28.63 -39.78 3.51
CA THR F 508 -28.17 -38.56 2.87
C THR F 508 -27.11 -38.88 1.82
N PRO F 509 -27.24 -38.27 0.62
CA PRO F 509 -26.35 -38.51 -0.51
C PRO F 509 -24.89 -38.17 -0.19
N SER F 510 -23.96 -38.90 -0.80
CA SER F 510 -22.54 -38.63 -0.64
C SER F 510 -22.22 -37.28 -1.25
N LYS F 511 -21.29 -36.55 -0.64
CA LYS F 511 -20.97 -35.20 -1.08
C LYS F 511 -19.79 -35.11 -2.06
N GLY F 512 -19.01 -36.18 -2.16
CA GLY F 512 -17.88 -36.18 -3.06
C GLY F 512 -17.08 -37.48 -3.13
N VAL F 513 -16.31 -37.62 -4.21
CA VAL F 513 -15.48 -38.80 -4.44
C VAL F 513 -14.07 -38.38 -4.85
N LEU F 514 -13.07 -39.17 -4.47
CA LEU F 514 -11.69 -38.92 -4.86
C LEU F 514 -11.18 -40.01 -5.80
N PHE F 515 -10.68 -39.59 -6.96
CA PHE F 515 -10.09 -40.50 -7.92
C PHE F 515 -8.58 -40.61 -7.71
N TYR F 516 -8.08 -41.83 -7.56
CA TYR F 516 -6.65 -42.06 -7.42
C TYR F 516 -6.15 -43.17 -8.33
N GLY F 517 -4.91 -43.05 -8.79
CA GLY F 517 -4.35 -44.00 -9.72
C GLY F 517 -3.27 -43.37 -10.57
N PRO F 518 -2.71 -44.14 -11.51
CA PRO F 518 -1.63 -43.65 -12.39
C PRO F 518 -2.14 -42.61 -13.38
N PRO F 519 -1.29 -41.64 -13.74
CA PRO F 519 -1.65 -40.54 -14.65
C PRO F 519 -2.05 -41.04 -16.04
N GLY F 520 -2.94 -40.31 -16.70
CA GLY F 520 -3.36 -40.64 -18.05
C GLY F 520 -4.22 -41.88 -18.14
N CYS F 521 -5.12 -42.05 -17.18
CA CYS F 521 -6.02 -43.20 -17.17
C CYS F 521 -7.48 -42.80 -17.32
N GLY F 522 -7.71 -41.54 -17.66
CA GLY F 522 -9.05 -41.05 -17.92
C GLY F 522 -9.83 -40.66 -16.69
N LYS F 523 -9.13 -40.13 -15.69
CA LYS F 523 -9.79 -39.64 -14.48
C LYS F 523 -10.61 -38.41 -14.84
N THR F 524 -10.03 -37.52 -15.63
CA THR F 524 -10.71 -36.32 -16.09
C THR F 524 -11.86 -36.67 -17.03
N LEU F 525 -11.61 -37.61 -17.95
CA LEU F 525 -12.61 -38.03 -18.92
C LEU F 525 -13.80 -38.70 -18.25
N LEU F 526 -13.53 -39.48 -17.21
CA LEU F 526 -14.60 -40.14 -16.45
C LEU F 526 -15.47 -39.10 -15.75
N ALA F 527 -14.82 -38.15 -15.09
CA ALA F 527 -15.52 -37.08 -14.38
C ALA F 527 -16.41 -36.27 -15.34
N LYS F 528 -15.97 -36.14 -16.58
CA LYS F 528 -16.77 -35.48 -17.60
C LYS F 528 -17.87 -36.42 -18.12
N ALA F 529 -17.51 -37.68 -18.31
CA ALA F 529 -18.46 -38.67 -18.84
C ALA F 529 -19.66 -38.86 -17.93
N ILE F 530 -19.43 -38.85 -16.61
CA ILE F 530 -20.52 -39.01 -15.66
C ILE F 530 -21.39 -37.77 -15.63
N ALA F 531 -20.77 -36.61 -15.88
CA ALA F 531 -21.50 -35.36 -15.96
C ALA F 531 -22.34 -35.33 -17.23
N ASN F 532 -21.83 -35.98 -18.27
CA ASN F 532 -22.55 -36.09 -19.54
C ASN F 532 -23.79 -36.96 -19.42
N GLU F 533 -23.69 -38.00 -18.58
CA GLU F 533 -24.82 -38.89 -18.35
C GLU F 533 -25.92 -38.18 -17.59
N CYS F 534 -25.53 -37.34 -16.64
CA CYS F 534 -26.47 -36.56 -15.85
C CYS F 534 -26.86 -35.27 -16.58
N GLN F 535 -26.18 -34.99 -17.68
CA GLN F 535 -26.38 -33.74 -18.43
C GLN F 535 -26.20 -32.51 -17.54
N ALA F 536 -25.24 -32.60 -16.62
CA ALA F 536 -24.98 -31.50 -15.70
C ALA F 536 -23.79 -30.66 -16.16
N ASN F 537 -23.56 -29.54 -15.48
CA ASN F 537 -22.45 -28.66 -15.79
C ASN F 537 -21.13 -29.19 -15.23
N PHE F 538 -20.03 -28.81 -15.87
CA PHE F 538 -18.71 -29.29 -15.47
C PHE F 538 -17.75 -28.12 -15.27
N ILE F 539 -16.98 -28.18 -14.18
CA ILE F 539 -15.99 -27.15 -13.90
C ILE F 539 -14.63 -27.79 -13.66
N SER F 540 -13.64 -27.40 -14.47
CA SER F 540 -12.32 -28.00 -14.38
C SER F 540 -11.33 -27.04 -13.73
N ILE F 541 -11.07 -27.26 -12.45
CA ILE F 541 -10.08 -26.47 -11.72
C ILE F 541 -8.72 -27.15 -11.79
N LYS F 542 -7.87 -26.64 -12.67
CA LYS F 542 -6.57 -27.24 -12.91
C LYS F 542 -5.62 -27.07 -11.74
N GLY F 543 -4.60 -27.91 -11.69
CA GLY F 543 -3.57 -27.84 -10.67
C GLY F 543 -2.93 -26.46 -10.51
N PRO F 544 -2.33 -25.92 -11.59
CA PRO F 544 -1.76 -24.58 -11.57
C PRO F 544 -2.70 -23.51 -11.01
N GLU F 545 -4.00 -23.69 -11.20
CA GLU F 545 -4.98 -22.74 -10.69
C GLU F 545 -5.02 -22.77 -9.16
N LEU F 546 -4.88 -23.97 -8.60
CA LEU F 546 -4.82 -24.13 -7.14
C LEU F 546 -3.55 -23.52 -6.57
N LEU F 547 -2.42 -23.78 -7.24
CA LEU F 547 -1.14 -23.25 -6.80
C LEU F 547 -1.07 -21.74 -6.91
N THR F 548 -1.78 -21.18 -7.89
CA THR F 548 -1.83 -19.74 -8.08
C THR F 548 -2.43 -19.08 -6.85
N MET F 549 -3.40 -19.74 -6.24
CA MET F 549 -4.00 -19.27 -5.00
C MET F 549 -3.04 -19.50 -3.84
N TRP F 550 -2.32 -20.61 -3.89
CA TRP F 550 -1.37 -20.98 -2.84
C TRP F 550 -0.20 -20.00 -2.75
N PHE F 551 0.46 -19.77 -3.89
CA PHE F 551 1.59 -18.85 -3.93
C PHE F 551 1.15 -17.42 -3.71
N GLY F 552 -0.04 -17.07 -4.21
CA GLY F 552 -0.55 -15.73 -4.11
C GLY F 552 -1.26 -15.46 -2.80
N GLU F 553 -1.30 -16.46 -1.94
CA GLU F 553 -1.94 -16.37 -0.63
C GLU F 553 -3.41 -15.94 -0.72
N SER F 554 -4.08 -16.38 -1.78
CA SER F 554 -5.45 -16.00 -2.03
C SER F 554 -6.39 -17.21 -2.00
N GLU F 555 -6.57 -17.78 -0.80
CA GLU F 555 -7.46 -18.92 -0.63
C GLU F 555 -8.93 -18.47 -0.63
N ALA F 556 -9.14 -17.15 -0.67
CA ALA F 556 -10.48 -16.58 -0.69
C ALA F 556 -11.25 -16.94 -1.96
N ASN F 557 -10.53 -17.08 -3.06
CA ASN F 557 -11.15 -17.40 -4.35
C ASN F 557 -11.88 -18.73 -4.36
N VAL F 558 -11.53 -19.61 -3.42
CA VAL F 558 -12.19 -20.91 -3.28
C VAL F 558 -13.69 -20.73 -3.10
N ARG F 559 -14.07 -19.79 -2.25
CA ARG F 559 -15.47 -19.45 -2.01
C ARG F 559 -16.19 -19.08 -3.31
N GLU F 560 -15.51 -18.30 -4.14
CA GLU F 560 -16.09 -17.83 -5.40
C GLU F 560 -16.42 -18.98 -6.35
N ILE F 561 -15.61 -20.03 -6.31
CA ILE F 561 -15.82 -21.20 -7.16
C ILE F 561 -17.12 -21.92 -6.84
N PHE F 562 -17.31 -22.25 -5.57
CA PHE F 562 -18.50 -22.95 -5.11
C PHE F 562 -19.78 -22.19 -5.44
N ASP F 563 -19.75 -20.87 -5.30
CA ASP F 563 -20.92 -20.06 -5.63
C ASP F 563 -21.19 -20.12 -7.12
N LYS F 564 -20.11 -20.13 -7.92
CA LYS F 564 -20.22 -20.19 -9.37
C LYS F 564 -20.70 -21.58 -9.81
N ALA F 565 -20.35 -22.59 -9.02
CA ALA F 565 -20.78 -23.95 -9.28
C ALA F 565 -22.23 -24.16 -8.85
N ARG F 566 -22.60 -23.53 -7.74
CA ARG F 566 -23.96 -23.62 -7.21
C ARG F 566 -24.96 -22.96 -8.17
N GLN F 567 -24.51 -21.93 -8.88
CA GLN F 567 -25.37 -21.20 -9.80
C GLN F 567 -25.37 -21.88 -11.18
N ALA F 568 -25.02 -23.16 -11.19
CA ALA F 568 -25.03 -23.95 -12.41
C ALA F 568 -25.51 -25.36 -12.08
N ALA F 569 -26.19 -25.49 -10.94
CA ALA F 569 -26.73 -26.77 -10.49
C ALA F 569 -27.80 -27.28 -11.44
N PRO F 570 -27.80 -28.60 -11.73
CA PRO F 570 -26.85 -29.61 -11.25
C PRO F 570 -25.48 -29.46 -11.89
N CYS F 571 -24.42 -29.66 -11.11
CA CYS F 571 -23.06 -29.45 -11.59
C CYS F 571 -22.06 -30.36 -10.90
N VAL F 572 -20.98 -30.68 -11.61
CA VAL F 572 -19.90 -31.49 -11.05
C VAL F 572 -18.63 -30.65 -10.94
N LEU F 573 -18.19 -30.42 -9.71
CA LEU F 573 -16.99 -29.64 -9.45
C LEU F 573 -15.77 -30.55 -9.42
N PHE F 574 -14.91 -30.41 -10.43
CA PHE F 574 -13.78 -31.31 -10.59
C PHE F 574 -12.44 -30.64 -10.29
N PHE F 575 -11.72 -31.20 -9.33
CA PHE F 575 -10.40 -30.72 -8.95
C PHE F 575 -9.34 -31.67 -9.47
N ASP F 576 -8.79 -31.37 -10.65
CA ASP F 576 -7.75 -32.22 -11.22
C ASP F 576 -6.42 -31.97 -10.51
N GLU F 577 -5.72 -33.05 -10.18
CA GLU F 577 -4.43 -32.99 -9.51
C GLU F 577 -4.53 -32.23 -8.18
N LEU F 578 -5.33 -32.75 -7.26
CA LEU F 578 -5.55 -32.14 -5.96
C LEU F 578 -4.25 -32.06 -5.15
N ASP F 579 -3.41 -33.09 -5.29
CA ASP F 579 -2.18 -33.20 -4.54
C ASP F 579 -1.13 -32.14 -4.90
N SER F 580 -1.40 -31.39 -5.98
CA SER F 580 -0.46 -30.42 -6.52
C SER F 580 0.09 -29.47 -5.46
N ILE F 581 -0.76 -29.05 -4.53
CA ILE F 581 -0.33 -28.21 -3.42
C ILE F 581 0.64 -28.95 -2.52
N ALA F 582 0.25 -30.14 -2.09
CA ALA F 582 1.08 -30.98 -1.23
C ALA F 582 2.40 -31.32 -1.92
N LYS F 583 2.36 -31.45 -3.25
CA LYS F 583 3.56 -31.72 -4.03
C LYS F 583 4.55 -30.57 -3.91
N ALA F 584 4.02 -29.35 -3.85
CA ALA F 584 4.85 -28.16 -3.73
C ALA F 584 5.56 -28.10 -2.37
N ARG F 585 4.92 -28.66 -1.35
CA ARG F 585 5.50 -28.68 -0.02
C ARG F 585 6.42 -29.89 0.20
N GLY F 586 6.96 -30.42 -0.89
CA GLY F 586 7.87 -31.54 -0.81
C GLY F 586 7.24 -32.90 -1.06
N GLY F 587 6.07 -33.12 -0.49
CA GLY F 587 5.36 -34.38 -0.67
C GLY F 587 5.93 -35.49 0.18
N ASN F 588 7.07 -36.03 -0.24
CA ASN F 588 7.72 -37.13 0.46
C ASN F 588 8.14 -36.76 1.88
N ILE F 589 8.91 -35.68 1.99
CA ILE F 589 9.33 -35.18 3.29
C ILE F 589 8.90 -33.72 3.43
N GLY F 590 9.56 -32.84 2.69
CA GLY F 590 9.23 -31.42 2.70
C GLY F 590 9.40 -30.78 4.06
N ASP F 591 8.32 -30.23 4.59
CA ASP F 591 8.36 -29.58 5.88
C ASP F 591 8.01 -30.57 6.98
N GLY F 592 8.30 -30.19 8.22
CA GLY F 592 7.93 -31.02 9.36
C GLY F 592 6.48 -30.80 9.69
N GLY F 593 6.01 -29.57 9.43
CA GLY F 593 4.66 -29.16 9.75
C GLY F 593 3.54 -29.96 9.12
N GLY F 594 2.35 -29.79 9.68
CA GLY F 594 1.07 -30.35 9.25
C GLY F 594 0.77 -31.00 7.92
N ALA F 595 -0.50 -31.38 7.76
CA ALA F 595 -0.98 -32.03 6.56
C ALA F 595 -1.92 -31.11 5.78
N ALA F 596 -2.32 -30.01 6.40
CA ALA F 596 -3.29 -29.10 5.80
C ALA F 596 -2.68 -27.74 5.46
N ASP F 597 -3.19 -27.13 4.40
CA ASP F 597 -2.77 -25.79 3.99
C ASP F 597 -4.01 -24.91 3.80
N ARG F 598 -3.79 -23.61 3.69
CA ARG F 598 -4.88 -22.64 3.65
C ARG F 598 -5.85 -22.84 2.49
N VAL F 599 -5.34 -23.26 1.34
CA VAL F 599 -6.16 -23.42 0.14
C VAL F 599 -7.07 -24.64 0.24
N ILE F 600 -6.48 -25.80 0.54
CA ILE F 600 -7.23 -27.04 0.67
C ILE F 600 -8.25 -26.93 1.80
N ASN F 601 -7.85 -26.26 2.88
CA ASN F 601 -8.72 -26.05 4.03
C ASN F 601 -9.98 -25.26 3.68
N GLN F 602 -9.85 -24.29 2.78
CA GLN F 602 -10.98 -23.44 2.41
C GLN F 602 -11.97 -24.22 1.55
N ILE F 603 -11.47 -25.18 0.78
CA ILE F 603 -12.31 -26.06 0.00
C ILE F 603 -13.19 -26.88 0.93
N LEU F 604 -12.60 -27.34 2.02
CA LEU F 604 -13.32 -28.10 3.04
C LEU F 604 -14.42 -27.26 3.66
N THR F 605 -14.13 -25.98 3.87
CA THR F 605 -15.08 -25.05 4.46
C THR F 605 -16.34 -24.88 3.61
N GLU F 606 -16.14 -24.62 2.32
CA GLU F 606 -17.25 -24.43 1.39
C GLU F 606 -17.96 -25.74 1.07
N MET F 607 -17.29 -26.86 1.33
CA MET F 607 -17.88 -28.17 1.10
C MET F 607 -18.91 -28.48 2.19
N ASP F 608 -18.50 -28.31 3.44
CA ASP F 608 -19.37 -28.54 4.58
C ASP F 608 -20.52 -27.53 4.62
N GLY F 609 -20.21 -26.30 4.25
CA GLY F 609 -21.21 -25.23 4.25
C GLY F 609 -22.28 -25.44 3.21
N MET F 610 -21.92 -26.05 2.09
CA MET F 610 -22.86 -26.31 1.00
C MET F 610 -24.00 -27.22 1.45
N SER F 611 -25.21 -26.91 1.01
CA SER F 611 -26.39 -27.68 1.36
C SER F 611 -26.31 -29.11 0.84
N THR F 612 -26.59 -30.08 1.70
CA THR F 612 -26.55 -31.49 1.33
C THR F 612 -27.58 -31.83 0.26
N LYS F 613 -28.72 -31.16 0.32
CA LYS F 613 -29.81 -31.44 -0.62
C LYS F 613 -29.82 -30.51 -1.82
N LYS F 614 -28.62 -30.10 -2.25
CA LYS F 614 -28.47 -29.32 -3.47
C LYS F 614 -28.36 -30.26 -4.67
N ASN F 615 -27.38 -30.01 -5.52
CA ASN F 615 -27.12 -30.88 -6.66
C ASN F 615 -25.69 -30.74 -7.17
N VAL F 616 -24.84 -30.09 -6.37
CA VAL F 616 -23.44 -29.92 -6.73
C VAL F 616 -22.60 -31.05 -6.16
N PHE F 617 -21.82 -31.69 -7.04
CA PHE F 617 -20.99 -32.81 -6.63
C PHE F 617 -19.52 -32.53 -6.89
N ILE F 618 -18.66 -33.01 -5.99
CA ILE F 618 -17.23 -32.72 -6.08
C ILE F 618 -16.42 -33.99 -6.38
N ILE F 619 -15.54 -33.91 -7.37
CA ILE F 619 -14.66 -35.03 -7.72
C ILE F 619 -13.20 -34.61 -7.72
N GLY F 620 -12.40 -35.28 -6.91
CA GLY F 620 -10.98 -34.98 -6.78
C GLY F 620 -10.08 -36.03 -7.40
N ALA F 621 -9.30 -35.63 -8.40
CA ALA F 621 -8.39 -36.55 -9.07
C ALA F 621 -6.96 -36.33 -8.58
N THR F 622 -6.22 -37.43 -8.43
CA THR F 622 -4.83 -37.36 -7.96
C THR F 622 -4.02 -38.56 -8.43
N ASN F 623 -2.74 -38.33 -8.70
CA ASN F 623 -1.82 -39.39 -9.03
C ASN F 623 -0.92 -39.75 -7.86
N ARG F 624 -1.17 -39.12 -6.72
CA ARG F 624 -0.43 -39.37 -5.50
C ARG F 624 -1.35 -39.36 -4.29
N PRO F 625 -2.12 -40.45 -4.09
CA PRO F 625 -3.06 -40.53 -2.96
C PRO F 625 -2.35 -40.73 -1.63
N ASP F 626 -1.06 -41.05 -1.68
CA ASP F 626 -0.29 -41.32 -0.47
C ASP F 626 0.14 -40.05 0.25
N ILE F 627 -0.14 -38.90 -0.34
CA ILE F 627 0.23 -37.62 0.26
C ILE F 627 -0.95 -36.68 0.45
N ILE F 628 -2.15 -37.16 0.14
CA ILE F 628 -3.35 -36.36 0.31
C ILE F 628 -3.79 -36.34 1.78
N ASP F 629 -4.09 -35.15 2.29
CA ASP F 629 -4.57 -34.98 3.66
C ASP F 629 -5.79 -35.86 3.91
N PRO F 630 -5.68 -36.77 4.88
CA PRO F 630 -6.77 -37.69 5.27
C PRO F 630 -8.02 -36.95 5.74
N ALA F 631 -7.89 -35.66 6.04
CA ALA F 631 -9.01 -34.85 6.49
C ALA F 631 -10.08 -34.69 5.41
N ILE F 632 -9.66 -34.78 4.15
CA ILE F 632 -10.60 -34.64 3.03
C ILE F 632 -11.34 -35.95 2.78
N LEU F 633 -10.77 -37.06 3.21
CA LEU F 633 -11.35 -38.37 2.96
C LEU F 633 -12.30 -38.81 4.06
N ARG F 634 -12.45 -37.96 5.07
CA ARG F 634 -13.38 -38.23 6.17
C ARG F 634 -14.83 -38.17 5.67
N PRO F 635 -15.69 -39.00 6.27
CA PRO F 635 -17.14 -39.04 5.98
C PRO F 635 -17.78 -37.65 5.96
N GLY F 636 -18.66 -37.43 5.00
CA GLY F 636 -19.35 -36.16 4.85
C GLY F 636 -18.61 -35.20 3.92
N ARG F 637 -17.53 -35.67 3.35
CA ARG F 637 -16.75 -34.89 2.38
C ARG F 637 -16.45 -35.73 1.15
N LEU F 638 -15.24 -36.27 1.08
CA LEU F 638 -14.91 -37.23 0.02
C LEU F 638 -14.98 -38.64 0.61
N ASP F 639 -16.20 -39.13 0.79
CA ASP F 639 -16.46 -40.41 1.42
C ASP F 639 -15.87 -41.57 0.61
N GLN F 640 -16.28 -41.66 -0.64
CA GLN F 640 -15.89 -42.78 -1.49
C GLN F 640 -14.47 -42.64 -2.03
N LEU F 641 -13.74 -43.76 -2.02
CA LEU F 641 -12.40 -43.80 -2.60
C LEU F 641 -12.37 -44.80 -3.75
N ILE F 642 -12.24 -44.29 -4.97
CA ILE F 642 -12.30 -45.14 -6.16
C ILE F 642 -10.97 -45.21 -6.89
N TYR F 643 -10.51 -46.43 -7.14
CA TYR F 643 -9.23 -46.66 -7.80
C TYR F 643 -9.40 -46.80 -9.31
N ILE F 644 -8.66 -45.98 -10.05
CA ILE F 644 -8.69 -46.02 -11.52
C ILE F 644 -7.36 -46.51 -12.06
N PRO F 645 -7.32 -47.77 -12.52
CA PRO F 645 -6.11 -48.40 -13.05
C PRO F 645 -5.92 -48.15 -14.55
N LEU F 646 -4.89 -48.76 -15.12
CA LEU F 646 -4.64 -48.68 -16.55
C LEU F 646 -5.76 -49.41 -17.31
N PRO F 647 -6.13 -48.88 -18.48
CA PRO F 647 -7.20 -49.47 -19.30
C PRO F 647 -6.91 -50.93 -19.69
N ASP F 648 -7.95 -51.77 -19.63
CA ASP F 648 -7.80 -53.19 -19.92
C ASP F 648 -7.81 -53.49 -21.42
N GLU F 649 -8.05 -54.75 -21.74
CA GLU F 649 -8.02 -55.22 -23.12
C GLU F 649 -9.13 -54.59 -23.95
N LYS F 650 -10.34 -54.57 -23.38
CA LYS F 650 -11.51 -54.01 -24.05
C LYS F 650 -11.45 -52.48 -24.04
N SER F 651 -10.85 -51.93 -23.00
CA SER F 651 -10.78 -50.48 -22.84
C SER F 651 -9.93 -49.80 -23.91
N ARG F 652 -8.80 -50.42 -24.24
CA ARG F 652 -7.87 -49.87 -25.22
C ARG F 652 -8.50 -49.77 -26.61
N VAL F 653 -9.47 -50.65 -26.87
CA VAL F 653 -10.20 -50.64 -28.15
C VAL F 653 -10.94 -49.33 -28.35
N ALA F 654 -11.78 -48.97 -27.38
CA ALA F 654 -12.60 -47.76 -27.48
C ALA F 654 -11.75 -46.49 -27.41
N ILE F 655 -10.65 -46.56 -26.69
CA ILE F 655 -9.75 -45.42 -26.55
C ILE F 655 -9.10 -45.05 -27.87
N LEU F 656 -8.59 -46.07 -28.57
CA LEU F 656 -7.95 -45.85 -29.87
C LEU F 656 -8.94 -45.32 -30.91
N LYS F 657 -10.17 -45.83 -30.87
CA LYS F 657 -11.22 -45.36 -31.78
C LYS F 657 -11.58 -43.91 -31.49
N ALA F 658 -11.59 -43.55 -30.21
CA ALA F 658 -11.91 -42.20 -29.80
C ALA F 658 -10.82 -41.22 -30.22
N ASN F 659 -9.56 -41.63 -30.04
CA ASN F 659 -8.42 -40.78 -30.39
C ASN F 659 -8.22 -40.66 -31.89
N LEU F 660 -8.91 -41.52 -32.65
CA LEU F 660 -8.79 -41.52 -34.10
C LEU F 660 -10.13 -41.17 -34.76
N ARG F 661 -11.03 -40.61 -33.97
CA ARG F 661 -12.33 -40.19 -34.45
C ARG F 661 -12.22 -39.02 -35.43
N LYS F 662 -11.17 -38.22 -35.26
CA LYS F 662 -10.96 -37.05 -36.11
C LYS F 662 -9.73 -37.25 -37.00
N SER F 663 -9.53 -38.48 -37.48
CA SER F 663 -8.39 -38.79 -38.32
C SER F 663 -8.79 -39.71 -39.47
N PRO F 664 -8.26 -39.45 -40.67
CA PRO F 664 -8.56 -40.25 -41.87
C PRO F 664 -7.98 -41.66 -41.80
N VAL F 665 -8.38 -42.44 -40.80
CA VAL F 665 -7.90 -43.81 -40.66
C VAL F 665 -8.45 -44.71 -41.76
N ALA F 666 -7.63 -45.64 -42.22
CA ALA F 666 -8.03 -46.57 -43.25
C ALA F 666 -8.83 -47.71 -42.63
N LYS F 667 -9.37 -48.59 -43.48
CA LYS F 667 -10.18 -49.69 -43.00
C LYS F 667 -9.35 -50.96 -42.83
N ASP F 668 -8.20 -51.01 -43.50
CA ASP F 668 -7.28 -52.14 -43.35
C ASP F 668 -6.52 -52.03 -42.03
N VAL F 669 -6.70 -50.90 -41.35
CA VAL F 669 -6.04 -50.67 -40.07
C VAL F 669 -6.85 -51.31 -38.94
N ASP F 670 -6.20 -52.21 -38.21
CA ASP F 670 -6.86 -52.90 -37.10
C ASP F 670 -6.54 -52.18 -35.78
N LEU F 671 -7.58 -51.91 -35.00
CA LEU F 671 -7.42 -51.18 -33.74
C LEU F 671 -7.36 -52.14 -32.56
N GLU F 672 -8.16 -53.20 -32.61
CA GLU F 672 -8.16 -54.21 -31.56
C GLU F 672 -6.80 -54.91 -31.53
N PHE F 673 -6.13 -54.92 -32.67
CA PHE F 673 -4.80 -55.53 -32.79
C PHE F 673 -3.81 -54.81 -31.89
N LEU F 674 -3.89 -53.48 -31.84
CA LEU F 674 -3.05 -52.69 -30.96
C LEU F 674 -3.48 -52.84 -29.50
N ALA F 675 -4.76 -53.18 -29.30
CA ALA F 675 -5.28 -53.38 -27.96
C ALA F 675 -4.78 -54.70 -27.40
N LYS F 676 -4.43 -55.62 -28.30
CA LYS F 676 -3.84 -56.89 -27.93
C LYS F 676 -2.33 -56.73 -27.91
N MET F 677 -1.86 -55.62 -28.47
CA MET F 677 -0.43 -55.33 -28.54
C MET F 677 0.02 -54.61 -27.29
N THR F 678 -0.69 -53.53 -26.97
CA THR F 678 -0.41 -52.71 -25.79
C THR F 678 -1.04 -53.30 -24.53
N ASN F 679 -0.22 -53.54 -23.51
CA ASN F 679 -0.74 -54.03 -22.23
C ASN F 679 -0.56 -53.01 -21.11
N GLY F 680 0.70 -52.83 -20.67
CA GLY F 680 1.02 -51.87 -19.65
C GLY F 680 1.06 -50.44 -20.16
N PHE F 681 0.07 -50.09 -20.97
CA PHE F 681 -0.02 -48.76 -21.57
C PHE F 681 -1.19 -48.00 -20.97
N SER F 682 -1.14 -46.68 -21.07
CA SER F 682 -2.21 -45.85 -20.52
C SER F 682 -2.91 -45.09 -21.65
N GLY F 683 -4.01 -44.44 -21.31
CA GLY F 683 -4.76 -43.64 -22.27
C GLY F 683 -3.93 -42.53 -22.88
N ALA F 684 -3.05 -41.96 -22.07
CA ALA F 684 -2.16 -40.90 -22.54
C ALA F 684 -1.10 -41.45 -23.48
N ASP F 685 -0.62 -42.65 -23.20
CA ASP F 685 0.40 -43.29 -24.03
C ASP F 685 -0.13 -43.62 -25.41
N LEU F 686 -1.36 -44.13 -25.47
CA LEU F 686 -2.01 -44.47 -26.74
C LEU F 686 -2.21 -43.23 -27.60
N THR F 687 -2.64 -42.14 -26.97
CA THR F 687 -2.83 -40.88 -27.67
C THR F 687 -1.51 -40.36 -28.23
N GLU F 688 -0.46 -40.48 -27.43
CA GLU F 688 0.88 -40.05 -27.84
C GLU F 688 1.32 -40.82 -29.09
N ILE F 689 0.97 -42.09 -29.15
CA ILE F 689 1.32 -42.93 -30.30
C ILE F 689 0.63 -42.47 -31.57
N CYS F 690 -0.67 -42.21 -31.47
CA CYS F 690 -1.45 -41.74 -32.61
C CYS F 690 -0.91 -40.42 -33.18
N GLN F 691 -0.57 -39.50 -32.29
CA GLN F 691 -0.04 -38.20 -32.69
C GLN F 691 1.32 -38.30 -33.37
N ARG F 692 2.15 -39.24 -32.90
CA ARG F 692 3.46 -39.45 -33.50
C ARG F 692 3.33 -40.00 -34.91
N ALA F 693 2.26 -40.74 -35.16
CA ALA F 693 1.99 -41.29 -36.49
C ALA F 693 1.54 -40.17 -37.42
N CYS F 694 0.82 -39.21 -36.87
CA CYS F 694 0.31 -38.09 -37.65
C CYS F 694 1.43 -37.15 -38.12
N LYS F 695 2.47 -37.01 -37.30
CA LYS F 695 3.63 -36.21 -37.69
C LYS F 695 4.27 -36.78 -38.94
N LEU F 696 4.38 -38.11 -38.99
CA LEU F 696 4.94 -38.78 -40.16
C LEU F 696 3.96 -38.73 -41.32
N ALA F 697 2.67 -38.77 -41.00
CA ALA F 697 1.61 -38.71 -42.01
C ALA F 697 1.58 -37.36 -42.73
N ILE F 698 1.63 -36.28 -41.95
CA ILE F 698 1.60 -34.93 -42.52
C ILE F 698 2.88 -34.57 -43.24
N ARG F 699 4.01 -35.05 -42.72
CA ARG F 699 5.32 -34.81 -43.32
C ARG F 699 5.33 -35.38 -44.74
N GLU F 700 4.64 -36.51 -44.92
CA GLU F 700 4.54 -37.18 -46.21
C GLU F 700 3.80 -36.33 -47.24
N SER F 701 2.68 -35.75 -46.82
CA SER F 701 1.85 -34.94 -47.72
C SER F 701 2.60 -33.73 -48.24
N ILE F 702 3.39 -33.11 -47.36
CA ILE F 702 4.13 -31.91 -47.71
C ILE F 702 5.28 -32.26 -48.66
N GLU F 703 5.97 -33.35 -48.35
CA GLU F 703 7.11 -33.81 -49.14
C GLU F 703 6.69 -34.25 -50.55
N SER F 704 5.45 -34.73 -50.67
CA SER F 704 4.94 -35.23 -51.95
C SER F 704 4.73 -34.12 -52.97
N GLU F 705 4.16 -33.00 -52.53
CA GLU F 705 3.89 -31.87 -53.41
C GLU F 705 5.17 -31.31 -54.04
N ILE F 706 6.14 -30.98 -53.20
CA ILE F 706 7.41 -30.43 -53.68
C ILE F 706 8.20 -31.46 -54.48
N VAL F 727 -4.64 -38.15 -51.93
CA VAL F 727 -3.30 -38.73 -51.89
C VAL F 727 -2.80 -39.08 -50.49
N PRO F 728 -2.92 -38.14 -49.52
CA PRO F 728 -2.41 -38.51 -48.20
C PRO F 728 -3.49 -38.84 -47.18
N GLU F 729 -3.58 -40.12 -46.81
CA GLU F 729 -4.44 -40.56 -45.72
C GLU F 729 -3.64 -41.40 -44.75
N ILE F 730 -3.76 -41.11 -43.46
CA ILE F 730 -2.99 -41.84 -42.44
C ILE F 730 -3.26 -43.34 -42.50
N ARG F 731 -2.20 -44.11 -42.74
CA ARG F 731 -2.33 -45.53 -43.01
C ARG F 731 -1.70 -46.44 -41.96
N ARG F 732 -1.55 -47.72 -42.31
CA ARG F 732 -1.07 -48.74 -41.39
C ARG F 732 0.38 -48.54 -40.97
N ASP F 733 1.28 -48.41 -41.94
CA ASP F 733 2.71 -48.33 -41.67
C ASP F 733 3.10 -47.13 -40.82
N HIS F 734 2.24 -46.11 -40.79
CA HIS F 734 2.46 -44.94 -39.94
C HIS F 734 2.46 -45.34 -38.47
N PHE F 735 1.45 -46.12 -38.07
CA PHE F 735 1.34 -46.60 -36.70
C PHE F 735 2.47 -47.55 -36.34
N GLU F 736 2.76 -48.50 -37.23
CA GLU F 736 3.77 -49.51 -36.98
C GLU F 736 5.19 -48.92 -36.90
N GLU F 737 5.35 -47.72 -37.45
CA GLU F 737 6.63 -47.03 -37.41
C GLU F 737 6.66 -46.12 -36.19
N ALA F 738 5.47 -45.75 -35.71
CA ALA F 738 5.35 -44.90 -34.54
C ALA F 738 5.49 -45.70 -33.25
N MET F 739 5.25 -47.00 -33.33
CA MET F 739 5.30 -47.87 -32.17
C MET F 739 6.73 -48.04 -31.64
N ARG F 740 7.72 -47.72 -32.47
CA ARG F 740 9.11 -47.80 -32.04
C ARG F 740 9.44 -46.66 -31.09
N PHE F 741 8.65 -45.59 -31.15
CA PHE F 741 8.79 -44.47 -30.23
C PHE F 741 7.63 -44.47 -29.25
N ALA F 742 7.23 -45.66 -28.81
CA ALA F 742 6.15 -45.80 -27.84
C ALA F 742 6.73 -46.21 -26.48
N ARG F 743 6.22 -45.60 -25.42
CA ARG F 743 6.70 -45.89 -24.08
C ARG F 743 5.58 -46.32 -23.14
N ARG F 744 5.95 -47.04 -22.08
CA ARG F 744 5.01 -47.40 -21.03
C ARG F 744 5.33 -46.56 -19.80
N SER F 745 4.67 -45.42 -19.70
CA SER F 745 4.94 -44.45 -18.64
C SER F 745 4.70 -44.99 -17.23
N VAL F 746 3.74 -45.90 -17.10
CA VAL F 746 3.41 -46.48 -15.80
C VAL F 746 4.28 -47.69 -15.49
N SER F 747 5.25 -47.50 -14.59
CA SER F 747 6.16 -48.57 -14.21
C SER F 747 5.46 -49.59 -13.32
N ASP F 748 5.96 -50.83 -13.34
CA ASP F 748 5.37 -51.91 -12.57
C ASP F 748 5.35 -51.62 -11.08
N ASP F 749 6.41 -50.99 -10.58
CA ASP F 749 6.50 -50.62 -9.18
C ASP F 749 5.44 -49.61 -8.76
N ASP F 750 5.06 -48.72 -9.68
CA ASP F 750 4.00 -47.75 -9.42
C ASP F 750 2.65 -48.45 -9.28
N ILE F 751 2.45 -49.48 -10.09
CA ILE F 751 1.24 -50.29 -10.04
C ILE F 751 1.12 -50.98 -8.68
N ASP F 752 2.23 -51.56 -8.24
CA ASP F 752 2.28 -52.29 -6.98
C ASP F 752 1.98 -51.42 -5.76
N LYS F 753 2.41 -50.16 -5.80
CA LYS F 753 2.13 -49.22 -4.72
C LYS F 753 0.62 -48.94 -4.59
N TYR F 754 -0.05 -48.82 -5.72
CA TYR F 754 -1.47 -48.53 -5.73
C TYR F 754 -2.30 -49.75 -5.32
N GLU F 755 -1.80 -50.94 -5.66
CA GLU F 755 -2.43 -52.17 -5.20
C GLU F 755 -2.25 -52.30 -3.70
N ASP F 756 -1.04 -51.99 -3.23
CA ASP F 756 -0.72 -52.00 -1.81
C ASP F 756 -1.61 -51.05 -1.03
N PHE F 757 -1.77 -49.84 -1.55
CA PHE F 757 -2.60 -48.82 -0.91
C PHE F 757 -4.07 -49.24 -0.89
N ALA F 758 -4.51 -49.88 -1.98
CA ALA F 758 -5.90 -50.32 -2.08
C ALA F 758 -6.17 -51.51 -1.16
N ASP F 759 -5.10 -52.23 -0.83
CA ASP F 759 -5.19 -53.35 0.11
C ASP F 759 -5.47 -52.85 1.52
N THR F 760 -4.77 -51.78 1.90
CA THR F 760 -4.91 -51.21 3.23
C THR F 760 -6.33 -50.70 3.46
N LEU F 761 -6.95 -50.19 2.39
CA LEU F 761 -8.30 -49.64 2.48
C LEU F 761 -9.33 -50.70 2.86
N GLN F 762 -9.06 -51.95 2.50
CA GLN F 762 -9.95 -53.06 2.81
C GLN F 762 -9.21 -54.18 3.53
S SO4 G . 4.94 8.96 -29.78
O1 SO4 G . 5.26 7.59 -30.14
O2 SO4 G . 4.06 8.96 -28.61
O3 SO4 G . 6.17 9.69 -29.47
O4 SO4 G . 4.26 9.63 -30.89
S SO4 H . 23.74 -21.72 -25.64
O1 SO4 H . 23.86 -23.18 -25.69
O2 SO4 H . 23.33 -21.31 -24.30
O3 SO4 H . 22.74 -21.27 -26.61
O4 SO4 H . 25.03 -21.11 -25.97
S SO4 I . 42.09 -4.19 -1.22
O1 SO4 I . 41.14 -3.53 -2.11
O2 SO4 I . 41.38 -5.10 -0.33
O3 SO4 I . 43.05 -4.95 -2.01
O4 SO4 I . 42.80 -3.19 -0.44
S SO4 J . 20.68 25.92 -6.56
O1 SO4 J . 19.29 25.48 -6.44
O2 SO4 J . 21.55 24.75 -6.58
O3 SO4 J . 21.02 26.77 -5.43
O4 SO4 J . 20.84 26.68 -7.81
S SO4 K . 31.09 -2.71 32.72
O1 SO4 K . 30.79 -3.40 31.48
O2 SO4 K . 30.01 -2.91 33.67
O3 SO4 K . 32.34 -3.22 33.28
O4 SO4 K . 31.24 -1.28 32.45
S SO4 L . 9.35 26.08 23.94
O1 SO4 L . 8.81 25.55 22.69
O2 SO4 L . 8.37 25.93 25.00
O3 SO4 L . 10.57 25.35 24.28
O4 SO4 L . 9.66 27.51 23.76
S SO4 M . -19.02 9.77 30.86
O1 SO4 M . -20.35 9.21 30.67
O2 SO4 M . -18.26 8.93 31.80
O3 SO4 M . -19.13 11.12 31.40
O4 SO4 M . -18.32 9.82 29.57
S SO4 N . 1.06 -19.31 41.32
O1 SO4 N . -0.11 -19.97 40.76
O2 SO4 N . 0.65 -18.45 42.43
O3 SO4 N . 1.71 -18.50 40.30
O4 SO4 N . 1.99 -20.32 41.82
S SO4 O . -33.45 -6.23 7.32
O1 SO4 O . -32.83 -7.44 7.84
O2 SO4 O . -34.82 -6.13 7.79
O3 SO4 O . -33.44 -6.27 5.86
O4 SO4 O . -32.69 -5.06 7.77
S SO4 P . -16.95 -36.99 17.16
O1 SO4 P . -17.95 -37.51 16.23
O2 SO4 P . -17.06 -37.70 18.43
O3 SO4 P . -15.62 -37.19 16.60
O4 SO4 P . -17.18 -35.56 17.37
S SO4 Q . -22.77 -6.63 -23.15
O1 SO4 Q . -24.22 -6.39 -23.07
O2 SO4 Q . -22.54 -7.91 -23.80
O3 SO4 Q . -22.20 -6.66 -21.81
O4 SO4 Q . -22.15 -5.56 -23.93
S SO4 R . -6.12 -38.46 -15.87
O1 SO4 R . -7.42 -37.79 -15.98
O2 SO4 R . -6.32 -39.90 -15.76
O3 SO4 R . -5.33 -38.17 -17.07
O4 SO4 R . -5.42 -37.97 -14.70
#